data_7XDL
#
_entry.id   7XDL
#
_cell.length_a   1.00
_cell.length_b   1.00
_cell.length_c   1.00
_cell.angle_alpha   90.00
_cell.angle_beta   90.00
_cell.angle_gamma   90.00
#
_symmetry.space_group_name_H-M   'P 1'
#
loop_
_entity.id
_entity.type
_entity.pdbx_description
1 polymer 'Spike glycoprotein'
2 polymer 'BA7125 fab'
3 polymer 'BA7125 fab'
4 polymer 'BA7208 fab'
5 polymer 'BA7208 fab'
6 branched 2-acetamido-2-deoxy-beta-D-glucopyranose-(1-4)-2-acetamido-2-deoxy-beta-D-glucopyranose
7 non-polymer 2-acetamido-2-deoxy-beta-D-glucopyranose
#
loop_
_entity_poly.entity_id
_entity_poly.type
_entity_poly.pdbx_seq_one_letter_code
_entity_poly.pdbx_strand_id
1 'polypeptide(L)'
;PAYTNSFTRGVYYPDKVFRSSVLHSTQDLFLPFFSNVTWFHAIHVSGTNGTKRFDNPVLPFNDGVYFASTEKSNIIRGWI
FGTTLDSKTQSLLIVNNATNVVIKVCEFQFCNDPFLGVYYHKNNKSWMESGVYSSANNCTFEYVSQPFLMDLEGKQGNFK
NLREFVFKNIDGYFKIYSKHTPINLVRDLPQGFSALEPLVDLPIGINITRFQTLLALHRSYLTPGDSSSGWTAGAAAYYV
GYLQPRTFLLKYNENGTITDAVDCALDPLSETKCTLKSFTVEKGIYQTSNFRVQPTESIVRFPNITNLCPFGEVFNATRF
ASVYAWNRKRISNCVADYSVLYNSASFSTFKCYGVSPTKLNDLCFTNVYADSFVIRGDEVRQIAPGQTGKIADYNYKLPD
DFTGCVIAWNSNNLDSKVGGNYNYRYRLFRKSNLKPFERDISTEIYQAGSKPCNGVEGFNCYFPLQSYGFQPTNGVGYQP
YRVVVLSFELLHAPATVCGPKKSTNLVKNKCVNFNFNGLTGTGVLTESNKKFLPFQQFGRDIADTTDAVRDPQTLEILDI
TPCSFGGVSVITPGTNTSNQVAVLYQGVNCTEVPVAIHADQLTPTWRVYSTGSNVFQTRAGCLIGAEHVNNSYECDIPIG
AGICASYQTQTNSPGSASSVASQSIIAYTMSLGAENSVAYSNNSIAIPTNFTISVTTEILPVSMTKTSVDCTMYICGDST
ECSNLLLQYGSFCTQLNRALTGIAVEQDKNTQEVFAQVKQIYKTPPIKDFGGFNFSQILPDPSKPSKRSFIEDLLFNKVT
LADAGFIKQYGDCLGDIAARDLICAQKFNGLTVLPPLLTDEMIAQYTSALLAGTITSGWTFGAGPALQIPFPMQMAYRFN
GIGVTQNVLYENQKLIANQFNSAIGKIQDSLSSTPSALGKLQNVVNQNAQALNTLVKQLSSNFGAISSVLNDILSRLDPP
EAEVQIDRLITGRLQSLQTYVTQQLIRAAEIRASANLAATKMSECVLGQSKRVDFCGKGYHLMSFPQSAPHGVVFLHVTY
VPAQEKNFTTAPAICHDGKAHFPREGVFVSNGTHWFVTQRNFYEPQIITTDNTFVSGNCDVVIGIVNNTVYDPLQP
;
A,B,C
2 'polypeptide(L)'
;EIVMTQSPGTLSLSPGERATLSCRASQSISSSYLAWFQQKPGQAPRLLIYGASSRAPGIPDRFSGSGSGTDFTLTISRLE
PEDFAVYYCQQYGDSPLTFGGGTKVDIKRTVAAPSVFIFPPSDEQLKSGTASVVCLLNNFYPREAKVQWKVDNALQSGNS
QESVTEQDSKDSTYSLSSTLTLSKADYEKHKVYACEVTHQGLSSPVTKSFN
;
D,F,H
3 'polypeptide(L)'
;EVQLQQWGAGLLKPSETLSLTCAVYGESFSGYYWSWIRQSPGKGLEWIGQINHSGNTNYNPSLKSRVTMSVDTSKNQFSL
KLSSVTAADTAVYYCARELGHDYWGQGTLVTVSSASTKGPSVFPLAPSSKSTSGGTAALGCLVKDYFPEPVTVSWNSGAL
TSGVHTFPAVLQSSGLYSLSSVVTVPSSSLGTQTYICNVNHKPSNTKVDKKVEPK
;
E,G,I
4 'polypeptide(L)'
;DIQMTQSPSTLSASVGDRVTITCRASQSISSWLAWYQQKPGKAPKLLIYKASSLESGVPSRFSGSGSGTEFTLTITSLQP
DDFATYYCQQYDSFSWTFGQGTKLE
;
J,L,O
5 'polypeptide(L)'
;EVQLVQSGAEVKKPGESLKISCKGSGYSFTSYYWIGWVRQMPGKGLEWMGIVYPDDSDTRYSPSFQGQVTISADKSISTA
YLQWSSLKASDTAMYYCVRHPGGGDWYFDLWGRGTLVTVS
;
K,M,P
#
loop_
_chem_comp.id
_chem_comp.type
_chem_comp.name
_chem_comp.formula
NAG D-saccharide, beta linking 2-acetamido-2-deoxy-beta-D-glucopyranose 'C8 H15 N O6'
#
# COMPACT_ATOMS: atom_id res chain seq x y z
N PRO A 1 20.13 18.47 56.17
CA PRO A 1 19.93 19.70 56.93
C PRO A 1 18.56 19.77 57.59
N ALA A 2 18.17 20.96 58.04
CA ALA A 2 16.87 21.14 58.68
C ALA A 2 15.75 20.99 57.66
N TYR A 3 14.64 20.42 58.13
CA TYR A 3 13.44 20.26 57.31
C TYR A 3 12.31 21.10 57.90
N THR A 4 11.45 21.60 57.03
CA THR A 4 10.34 22.44 57.44
C THR A 4 9.11 22.04 56.64
N ASN A 5 7.94 22.42 57.15
CA ASN A 5 6.68 22.09 56.49
C ASN A 5 6.17 23.28 55.69
N SER A 6 5.76 23.02 54.46
CA SER A 6 5.24 24.07 53.57
C SER A 6 3.72 24.15 53.74
N PHE A 7 3.26 25.19 54.43
CA PHE A 7 1.84 25.33 54.79
C PHE A 7 1.09 25.95 53.63
N THR A 8 0.85 25.12 52.60
CA THR A 8 0.11 25.52 51.40
C THR A 8 0.73 26.76 50.76
N ARG A 9 1.97 26.60 50.30
CA ARG A 9 2.72 27.67 49.66
C ARG A 9 3.32 27.16 48.36
N GLY A 10 3.46 28.06 47.39
CA GLY A 10 4.11 27.72 46.14
C GLY A 10 3.15 27.40 45.01
N VAL A 11 2.06 28.15 44.91
CA VAL A 11 1.08 27.98 43.85
C VAL A 11 1.15 29.20 42.94
N TYR A 12 1.12 28.96 41.63
CA TYR A 12 1.30 30.00 40.64
C TYR A 12 0.13 29.99 39.67
N TYR A 13 0.09 31.00 38.81
CA TYR A 13 -0.90 31.07 37.74
C TYR A 13 -0.46 30.16 36.61
N PRO A 14 -1.15 29.03 36.38
CA PRO A 14 -0.65 28.06 35.41
C PRO A 14 -0.71 28.53 33.97
N ASP A 15 -1.45 29.58 33.65
CA ASP A 15 -1.57 30.03 32.27
C ASP A 15 -1.92 31.52 32.26
N LYS A 16 -2.20 32.05 31.08
CA LYS A 16 -2.48 33.46 30.86
C LYS A 16 -3.96 33.71 30.59
N VAL A 17 -4.83 32.96 31.26
CA VAL A 17 -6.27 33.00 31.02
C VAL A 17 -6.95 33.64 32.22
N PHE A 18 -7.87 34.55 31.95
CA PHE A 18 -8.60 35.27 32.98
C PHE A 18 -9.93 34.57 33.25
N ARG A 19 -10.21 34.33 34.53
CA ARG A 19 -11.45 33.68 34.94
C ARG A 19 -12.00 34.42 36.16
N SER A 20 -13.33 34.58 36.20
CA SER A 20 -13.98 35.33 37.25
C SER A 20 -15.00 34.45 37.95
N SER A 21 -14.83 34.27 39.27
CA SER A 21 -15.78 33.56 40.12
C SER A 21 -16.07 32.16 39.59
N VAL A 22 -15.00 31.36 39.46
CA VAL A 22 -15.10 29.99 39.02
C VAL A 22 -14.24 29.12 39.93
N LEU A 23 -14.33 27.81 39.72
CA LEU A 23 -13.45 26.84 40.35
C LEU A 23 -12.89 25.95 39.26
N HIS A 24 -11.62 26.15 38.93
CA HIS A 24 -10.99 25.48 37.80
C HIS A 24 -10.09 24.36 38.30
N SER A 25 -10.27 23.17 37.75
CA SER A 25 -9.47 22.00 38.10
C SER A 25 -8.35 21.86 37.08
N THR A 26 -7.12 22.06 37.53
CA THR A 26 -5.96 22.01 36.65
C THR A 26 -5.04 20.88 37.08
N GLN A 27 -4.14 20.51 36.17
CA GLN A 27 -3.22 19.39 36.38
C GLN A 27 -1.86 19.82 35.88
N ASP A 28 -0.90 20.00 36.78
CA ASP A 28 0.39 20.57 36.38
C ASP A 28 1.42 20.24 37.45
N LEU A 29 2.64 20.76 37.26
CA LEU A 29 3.72 20.55 38.22
C LEU A 29 3.55 21.53 39.36
N PHE A 30 3.13 21.04 40.52
CA PHE A 30 2.90 21.88 41.69
C PHE A 30 3.70 21.35 42.87
N LEU A 31 3.79 22.17 43.90
CA LEU A 31 4.39 21.76 45.16
C LEU A 31 3.30 21.21 46.07
N PRO A 32 3.37 19.96 46.51
CA PRO A 32 2.28 19.37 47.29
C PRO A 32 2.05 20.12 48.59
N PHE A 33 0.78 20.15 49.01
CA PHE A 33 0.42 20.78 50.26
C PHE A 33 0.97 19.98 51.43
N PHE A 34 1.46 20.69 52.44
CA PHE A 34 2.00 20.09 53.67
C PHE A 34 3.10 19.09 53.34
N SER A 35 4.18 19.60 52.77
CA SER A 35 5.32 18.80 52.35
C SER A 35 6.59 19.29 53.04
N ASN A 36 7.61 18.43 53.00
CA ASN A 36 8.87 18.70 53.68
C ASN A 36 9.81 19.41 52.71
N VAL A 37 10.12 20.67 52.98
CA VAL A 37 11.09 21.44 52.23
C VAL A 37 12.36 21.53 53.05
N THR A 38 13.50 21.27 52.41
CA THR A 38 14.77 21.34 53.10
C THR A 38 15.18 22.79 53.34
N TRP A 39 15.81 23.04 54.49
CA TRP A 39 16.18 24.37 54.93
C TRP A 39 17.69 24.51 54.90
N PHE A 40 18.18 25.62 54.34
CA PHE A 40 19.61 25.88 54.26
C PHE A 40 19.93 27.20 54.95
N HIS A 41 21.02 27.21 55.69
CA HIS A 41 21.45 28.39 56.44
C HIS A 41 22.96 28.53 56.25
N ALA A 42 23.37 29.28 55.25
CA ALA A 42 24.79 29.46 54.93
C ALA A 42 25.22 30.90 55.10
N ASN A 56 27.32 27.01 50.86
CA ASN A 56 26.09 26.46 50.31
C ASN A 56 26.40 25.32 49.33
N PRO A 57 25.56 24.30 49.32
CA PRO A 57 25.81 23.13 48.45
C PRO A 57 25.24 23.33 47.06
N VAL A 58 25.56 22.38 46.20
CA VAL A 58 24.99 22.32 44.85
C VAL A 58 23.88 21.29 44.86
N LEU A 59 22.76 21.64 44.25
CA LEU A 59 21.51 20.91 44.41
C LEU A 59 20.99 20.40 43.08
N PRO A 60 20.20 19.32 43.09
CA PRO A 60 19.55 18.87 41.86
C PRO A 60 18.37 19.75 41.50
N PHE A 61 17.90 19.57 40.25
CA PHE A 61 16.82 20.35 39.67
C PHE A 61 15.83 19.35 39.07
N ASN A 62 14.79 19.02 39.83
CA ASN A 62 13.85 17.98 39.46
C ASN A 62 12.57 18.65 38.95
N ASP A 63 12.44 18.75 37.63
CA ASP A 63 11.23 19.24 36.98
C ASP A 63 10.88 20.67 37.35
N GLY A 64 11.72 21.33 38.14
CA GLY A 64 11.44 22.66 38.63
C GLY A 64 11.65 22.75 40.11
N VAL A 65 11.84 23.94 40.65
CA VAL A 65 12.10 24.12 42.07
C VAL A 65 11.33 25.33 42.58
N TYR A 66 10.94 25.24 43.85
CA TYR A 66 10.37 26.36 44.59
C TYR A 66 11.44 26.87 45.54
N PHE A 67 11.75 28.16 45.46
CA PHE A 67 12.84 28.76 46.22
C PHE A 67 12.27 29.93 47.02
N ALA A 68 12.41 29.87 48.33
CA ALA A 68 11.92 30.93 49.20
C ALA A 68 13.08 31.48 50.03
N SER A 69 13.05 32.78 50.29
CA SER A 69 14.09 33.41 51.10
C SER A 69 13.48 34.54 51.90
N THR A 70 13.59 34.45 53.23
CA THR A 70 13.21 35.55 54.11
C THR A 70 14.42 36.43 54.43
N GLU A 71 15.14 36.82 53.38
CA GLU A 71 16.31 37.67 53.49
C GLU A 71 16.13 38.86 52.58
N LYS A 72 16.62 40.02 53.02
CA LYS A 72 16.30 41.27 52.36
C LYS A 72 17.52 41.99 51.77
N SER A 73 18.55 42.23 52.56
CA SER A 73 19.54 43.25 52.19
C SER A 73 20.34 42.92 50.93
N ASN A 74 21.28 41.98 51.02
CA ASN A 74 22.17 41.73 49.90
C ASN A 74 22.63 40.29 49.74
N ILE A 75 22.16 39.35 50.56
CA ILE A 75 22.86 38.06 50.67
C ILE A 75 22.66 37.22 49.42
N ILE A 76 21.45 37.14 48.89
CA ILE A 76 21.13 36.31 47.74
C ILE A 76 20.87 37.22 46.55
N ARG A 77 21.64 37.03 45.47
CA ARG A 77 21.47 37.88 44.29
C ARG A 77 21.59 37.12 42.97
N GLY A 78 21.47 35.79 42.94
CA GLY A 78 21.55 35.09 41.68
C GLY A 78 21.49 33.60 41.85
N TRP A 79 21.51 32.91 40.71
CA TRP A 79 21.43 31.46 40.66
C TRP A 79 22.24 30.97 39.46
N ILE A 80 22.61 29.69 39.50
CA ILE A 80 23.35 29.05 38.43
C ILE A 80 22.69 27.71 38.13
N PHE A 81 22.46 27.43 36.85
CA PHE A 81 21.82 26.21 36.41
C PHE A 81 22.67 25.54 35.33
N GLY A 82 22.77 24.20 35.37
CA GLY A 82 23.50 23.48 34.31
C GLY A 82 23.40 21.97 34.42
N THR A 83 23.05 21.28 33.33
CA THR A 83 22.93 19.79 33.35
C THR A 83 24.28 19.16 33.67
N THR A 84 25.35 19.64 33.03
CA THR A 84 26.72 19.14 33.29
C THR A 84 27.60 20.38 33.39
N LEU A 85 28.62 20.35 34.25
CA LEU A 85 29.42 21.59 34.45
C LEU A 85 30.75 21.49 33.71
N ASP A 86 30.81 21.91 32.44
CA ASP A 86 32.09 21.93 31.76
C ASP A 86 32.09 23.15 30.85
N SER A 87 33.23 23.41 30.21
CA SER A 87 33.31 24.54 29.29
C SER A 87 32.54 24.29 28.00
N LYS A 88 32.15 23.05 27.72
CA LYS A 88 31.46 22.71 26.47
C LYS A 88 29.95 22.87 26.57
N THR A 89 29.39 22.91 27.78
CA THR A 89 27.95 22.95 27.97
C THR A 89 27.50 24.31 28.49
N GLN A 90 26.26 24.67 28.18
CA GLN A 90 25.69 25.95 28.54
C GLN A 90 25.33 26.01 30.02
N SER A 91 25.07 27.23 30.49
CA SER A 91 24.71 27.43 31.89
C SER A 91 24.02 28.79 32.03
N LEU A 92 22.91 28.82 32.75
CA LEU A 92 22.24 30.08 33.04
C LEU A 92 23.01 30.90 34.05
N LEU A 93 22.69 32.18 34.12
CA LEU A 93 23.26 33.09 35.10
C LEU A 93 22.30 34.25 35.28
N ILE A 94 21.72 34.37 36.47
CA ILE A 94 20.66 35.35 36.71
C ILE A 94 21.09 36.31 37.82
N VAL A 95 22.39 36.63 37.84
CA VAL A 95 22.91 37.51 38.89
C VAL A 95 22.12 38.81 38.90
N ASN A 96 21.74 39.25 40.10
CA ASN A 96 20.92 40.44 40.30
C ASN A 96 21.82 41.56 40.77
N ASN A 97 22.04 42.55 39.91
CA ASN A 97 22.83 43.70 40.28
C ASN A 97 22.00 44.67 41.12
N ALA A 98 22.62 45.76 41.57
CA ALA A 98 21.91 46.74 42.37
C ALA A 98 20.86 47.49 41.58
N THR A 99 20.87 47.40 40.25
CA THR A 99 19.90 48.11 39.44
C THR A 99 19.17 47.22 38.45
N ASN A 100 19.84 46.21 37.87
CA ASN A 100 19.25 45.37 36.85
C ASN A 100 19.66 43.93 37.08
N VAL A 101 19.14 43.04 36.25
CA VAL A 101 19.58 41.65 36.18
C VAL A 101 20.07 41.38 34.77
N VAL A 102 20.94 40.38 34.65
CA VAL A 102 21.41 39.95 33.34
C VAL A 102 21.25 38.44 33.25
N ILE A 103 20.66 37.99 32.15
CA ILE A 103 20.49 36.56 31.87
C ILE A 103 21.56 36.21 30.84
N LYS A 104 22.44 35.29 31.20
CA LYS A 104 23.55 34.90 30.34
C LYS A 104 23.56 33.39 30.23
N VAL A 105 23.11 32.86 29.11
CA VAL A 105 23.29 31.46 28.78
C VAL A 105 24.50 31.36 27.84
N CYS A 106 25.64 31.04 28.41
CA CYS A 106 26.91 31.09 27.71
C CYS A 106 27.58 29.74 27.90
N GLU A 107 28.23 29.24 26.85
CA GLU A 107 28.91 27.94 26.94
C GLU A 107 30.26 28.12 27.64
N PHE A 108 30.20 28.32 28.95
CA PHE A 108 31.38 28.56 29.74
C PHE A 108 31.49 27.53 30.86
N GLN A 109 32.55 27.67 31.66
CA GLN A 109 32.70 26.92 32.89
C GLN A 109 33.31 27.83 33.95
N PHE A 110 33.04 27.49 35.20
CA PHE A 110 33.38 28.32 36.35
C PHE A 110 34.18 27.51 37.36
N CYS A 111 34.98 28.24 38.15
CA CYS A 111 35.76 27.60 39.20
C CYS A 111 34.86 27.21 40.37
N ASN A 112 35.38 26.32 41.21
CA ASN A 112 34.60 25.82 42.33
C ASN A 112 34.28 26.93 43.31
N ASP A 113 33.18 26.75 44.04
CA ASP A 113 32.67 27.70 45.03
C ASP A 113 32.40 29.07 44.42
N PRO A 114 31.42 29.19 43.53
CA PRO A 114 31.10 30.52 42.99
C PRO A 114 30.62 31.48 44.08
N PHE A 115 30.97 32.74 43.93
CA PHE A 115 30.48 33.82 44.78
C PHE A 115 30.85 35.14 44.10
N LEU A 116 30.58 36.25 44.77
CA LEU A 116 30.93 37.57 44.27
C LEU A 116 31.53 38.41 45.38
N GLY A 117 32.31 39.40 44.98
CA GLY A 117 32.95 40.30 45.93
C GLY A 117 31.95 41.29 46.52
N MET A 128 33.46 41.69 37.58
CA MET A 128 34.25 41.06 38.63
C MET A 128 33.44 40.00 39.37
N GLU A 129 33.55 38.75 38.91
CA GLU A 129 32.87 37.62 39.53
C GLU A 129 33.84 36.47 39.67
N SER A 130 33.63 35.66 40.71
CA SER A 130 34.49 34.51 40.96
C SER A 130 34.20 33.35 40.01
N GLY A 131 33.03 33.35 39.36
CA GLY A 131 32.72 32.30 38.41
C GLY A 131 33.18 32.62 37.00
N VAL A 132 33.46 33.89 36.73
CA VAL A 132 33.79 34.33 35.38
C VAL A 132 35.30 34.41 35.19
N TYR A 133 36.06 33.78 36.09
CA TYR A 133 37.50 33.69 35.89
C TYR A 133 37.84 33.00 34.58
N SER A 134 37.16 31.88 34.29
CA SER A 134 37.32 31.18 33.03
C SER A 134 36.05 31.23 32.18
N SER A 135 35.05 32.00 32.59
CA SER A 135 33.71 31.95 31.97
C SER A 135 33.55 33.10 30.99
N ALA A 136 34.13 32.94 29.80
CA ALA A 136 33.96 33.95 28.73
C ALA A 136 34.07 33.21 27.39
N ASN A 137 33.21 32.21 27.16
CA ASN A 137 33.36 31.38 25.94
C ASN A 137 32.01 31.13 25.24
N ASN A 138 32.02 31.06 23.90
CA ASN A 138 30.81 30.78 23.07
C ASN A 138 29.51 31.18 23.78
N CYS A 139 29.19 32.47 23.80
CA CYS A 139 27.89 32.87 24.39
C CYS A 139 26.85 33.07 23.29
N THR A 140 25.57 32.87 23.61
CA THR A 140 24.50 33.01 22.63
C THR A 140 23.50 34.11 22.98
N PHE A 141 22.88 34.05 24.16
CA PHE A 141 21.71 34.86 24.47
C PHE A 141 21.97 35.73 25.69
N GLU A 142 21.49 36.97 25.63
CA GLU A 142 21.64 37.93 26.71
C GLU A 142 20.31 38.65 26.92
N TYR A 143 20.10 39.13 28.13
CA TYR A 143 18.83 39.78 28.49
C TYR A 143 19.03 40.61 29.75
N VAL A 144 18.75 41.90 29.67
CA VAL A 144 18.88 42.81 30.81
C VAL A 144 17.62 43.68 30.89
N SER A 145 16.62 43.20 31.62
CA SER A 145 15.40 43.99 31.87
C SER A 145 15.09 44.17 33.34
N GLN A 146 15.01 43.08 34.10
CA GLN A 146 14.39 43.10 35.43
C GLN A 146 15.29 43.82 36.43
N PRO A 147 14.79 44.83 37.15
CA PRO A 147 15.52 45.47 38.24
C PRO A 147 15.64 44.58 39.48
N PHE A 159 14.61 40.44 57.33
CA PHE A 159 13.54 39.45 57.23
C PHE A 159 12.17 40.14 57.21
N LYS A 160 12.17 41.41 56.80
CA LYS A 160 10.92 42.17 56.76
C LYS A 160 9.96 41.57 55.74
N ASN A 161 10.47 41.10 54.60
CA ASN A 161 9.63 40.53 53.56
C ASN A 161 10.22 39.23 53.06
N LEU A 162 9.35 38.39 52.50
CA LEU A 162 9.69 37.08 51.99
C LEU A 162 9.63 37.10 50.47
N ARG A 163 10.64 36.52 49.84
CA ARG A 163 10.72 36.41 48.39
C ARG A 163 10.44 34.96 48.01
N GLU A 164 9.50 34.76 47.09
CA GLU A 164 9.13 33.42 46.64
C GLU A 164 9.31 33.34 45.13
N PHE A 165 9.96 32.28 44.66
CA PHE A 165 10.23 32.07 43.25
C PHE A 165 9.92 30.63 42.89
N VAL A 166 9.50 30.43 41.65
CA VAL A 166 9.32 29.09 41.07
C VAL A 166 10.04 29.07 39.74
N PHE A 167 10.91 28.08 39.55
CA PHE A 167 11.67 27.90 38.31
C PHE A 167 11.24 26.61 37.64
N LYS A 168 10.91 26.69 36.35
CA LYS A 168 10.54 25.53 35.57
C LYS A 168 11.26 25.57 34.24
N ASN A 169 11.44 24.40 33.63
CA ASN A 169 12.14 24.28 32.35
C ASN A 169 11.40 23.22 31.54
N ILE A 170 10.48 23.65 30.69
CA ILE A 170 9.61 22.74 29.94
C ILE A 170 9.78 23.00 28.45
N ASP A 171 9.99 21.93 27.69
CA ASP A 171 10.24 21.92 26.24
C ASP A 171 11.10 23.11 25.78
N GLY A 172 12.21 23.31 26.49
CA GLY A 172 13.19 24.30 26.09
C GLY A 172 12.91 25.71 26.51
N TYR A 173 11.80 25.95 27.20
CA TYR A 173 11.42 27.27 27.68
C TYR A 173 11.64 27.31 29.19
N PHE A 174 12.32 28.35 29.65
CA PHE A 174 12.60 28.55 31.07
C PHE A 174 11.60 29.57 31.61
N LYS A 175 10.86 29.17 32.65
CA LYS A 175 9.77 29.96 33.19
C LYS A 175 10.06 30.30 34.65
N ILE A 176 9.83 31.56 35.01
CA ILE A 176 10.11 32.07 36.35
C ILE A 176 8.86 32.78 36.85
N TYR A 177 8.38 32.37 38.02
CA TYR A 177 7.27 33.03 38.69
C TYR A 177 7.75 33.59 40.01
N SER A 178 7.25 34.76 40.41
CA SER A 178 7.76 35.41 41.61
C SER A 178 6.63 36.06 42.40
N LYS A 179 6.90 36.24 43.69
CA LYS A 179 6.00 36.94 44.59
C LYS A 179 6.81 37.54 45.73
N HIS A 180 6.40 38.72 46.18
CA HIS A 180 7.12 39.46 47.21
C HIS A 180 6.11 39.84 48.28
N THR A 181 6.18 39.22 49.45
CA THR A 181 5.12 39.50 50.42
C THR A 181 5.70 39.87 51.78
N PRO A 182 5.12 40.87 52.45
CA PRO A 182 5.65 41.29 53.76
C PRO A 182 5.16 40.37 54.88
N ILE A 183 6.11 39.75 55.57
CA ILE A 183 5.82 38.90 56.73
C ILE A 183 6.87 39.16 57.80
N ASN A 184 6.44 39.17 59.06
CA ASN A 184 7.32 39.51 60.18
C ASN A 184 7.19 38.47 61.28
N LEU A 185 8.34 38.17 61.91
CA LEU A 185 8.44 37.28 63.06
C LEU A 185 7.87 35.89 62.71
N VAL A 186 8.58 35.22 61.82
CA VAL A 186 8.27 33.86 61.42
C VAL A 186 9.56 33.06 61.37
N ARG A 187 9.51 31.82 61.86
CA ARG A 187 10.63 30.90 61.76
C ARG A 187 10.44 29.88 60.64
N ASP A 188 9.21 29.56 60.29
CA ASP A 188 8.87 28.72 59.15
C ASP A 188 8.16 29.56 58.11
N LEU A 189 7.73 28.91 57.04
CA LEU A 189 6.94 29.61 56.03
C LEU A 189 5.60 30.02 56.62
N PRO A 190 5.16 31.25 56.38
CA PRO A 190 4.01 31.78 57.11
C PRO A 190 2.69 31.12 56.69
N GLN A 191 1.73 31.19 57.61
CA GLN A 191 0.36 30.80 57.31
C GLN A 191 -0.26 31.78 56.31
N GLY A 192 -1.15 31.27 55.48
CA GLY A 192 -1.87 32.11 54.55
C GLY A 192 -1.82 31.53 53.16
N PHE A 193 -2.18 32.38 52.19
CA PHE A 193 -2.24 31.97 50.80
C PHE A 193 -1.86 33.14 49.91
N SER A 194 -1.01 32.88 48.91
CA SER A 194 -0.62 33.89 47.95
C SER A 194 -0.16 33.18 46.68
N ALA A 195 -0.61 33.67 45.53
CA ALA A 195 -0.28 33.09 44.24
C ALA A 195 0.87 33.86 43.59
N LEU A 196 1.67 33.14 42.80
CA LEU A 196 2.87 33.66 42.19
C LEU A 196 2.60 34.01 40.73
N GLU A 197 2.89 35.26 40.35
CA GLU A 197 2.67 35.72 38.98
C GLU A 197 3.92 35.53 38.13
N PRO A 198 3.78 35.31 36.83
CA PRO A 198 4.94 35.06 35.98
C PRO A 198 5.75 36.31 35.69
N LEU A 199 7.08 36.16 35.68
CA LEU A 199 7.99 37.24 35.35
C LEU A 199 8.42 37.21 33.89
N VAL A 200 9.09 36.14 33.47
CA VAL A 200 9.66 36.03 32.13
C VAL A 200 9.49 34.60 31.63
N ASP A 201 9.65 34.43 30.33
CA ASP A 201 9.63 33.11 29.70
C ASP A 201 10.71 33.14 28.61
N LEU A 202 11.86 32.53 28.91
CA LEU A 202 13.04 32.65 28.08
C LEU A 202 13.22 31.43 27.19
N PRO A 203 13.39 31.61 25.88
CA PRO A 203 13.64 30.45 24.99
C PRO A 203 15.09 30.00 25.04
N ILE A 204 15.51 29.51 26.20
CA ILE A 204 16.91 29.10 26.38
C ILE A 204 17.22 27.86 25.57
N GLY A 205 16.38 26.83 25.67
CA GLY A 205 16.54 25.61 24.91
C GLY A 205 17.77 24.79 25.25
N ILE A 206 18.11 24.65 26.53
CA ILE A 206 19.22 23.80 26.93
C ILE A 206 18.72 22.76 27.92
N ASN A 207 19.63 21.93 28.42
CA ASN A 207 19.32 20.94 29.45
C ASN A 207 19.78 21.47 30.80
N ILE A 208 18.86 21.48 31.78
CA ILE A 208 19.18 21.86 33.14
C ILE A 208 18.89 20.67 34.03
N THR A 209 19.90 20.24 34.77
CA THR A 209 19.78 19.12 35.70
C THR A 209 20.26 19.46 37.10
N ARG A 210 21.13 20.45 37.24
CA ARG A 210 21.77 20.76 38.51
C ARG A 210 21.65 22.25 38.76
N PHE A 211 21.49 22.60 40.04
CA PHE A 211 21.13 23.95 40.45
C PHE A 211 22.01 24.36 41.63
N GLN A 212 22.38 25.63 41.67
CA GLN A 212 23.14 26.13 42.81
C GLN A 212 22.89 27.62 43.00
N THR A 213 22.63 28.03 44.24
CA THR A 213 22.44 29.43 44.51
C THR A 213 23.76 30.19 44.37
N LEU A 214 23.67 31.52 44.40
CA LEU A 214 24.81 32.40 44.21
C LEU A 214 24.78 33.45 45.32
N LEU A 215 25.42 33.13 46.43
CA LEU A 215 25.41 33.98 47.61
C LEU A 215 26.50 35.05 47.51
N ALA A 216 26.17 36.25 48.00
CA ALA A 216 27.12 37.36 48.02
C ALA A 216 28.09 37.13 49.18
N LEU A 217 28.96 36.14 49.01
CA LEU A 217 29.93 35.74 50.04
C LEU A 217 31.05 36.78 50.08
N HIS A 218 30.75 37.93 50.65
CA HIS A 218 31.73 39.00 50.78
C HIS A 218 32.41 38.92 52.14
N ALA A 236 20.82 34.79 56.07
CA ALA A 236 21.29 33.93 54.99
C ALA A 236 20.66 32.55 55.09
N ALA A 237 19.33 32.51 55.04
CA ALA A 237 18.58 31.27 55.13
C ALA A 237 17.57 31.21 54.00
N TYR A 238 17.42 30.02 53.40
CA TYR A 238 16.48 29.86 52.31
C TYR A 238 15.96 28.43 52.29
N TYR A 239 14.79 28.28 51.68
CA TYR A 239 14.08 27.00 51.60
C TYR A 239 13.95 26.56 50.15
N VAL A 240 14.16 25.28 49.91
CA VAL A 240 14.11 24.68 48.58
C VAL A 240 13.14 23.52 48.60
N GLY A 241 12.21 23.50 47.64
CA GLY A 241 11.31 22.38 47.47
C GLY A 241 11.22 21.99 46.01
N TYR A 242 10.75 20.77 45.78
CA TYR A 242 10.66 20.22 44.44
C TYR A 242 9.20 20.03 44.04
N LEU A 243 8.91 20.25 42.76
CA LEU A 243 7.55 20.18 42.24
C LEU A 243 7.29 18.81 41.63
N GLN A 244 6.17 18.21 42.01
CA GLN A 244 5.69 16.96 41.43
C GLN A 244 4.40 17.19 40.64
N PRO A 245 4.07 16.30 39.72
CA PRO A 245 2.79 16.43 38.99
C PRO A 245 1.61 16.20 39.93
N ARG A 246 0.74 17.21 40.02
CA ARG A 246 -0.39 17.18 40.93
C ARG A 246 -1.60 17.82 40.27
N THR A 247 -2.77 17.45 40.76
CA THR A 247 -4.05 18.02 40.34
C THR A 247 -4.54 18.95 41.44
N PHE A 248 -4.88 20.18 41.05
CA PHE A 248 -5.31 21.20 42.00
C PHE A 248 -6.66 21.75 41.57
N LEU A 249 -7.39 22.31 42.53
CA LEU A 249 -8.68 22.95 42.29
C LEU A 249 -8.55 24.40 42.74
N LEU A 250 -8.30 25.29 41.79
CA LEU A 250 -8.06 26.70 42.09
C LEU A 250 -9.37 27.47 42.07
N LYS A 251 -9.42 28.54 42.86
CA LYS A 251 -10.61 29.37 43.01
C LYS A 251 -10.26 30.80 42.65
N TYR A 252 -11.01 31.38 41.72
CA TYR A 252 -10.80 32.74 41.27
C TYR A 252 -11.91 33.65 41.80
N ASN A 253 -11.55 34.86 42.22
CA ASN A 253 -12.53 35.81 42.70
C ASN A 253 -13.04 36.64 41.52
N GLU A 254 -13.75 37.74 41.81
CA GLU A 254 -14.37 38.51 40.75
C GLU A 254 -13.35 39.25 39.90
N ASN A 255 -12.15 39.50 40.43
CA ASN A 255 -11.12 40.23 39.72
C ASN A 255 -10.12 39.33 38.99
N GLY A 256 -10.32 38.02 39.02
CA GLY A 256 -9.42 37.10 38.38
C GLY A 256 -8.29 36.59 39.24
N THR A 257 -8.19 37.06 40.48
CA THR A 257 -7.11 36.64 41.37
C THR A 257 -7.43 35.29 42.00
N ILE A 258 -6.42 34.42 42.08
CA ILE A 258 -6.57 33.17 42.80
C ILE A 258 -6.64 33.45 44.29
N THR A 259 -7.65 32.88 44.96
CA THR A 259 -7.88 33.13 46.38
C THR A 259 -7.64 31.90 47.25
N ASP A 260 -7.83 30.70 46.72
CA ASP A 260 -7.65 29.49 47.50
C ASP A 260 -7.44 28.32 46.55
N ALA A 261 -7.00 27.20 47.10
CA ALA A 261 -6.74 26.02 46.30
C ALA A 261 -6.94 24.77 47.15
N VAL A 262 -7.17 23.65 46.47
CA VAL A 262 -7.37 22.36 47.11
C VAL A 262 -6.49 21.34 46.43
N ASP A 263 -5.76 20.56 47.22
CA ASP A 263 -4.88 19.51 46.70
C ASP A 263 -5.70 18.22 46.58
N CYS A 264 -6.00 17.82 45.35
CA CYS A 264 -6.92 16.71 45.12
C CYS A 264 -6.35 15.36 45.51
N ALA A 265 -5.19 15.25 46.16
CA ALA A 265 -4.67 13.95 46.55
C ALA A 265 -4.09 13.96 47.96
N LEU A 266 -4.49 14.92 48.80
CA LEU A 266 -3.94 15.02 50.14
C LEU A 266 -4.61 14.03 51.09
N ASP A 267 -5.94 14.06 51.15
CA ASP A 267 -6.69 13.20 52.05
C ASP A 267 -8.05 12.94 51.40
N PRO A 268 -8.84 11.99 51.95
CA PRO A 268 -10.14 11.69 51.32
C PRO A 268 -11.07 12.88 51.20
N LEU A 269 -11.08 13.78 52.18
CA LEU A 269 -11.95 14.94 52.09
C LEU A 269 -11.59 15.82 50.92
N SER A 270 -10.29 15.97 50.63
CA SER A 270 -9.87 16.78 49.50
C SER A 270 -10.26 16.13 48.18
N GLU A 271 -10.20 14.80 48.10
CA GLU A 271 -10.71 14.13 46.90
C GLU A 271 -12.20 14.35 46.73
N THR A 272 -12.95 14.33 47.83
CA THR A 272 -14.38 14.59 47.76
C THR A 272 -14.64 16.00 47.24
N LYS A 273 -13.91 16.99 47.77
CA LYS A 273 -14.06 18.36 47.30
C LYS A 273 -13.71 18.48 45.83
N CYS A 274 -12.64 17.80 45.39
CA CYS A 274 -12.21 17.88 44.00
C CYS A 274 -13.24 17.24 43.08
N THR A 275 -13.83 16.12 43.50
CA THR A 275 -14.83 15.45 42.67
C THR A 275 -16.11 16.25 42.58
N LEU A 276 -16.61 16.75 43.71
CA LEU A 276 -17.79 17.59 43.68
C LEU A 276 -17.52 18.97 43.09
N LYS A 277 -16.25 19.33 42.91
CA LYS A 277 -15.85 20.62 42.35
C LYS A 277 -16.41 21.79 43.16
N SER A 278 -16.38 21.66 44.49
CA SER A 278 -16.80 22.73 45.38
C SER A 278 -15.94 22.70 46.62
N PHE A 279 -15.88 23.84 47.31
CA PHE A 279 -15.05 23.96 48.50
C PHE A 279 -15.77 23.54 49.78
N THR A 280 -17.08 23.46 49.76
CA THR A 280 -17.86 23.02 50.92
C THR A 280 -18.74 21.85 50.52
N VAL A 281 -18.71 20.80 51.33
CA VAL A 281 -19.56 19.64 51.11
C VAL A 281 -20.58 19.55 52.24
N GLU A 282 -21.63 18.79 52.00
CA GLU A 282 -22.70 18.61 52.96
C GLU A 282 -22.81 17.14 53.34
N LYS A 283 -23.65 16.87 54.34
CA LYS A 283 -23.78 15.53 54.90
C LYS A 283 -24.12 14.51 53.81
N GLY A 284 -23.41 13.40 53.81
CA GLY A 284 -23.72 12.32 52.90
C GLY A 284 -22.51 11.47 52.59
N ILE A 285 -22.72 10.54 51.66
CA ILE A 285 -21.70 9.59 51.22
C ILE A 285 -21.49 9.77 49.72
N TYR A 286 -20.25 10.04 49.32
CA TYR A 286 -19.93 10.37 47.94
C TYR A 286 -18.85 9.43 47.42
N GLN A 287 -19.03 8.90 46.22
CA GLN A 287 -18.03 8.03 45.63
C GLN A 287 -16.96 8.86 44.92
N THR A 288 -15.69 8.57 45.21
CA THR A 288 -14.59 9.38 44.71
C THR A 288 -13.66 8.63 43.77
N SER A 289 -13.16 7.46 44.17
CA SER A 289 -12.17 6.76 43.37
C SER A 289 -12.49 5.28 43.20
N ASN A 290 -11.55 4.52 42.66
CA ASN A 290 -11.68 3.08 42.51
C ASN A 290 -10.47 2.38 43.12
N PHE A 291 -10.73 1.30 43.82
CA PHE A 291 -9.71 0.50 44.47
C PHE A 291 -9.47 -0.77 43.66
N ARG A 292 -8.20 -1.10 43.44
CA ARG A 292 -7.84 -2.25 42.61
C ARG A 292 -6.52 -2.82 43.08
N VAL A 293 -6.42 -4.15 43.06
CA VAL A 293 -5.20 -4.84 43.49
C VAL A 293 -4.40 -5.23 42.27
N GLN A 294 -3.12 -4.85 42.25
CA GLN A 294 -2.23 -5.11 41.13
C GLN A 294 -1.50 -6.43 41.30
N PRO A 295 -1.10 -7.06 40.19
CA PRO A 295 -0.43 -8.37 40.30
C PRO A 295 0.98 -8.23 40.83
N THR A 296 1.29 -9.01 41.88
CA THR A 296 2.61 -8.95 42.50
C THR A 296 3.67 -9.64 41.64
N GLU A 297 3.35 -10.81 41.08
CA GLU A 297 4.33 -11.67 40.45
C GLU A 297 3.78 -12.20 39.15
N SER A 298 4.67 -12.75 38.32
CA SER A 298 4.29 -13.44 37.08
C SER A 298 4.88 -14.83 37.11
N ILE A 299 4.06 -15.84 36.81
CA ILE A 299 4.49 -17.23 36.82
C ILE A 299 4.15 -17.86 35.47
N VAL A 300 4.96 -18.83 35.06
CA VAL A 300 4.75 -19.59 33.84
C VAL A 300 4.92 -21.06 34.18
N ARG A 301 3.98 -21.90 33.71
CA ARG A 301 4.01 -23.32 33.97
C ARG A 301 3.81 -24.09 32.68
N PHE A 302 4.68 -25.06 32.44
CA PHE A 302 4.68 -25.89 31.24
C PHE A 302 4.99 -27.32 31.63
N PRO A 303 4.62 -28.30 30.79
CA PRO A 303 4.88 -29.69 31.13
C PRO A 303 6.37 -29.99 31.25
N ASN A 304 6.67 -31.20 31.70
CA ASN A 304 8.04 -31.61 31.93
C ASN A 304 8.81 -31.67 30.61
N ILE A 305 10.12 -31.48 30.70
CA ILE A 305 11.01 -31.55 29.55
C ILE A 305 11.49 -32.99 29.41
N THR A 306 11.12 -33.62 28.31
CA THR A 306 11.44 -35.03 28.08
C THR A 306 11.43 -35.30 26.59
N ASN A 307 11.95 -36.47 26.21
CA ASN A 307 12.06 -36.88 24.81
C ASN A 307 12.91 -35.89 24.02
N LEU A 308 14.16 -35.75 24.43
CA LEU A 308 15.08 -34.84 23.75
C LEU A 308 15.50 -35.40 22.40
N CYS A 309 15.89 -34.51 21.50
CA CYS A 309 16.24 -34.92 20.15
C CYS A 309 17.56 -35.68 20.15
N PRO A 310 17.66 -36.78 19.39
CA PRO A 310 18.83 -37.66 19.46
C PRO A 310 20.03 -37.15 18.67
N PHE A 311 20.54 -35.98 19.06
CA PHE A 311 21.80 -35.49 18.52
C PHE A 311 22.94 -35.58 19.52
N GLY A 312 22.76 -36.37 20.57
CA GLY A 312 23.86 -36.73 21.44
C GLY A 312 24.72 -37.83 20.91
N GLU A 313 24.28 -38.50 19.84
CA GLU A 313 25.07 -39.48 19.13
C GLU A 313 25.48 -39.03 17.74
N VAL A 314 24.84 -38.00 17.20
CA VAL A 314 25.32 -37.41 15.95
C VAL A 314 26.65 -36.72 16.16
N PHE A 315 26.74 -35.88 17.19
CA PHE A 315 27.95 -35.12 17.48
C PHE A 315 28.98 -35.92 18.24
N ASN A 316 28.57 -36.91 19.04
CA ASN A 316 29.49 -37.71 19.83
C ASN A 316 29.37 -39.15 19.35
N ALA A 317 30.07 -39.46 18.27
CA ALA A 317 30.12 -40.81 17.72
C ALA A 317 31.57 -41.18 17.43
N THR A 318 31.88 -42.46 17.58
CA THR A 318 33.25 -42.90 17.43
C THR A 318 33.68 -42.90 15.96
N ARG A 319 32.75 -43.14 15.04
CA ARG A 319 33.05 -43.24 13.63
C ARG A 319 32.09 -42.37 12.83
N PHE A 320 32.62 -41.56 11.91
CA PHE A 320 31.80 -40.88 10.94
C PHE A 320 31.98 -41.48 9.56
N ALA A 321 31.08 -41.12 8.65
CA ALA A 321 31.15 -41.54 7.27
C ALA A 321 32.13 -40.66 6.51
N SER A 322 32.16 -40.86 5.20
CA SER A 322 33.01 -40.10 4.30
C SER A 322 32.14 -39.22 3.42
N VAL A 323 32.78 -38.28 2.71
CA VAL A 323 32.09 -37.59 1.65
C VAL A 323 31.71 -38.60 0.57
N TYR A 324 30.86 -38.18 -0.37
CA TYR A 324 30.23 -38.97 -1.43
C TYR A 324 29.32 -40.03 -0.85
N ALA A 325 29.36 -40.20 0.47
CA ALA A 325 28.55 -41.15 1.22
C ALA A 325 28.13 -40.53 2.54
N TRP A 326 27.97 -39.20 2.55
CA TRP A 326 27.74 -38.48 3.79
C TRP A 326 26.50 -39.00 4.49
N ASN A 327 26.62 -39.27 5.79
CA ASN A 327 25.51 -39.85 6.53
C ASN A 327 24.43 -38.82 6.76
N ARG A 328 23.18 -39.27 6.69
CA ARG A 328 22.03 -38.40 6.91
C ARG A 328 21.17 -38.99 8.02
N LYS A 329 20.79 -38.17 8.99
CA LYS A 329 19.88 -38.55 10.06
C LYS A 329 18.69 -37.60 10.07
N ARG A 330 17.49 -38.18 10.14
CA ARG A 330 16.26 -37.40 10.26
C ARG A 330 15.85 -37.34 11.72
N ILE A 331 15.62 -36.14 12.23
CA ILE A 331 15.14 -35.96 13.60
C ILE A 331 13.85 -35.15 13.56
N SER A 332 12.82 -35.71 14.21
CA SER A 332 11.50 -35.13 14.31
C SER A 332 10.81 -35.72 15.53
N ASN A 333 9.75 -35.05 15.98
CA ASN A 333 9.00 -35.46 17.16
C ASN A 333 9.89 -35.54 18.40
N CYS A 334 10.49 -34.40 18.75
CA CYS A 334 11.32 -34.30 19.94
C CYS A 334 11.53 -32.84 20.27
N VAL A 335 12.12 -32.60 21.44
CA VAL A 335 12.53 -31.25 21.86
C VAL A 335 14.04 -31.15 21.73
N ALA A 336 14.50 -30.16 20.98
CA ALA A 336 15.92 -29.96 20.72
C ALA A 336 16.41 -28.75 21.51
N ASP A 337 17.36 -28.98 22.40
CA ASP A 337 17.99 -27.90 23.15
C ASP A 337 19.33 -27.58 22.49
N TYR A 338 19.32 -26.57 21.62
CA TYR A 338 20.54 -26.15 20.94
C TYR A 338 21.53 -25.48 21.87
N SER A 339 21.13 -25.20 23.12
CA SER A 339 22.04 -24.55 24.06
C SER A 339 23.30 -25.36 24.26
N VAL A 340 23.21 -26.68 24.19
CA VAL A 340 24.39 -27.52 24.37
C VAL A 340 25.37 -27.34 23.21
N LEU A 341 24.89 -26.80 22.08
CA LEU A 341 25.77 -26.55 20.95
C LEU A 341 26.52 -25.23 21.09
N TYR A 342 25.78 -24.12 21.10
CA TYR A 342 26.43 -22.80 21.04
C TYR A 342 26.94 -22.32 22.39
N ASN A 343 26.72 -23.07 23.46
CA ASN A 343 27.36 -22.81 24.74
C ASN A 343 28.57 -23.73 24.97
N SER A 344 29.00 -24.45 23.93
CA SER A 344 30.07 -25.43 24.03
C SER A 344 31.26 -24.97 23.20
N ALA A 345 32.45 -25.11 23.75
CA ALA A 345 33.69 -24.84 23.02
C ALA A 345 34.04 -26.04 22.15
N SER A 346 35.27 -26.04 21.63
CA SER A 346 35.78 -27.10 20.77
C SER A 346 34.97 -27.19 19.48
N PHE A 347 34.38 -26.09 19.06
CA PHE A 347 33.76 -25.97 17.74
C PHE A 347 34.51 -24.89 16.98
N SER A 348 35.37 -25.31 16.04
CA SER A 348 36.14 -24.36 15.26
C SER A 348 35.24 -23.48 14.41
N THR A 349 34.20 -24.07 13.81
CA THR A 349 33.27 -23.35 12.96
C THR A 349 31.85 -23.56 13.47
N PHE A 350 31.09 -22.48 13.56
CA PHE A 350 29.66 -22.57 13.87
C PHE A 350 28.91 -21.56 13.03
N LYS A 351 29.28 -21.44 11.76
CA LYS A 351 28.56 -20.56 10.85
C LYS A 351 27.13 -21.06 10.68
N CYS A 352 26.18 -20.14 10.74
CA CYS A 352 24.77 -20.48 10.57
C CYS A 352 24.12 -19.44 9.68
N TYR A 353 23.51 -19.89 8.58
CA TYR A 353 23.20 -19.01 7.46
C TYR A 353 21.78 -18.51 7.58
N GLY A 354 20.77 -19.38 7.58
CA GLY A 354 19.40 -18.89 7.57
C GLY A 354 18.95 -18.38 8.93
N VAL A 355 18.88 -19.28 9.91
CA VAL A 355 18.42 -18.92 11.26
C VAL A 355 19.56 -18.27 12.03
N SER A 356 19.25 -17.67 13.17
CA SER A 356 20.23 -17.07 14.05
C SER A 356 20.54 -17.99 15.21
N PRO A 357 21.75 -17.92 15.78
CA PRO A 357 22.10 -18.84 16.87
C PRO A 357 21.25 -18.67 18.11
N THR A 358 21.12 -17.43 18.62
CA THR A 358 20.48 -17.22 19.91
C THR A 358 18.98 -17.49 19.85
N LYS A 359 18.32 -17.07 18.78
CA LYS A 359 16.87 -17.28 18.66
C LYS A 359 16.50 -18.69 18.22
N LEU A 360 17.42 -19.66 18.31
CA LEU A 360 17.09 -21.02 17.91
C LEU A 360 16.18 -21.71 18.91
N ASN A 361 16.31 -21.36 20.20
CA ASN A 361 15.57 -22.06 21.24
C ASN A 361 14.06 -21.87 21.14
N ASP A 362 13.59 -20.78 20.54
CA ASP A 362 12.16 -20.53 20.42
C ASP A 362 11.66 -20.67 18.99
N LEU A 363 12.29 -21.53 18.20
CA LEU A 363 11.88 -21.76 16.82
C LEU A 363 11.41 -23.20 16.66
N CYS A 364 10.35 -23.38 15.87
CA CYS A 364 9.76 -24.68 15.65
C CYS A 364 9.83 -25.02 14.17
N PHE A 365 10.43 -26.17 13.85
CA PHE A 365 10.57 -26.62 12.47
C PHE A 365 9.86 -27.96 12.31
N THR A 366 9.34 -28.18 11.10
CA THR A 366 8.65 -29.44 10.82
C THR A 366 9.60 -30.62 10.93
N ASN A 367 10.82 -30.48 10.42
CA ASN A 367 11.77 -31.59 10.44
C ASN A 367 13.19 -31.04 10.44
N VAL A 368 14.14 -31.83 10.95
CA VAL A 368 15.54 -31.43 10.97
C VAL A 368 16.38 -32.57 10.41
N TYR A 369 17.37 -32.22 9.61
CA TYR A 369 18.30 -33.18 9.02
C TYR A 369 19.71 -32.90 9.51
N ALA A 370 20.44 -33.95 9.85
CA ALA A 370 21.84 -33.84 10.26
C ALA A 370 22.70 -34.64 9.28
N ASP A 371 23.56 -33.94 8.55
CA ASP A 371 24.46 -34.54 7.57
C ASP A 371 25.87 -34.54 8.12
N SER A 372 26.48 -35.72 8.23
CA SER A 372 27.76 -35.85 8.88
C SER A 372 28.79 -36.47 7.96
N PHE A 373 30.01 -35.93 7.99
CA PHE A 373 31.11 -36.47 7.21
C PHE A 373 32.44 -35.94 7.73
N VAL A 374 33.52 -36.33 7.05
CA VAL A 374 34.89 -35.98 7.43
C VAL A 374 35.59 -35.39 6.21
N ILE A 375 36.24 -34.24 6.39
CA ILE A 375 36.98 -33.60 5.30
C ILE A 375 38.32 -33.12 5.83
N ARG A 376 39.06 -32.39 4.99
CA ARG A 376 40.34 -31.82 5.35
C ARG A 376 40.14 -30.41 5.90
N GLY A 377 41.19 -29.85 6.48
CA GLY A 377 41.10 -28.52 7.04
C GLY A 377 40.92 -27.44 6.00
N ASP A 378 41.57 -27.59 4.84
CA ASP A 378 41.46 -26.58 3.80
C ASP A 378 40.06 -26.56 3.20
N GLU A 379 39.41 -27.72 3.13
CA GLU A 379 38.13 -27.86 2.46
C GLU A 379 36.94 -27.48 3.34
N VAL A 380 37.18 -27.09 4.59
CA VAL A 380 36.09 -26.70 5.47
C VAL A 380 35.40 -25.42 5.02
N ARG A 381 36.10 -24.58 4.27
CA ARG A 381 35.52 -23.33 3.78
C ARG A 381 34.61 -23.52 2.57
N GLN A 382 34.65 -24.69 1.93
CA GLN A 382 33.79 -24.96 0.79
C GLN A 382 32.39 -25.41 1.19
N ILE A 383 32.14 -25.65 2.47
CA ILE A 383 30.81 -26.05 2.93
C ILE A 383 30.01 -24.79 3.21
N ALA A 384 29.40 -24.23 2.16
CA ALA A 384 28.63 -23.00 2.25
C ALA A 384 27.87 -22.82 0.95
N PRO A 385 26.67 -22.24 0.99
CA PRO A 385 25.91 -22.04 -0.24
C PRO A 385 26.64 -21.11 -1.20
N GLY A 386 26.60 -21.45 -2.49
CA GLY A 386 27.24 -20.67 -3.51
C GLY A 386 28.71 -20.93 -3.70
N GLN A 387 29.31 -21.81 -2.92
CA GLN A 387 30.74 -22.05 -3.00
C GLN A 387 31.06 -23.03 -4.13
N THR A 388 32.33 -23.05 -4.52
CA THR A 388 32.81 -23.93 -5.58
C THR A 388 34.11 -24.59 -5.13
N GLY A 389 34.44 -25.71 -5.78
CA GLY A 389 35.68 -26.45 -5.46
C GLY A 389 35.56 -27.89 -5.94
N LYS A 390 35.95 -28.87 -5.13
CA LYS A 390 35.77 -30.31 -5.47
C LYS A 390 34.72 -30.87 -4.53
N ILE A 391 34.84 -30.57 -3.24
CA ILE A 391 33.81 -31.01 -2.27
C ILE A 391 32.50 -30.31 -2.60
N ALA A 392 32.50 -29.06 -3.00
CA ALA A 392 31.20 -28.41 -3.26
C ALA A 392 30.58 -28.81 -4.59
N ASP A 393 31.27 -29.54 -5.44
CA ASP A 393 30.71 -29.86 -6.78
C ASP A 393 30.60 -31.35 -6.97
N TYR A 394 31.65 -32.09 -6.73
CA TYR A 394 31.62 -33.53 -7.01
C TYR A 394 31.23 -34.35 -5.79
N ASN A 395 31.27 -33.79 -4.58
CA ASN A 395 31.03 -34.59 -3.34
C ASN A 395 29.74 -34.16 -2.62
N TYR A 396 29.67 -32.97 -2.04
CA TYR A 396 28.49 -32.51 -1.27
C TYR A 396 28.15 -31.07 -1.64
N LYS A 397 26.95 -30.80 -2.10
CA LYS A 397 26.58 -29.43 -2.51
C LYS A 397 25.41 -28.89 -1.69
N LEU A 398 25.57 -27.70 -1.10
CA LEU A 398 24.44 -27.05 -0.36
C LEU A 398 23.71 -26.13 -1.35
N PRO A 399 22.37 -26.05 -1.33
CA PRO A 399 21.64 -25.12 -2.20
C PRO A 399 21.89 -23.67 -1.75
N ASP A 400 21.72 -22.70 -2.66
CA ASP A 400 21.90 -21.31 -2.31
C ASP A 400 20.85 -20.84 -1.32
N ASP A 401 19.60 -21.26 -1.51
CA ASP A 401 18.51 -20.96 -0.59
C ASP A 401 18.48 -21.98 0.54
N PHE A 402 19.51 -21.92 1.37
CA PHE A 402 19.74 -22.90 2.43
C PHE A 402 19.59 -22.24 3.79
N THR A 403 18.82 -22.87 4.68
CA THR A 403 18.68 -22.43 6.05
C THR A 403 19.17 -23.53 6.99
N GLY A 404 20.06 -23.17 7.90
CA GLY A 404 20.64 -24.15 8.80
C GLY A 404 22.00 -23.69 9.29
N CYS A 405 22.62 -24.56 10.08
CA CYS A 405 23.92 -24.29 10.68
C CYS A 405 24.95 -25.27 10.14
N VAL A 406 26.22 -24.90 10.21
CA VAL A 406 27.34 -25.76 9.84
C VAL A 406 28.33 -25.77 11.00
N ILE A 407 28.67 -26.96 11.49
CA ILE A 407 29.50 -27.10 12.67
C ILE A 407 30.66 -28.04 12.33
N ALA A 408 31.88 -27.55 12.47
CA ALA A 408 33.06 -28.34 12.19
C ALA A 408 34.02 -28.25 13.36
N TRP A 409 34.72 -29.34 13.64
CA TRP A 409 35.74 -29.33 14.69
C TRP A 409 36.89 -30.25 14.32
N ASN A 410 38.08 -29.93 14.82
CA ASN A 410 39.25 -30.73 14.51
C ASN A 410 39.12 -32.11 15.16
N SER A 411 39.60 -33.13 14.44
CA SER A 411 39.45 -34.50 14.86
C SER A 411 40.75 -35.28 14.68
N ASN A 412 41.88 -34.61 14.88
CA ASN A 412 43.17 -35.28 14.69
C ASN A 412 43.34 -36.43 15.68
N ASN A 413 42.72 -36.33 16.85
CA ASN A 413 42.87 -37.37 17.86
C ASN A 413 42.29 -38.69 17.39
N LEU A 414 41.09 -38.65 16.82
CA LEU A 414 40.33 -39.86 16.55
C LEU A 414 40.68 -40.52 15.23
N ASP A 415 40.89 -39.75 14.17
CA ASP A 415 41.19 -40.31 12.86
C ASP A 415 42.53 -39.76 12.36
N SER A 416 43.63 -40.28 12.91
CA SER A 416 44.92 -39.99 12.31
C SER A 416 45.72 -41.26 12.01
N LYS A 417 46.04 -42.00 13.09
CA LYS A 417 46.90 -43.22 12.97
C LYS A 417 48.33 -42.76 12.64
N VAL A 418 49.32 -43.35 13.31
CA VAL A 418 50.71 -42.97 12.99
C VAL A 418 51.02 -43.27 11.54
N GLY A 419 50.67 -44.47 11.09
CA GLY A 419 50.60 -44.73 9.66
C GLY A 419 49.40 -44.02 9.06
N GLY A 420 49.43 -43.87 7.74
CA GLY A 420 48.37 -43.16 7.06
C GLY A 420 47.00 -43.79 7.30
N ASN A 421 46.02 -42.92 7.47
CA ASN A 421 44.62 -43.35 7.58
C ASN A 421 44.02 -43.33 6.19
N TYR A 422 44.40 -44.31 5.37
CA TYR A 422 43.94 -44.40 3.98
C TYR A 422 42.61 -45.14 3.92
N ASN A 423 41.60 -44.56 4.57
CA ASN A 423 40.31 -45.21 4.72
C ASN A 423 39.11 -44.31 4.48
N TYR A 424 39.30 -43.06 4.10
CA TYR A 424 38.17 -42.14 4.04
C TYR A 424 37.65 -41.92 2.61
N ARG A 425 38.53 -41.48 1.70
CA ARG A 425 38.20 -41.42 0.27
C ARG A 425 37.23 -40.30 -0.09
N TYR A 426 37.38 -39.78 -1.30
CA TYR A 426 36.55 -38.71 -1.85
C TYR A 426 36.49 -38.91 -3.36
N ARG A 427 35.47 -38.33 -3.97
CA ARG A 427 35.26 -38.44 -5.42
C ARG A 427 36.10 -37.36 -6.11
N LEU A 428 37.01 -37.79 -6.98
CA LEU A 428 37.93 -36.86 -7.63
C LEU A 428 37.48 -36.54 -9.05
N PHE A 429 37.06 -37.55 -9.79
CA PHE A 429 36.69 -37.40 -11.20
C PHE A 429 35.20 -37.64 -11.36
N ARG A 430 34.53 -36.69 -12.01
CA ARG A 430 33.12 -36.78 -12.38
C ARG A 430 32.86 -35.87 -13.57
N LYS A 431 31.97 -36.31 -14.44
CA LYS A 431 31.74 -35.64 -15.71
C LYS A 431 30.78 -34.46 -15.62
N SER A 432 30.16 -34.23 -14.46
CA SER A 432 29.26 -33.09 -14.31
C SER A 432 29.12 -32.76 -12.84
N ASN A 433 28.63 -31.55 -12.57
CA ASN A 433 28.43 -31.11 -11.20
C ASN A 433 27.20 -31.77 -10.59
N LEU A 434 27.23 -31.95 -9.29
CA LEU A 434 26.10 -32.52 -8.58
C LEU A 434 24.99 -31.49 -8.42
N LYS A 435 23.78 -31.98 -8.21
CA LYS A 435 22.66 -31.13 -7.83
C LYS A 435 22.64 -30.97 -6.32
N PRO A 436 22.02 -29.91 -5.82
CA PRO A 436 21.99 -29.69 -4.36
C PRO A 436 21.40 -30.87 -3.62
N PHE A 437 22.07 -31.26 -2.54
CA PHE A 437 21.62 -32.37 -1.68
C PHE A 437 21.45 -33.66 -2.48
N GLU A 438 22.37 -33.93 -3.39
CA GLU A 438 22.39 -35.17 -4.14
C GLU A 438 23.61 -35.99 -3.74
N ARG A 439 23.45 -37.32 -3.73
CA ARG A 439 24.47 -38.24 -3.29
C ARG A 439 24.75 -39.26 -4.39
N ASP A 440 26.03 -39.47 -4.68
CA ASP A 440 26.47 -40.40 -5.72
C ASP A 440 27.50 -41.36 -5.14
N ILE A 441 27.23 -42.66 -5.23
CA ILE A 441 28.11 -43.67 -4.67
C ILE A 441 28.63 -44.65 -5.72
N SER A 442 28.45 -44.34 -7.00
CA SER A 442 28.86 -45.26 -8.06
C SER A 442 30.35 -45.12 -8.36
N THR A 443 30.95 -46.24 -8.76
CA THR A 443 32.36 -46.23 -9.15
C THR A 443 32.51 -45.78 -10.61
N GLU A 444 32.02 -46.58 -11.55
CA GLU A 444 31.83 -46.12 -12.93
C GLU A 444 33.08 -45.51 -13.53
N ILE A 445 34.09 -46.33 -13.83
CA ILE A 445 35.40 -45.85 -14.26
C ILE A 445 35.30 -44.67 -15.23
N TYR A 446 36.14 -43.66 -14.99
CA TYR A 446 36.09 -42.38 -15.68
C TYR A 446 36.74 -42.49 -17.06
N GLN A 447 35.97 -42.15 -18.10
CA GLN A 447 36.46 -42.35 -19.47
C GLN A 447 37.68 -41.49 -19.76
N ALA A 448 37.51 -40.17 -19.84
CA ALA A 448 38.61 -39.21 -19.98
C ALA A 448 39.57 -39.57 -21.10
N GLY A 449 39.02 -40.00 -22.24
CA GLY A 449 39.87 -40.40 -23.34
C GLY A 449 39.05 -40.95 -24.49
N SER A 450 39.78 -41.55 -25.45
CA SER A 450 39.14 -42.07 -26.65
C SER A 450 38.65 -43.50 -26.44
N LYS A 451 39.48 -44.37 -25.90
CA LYS A 451 39.11 -45.76 -25.72
C LYS A 451 37.99 -45.88 -24.70
N PRO A 452 36.95 -46.66 -24.98
CA PRO A 452 35.82 -46.76 -24.03
C PRO A 452 36.21 -47.28 -22.65
N CYS A 453 37.18 -48.20 -22.56
CA CYS A 453 37.56 -48.80 -21.28
C CYS A 453 36.37 -49.46 -20.61
N ASN A 454 35.86 -50.54 -21.20
CA ASN A 454 34.65 -51.20 -20.71
C ASN A 454 34.97 -51.91 -19.40
N GLY A 455 34.90 -51.15 -18.30
CA GLY A 455 35.03 -51.71 -16.97
C GLY A 455 36.45 -51.97 -16.50
N VAL A 456 37.46 -51.67 -17.30
CA VAL A 456 38.84 -51.97 -16.97
C VAL A 456 39.62 -50.67 -16.86
N GLU A 457 40.49 -50.58 -15.86
CA GLU A 457 41.32 -49.41 -15.64
C GLU A 457 42.56 -49.48 -16.53
N GLY A 458 43.08 -48.31 -16.88
CA GLY A 458 44.26 -48.27 -17.75
C GLY A 458 44.65 -46.86 -18.09
N PHE A 459 45.01 -46.67 -19.36
CA PHE A 459 45.51 -45.39 -19.85
C PHE A 459 44.34 -44.46 -20.15
N ASN A 460 44.37 -43.26 -19.55
CA ASN A 460 43.32 -42.24 -19.53
C ASN A 460 42.05 -42.69 -18.81
N CYS A 461 41.99 -43.91 -18.29
CA CYS A 461 40.82 -44.40 -17.57
C CYS A 461 41.21 -44.64 -16.13
N TYR A 462 40.53 -43.96 -15.20
CA TYR A 462 40.98 -43.85 -13.83
C TYR A 462 39.82 -44.05 -12.87
N PHE A 463 40.16 -44.46 -11.65
CA PHE A 463 39.18 -44.70 -10.60
C PHE A 463 38.85 -43.38 -9.89
N PRO A 464 37.57 -43.00 -9.83
CA PRO A 464 37.24 -41.64 -9.36
C PRO A 464 37.42 -41.42 -7.87
N LEU A 465 37.47 -42.49 -7.05
CA LEU A 465 37.53 -42.35 -5.60
C LEU A 465 38.96 -42.52 -5.11
N GLN A 466 39.50 -41.48 -4.48
CA GLN A 466 40.86 -41.48 -4.00
C GLN A 466 40.88 -41.22 -2.49
N SER A 467 41.82 -41.83 -1.79
CA SER A 467 41.83 -41.89 -0.34
C SER A 467 42.62 -40.72 0.26
N TYR A 468 42.07 -40.12 1.31
CA TYR A 468 42.80 -39.14 2.10
C TYR A 468 43.98 -39.80 2.80
N GLY A 469 45.08 -39.06 2.91
CA GLY A 469 46.19 -39.51 3.74
C GLY A 469 46.31 -38.71 5.01
N PHE A 470 45.87 -39.28 6.13
CA PHE A 470 45.84 -38.58 7.41
C PHE A 470 46.94 -39.13 8.30
N GLN A 471 47.77 -38.24 8.84
CA GLN A 471 48.80 -38.55 9.79
C GLN A 471 48.82 -37.49 10.88
N PRO A 472 49.23 -37.84 12.10
CA PRO A 472 49.17 -36.85 13.19
C PRO A 472 50.16 -35.72 13.04
N THR A 473 51.21 -35.90 12.23
CA THR A 473 52.24 -34.89 12.05
C THR A 473 51.89 -33.89 10.96
N ASN A 474 50.80 -34.08 10.24
CA ASN A 474 50.40 -33.13 9.21
C ASN A 474 50.05 -31.78 9.82
N GLY A 475 50.38 -30.72 9.11
CA GLY A 475 50.02 -29.39 9.58
C GLY A 475 48.53 -29.14 9.49
N VAL A 476 48.10 -28.08 10.17
CA VAL A 476 46.68 -27.72 10.13
C VAL A 476 46.31 -27.33 8.70
N GLY A 477 45.18 -27.86 8.24
CA GLY A 477 44.78 -27.73 6.86
C GLY A 477 45.00 -28.99 6.04
N TYR A 478 45.77 -29.94 6.55
CA TYR A 478 45.95 -31.24 5.92
C TYR A 478 45.65 -32.38 6.89
N GLN A 479 44.99 -32.08 8.00
CA GLN A 479 44.61 -33.05 9.01
C GLN A 479 43.10 -33.02 9.21
N PRO A 480 42.50 -34.13 9.68
CA PRO A 480 41.06 -34.30 9.52
C PRO A 480 40.25 -33.25 10.26
N TYR A 481 39.08 -32.94 9.68
CA TYR A 481 38.06 -32.14 10.32
C TYR A 481 36.75 -32.88 10.24
N ARG A 482 35.90 -32.69 11.25
CA ARG A 482 34.71 -33.47 11.47
C ARG A 482 33.54 -32.52 11.32
N VAL A 483 32.63 -32.78 10.38
CA VAL A 483 31.64 -31.79 9.96
C VAL A 483 30.24 -32.35 10.12
N VAL A 484 29.35 -31.55 10.72
CA VAL A 484 27.92 -31.83 10.82
C VAL A 484 27.16 -30.61 10.33
N VAL A 485 26.22 -30.82 9.42
CA VAL A 485 25.40 -29.77 8.83
C VAL A 485 23.96 -29.99 9.25
N LEU A 486 23.37 -28.98 9.89
CA LEU A 486 22.00 -29.08 10.38
C LEU A 486 21.09 -28.25 9.47
N SER A 487 20.16 -28.92 8.82
CA SER A 487 19.19 -28.28 7.94
C SER A 487 17.81 -28.33 8.57
N PHE A 488 17.11 -27.21 8.59
CA PHE A 488 15.79 -27.10 9.20
C PHE A 488 14.77 -26.88 8.09
N GLU A 489 13.75 -27.75 8.01
CA GLU A 489 12.73 -27.63 6.99
C GLU A 489 11.37 -27.43 7.63
N LEU A 490 10.62 -26.46 7.11
CA LEU A 490 9.28 -26.13 7.56
C LEU A 490 8.29 -26.46 6.45
N LEU A 491 7.58 -27.57 6.59
CA LEU A 491 6.61 -27.98 5.58
C LEU A 491 5.27 -27.35 5.86
N HIS A 492 4.21 -27.82 5.18
CA HIS A 492 2.85 -27.43 5.47
C HIS A 492 2.20 -28.43 6.42
N ALA A 493 3.00 -29.04 7.28
CA ALA A 493 2.57 -30.04 8.24
C ALA A 493 2.84 -29.51 9.64
N PRO A 494 2.20 -30.07 10.66
CA PRO A 494 2.42 -29.60 12.03
C PRO A 494 3.89 -29.71 12.43
N ALA A 495 4.37 -28.68 13.13
CA ALA A 495 5.75 -28.64 13.58
C ALA A 495 5.93 -29.49 14.84
N THR A 496 6.89 -30.40 14.80
CA THR A 496 7.13 -31.30 15.92
C THR A 496 8.47 -31.10 16.61
N VAL A 497 9.39 -30.35 16.02
CA VAL A 497 10.69 -30.09 16.61
C VAL A 497 10.68 -28.66 17.15
N CYS A 498 10.79 -28.54 18.47
CA CYS A 498 10.73 -27.24 19.13
C CYS A 498 11.73 -27.23 20.28
N GLY A 499 12.14 -26.04 20.67
CA GLY A 499 13.06 -25.89 21.79
C GLY A 499 12.38 -26.17 23.10
N PRO A 500 13.19 -26.36 24.13
CA PRO A 500 12.64 -26.65 25.47
C PRO A 500 11.83 -25.47 25.98
N LYS A 501 10.76 -25.79 26.71
CA LYS A 501 9.88 -24.79 27.30
C LYS A 501 10.21 -24.64 28.77
N LYS A 502 10.51 -23.41 29.19
CA LYS A 502 10.91 -23.13 30.56
C LYS A 502 9.72 -22.64 31.37
N SER A 503 9.76 -22.91 32.67
CA SER A 503 8.67 -22.56 33.56
C SER A 503 9.21 -22.15 34.92
N THR A 504 8.46 -21.29 35.60
CA THR A 504 8.83 -20.75 36.90
C THR A 504 8.20 -21.56 38.01
N ASN A 505 8.32 -21.08 39.24
CA ASN A 505 7.69 -21.74 40.38
C ASN A 505 6.21 -21.36 40.46
N LEU A 506 5.48 -22.09 41.29
CA LEU A 506 4.05 -21.90 41.47
C LEU A 506 3.80 -21.24 42.83
N VAL A 507 3.14 -20.09 42.82
CA VAL A 507 2.81 -19.36 44.04
C VAL A 507 1.29 -19.25 44.13
N LYS A 508 0.74 -19.58 45.28
CA LYS A 508 -0.70 -19.60 45.49
C LYS A 508 -1.12 -18.53 46.49
N ASN A 509 -2.40 -18.21 46.50
CA ASN A 509 -3.04 -17.26 47.40
C ASN A 509 -2.50 -15.84 47.24
N LYS A 510 -2.03 -15.48 46.05
CA LYS A 510 -1.59 -14.12 45.77
C LYS A 510 -2.01 -13.75 44.36
N CYS A 511 -2.22 -12.45 44.14
CA CYS A 511 -2.66 -11.97 42.84
C CYS A 511 -1.46 -11.91 41.90
N VAL A 512 -1.44 -12.82 40.91
CA VAL A 512 -0.32 -12.95 40.00
C VAL A 512 -0.84 -13.03 38.57
N ASN A 513 0.03 -12.66 37.63
CA ASN A 513 -0.14 -13.07 36.24
C ASN A 513 0.24 -14.54 36.10
N PHE A 514 -0.47 -15.24 35.23
CA PHE A 514 -0.22 -16.67 35.07
C PHE A 514 -0.32 -17.05 33.60
N ASN A 515 0.44 -18.09 33.24
CA ASN A 515 0.46 -18.64 31.89
C ASN A 515 0.56 -20.16 32.04
N PHE A 516 -0.57 -20.84 32.05
CA PHE A 516 -0.63 -22.29 32.17
C PHE A 516 -0.74 -22.88 30.77
N ASN A 517 0.39 -23.34 30.23
CA ASN A 517 0.42 -24.08 28.96
C ASN A 517 -0.26 -23.30 27.84
N GLY A 518 0.02 -22.00 27.76
CA GLY A 518 -0.57 -21.16 26.74
C GLY A 518 -1.86 -20.48 27.11
N LEU A 519 -2.41 -20.76 28.28
CA LEU A 519 -3.60 -20.08 28.79
C LEU A 519 -3.16 -18.98 29.74
N THR A 520 -3.36 -17.73 29.33
CA THR A 520 -2.85 -16.58 30.08
C THR A 520 -3.98 -15.91 30.85
N GLY A 521 -3.60 -15.23 31.92
CA GLY A 521 -4.58 -14.50 32.70
C GLY A 521 -3.94 -13.84 33.90
N THR A 522 -4.80 -13.24 34.73
CA THR A 522 -4.40 -12.58 35.97
C THR A 522 -5.41 -12.92 37.06
N GLY A 523 -4.93 -13.33 38.22
CA GLY A 523 -5.85 -13.66 39.29
C GLY A 523 -5.14 -14.30 40.46
N VAL A 524 -5.95 -14.93 41.31
CA VAL A 524 -5.49 -15.59 42.53
C VAL A 524 -5.77 -17.07 42.37
N LEU A 525 -4.77 -17.91 42.61
CA LEU A 525 -4.87 -19.34 42.43
C LEU A 525 -4.98 -20.02 43.80
N THR A 526 -6.00 -20.85 43.96
CA THR A 526 -6.19 -21.58 45.20
C THR A 526 -6.43 -23.06 44.90
N GLU A 527 -6.32 -23.89 45.92
CA GLU A 527 -6.64 -25.30 45.76
C GLU A 527 -8.13 -25.48 45.52
N SER A 528 -8.49 -26.56 44.83
CA SER A 528 -9.84 -26.76 44.35
C SER A 528 -10.36 -28.14 44.76
N ASN A 529 -11.69 -28.25 44.80
CA ASN A 529 -12.37 -29.51 45.05
C ASN A 529 -12.99 -30.08 43.78
N LYS A 530 -12.87 -29.39 42.66
CA LYS A 530 -13.41 -29.89 41.40
C LYS A 530 -12.65 -31.14 40.98
N LYS A 531 -13.36 -32.08 40.37
CA LYS A 531 -12.78 -33.33 39.89
C LYS A 531 -12.87 -33.36 38.37
N PHE A 532 -11.79 -32.90 37.72
CA PHE A 532 -11.70 -32.98 36.28
C PHE A 532 -11.59 -34.43 35.84
N LEU A 533 -12.04 -34.70 34.63
CA LEU A 533 -11.79 -35.98 33.99
C LEU A 533 -10.33 -36.04 33.58
N PRO A 534 -9.78 -37.24 33.39
CA PRO A 534 -8.32 -37.35 33.14
C PRO A 534 -7.85 -36.63 31.89
N PHE A 535 -8.71 -36.40 30.92
CA PHE A 535 -8.31 -35.77 29.67
C PHE A 535 -8.62 -34.29 29.61
N GLN A 536 -9.13 -33.70 30.69
CA GLN A 536 -9.57 -32.31 30.71
C GLN A 536 -8.49 -31.45 31.36
N GLN A 537 -8.27 -30.25 30.80
CA GLN A 537 -7.15 -29.41 31.21
C GLN A 537 -7.55 -28.11 31.89
N PHE A 538 -8.72 -27.57 31.59
CA PHE A 538 -9.21 -26.38 32.26
C PHE A 538 -10.73 -26.35 32.22
N GLY A 539 -11.31 -25.50 33.05
CA GLY A 539 -12.75 -25.47 33.23
C GLY A 539 -13.32 -24.08 33.02
N ARG A 540 -14.56 -24.05 32.54
CA ARG A 540 -15.25 -22.80 32.23
C ARG A 540 -16.62 -22.78 32.89
N ASP A 541 -17.11 -21.57 33.14
CA ASP A 541 -18.41 -21.37 33.79
C ASP A 541 -19.47 -21.00 32.75
N ILE A 542 -20.64 -20.58 33.24
CA ILE A 542 -21.78 -20.32 32.37
C ILE A 542 -21.45 -19.25 31.34
N ALA A 543 -20.60 -18.30 31.70
CA ALA A 543 -20.26 -17.18 30.82
C ALA A 543 -19.10 -17.49 29.89
N ASP A 544 -18.63 -18.74 29.87
CA ASP A 544 -17.46 -19.15 29.09
C ASP A 544 -16.23 -18.36 29.51
N THR A 545 -15.98 -18.33 30.82
CA THR A 545 -14.80 -17.71 31.40
C THR A 545 -14.05 -18.76 32.20
N THR A 546 -12.73 -18.82 32.00
CA THR A 546 -11.93 -19.84 32.68
C THR A 546 -11.96 -19.62 34.18
N ASP A 547 -12.28 -20.68 34.93
CA ASP A 547 -12.32 -20.61 36.37
C ASP A 547 -11.60 -21.76 37.06
N ALA A 548 -10.89 -22.61 36.33
CA ALA A 548 -10.07 -23.65 36.93
C ALA A 548 -9.07 -24.11 35.89
N VAL A 549 -7.90 -24.55 36.36
CA VAL A 549 -6.84 -25.02 35.49
C VAL A 549 -6.15 -26.20 36.14
N ARG A 550 -5.75 -27.17 35.33
CA ARG A 550 -4.94 -28.28 35.81
C ARG A 550 -3.47 -27.93 35.64
N ASP A 551 -2.72 -28.02 36.74
CA ASP A 551 -1.30 -27.72 36.69
C ASP A 551 -0.58 -28.78 35.86
N PRO A 552 0.15 -28.40 34.81
CA PRO A 552 0.73 -29.41 33.91
C PRO A 552 1.69 -30.38 34.57
N GLN A 553 2.46 -29.93 35.55
CA GLN A 553 3.49 -30.80 36.12
C GLN A 553 2.93 -31.68 37.23
N THR A 554 2.25 -31.07 38.21
CA THR A 554 1.53 -31.80 39.24
C THR A 554 0.05 -31.75 38.89
N LEU A 555 -0.53 -32.91 38.60
CA LEU A 555 -1.89 -32.98 38.07
C LEU A 555 -2.90 -32.67 39.18
N GLU A 556 -2.92 -31.40 39.58
CA GLU A 556 -3.84 -30.91 40.58
C GLU A 556 -4.64 -29.74 40.02
N ILE A 557 -5.84 -29.55 40.55
CA ILE A 557 -6.79 -28.58 40.03
C ILE A 557 -6.68 -27.31 40.86
N LEU A 558 -6.56 -26.17 40.19
CA LEU A 558 -6.47 -24.87 40.82
C LEU A 558 -7.64 -24.01 40.38
N ASP A 559 -8.11 -23.16 41.29
CA ASP A 559 -9.21 -22.24 41.04
C ASP A 559 -8.66 -20.83 40.86
N ILE A 560 -9.19 -20.13 39.87
CA ILE A 560 -8.77 -18.77 39.53
C ILE A 560 -9.85 -17.81 39.99
N THR A 561 -9.49 -16.86 40.84
CA THR A 561 -10.40 -15.86 41.36
C THR A 561 -9.89 -14.47 41.00
N PRO A 562 -10.73 -13.58 40.48
CA PRO A 562 -10.23 -12.27 40.08
C PRO A 562 -9.65 -11.49 41.25
N CYS A 563 -8.61 -10.72 40.98
CA CYS A 563 -8.04 -9.87 42.01
C CYS A 563 -9.04 -8.79 42.41
N SER A 564 -9.18 -8.58 43.71
CA SER A 564 -10.28 -7.78 44.23
C SER A 564 -10.24 -6.35 43.72
N PHE A 565 -11.42 -5.80 43.45
CA PHE A 565 -11.59 -4.43 43.01
C PHE A 565 -12.88 -3.89 43.59
N GLY A 566 -13.09 -2.60 43.44
CA GLY A 566 -14.30 -1.98 43.94
C GLY A 566 -14.21 -0.48 43.90
N GLY A 567 -15.17 0.16 44.54
CA GLY A 567 -15.19 1.61 44.62
C GLY A 567 -14.87 2.12 46.02
N VAL A 568 -14.53 3.39 46.13
CA VAL A 568 -14.21 4.02 47.40
C VAL A 568 -15.20 5.15 47.65
N SER A 569 -15.84 5.15 48.80
CA SER A 569 -16.82 6.17 49.16
C SER A 569 -16.37 6.89 50.42
N VAL A 570 -16.59 8.19 50.46
CA VAL A 570 -16.25 9.03 51.60
C VAL A 570 -17.54 9.45 52.28
N ILE A 571 -17.62 9.20 53.58
CA ILE A 571 -18.79 9.50 54.40
C ILE A 571 -18.45 10.71 55.24
N THR A 572 -19.20 11.80 55.06
CA THR A 572 -18.89 13.03 55.75
C THR A 572 -20.15 13.64 56.36
N PRO A 573 -20.04 14.26 57.53
CA PRO A 573 -21.16 15.03 58.09
C PRO A 573 -21.24 16.47 57.61
N GLY A 574 -20.48 16.84 56.57
CA GLY A 574 -20.48 18.19 56.07
C GLY A 574 -19.38 19.02 56.65
N THR A 575 -18.71 19.83 55.81
CA THR A 575 -17.65 20.69 56.32
C THR A 575 -18.17 21.80 57.22
N ASN A 576 -19.48 22.06 57.18
CA ASN A 576 -20.06 23.06 58.07
C ASN A 576 -20.00 22.63 59.52
N THR A 577 -19.84 21.34 59.80
CA THR A 577 -19.78 20.82 61.16
C THR A 577 -18.40 20.30 61.53
N SER A 578 -17.79 19.47 60.69
CA SER A 578 -16.49 18.90 61.01
C SER A 578 -15.79 18.51 59.71
N ASN A 579 -14.49 18.27 59.82
CA ASN A 579 -13.67 17.81 58.69
C ASN A 579 -13.24 16.36 58.86
N GLN A 580 -13.91 15.61 59.74
CA GLN A 580 -13.60 14.22 60.01
C GLN A 580 -14.50 13.34 59.15
N VAL A 581 -13.90 12.41 58.41
CA VAL A 581 -14.62 11.58 57.45
C VAL A 581 -14.31 10.12 57.71
N ALA A 582 -15.18 9.25 57.19
CA ALA A 582 -14.96 7.82 57.18
C ALA A 582 -14.87 7.34 55.74
N VAL A 583 -14.28 6.17 55.54
CA VAL A 583 -14.04 5.65 54.19
C VAL A 583 -14.61 4.25 54.09
N LEU A 584 -15.37 4.00 53.02
CA LEU A 584 -15.96 2.69 52.76
C LEU A 584 -15.37 2.12 51.48
N TYR A 585 -14.84 0.91 51.58
CA TYR A 585 -14.39 0.14 50.42
C TYR A 585 -15.45 -0.91 50.13
N GLN A 586 -16.10 -0.80 48.99
CA GLN A 586 -17.30 -1.58 48.70
C GLN A 586 -16.92 -2.98 48.25
N GLY A 587 -17.47 -3.99 48.92
CA GLY A 587 -17.26 -5.37 48.52
C GLY A 587 -15.82 -5.83 48.60
N VAL A 588 -15.09 -5.40 49.63
CA VAL A 588 -13.69 -5.76 49.81
C VAL A 588 -13.51 -6.24 51.24
N ASN A 589 -12.88 -7.39 51.40
CA ASN A 589 -12.56 -7.88 52.73
C ASN A 589 -11.53 -6.97 53.39
N CYS A 590 -11.68 -6.77 54.70
CA CYS A 590 -10.85 -5.80 55.41
C CYS A 590 -9.38 -6.19 55.46
N THR A 591 -9.05 -7.43 55.14
CA THR A 591 -7.66 -7.87 55.21
C THR A 591 -6.82 -7.25 54.09
N GLU A 592 -7.41 -7.03 52.92
CA GLU A 592 -6.69 -6.59 51.75
C GLU A 592 -6.81 -5.09 51.48
N VAL A 593 -7.28 -4.32 52.47
CA VAL A 593 -7.55 -2.90 52.24
C VAL A 593 -6.30 -2.09 51.94
N PRO A 594 -5.22 -2.14 52.73
CA PRO A 594 -4.15 -1.15 52.56
C PRO A 594 -3.39 -1.24 51.25
N VAL A 595 -3.66 -2.24 50.41
CA VAL A 595 -2.92 -2.38 49.16
C VAL A 595 -3.16 -1.16 48.25
N ALA A 596 -4.41 -0.73 48.13
CA ALA A 596 -4.73 0.44 47.32
C ALA A 596 -5.92 1.20 47.89
N SER A 613 -7.62 4.00 61.19
CA SER A 613 -7.70 3.79 62.64
C SER A 613 -8.60 2.59 62.96
N ASN A 614 -9.90 2.86 63.10
CA ASN A 614 -10.86 1.79 63.34
C ASN A 614 -11.13 1.01 62.06
N VAL A 615 -11.49 -0.26 62.23
CA VAL A 615 -11.82 -1.14 61.11
C VAL A 615 -13.08 -1.90 61.47
N PHE A 616 -14.06 -1.88 60.56
CA PHE A 616 -15.32 -2.56 60.75
C PHE A 616 -15.67 -3.33 59.48
N GLN A 617 -16.21 -4.53 59.64
CA GLN A 617 -16.58 -5.38 58.52
C GLN A 617 -18.10 -5.47 58.41
N THR A 618 -18.62 -5.14 57.24
CA THR A 618 -20.05 -5.15 56.98
C THR A 618 -20.31 -5.93 55.69
N ARG A 619 -21.59 -6.14 55.40
CA ARG A 619 -21.94 -6.78 54.13
C ARG A 619 -21.76 -5.84 52.95
N ALA A 620 -21.75 -4.53 53.20
CA ALA A 620 -21.46 -3.58 52.12
C ALA A 620 -19.98 -3.56 51.79
N GLY A 621 -19.13 -3.63 52.80
CA GLY A 621 -17.69 -3.61 52.57
C GLY A 621 -16.96 -3.29 53.87
N CYS A 622 -15.75 -2.78 53.71
CA CYS A 622 -14.88 -2.44 54.83
C CYS A 622 -15.02 -0.96 55.17
N LEU A 623 -15.25 -0.66 56.44
CA LEU A 623 -15.46 0.70 56.90
C LEU A 623 -14.30 1.10 57.80
N ILE A 624 -13.63 2.19 57.44
CA ILE A 624 -12.43 2.67 58.12
C ILE A 624 -12.71 4.06 58.68
N GLY A 625 -12.51 4.24 59.97
CA GLY A 625 -12.65 5.54 60.58
C GLY A 625 -13.93 5.77 61.34
N ALA A 626 -14.77 4.75 61.52
CA ALA A 626 -16.01 4.87 62.25
C ALA A 626 -16.08 3.81 63.33
N GLU A 627 -16.54 4.21 64.52
CA GLU A 627 -16.66 3.30 65.65
C GLU A 627 -18.03 2.64 65.62
N HIS A 628 -18.06 1.33 65.82
CA HIS A 628 -19.29 0.56 65.76
C HIS A 628 -19.92 0.50 67.15
N VAL A 629 -21.16 0.96 67.26
CA VAL A 629 -21.88 0.98 68.53
C VAL A 629 -23.00 -0.04 68.49
N ASN A 630 -23.52 -0.37 69.67
CA ASN A 630 -24.56 -1.39 69.83
C ASN A 630 -25.96 -0.79 69.94
N ASN A 631 -26.10 0.52 69.87
CA ASN A 631 -27.40 1.16 69.95
C ASN A 631 -28.08 1.12 68.58
N SER A 632 -29.19 1.85 68.44
CA SER A 632 -29.89 1.94 67.17
C SER A 632 -30.67 3.25 67.13
N TYR A 633 -30.56 3.96 66.02
CA TYR A 633 -31.29 5.20 65.82
C TYR A 633 -31.84 5.22 64.40
N GLU A 634 -32.51 6.31 64.04
CA GLU A 634 -32.97 6.48 62.67
C GLU A 634 -31.77 6.66 61.75
N CYS A 635 -31.95 6.25 60.49
CA CYS A 635 -30.85 6.31 59.54
C CYS A 635 -30.51 7.75 59.20
N ASP A 636 -29.26 8.13 59.45
CA ASP A 636 -28.76 9.46 59.12
C ASP A 636 -28.09 9.46 57.75
N ILE A 637 -27.07 8.63 57.58
CA ILE A 637 -26.39 8.44 56.30
C ILE A 637 -26.43 6.95 55.98
N PRO A 638 -27.04 6.54 54.88
CA PRO A 638 -27.23 5.11 54.61
C PRO A 638 -25.98 4.49 53.99
N ILE A 639 -25.33 3.61 54.75
CA ILE A 639 -24.18 2.88 54.21
C ILE A 639 -24.64 1.68 53.40
N GLY A 640 -25.53 0.88 53.95
CA GLY A 640 -26.10 -0.23 53.22
C GLY A 640 -26.22 -1.49 54.06
N ALA A 641 -27.00 -2.45 53.55
CA ALA A 641 -27.25 -3.73 54.22
C ALA A 641 -27.77 -3.54 55.64
N GLY A 642 -28.58 -2.50 55.84
CA GLY A 642 -29.12 -2.22 57.15
C GLY A 642 -28.22 -1.44 58.07
N ILE A 643 -27.07 -0.98 57.59
CA ILE A 643 -26.09 -0.26 58.40
C ILE A 643 -26.11 1.20 57.99
N CYS A 644 -26.21 2.10 58.98
CA CYS A 644 -26.24 3.53 58.76
C CYS A 644 -25.18 4.21 59.62
N ALA A 645 -24.65 5.32 59.11
CA ALA A 645 -23.64 6.10 59.82
C ALA A 645 -24.23 7.42 60.31
N SER A 646 -23.58 8.00 61.30
CA SER A 646 -24.02 9.26 61.88
C SER A 646 -22.84 9.93 62.57
N TYR A 647 -23.02 11.21 62.89
CA TYR A 647 -21.99 12.00 63.57
C TYR A 647 -22.55 12.41 64.93
N GLN A 648 -22.04 11.78 65.99
CA GLN A 648 -22.59 12.02 67.32
C GLN A 648 -21.49 11.85 68.35
N THR A 649 -21.84 12.14 69.60
CA THR A 649 -20.93 11.97 70.72
C THR A 649 -20.91 10.53 71.21
N SER A 662 -16.16 13.37 73.49
CA SER A 662 -15.85 14.09 72.27
C SER A 662 -16.92 13.85 71.22
N GLN A 663 -16.61 14.22 69.97
CA GLN A 663 -17.51 14.03 68.85
C GLN A 663 -16.84 13.07 67.87
N SER A 664 -17.60 12.07 67.40
CA SER A 664 -17.04 11.07 66.51
C SER A 664 -18.10 10.65 65.50
N ILE A 665 -17.72 9.72 64.63
CA ILE A 665 -18.60 9.16 63.62
C ILE A 665 -18.88 7.71 64.02
N ILE A 666 -20.16 7.39 64.17
CA ILE A 666 -20.59 6.07 64.61
C ILE A 666 -21.31 5.36 63.47
N ALA A 667 -21.22 4.03 63.47
CA ALA A 667 -21.92 3.19 62.50
C ALA A 667 -22.75 2.19 63.27
N TYR A 668 -24.04 2.13 62.99
CA TYR A 668 -24.97 1.31 63.76
C TYR A 668 -25.94 0.62 62.82
N THR A 669 -26.83 -0.17 63.41
CA THR A 669 -27.89 -0.85 62.69
C THR A 669 -29.16 -0.02 62.74
N MET A 670 -29.83 0.09 61.59
CA MET A 670 -31.00 0.95 61.48
C MET A 670 -32.10 0.54 62.45
N SER A 671 -32.80 1.52 62.98
CA SER A 671 -34.00 1.31 63.78
C SER A 671 -35.21 1.77 62.97
N LEU A 672 -36.20 0.90 62.85
CA LEU A 672 -37.37 1.19 62.01
C LEU A 672 -38.38 2.11 62.69
N GLY A 673 -38.24 2.37 63.98
CA GLY A 673 -39.11 3.29 64.67
C GLY A 673 -39.43 2.81 66.08
N ALA A 674 -40.12 3.69 66.80
CA ALA A 674 -40.50 3.38 68.17
C ALA A 674 -41.53 2.26 68.21
N GLU A 675 -41.35 1.33 69.14
CA GLU A 675 -42.25 0.21 69.29
C GLU A 675 -43.55 0.67 69.93
N ASN A 676 -44.65 0.04 69.52
CA ASN A 676 -45.96 0.36 70.06
C ASN A 676 -46.77 -0.92 70.21
N SER A 677 -47.72 -0.88 71.12
CA SER A 677 -48.58 -2.04 71.37
C SER A 677 -49.95 -1.51 71.76
N VAL A 678 -50.92 -1.62 70.85
CA VAL A 678 -52.26 -1.13 71.11
C VAL A 678 -52.98 -2.07 72.06
N ALA A 679 -53.65 -1.51 73.06
CA ALA A 679 -54.35 -2.31 74.05
C ALA A 679 -55.62 -2.91 73.44
N TYR A 680 -55.53 -4.14 72.95
CA TYR A 680 -56.64 -4.79 72.28
C TYR A 680 -57.38 -5.70 73.26
N SER A 681 -58.69 -5.47 73.39
CA SER A 681 -59.56 -6.35 74.13
C SER A 681 -60.90 -6.38 73.41
N ASN A 682 -61.66 -7.45 73.63
CA ASN A 682 -62.88 -7.67 72.86
C ASN A 682 -64.07 -6.87 73.36
N ASN A 683 -63.87 -5.89 74.25
CA ASN A 683 -64.99 -5.04 74.63
C ASN A 683 -64.60 -3.57 74.85
N SER A 684 -63.40 -3.15 74.46
CA SER A 684 -62.94 -1.79 74.71
C SER A 684 -62.69 -1.07 73.40
N ILE A 685 -62.94 0.24 73.39
CA ILE A 685 -62.76 1.08 72.22
C ILE A 685 -62.03 2.34 72.67
N ALA A 686 -61.41 3.03 71.72
CA ALA A 686 -60.79 4.32 71.95
C ALA A 686 -61.48 5.36 71.07
N ILE A 687 -61.91 6.46 71.67
CA ILE A 687 -62.64 7.48 70.93
C ILE A 687 -62.01 8.84 71.18
N PRO A 688 -61.75 9.64 70.15
CA PRO A 688 -61.14 10.96 70.35
C PRO A 688 -62.10 11.94 71.00
N THR A 689 -61.51 12.95 71.65
CA THR A 689 -62.27 14.03 72.25
C THR A 689 -61.86 15.40 71.74
N ASN A 690 -60.86 15.49 70.89
CA ASN A 690 -60.42 16.77 70.35
C ASN A 690 -59.86 16.54 68.94
N PHE A 691 -59.58 17.63 68.25
CA PHE A 691 -59.09 17.54 66.89
C PHE A 691 -58.00 18.57 66.65
N THR A 692 -57.36 18.45 65.49
CA THR A 692 -56.28 19.36 65.08
C THR A 692 -56.41 19.58 63.58
N ILE A 693 -56.32 20.83 63.17
CA ILE A 693 -56.32 21.20 61.77
C ILE A 693 -54.86 21.36 61.35
N SER A 694 -54.40 20.50 60.45
CA SER A 694 -53.00 20.47 60.06
C SER A 694 -52.85 20.78 58.58
N VAL A 695 -51.85 21.58 58.24
CA VAL A 695 -51.57 21.95 56.86
C VAL A 695 -50.22 21.37 56.48
N THR A 696 -50.18 20.65 55.36
CA THR A 696 -48.95 20.09 54.83
C THR A 696 -48.73 20.64 53.42
N THR A 697 -47.53 20.42 52.89
CA THR A 697 -47.17 20.91 51.57
C THR A 697 -46.67 19.77 50.70
N GLU A 698 -46.89 19.91 49.40
CA GLU A 698 -46.43 18.91 48.44
C GLU A 698 -45.99 19.61 47.16
N ILE A 699 -44.77 19.33 46.72
CA ILE A 699 -44.15 20.04 45.60
C ILE A 699 -44.03 19.08 44.42
N LEU A 700 -44.52 19.50 43.26
CA LEU A 700 -44.53 18.65 42.07
C LEU A 700 -44.01 19.44 40.87
N PRO A 701 -42.94 19.01 40.22
CA PRO A 701 -42.54 19.63 38.95
C PRO A 701 -43.54 19.33 37.84
N VAL A 702 -43.68 20.29 36.91
CA VAL A 702 -44.60 20.10 35.79
C VAL A 702 -43.95 20.35 34.44
N SER A 703 -42.81 21.03 34.34
CA SER A 703 -42.21 21.29 33.04
C SER A 703 -40.72 21.55 33.22
N MET A 704 -39.99 21.45 32.10
CA MET A 704 -38.57 21.75 32.06
C MET A 704 -38.31 22.86 31.02
N THR A 705 -37.03 23.17 30.83
CA THR A 705 -36.64 24.23 29.91
C THR A 705 -36.68 23.73 28.47
N LYS A 706 -37.13 24.59 27.57
CA LYS A 706 -37.29 24.25 26.15
C LYS A 706 -36.03 24.65 25.41
N THR A 707 -35.12 23.70 25.24
CA THR A 707 -33.90 23.91 24.48
C THR A 707 -34.00 23.21 23.13
N SER A 708 -33.27 23.72 22.14
CA SER A 708 -33.29 23.12 20.81
C SER A 708 -31.90 23.32 20.19
N VAL A 709 -31.06 22.30 20.30
CA VAL A 709 -29.71 22.37 19.79
C VAL A 709 -29.73 22.10 18.28
N ASP A 710 -29.18 23.02 17.51
CA ASP A 710 -29.03 22.82 16.08
C ASP A 710 -28.02 21.71 15.81
N CYS A 711 -28.29 20.88 14.81
CA CYS A 711 -27.46 19.72 14.56
C CYS A 711 -26.15 20.10 13.87
N THR A 712 -26.25 20.66 12.67
CA THR A 712 -25.04 20.92 11.88
C THR A 712 -24.15 21.95 12.54
N MET A 713 -24.74 23.01 13.09
CA MET A 713 -23.95 24.10 13.65
C MET A 713 -23.16 23.64 14.87
N TYR A 714 -23.75 22.76 15.69
CA TYR A 714 -23.01 22.21 16.82
C TYR A 714 -21.81 21.39 16.35
N ILE A 715 -22.01 20.55 15.33
CA ILE A 715 -20.94 19.69 14.85
C ILE A 715 -19.81 20.52 14.25
N CYS A 716 -20.16 21.52 13.43
CA CYS A 716 -19.14 22.37 12.82
C CYS A 716 -19.81 23.66 12.36
N GLY A 717 -19.44 24.78 13.00
CA GLY A 717 -20.15 26.02 12.76
C GLY A 717 -19.92 26.60 11.38
N ASP A 718 -18.67 26.68 10.94
CA ASP A 718 -18.35 27.41 9.72
C ASP A 718 -17.81 26.54 8.59
N SER A 719 -17.18 25.41 8.91
CA SER A 719 -16.55 24.59 7.89
C SER A 719 -17.56 24.15 6.84
N THR A 720 -17.17 24.25 5.58
CA THR A 720 -18.03 23.85 4.47
C THR A 720 -17.79 22.39 4.08
N GLU A 721 -16.52 21.95 4.08
CA GLU A 721 -16.23 20.55 3.81
C GLU A 721 -16.87 19.65 4.87
N CYS A 722 -16.94 20.13 6.11
CA CYS A 722 -17.65 19.38 7.15
C CYS A 722 -19.12 19.21 6.81
N SER A 723 -19.78 20.29 6.36
CA SER A 723 -21.19 20.18 6.00
C SER A 723 -21.37 19.23 4.81
N ASN A 724 -20.48 19.31 3.82
CA ASN A 724 -20.59 18.44 2.66
C ASN A 724 -20.42 16.97 3.07
N LEU A 725 -19.48 16.69 3.98
CA LEU A 725 -19.32 15.32 4.47
C LEU A 725 -20.52 14.87 5.27
N LEU A 726 -21.07 15.77 6.11
CA LEU A 726 -22.23 15.44 6.91
C LEU A 726 -23.45 15.13 6.05
N LEU A 727 -23.54 15.77 4.88
CA LEU A 727 -24.66 15.52 3.99
C LEU A 727 -24.71 14.08 3.50
N GLN A 728 -23.61 13.33 3.61
CA GLN A 728 -23.60 11.93 3.23
C GLN A 728 -24.18 11.01 4.29
N TYR A 729 -24.48 11.53 5.48
CA TYR A 729 -25.06 10.74 6.56
C TYR A 729 -26.58 10.74 6.56
N GLY A 730 -27.20 11.36 5.57
CA GLY A 730 -28.65 11.33 5.46
C GLY A 730 -29.35 12.14 6.53
N SER A 731 -30.44 11.59 7.07
CA SER A 731 -31.28 12.30 8.04
C SER A 731 -30.95 11.90 9.47
N PHE A 732 -29.71 12.18 9.88
CA PHE A 732 -29.36 12.16 11.29
C PHE A 732 -29.42 13.53 11.94
N CYS A 733 -29.72 14.58 11.19
CA CYS A 733 -29.82 15.92 11.74
C CYS A 733 -31.26 16.43 11.81
N THR A 734 -32.19 15.79 11.12
CA THR A 734 -33.59 16.17 11.21
C THR A 734 -34.34 15.42 12.30
N GLN A 735 -33.97 14.17 12.55
CA GLN A 735 -34.62 13.40 13.61
C GLN A 735 -34.38 14.03 14.98
N LEU A 736 -33.15 14.50 15.24
CA LEU A 736 -32.85 15.11 16.52
C LEU A 736 -33.66 16.38 16.74
N ASN A 737 -33.75 17.23 15.71
CA ASN A 737 -34.54 18.44 15.82
C ASN A 737 -36.02 18.12 16.00
N ARG A 738 -36.51 17.10 15.29
CA ARG A 738 -37.90 16.69 15.46
C ARG A 738 -38.17 16.25 16.89
N ALA A 739 -37.28 15.45 17.47
CA ALA A 739 -37.46 14.98 18.84
C ALA A 739 -37.46 16.16 19.82
N LEU A 740 -36.51 17.08 19.66
CA LEU A 740 -36.44 18.21 20.59
C LEU A 740 -37.67 19.11 20.48
N THR A 741 -38.17 19.33 19.25
CA THR A 741 -39.38 20.12 19.07
C THR A 741 -40.57 19.44 19.72
N GLY A 742 -40.67 18.11 19.57
CA GLY A 742 -41.74 17.38 20.25
C GLY A 742 -41.67 17.55 21.76
N ILE A 743 -40.46 17.52 22.31
CA ILE A 743 -40.30 17.71 23.76
C ILE A 743 -40.78 19.10 24.17
N ALA A 744 -40.43 20.13 23.41
CA ALA A 744 -40.84 21.49 23.77
C ALA A 744 -42.36 21.64 23.73
N VAL A 745 -42.99 21.13 22.67
CA VAL A 745 -44.44 21.17 22.57
C VAL A 745 -45.07 20.44 23.76
N GLU A 746 -44.47 19.31 24.14
CA GLU A 746 -44.97 18.56 25.28
C GLU A 746 -44.89 19.36 26.58
N GLN A 747 -43.81 20.12 26.76
CA GLN A 747 -43.69 20.93 27.97
C GLN A 747 -44.79 21.99 28.03
N ASP A 748 -45.05 22.64 26.90
CA ASP A 748 -46.14 23.62 26.88
C ASP A 748 -47.49 22.97 27.19
N LYS A 749 -47.73 21.78 26.63
CA LYS A 749 -48.96 21.07 26.90
C LYS A 749 -49.08 20.67 28.37
N ASN A 750 -47.96 20.26 28.98
CA ASN A 750 -47.96 19.92 30.41
C ASN A 750 -48.43 21.09 31.24
N THR A 751 -47.81 22.26 31.04
CA THR A 751 -48.21 23.42 31.84
C THR A 751 -49.67 23.78 31.59
N GLN A 752 -50.10 23.75 30.33
CA GLN A 752 -51.47 24.13 30.00
C GLN A 752 -52.48 23.20 30.65
N GLU A 753 -52.22 21.90 30.65
CA GLU A 753 -53.18 20.97 31.23
C GLU A 753 -53.16 20.96 32.74
N VAL A 754 -52.02 21.29 33.37
CA VAL A 754 -52.01 21.37 34.83
C VAL A 754 -52.79 22.59 35.30
N PHE A 755 -52.50 23.76 34.73
CA PHE A 755 -53.01 24.99 35.35
C PHE A 755 -54.32 25.48 34.76
N ALA A 756 -54.50 25.40 33.45
CA ALA A 756 -55.70 25.94 32.80
C ALA A 756 -56.86 24.99 33.04
N GLN A 757 -57.62 25.25 34.10
CA GLN A 757 -58.75 24.39 34.44
C GLN A 757 -59.98 25.19 34.88
N VAL A 758 -60.02 26.49 34.58
CA VAL A 758 -61.17 27.33 34.89
C VAL A 758 -61.60 28.05 33.62
N LYS A 759 -62.92 28.07 33.39
CA LYS A 759 -63.45 28.75 32.22
C LYS A 759 -63.50 30.26 32.41
N GLN A 760 -63.60 30.74 33.64
CA GLN A 760 -63.67 32.16 33.93
C GLN A 760 -62.67 32.50 35.03
N ILE A 761 -62.29 33.78 35.07
CA ILE A 761 -61.34 34.29 36.06
C ILE A 761 -62.16 34.87 37.21
N TYR A 762 -62.21 34.15 38.33
CA TYR A 762 -62.96 34.61 39.49
C TYR A 762 -62.13 35.59 40.32
N LYS A 763 -62.82 36.46 41.04
CA LYS A 763 -62.17 37.47 41.87
C LYS A 763 -62.79 37.47 43.26
N THR A 764 -61.95 37.66 44.26
CA THR A 764 -62.39 37.71 45.64
C THR A 764 -62.99 39.08 45.96
N PRO A 765 -64.00 39.14 46.82
CA PRO A 765 -64.63 40.42 47.13
C PRO A 765 -63.66 41.32 47.88
N PRO A 766 -63.80 42.65 47.73
CA PRO A 766 -62.91 43.56 48.46
C PRO A 766 -63.00 43.41 49.96
N ILE A 767 -64.19 43.12 50.49
CA ILE A 767 -64.35 42.84 51.91
C ILE A 767 -63.95 41.39 52.17
N LYS A 768 -63.07 41.19 53.14
CA LYS A 768 -62.48 39.87 53.35
C LYS A 768 -62.71 39.39 54.78
N ASP A 769 -63.95 39.47 55.24
CA ASP A 769 -64.35 38.93 56.54
C ASP A 769 -64.99 37.57 56.31
N PHE A 770 -64.18 36.52 56.42
CA PHE A 770 -64.60 35.15 56.13
C PHE A 770 -64.95 34.37 57.38
N GLY A 771 -65.53 35.02 58.39
CA GLY A 771 -65.91 34.32 59.58
C GLY A 771 -64.77 33.93 60.50
N GLY A 772 -63.64 34.62 60.42
CA GLY A 772 -62.51 34.37 61.28
C GLY A 772 -61.32 33.75 60.59
N PHE A 773 -61.47 33.24 59.38
CA PHE A 773 -60.37 32.64 58.64
C PHE A 773 -59.61 33.72 57.90
N ASN A 774 -58.29 33.57 57.83
CA ASN A 774 -57.40 34.60 57.31
C ASN A 774 -56.59 34.01 56.17
N PHE A 775 -56.88 34.44 54.95
CA PHE A 775 -56.23 33.91 53.74
C PHE A 775 -55.22 34.88 53.15
N SER A 776 -54.82 35.91 53.90
CA SER A 776 -53.88 36.90 53.37
C SER A 776 -52.53 36.30 53.01
N GLN A 777 -52.17 35.18 53.62
CA GLN A 777 -50.88 34.56 53.33
C GLN A 777 -50.84 33.94 51.94
N ILE A 778 -51.99 33.64 51.35
CA ILE A 778 -52.04 33.00 50.04
C ILE A 778 -52.74 33.85 48.98
N LEU A 779 -53.62 34.77 49.35
CA LEU A 779 -54.27 35.62 48.36
C LEU A 779 -53.26 36.59 47.74
N PRO A 780 -53.49 36.99 46.49
CA PRO A 780 -52.49 37.85 45.82
C PRO A 780 -52.33 39.19 46.51
N ASP A 781 -51.09 39.68 46.49
CA ASP A 781 -50.75 40.95 47.09
C ASP A 781 -50.67 42.02 46.02
N PRO A 782 -51.52 43.04 46.03
CA PRO A 782 -51.48 44.06 44.97
C PRO A 782 -50.34 45.07 45.14
N SER A 783 -49.59 45.03 46.24
CA SER A 783 -48.52 45.99 46.44
C SER A 783 -47.40 45.78 45.43
N LYS A 784 -46.91 44.55 45.29
CA LYS A 784 -45.84 44.28 44.36
C LYS A 784 -46.35 44.30 42.92
N PRO A 785 -45.51 44.65 41.96
CA PRO A 785 -45.94 44.61 40.55
C PRO A 785 -46.30 43.23 40.07
N SER A 786 -45.64 42.18 40.58
CA SER A 786 -45.88 40.83 40.10
C SER A 786 -47.23 40.28 40.54
N LYS A 787 -47.87 40.90 41.54
CA LYS A 787 -49.17 40.49 42.04
C LYS A 787 -49.16 39.03 42.48
N ARG A 788 -48.12 38.63 43.19
CA ARG A 788 -48.03 37.32 43.82
C ARG A 788 -48.44 37.43 45.28
N SER A 789 -48.28 36.34 46.00
CA SER A 789 -48.57 36.28 47.43
C SER A 789 -47.27 36.08 48.21
N PHE A 790 -47.40 36.00 49.53
CA PHE A 790 -46.23 35.87 50.39
C PHE A 790 -45.50 34.55 50.14
N ILE A 791 -46.25 33.44 50.14
CA ILE A 791 -45.63 32.14 49.95
C ILE A 791 -45.08 32.02 48.53
N GLU A 792 -45.79 32.57 47.55
CA GLU A 792 -45.26 32.57 46.19
C GLU A 792 -44.00 33.41 46.10
N ASP A 793 -43.95 34.53 46.80
CA ASP A 793 -42.73 35.33 46.82
C ASP A 793 -41.56 34.53 47.38
N LEU A 794 -41.79 33.81 48.49
CA LEU A 794 -40.75 32.95 49.03
C LEU A 794 -40.31 31.90 48.01
N LEU A 795 -41.27 31.29 47.33
CA LEU A 795 -40.94 30.19 46.41
C LEU A 795 -40.12 30.67 45.22
N PHE A 796 -40.50 31.79 44.61
CA PHE A 796 -39.67 32.29 43.51
C PHE A 796 -38.38 32.94 43.97
N ASN A 797 -38.28 33.38 45.22
CA ASN A 797 -36.99 33.87 45.69
C ASN A 797 -36.02 32.73 45.96
N LYS A 798 -36.49 31.63 46.55
CA LYS A 798 -35.62 30.54 46.93
C LYS A 798 -35.17 29.69 45.76
N VAL A 799 -35.84 29.78 44.61
CA VAL A 799 -35.46 29.00 43.45
C VAL A 799 -35.20 29.91 42.25
N PHE A 828 -22.83 30.32 21.26
CA PHE A 828 -23.58 29.28 21.98
C PHE A 828 -23.33 27.90 21.41
N ASN A 829 -22.55 27.83 20.34
CA ASN A 829 -22.27 26.60 19.61
C ASN A 829 -23.51 25.99 18.99
N GLY A 830 -24.53 26.80 18.74
CA GLY A 830 -25.72 26.34 18.03
C GLY A 830 -26.86 25.86 18.89
N LEU A 831 -26.83 26.12 20.20
CA LEU A 831 -27.92 25.73 21.09
C LEU A 831 -28.66 26.97 21.56
N THR A 832 -30.00 26.88 21.57
CA THR A 832 -30.84 28.01 21.91
C THR A 832 -31.94 27.57 22.85
N VAL A 833 -32.44 28.52 23.64
CA VAL A 833 -33.46 28.27 24.65
C VAL A 833 -34.70 29.06 24.28
N LEU A 834 -35.79 28.36 24.01
CA LEU A 834 -37.06 28.99 23.68
C LEU A 834 -37.78 29.42 24.96
N PRO A 835 -38.61 30.46 24.89
CA PRO A 835 -39.35 30.90 26.07
C PRO A 835 -40.62 30.10 26.24
N PRO A 836 -41.15 30.00 27.46
CA PRO A 836 -42.42 29.33 27.66
C PRO A 836 -43.57 30.11 27.05
N LEU A 837 -44.61 29.37 26.65
CA LEU A 837 -45.77 30.00 26.03
C LEU A 837 -46.60 30.78 27.05
N LEU A 838 -46.58 30.36 28.30
CA LEU A 838 -47.32 31.02 29.37
C LEU A 838 -46.32 31.73 30.28
N THR A 839 -46.54 33.03 30.49
CA THR A 839 -45.70 33.79 31.39
C THR A 839 -46.11 33.52 32.84
N ASP A 840 -45.18 33.81 33.76
CA ASP A 840 -45.44 33.54 35.17
C ASP A 840 -46.60 34.37 35.71
N GLU A 841 -46.84 35.54 35.12
CA GLU A 841 -48.00 36.34 35.51
C GLU A 841 -49.29 35.61 35.20
N MET A 842 -49.35 34.94 34.05
CA MET A 842 -50.56 34.19 33.69
C MET A 842 -50.76 33.00 34.61
N ILE A 843 -49.68 32.32 35.00
CA ILE A 843 -49.79 31.22 35.95
C ILE A 843 -50.30 31.73 37.30
N ALA A 844 -49.80 32.89 37.73
CA ALA A 844 -50.30 33.49 38.96
C ALA A 844 -51.78 33.83 38.85
N GLN A 845 -52.21 34.29 37.67
CA GLN A 845 -53.62 34.60 37.47
C GLN A 845 -54.50 33.36 37.57
N TYR A 846 -54.06 32.26 36.94
CA TYR A 846 -54.74 30.97 37.13
C TYR A 846 -54.84 30.58 38.60
N THR A 847 -53.74 30.62 39.33
CA THR A 847 -53.81 30.18 40.73
C THR A 847 -54.70 31.10 41.56
N SER A 848 -54.68 32.40 41.25
CA SER A 848 -55.56 33.33 41.95
C SER A 848 -57.02 33.04 41.66
N ALA A 849 -57.35 32.71 40.41
CA ALA A 849 -58.73 32.35 40.08
C ALA A 849 -59.15 31.08 40.81
N LEU A 850 -58.26 30.08 40.85
CA LEU A 850 -58.56 28.85 41.58
C LEU A 850 -58.83 29.13 43.06
N LEU A 851 -57.97 29.93 43.70
CA LEU A 851 -58.17 30.24 45.11
C LEU A 851 -59.46 31.01 45.35
N ALA A 852 -59.76 32.00 44.49
CA ALA A 852 -60.98 32.78 44.67
C ALA A 852 -62.21 31.90 44.50
N GLY A 853 -62.22 31.03 43.49
CA GLY A 853 -63.34 30.13 43.31
C GLY A 853 -63.51 29.17 44.46
N THR A 854 -62.39 28.61 44.96
CA THR A 854 -62.47 27.68 46.09
C THR A 854 -63.02 28.37 47.34
N ILE A 855 -62.54 29.57 47.63
CA ILE A 855 -62.96 30.26 48.85
C ILE A 855 -64.41 30.70 48.75
N THR A 856 -64.82 31.21 47.59
CA THR A 856 -66.16 31.77 47.46
C THR A 856 -67.23 30.74 47.14
N SER A 857 -66.90 29.70 46.36
CA SER A 857 -67.90 28.76 45.86
C SER A 857 -67.81 27.40 46.54
N GLY A 858 -66.65 26.74 46.48
CA GLY A 858 -66.52 25.39 47.00
C GLY A 858 -66.39 24.37 45.90
N TRP A 859 -67.22 23.32 45.96
CA TRP A 859 -67.20 22.31 44.90
C TRP A 859 -67.81 22.86 43.61
N THR A 860 -68.73 23.81 43.73
CA THR A 860 -69.66 24.10 42.65
C THR A 860 -68.95 24.64 41.41
N PHE A 861 -67.94 25.48 41.59
CA PHE A 861 -67.32 26.13 40.43
C PHE A 861 -66.55 25.16 39.55
N GLY A 862 -66.32 23.93 39.99
CA GLY A 862 -65.64 22.93 39.19
C GLY A 862 -66.53 21.93 38.52
N ALA A 863 -67.85 22.00 38.72
CA ALA A 863 -68.80 21.04 38.17
C ALA A 863 -70.00 21.74 37.56
N GLY A 864 -69.81 22.95 37.04
CA GLY A 864 -70.92 23.71 36.48
C GLY A 864 -70.86 25.18 36.80
N PRO A 865 -72.03 25.79 36.98
CA PRO A 865 -72.10 27.21 37.32
C PRO A 865 -71.65 27.43 38.76
N ALA A 866 -70.85 28.47 38.98
CA ALA A 866 -70.35 28.76 40.31
C ALA A 866 -71.46 29.33 41.18
N LEU A 867 -71.59 28.80 42.39
CA LEU A 867 -72.60 29.21 43.35
C LEU A 867 -71.93 29.66 44.64
N GLN A 868 -72.41 30.76 45.21
CA GLN A 868 -71.81 31.31 46.41
C GLN A 868 -72.36 30.63 47.66
N ILE A 869 -71.56 30.66 48.73
CA ILE A 869 -71.94 30.07 50.01
C ILE A 869 -71.00 30.63 51.08
N PRO A 870 -71.49 30.95 52.28
CA PRO A 870 -70.59 31.42 53.33
C PRO A 870 -69.55 30.38 53.68
N PHE A 871 -68.34 30.84 53.99
CA PHE A 871 -67.23 29.92 54.23
C PHE A 871 -67.46 29.05 55.45
N PRO A 872 -68.15 29.57 56.48
CA PRO A 872 -68.45 28.75 57.64
C PRO A 872 -69.32 27.56 57.26
N MET A 873 -70.33 27.78 56.41
CA MET A 873 -71.17 26.67 55.98
C MET A 873 -70.41 25.73 55.04
N GLN A 874 -69.48 26.25 54.26
CA GLN A 874 -68.64 25.38 53.44
C GLN A 874 -67.81 24.45 54.31
N MET A 875 -67.23 24.98 55.38
CA MET A 875 -66.47 24.12 56.28
C MET A 875 -67.37 23.13 57.02
N ALA A 876 -68.59 23.54 57.35
CA ALA A 876 -69.53 22.60 57.95
C ALA A 876 -69.85 21.46 56.98
N TYR A 877 -70.05 21.79 55.71
CA TYR A 877 -70.28 20.77 54.69
C TYR A 877 -69.08 19.83 54.59
N ARG A 878 -67.87 20.39 54.69
CA ARG A 878 -66.68 19.57 54.54
C ARG A 878 -66.42 18.67 55.74
N PHE A 879 -66.76 19.13 56.95
CA PHE A 879 -66.80 18.20 58.08
C PHE A 879 -67.86 17.12 57.88
N ASN A 880 -69.02 17.50 57.33
CA ASN A 880 -70.07 16.53 57.12
C ASN A 880 -69.64 15.41 56.19
N GLY A 881 -68.61 15.61 55.38
CA GLY A 881 -68.12 14.61 54.45
C GLY A 881 -67.10 13.65 54.99
N ILE A 882 -66.52 13.91 56.17
CA ILE A 882 -65.55 13.02 56.77
C ILE A 882 -66.10 12.27 57.97
N GLY A 883 -67.38 12.44 58.29
CA GLY A 883 -68.01 11.72 59.36
C GLY A 883 -68.23 12.49 60.64
N VAL A 884 -68.03 13.80 60.64
CA VAL A 884 -68.20 14.63 61.82
C VAL A 884 -69.41 15.53 61.61
N THR A 885 -70.28 15.60 62.61
CA THR A 885 -71.53 16.35 62.51
C THR A 885 -71.24 17.84 62.37
N GLN A 886 -72.18 18.56 61.74
CA GLN A 886 -71.99 19.97 61.45
C GLN A 886 -71.81 20.79 62.72
N ASN A 887 -72.53 20.43 63.79
CA ASN A 887 -72.52 21.25 64.99
C ASN A 887 -71.14 21.32 65.64
N VAL A 888 -70.24 20.40 65.27
CA VAL A 888 -68.88 20.44 65.81
C VAL A 888 -68.17 21.71 65.36
N LEU A 889 -68.32 22.07 64.07
CA LEU A 889 -67.68 23.28 63.57
C LEU A 889 -68.28 24.53 64.20
N TYR A 890 -69.61 24.62 64.24
CA TYR A 890 -70.25 25.86 64.68
C TYR A 890 -69.93 26.17 66.13
N GLU A 891 -69.94 25.15 66.99
CA GLU A 891 -69.65 25.36 68.40
C GLU A 891 -68.18 25.58 68.68
N ASN A 892 -67.29 25.31 67.73
CA ASN A 892 -65.86 25.48 67.91
C ASN A 892 -65.26 26.29 66.76
N GLN A 893 -66.00 27.29 66.28
CA GLN A 893 -65.55 28.05 65.12
C GLN A 893 -64.28 28.82 65.41
N LYS A 894 -64.20 29.48 66.57
CA LYS A 894 -63.04 30.30 66.88
C LYS A 894 -61.77 29.46 67.02
N LEU A 895 -61.88 28.32 67.71
CA LEU A 895 -60.71 27.46 67.89
C LEU A 895 -60.21 26.94 66.55
N ILE A 896 -61.13 26.53 65.67
CA ILE A 896 -60.74 26.01 64.37
C ILE A 896 -60.10 27.09 63.52
N ALA A 897 -60.66 28.30 63.54
CA ALA A 897 -60.06 29.40 62.79
C ALA A 897 -58.65 29.71 63.28
N ASN A 898 -58.47 29.74 64.61
CA ASN A 898 -57.15 30.00 65.16
C ASN A 898 -56.16 28.90 64.76
N GLN A 899 -56.58 27.64 64.81
CA GLN A 899 -55.70 26.55 64.42
C GLN A 899 -55.31 26.66 62.96
N PHE A 900 -56.26 26.99 62.09
CA PHE A 900 -55.97 27.13 60.67
C PHE A 900 -54.96 28.25 60.42
N ASN A 901 -55.18 29.40 61.06
CA ASN A 901 -54.27 30.53 60.88
C ASN A 901 -52.86 30.20 61.39
N SER A 902 -52.77 29.56 62.55
CA SER A 902 -51.47 29.17 63.09
C SER A 902 -50.77 28.20 62.16
N ALA A 903 -51.52 27.25 61.59
CA ALA A 903 -50.92 26.28 60.67
C ALA A 903 -50.38 26.97 59.43
N ILE A 904 -51.12 27.93 58.88
CA ILE A 904 -50.62 28.65 57.70
C ILE A 904 -49.36 29.44 58.02
N GLY A 905 -49.35 30.12 59.17
CA GLY A 905 -48.15 30.83 59.59
C GLY A 905 -46.95 29.91 59.74
N LYS A 906 -47.18 28.73 60.33
CA LYS A 906 -46.09 27.77 60.48
C LYS A 906 -45.62 27.23 59.13
N ILE A 907 -46.53 27.10 58.15
CA ILE A 907 -46.10 26.74 56.80
C ILE A 907 -45.15 27.79 56.25
N GLN A 908 -45.50 29.07 56.41
CA GLN A 908 -44.60 30.10 55.92
C GLN A 908 -43.24 30.04 56.62
N ASP A 909 -43.25 29.86 57.94
CA ASP A 909 -41.99 29.78 58.69
C ASP A 909 -41.14 28.59 58.24
N SER A 910 -41.77 27.42 58.09
CA SER A 910 -41.04 26.22 57.69
C SER A 910 -40.47 26.35 56.28
N LEU A 911 -41.25 26.92 55.35
CA LEU A 911 -40.74 27.11 54.00
C LEU A 911 -39.58 28.10 54.00
N SER A 912 -39.66 29.15 54.82
CA SER A 912 -38.58 30.12 54.88
C SER A 912 -37.36 29.59 55.64
N SER A 913 -37.52 28.52 56.42
CA SER A 913 -36.43 28.03 57.25
C SER A 913 -35.41 27.22 56.44
N THR A 914 -35.84 26.11 55.86
CA THR A 914 -34.95 25.18 55.20
C THR A 914 -34.93 25.44 53.69
N PRO A 915 -33.72 25.56 53.13
CA PRO A 915 -33.56 25.80 51.70
C PRO A 915 -33.59 24.53 50.87
N SER A 916 -33.55 23.36 51.49
CA SER A 916 -33.59 22.09 50.79
C SER A 916 -35.01 21.54 50.66
N ALA A 917 -36.01 22.32 51.04
CA ALA A 917 -37.40 21.87 50.89
C ALA A 917 -37.78 21.71 49.42
N LEU A 918 -37.31 22.61 48.56
CA LEU A 918 -37.62 22.56 47.14
C LEU A 918 -36.56 21.77 46.39
N GLY A 919 -36.44 20.49 46.75
CA GLY A 919 -35.42 19.65 46.17
C GLY A 919 -35.72 19.16 44.77
N LYS A 920 -36.99 18.95 44.45
CA LYS A 920 -37.35 18.34 43.17
C LYS A 920 -37.12 19.30 42.00
N LEU A 921 -37.59 20.54 42.14
CA LEU A 921 -37.41 21.52 41.07
C LEU A 921 -35.94 21.82 40.85
N GLN A 922 -35.19 21.98 41.95
CA GLN A 922 -33.76 22.20 41.85
C GLN A 922 -33.07 21.01 41.20
N ASN A 923 -33.53 19.80 41.52
CA ASN A 923 -32.96 18.60 40.90
C ASN A 923 -33.15 18.63 39.40
N VAL A 924 -34.34 18.99 38.94
CA VAL A 924 -34.60 19.03 37.50
C VAL A 924 -33.71 20.05 36.82
N VAL A 925 -33.63 21.25 37.42
CA VAL A 925 -32.82 22.32 36.82
C VAL A 925 -31.36 21.91 36.75
N ASN A 926 -30.84 21.32 37.84
CA ASN A 926 -29.45 20.91 37.88
C ASN A 926 -29.16 19.82 36.85
N GLN A 927 -30.07 18.86 36.70
CA GLN A 927 -29.83 17.79 35.74
C GLN A 927 -29.78 18.33 34.32
N ASN A 928 -30.69 19.24 33.97
CA ASN A 928 -30.63 19.85 32.64
C ASN A 928 -29.32 20.61 32.43
N ALA A 929 -28.90 21.37 33.45
CA ALA A 929 -27.65 22.12 33.32
C ALA A 929 -26.45 21.21 33.12
N GLN A 930 -26.39 20.11 33.89
CA GLN A 930 -25.28 19.18 33.74
C GLN A 930 -25.27 18.54 32.37
N ALA A 931 -26.45 18.19 31.83
CA ALA A 931 -26.49 17.63 30.49
C ALA A 931 -25.93 18.60 29.47
N LEU A 932 -26.33 19.87 29.55
CA LEU A 932 -25.84 20.86 28.59
C LEU A 932 -24.33 21.07 28.74
N ASN A 933 -23.84 21.15 29.98
CA ASN A 933 -22.41 21.32 30.18
C ASN A 933 -21.63 20.13 29.63
N THR A 934 -22.14 18.92 29.82
CA THR A 934 -21.45 17.75 29.29
C THR A 934 -21.40 17.77 27.77
N LEU A 935 -22.50 18.20 27.13
CA LEU A 935 -22.47 18.34 25.67
C LEU A 935 -21.39 19.33 25.24
N VAL A 936 -21.36 20.50 25.87
CA VAL A 936 -20.39 21.53 25.49
C VAL A 936 -18.96 21.04 25.72
N LYS A 937 -18.71 20.38 26.85
CA LYS A 937 -17.40 19.78 27.08
C LYS A 937 -17.04 18.80 25.98
N GLN A 938 -17.98 17.93 25.61
CA GLN A 938 -17.69 16.92 24.60
C GLN A 938 -17.46 17.54 23.23
N LEU A 939 -17.86 18.80 23.04
CA LEU A 939 -17.55 19.46 21.77
C LEU A 939 -16.05 19.51 21.49
N SER A 940 -15.22 19.64 22.52
CA SER A 940 -13.78 19.79 22.34
C SER A 940 -13.08 18.51 22.78
N SER A 941 -13.00 17.55 21.88
CA SER A 941 -12.27 16.31 22.11
C SER A 941 -11.84 15.74 20.77
N ASN A 942 -10.70 15.04 20.79
CA ASN A 942 -10.10 14.56 19.55
C ASN A 942 -10.86 13.36 18.99
N PHE A 943 -11.33 12.46 19.85
CA PHE A 943 -11.86 11.17 19.44
C PHE A 943 -10.82 10.39 18.64
N GLY A 944 -9.54 10.64 18.92
CA GLY A 944 -8.44 9.99 18.24
C GLY A 944 -7.90 10.74 17.05
N ALA A 945 -8.35 11.96 16.79
CA ALA A 945 -7.83 12.76 15.70
C ALA A 945 -6.66 13.60 16.22
N ILE A 946 -6.19 14.54 15.39
CA ILE A 946 -5.05 15.37 15.78
C ILE A 946 -5.45 16.42 16.79
N SER A 947 -6.48 17.22 16.47
CA SER A 947 -6.90 18.30 17.34
C SER A 947 -8.42 18.37 17.39
N SER A 948 -8.93 18.91 18.49
CA SER A 948 -10.36 19.10 18.63
C SER A 948 -10.88 20.09 17.60
N VAL A 949 -10.20 21.23 17.46
CA VAL A 949 -10.58 22.21 16.45
C VAL A 949 -10.28 21.65 15.07
N LEU A 950 -11.25 21.79 14.16
CA LEU A 950 -11.12 21.25 12.82
C LEU A 950 -10.52 22.24 11.83
N ASN A 951 -10.33 23.50 12.22
CA ASN A 951 -9.61 24.43 11.37
C ASN A 951 -8.15 24.00 11.22
N ASP A 952 -7.52 23.60 12.32
CA ASP A 952 -6.17 23.07 12.25
C ASP A 952 -6.12 21.78 11.47
N ILE A 953 -7.21 21.01 11.48
CA ILE A 953 -7.28 19.79 10.68
C ILE A 953 -7.30 20.12 9.19
N LEU A 954 -8.15 21.08 8.80
CA LEU A 954 -8.31 21.39 7.39
C LEU A 954 -7.14 22.19 6.83
N SER A 955 -6.43 22.94 7.67
CA SER A 955 -5.39 23.84 7.16
C SER A 955 -4.13 23.08 6.78
N ARG A 956 -3.48 22.44 7.75
CA ARG A 956 -2.19 21.81 7.52
C ARG A 956 -2.31 20.33 7.15
N LEU A 957 -3.13 20.02 6.17
CA LEU A 957 -3.25 18.63 5.76
C LEU A 957 -3.86 18.56 4.37
N ASP A 958 -3.53 17.49 3.64
CA ASP A 958 -4.07 17.27 2.32
C ASP A 958 -5.56 16.93 2.41
N PRO A 959 -6.30 17.10 1.32
CA PRO A 959 -7.75 16.84 1.34
C PRO A 959 -8.09 15.44 1.82
N PRO A 960 -7.35 14.37 1.42
CA PRO A 960 -7.73 13.03 1.89
C PRO A 960 -7.62 12.82 3.39
N GLU A 961 -6.44 13.07 3.96
CA GLU A 961 -6.25 12.81 5.39
C GLU A 961 -7.02 13.80 6.24
N ALA A 962 -7.08 15.07 5.81
CA ALA A 962 -7.93 16.02 6.52
C ALA A 962 -9.39 15.59 6.47
N GLU A 963 -9.81 15.05 5.33
CA GLU A 963 -11.18 14.54 5.21
C GLU A 963 -11.43 13.41 6.19
N VAL A 964 -10.49 12.47 6.31
CA VAL A 964 -10.73 11.33 7.20
C VAL A 964 -10.72 11.78 8.67
N GLN A 965 -9.85 12.73 9.02
CA GLN A 965 -9.85 13.24 10.40
C GLN A 965 -11.15 13.97 10.71
N ILE A 966 -11.62 14.80 9.77
CA ILE A 966 -12.90 15.48 9.96
C ILE A 966 -14.03 14.47 10.05
N ASP A 967 -13.96 13.38 9.28
CA ASP A 967 -14.96 12.33 9.36
C ASP A 967 -15.01 11.73 10.75
N ARG A 968 -13.84 11.47 11.34
CA ARG A 968 -13.83 10.84 12.67
C ARG A 968 -14.36 11.81 13.72
N LEU A 969 -14.01 13.09 13.60
CA LEU A 969 -14.60 14.10 14.49
C LEU A 969 -16.12 14.13 14.35
N ILE A 970 -16.61 14.07 13.12
CA ILE A 970 -18.05 14.09 12.89
C ILE A 970 -18.72 12.89 13.55
N THR A 971 -18.11 11.71 13.42
CA THR A 971 -18.66 10.52 14.05
C THR A 971 -18.78 10.70 15.56
N GLY A 972 -17.70 11.19 16.19
CA GLY A 972 -17.74 11.38 17.64
C GLY A 972 -18.80 12.37 18.08
N ARG A 973 -18.88 13.52 17.40
CA ARG A 973 -19.83 14.54 17.79
C ARG A 973 -21.27 14.08 17.56
N LEU A 974 -21.51 13.35 16.47
CA LEU A 974 -22.84 12.80 16.23
C LEU A 974 -23.23 11.82 17.33
N GLN A 975 -22.29 10.98 17.75
CA GLN A 975 -22.60 10.05 18.84
C GLN A 975 -22.97 10.80 20.12
N SER A 976 -22.23 11.86 20.43
CA SER A 976 -22.55 12.65 21.62
C SER A 976 -23.95 13.26 21.53
N LEU A 977 -24.30 13.78 20.36
CA LEU A 977 -25.63 14.37 20.18
C LEU A 977 -26.72 13.32 20.35
N GLN A 978 -26.51 12.12 19.79
CA GLN A 978 -27.51 11.06 19.94
C GLN A 978 -27.72 10.70 21.41
N THR A 979 -26.61 10.58 22.16
CA THR A 979 -26.75 10.26 23.58
C THR A 979 -27.53 11.34 24.32
N TYR A 980 -27.23 12.61 24.04
CA TYR A 980 -27.93 13.70 24.69
C TYR A 980 -29.43 13.65 24.39
N VAL A 981 -29.79 13.43 23.12
CA VAL A 981 -31.20 13.43 22.75
C VAL A 981 -31.93 12.29 23.43
N THR A 982 -31.33 11.10 23.48
CA THR A 982 -31.99 9.97 24.13
C THR A 982 -32.23 10.24 25.61
N GLN A 983 -31.22 10.76 26.31
CA GLN A 983 -31.40 11.06 27.72
C GLN A 983 -32.49 12.09 27.93
N GLN A 984 -32.55 13.10 27.05
CA GLN A 984 -33.60 14.11 27.16
C GLN A 984 -34.99 13.51 26.96
N LEU A 985 -35.11 12.56 26.04
CA LEU A 985 -36.40 11.91 25.82
C LEU A 985 -36.87 11.17 27.07
N ILE A 986 -35.97 10.42 27.71
CA ILE A 986 -36.34 9.70 28.91
C ILE A 986 -36.74 10.66 30.03
N ARG A 987 -35.96 11.73 30.21
CA ARG A 987 -36.28 12.73 31.23
C ARG A 987 -37.63 13.38 30.96
N ALA A 988 -37.94 13.66 29.69
CA ALA A 988 -39.22 14.26 29.35
C ALA A 988 -40.37 13.32 29.66
N ALA A 989 -40.20 12.02 29.43
CA ALA A 989 -41.23 11.06 29.81
C ALA A 989 -41.51 11.10 31.31
N GLU A 990 -40.43 11.17 32.10
CA GLU A 990 -40.61 11.24 33.56
C GLU A 990 -41.35 12.51 33.97
N ILE A 991 -40.99 13.64 33.38
CA ILE A 991 -41.67 14.89 33.72
C ILE A 991 -43.13 14.87 33.28
N ARG A 992 -43.42 14.20 32.15
CA ARG A 992 -44.82 14.07 31.73
C ARG A 992 -45.64 13.28 32.74
N ALA A 993 -45.05 12.20 33.27
CA ALA A 993 -45.74 11.45 34.32
C ALA A 993 -46.01 12.32 35.54
N SER A 994 -45.02 13.10 35.96
CA SER A 994 -45.21 13.98 37.12
C SER A 994 -46.28 15.03 36.86
N ALA A 995 -46.32 15.59 35.65
CA ALA A 995 -47.32 16.59 35.33
C ALA A 995 -48.72 16.00 35.29
N ASN A 996 -48.86 14.76 34.81
CA ASN A 996 -50.15 14.09 34.88
C ASN A 996 -50.61 13.91 36.32
N LEU A 997 -49.69 13.52 37.19
CA LEU A 997 -50.04 13.41 38.61
C LEU A 997 -50.48 14.76 39.18
N ALA A 998 -49.77 15.82 38.85
CA ALA A 998 -50.12 17.14 39.37
C ALA A 998 -51.50 17.57 38.87
N ALA A 999 -51.81 17.32 37.60
CA ALA A 999 -53.13 17.65 37.09
C ALA A 999 -54.22 16.86 37.80
N THR A 1000 -53.98 15.57 38.07
CA THR A 1000 -54.97 14.78 38.80
C THR A 1000 -55.20 15.33 40.21
N LYS A 1001 -54.12 15.69 40.90
CA LYS A 1001 -54.27 16.23 42.25
C LYS A 1001 -54.98 17.58 42.23
N MET A 1002 -54.75 18.39 41.21
CA MET A 1002 -55.49 19.64 41.09
C MET A 1002 -56.97 19.39 40.87
N SER A 1003 -57.30 18.40 40.03
CA SER A 1003 -58.71 18.11 39.75
C SER A 1003 -59.43 17.58 40.98
N GLU A 1004 -58.79 16.70 41.75
CA GLU A 1004 -59.47 15.99 42.82
C GLU A 1004 -59.34 16.64 44.19
N CYS A 1005 -58.19 17.22 44.51
CA CYS A 1005 -58.01 17.83 45.83
C CYS A 1005 -58.50 19.27 45.89
N VAL A 1006 -58.24 20.05 44.84
CA VAL A 1006 -58.59 21.47 44.84
C VAL A 1006 -60.03 21.70 44.43
N LEU A 1007 -60.46 21.09 43.32
CA LEU A 1007 -61.82 21.31 42.83
C LEU A 1007 -62.86 20.47 43.56
N GLY A 1008 -62.45 19.59 44.46
CA GLY A 1008 -63.39 18.80 45.23
C GLY A 1008 -62.82 18.35 46.55
N GLN A 1009 -63.44 17.35 47.17
CA GLN A 1009 -62.95 16.76 48.41
C GLN A 1009 -62.80 15.26 48.19
N SER A 1010 -61.61 14.73 48.44
CA SER A 1010 -61.28 13.37 48.06
C SER A 1010 -61.36 12.45 49.27
N LYS A 1011 -61.88 11.24 49.04
CA LYS A 1011 -61.93 10.19 50.06
C LYS A 1011 -60.78 9.21 49.94
N ARG A 1012 -59.92 9.36 48.94
CA ARG A 1012 -58.79 8.46 48.77
C ARG A 1012 -57.77 8.71 49.87
N VAL A 1013 -57.32 7.64 50.51
CA VAL A 1013 -56.45 7.77 51.68
C VAL A 1013 -55.05 8.18 51.24
N ASP A 1014 -54.47 9.12 51.98
CA ASP A 1014 -53.09 9.58 51.80
C ASP A 1014 -52.85 10.19 50.43
N PHE A 1015 -53.92 10.56 49.72
CA PHE A 1015 -53.76 11.21 48.42
C PHE A 1015 -53.52 12.71 48.59
N CYS A 1016 -54.48 13.40 49.19
CA CYS A 1016 -54.36 14.84 49.45
C CYS A 1016 -53.97 15.08 50.91
N GLY A 1017 -52.77 14.65 51.25
CA GLY A 1017 -52.20 14.91 52.56
C GLY A 1017 -52.13 13.67 53.43
N LYS A 1018 -52.13 13.90 54.74
CA LYS A 1018 -52.05 12.83 55.74
C LYS A 1018 -53.07 13.14 56.82
N GLY A 1019 -54.19 12.42 56.80
CA GLY A 1019 -55.32 12.64 57.66
C GLY A 1019 -56.60 12.65 56.84
N TYR A 1020 -57.67 13.13 57.45
CA TYR A 1020 -58.95 13.25 56.75
C TYR A 1020 -58.95 14.57 55.98
N HIS A 1021 -58.96 14.48 54.66
CA HIS A 1021 -58.83 15.66 53.82
C HIS A 1021 -59.98 16.63 54.06
N LEU A 1022 -59.63 17.90 54.23
CA LEU A 1022 -60.62 18.97 54.32
C LEU A 1022 -60.63 19.81 53.04
N MET A 1023 -59.48 20.36 52.64
CA MET A 1023 -59.42 21.11 51.37
C MET A 1023 -57.96 21.31 51.00
N SER A 1024 -57.73 22.05 49.93
CA SER A 1024 -56.37 22.25 49.43
C SER A 1024 -56.30 23.54 48.63
N PHE A 1025 -55.10 24.11 48.59
CA PHE A 1025 -54.84 25.37 47.88
C PHE A 1025 -53.61 25.22 47.00
N PRO A 1026 -53.67 25.73 45.77
CA PRO A 1026 -52.49 25.71 44.90
C PRO A 1026 -51.67 26.99 44.97
N GLN A 1027 -50.36 26.84 44.73
CA GLN A 1027 -49.45 27.96 44.57
C GLN A 1027 -48.46 27.60 43.47
N SER A 1028 -47.97 28.63 42.78
CA SER A 1028 -47.03 28.40 41.70
C SER A 1028 -45.60 28.33 42.23
N ALA A 1029 -44.71 27.79 41.41
CA ALA A 1029 -43.28 27.78 41.69
C ALA A 1029 -42.56 27.64 40.36
N PRO A 1030 -41.31 28.09 40.27
CA PRO A 1030 -40.59 27.98 39.00
C PRO A 1030 -40.58 26.55 38.48
N HIS A 1031 -41.30 26.33 37.37
CA HIS A 1031 -41.41 25.02 36.74
C HIS A 1031 -42.08 23.99 37.64
N GLY A 1032 -43.10 24.40 38.39
CA GLY A 1032 -43.77 23.44 39.24
C GLY A 1032 -44.91 24.06 40.02
N VAL A 1033 -45.58 23.22 40.80
CA VAL A 1033 -46.73 23.61 41.60
C VAL A 1033 -46.53 23.11 43.03
N VAL A 1034 -47.17 23.82 43.97
CA VAL A 1034 -47.11 23.50 45.39
C VAL A 1034 -48.53 23.43 45.91
N PHE A 1035 -48.87 22.32 46.56
CA PHE A 1035 -50.19 22.12 47.12
C PHE A 1035 -50.12 22.22 48.64
N LEU A 1036 -50.96 23.07 49.22
CA LEU A 1036 -51.14 23.14 50.66
C LEU A 1036 -52.41 22.39 51.01
N HIS A 1037 -52.25 21.25 51.67
CA HIS A 1037 -53.35 20.36 52.00
C HIS A 1037 -53.76 20.61 53.45
N VAL A 1038 -55.01 21.02 53.64
CA VAL A 1038 -55.60 21.20 54.96
C VAL A 1038 -56.38 19.95 55.30
N THR A 1039 -55.99 19.29 56.40
CA THR A 1039 -56.53 18.02 56.83
C THR A 1039 -56.89 18.06 58.30
N TYR A 1040 -57.65 17.06 58.73
CA TYR A 1040 -58.21 16.95 60.07
C TYR A 1040 -57.63 15.71 60.73
N VAL A 1041 -57.04 15.86 61.92
CA VAL A 1041 -56.50 14.71 62.63
C VAL A 1041 -57.06 14.66 64.04
N PRO A 1042 -57.48 13.50 64.53
CA PRO A 1042 -58.04 13.41 65.89
C PRO A 1042 -56.95 13.49 66.95
N ALA A 1043 -57.38 13.74 68.18
CA ALA A 1043 -56.44 13.86 69.29
C ALA A 1043 -57.18 13.69 70.60
N GLN A 1044 -56.42 13.34 71.64
CA GLN A 1044 -56.91 13.17 73.01
C GLN A 1044 -57.97 12.08 73.09
N GLU A 1045 -57.56 10.87 72.73
CA GLU A 1045 -58.46 9.72 72.79
C GLU A 1045 -58.72 9.31 74.24
N LYS A 1046 -59.81 8.57 74.42
CA LYS A 1046 -60.18 8.06 75.72
C LYS A 1046 -60.74 6.65 75.57
N ASN A 1047 -60.50 5.82 76.59
CA ASN A 1047 -60.98 4.45 76.60
C ASN A 1047 -62.44 4.37 77.01
N PHE A 1048 -63.14 3.39 76.44
CA PHE A 1048 -64.55 3.18 76.76
C PHE A 1048 -64.88 1.71 76.59
N THR A 1049 -65.99 1.31 77.19
CA THR A 1049 -66.51 -0.05 77.08
C THR A 1049 -67.69 -0.06 76.10
N THR A 1050 -67.75 -1.07 75.24
CA THR A 1050 -68.71 -1.11 74.15
C THR A 1050 -69.41 -2.46 74.09
N ALA A 1051 -70.58 -2.46 73.45
CA ALA A 1051 -71.34 -3.66 73.15
C ALA A 1051 -71.87 -3.58 71.73
N PRO A 1052 -71.98 -4.73 71.05
CA PRO A 1052 -72.52 -4.70 69.69
C PRO A 1052 -73.96 -4.22 69.60
N ALA A 1053 -74.82 -4.71 70.48
CA ALA A 1053 -76.23 -4.35 70.44
C ALA A 1053 -76.76 -4.32 71.87
N ILE A 1054 -78.07 -4.10 72.01
CA ILE A 1054 -78.73 -4.03 73.31
C ILE A 1054 -80.04 -4.78 73.24
N CYS A 1055 -80.31 -5.61 74.23
CA CYS A 1055 -81.58 -6.33 74.35
C CYS A 1055 -82.42 -5.63 75.42
N HIS A 1056 -83.64 -5.24 75.05
CA HIS A 1056 -84.52 -4.51 75.95
C HIS A 1056 -85.76 -5.32 76.32
N ASP A 1057 -86.53 -5.76 75.32
CA ASP A 1057 -87.72 -6.56 75.52
C ASP A 1057 -87.65 -7.81 74.63
N GLY A 1058 -86.50 -8.47 74.64
CA GLY A 1058 -86.27 -9.55 73.71
C GLY A 1058 -85.99 -9.10 72.29
N LYS A 1059 -85.70 -7.82 72.09
CA LYS A 1059 -85.39 -7.27 70.78
C LYS A 1059 -84.00 -6.65 70.80
N ALA A 1060 -83.21 -6.94 69.77
CA ALA A 1060 -81.87 -6.38 69.65
C ALA A 1060 -81.95 -4.99 69.04
N HIS A 1061 -81.25 -4.04 69.64
CA HIS A 1061 -81.20 -2.67 69.17
C HIS A 1061 -79.79 -2.34 68.70
N PHE A 1062 -79.68 -1.80 67.49
CA PHE A 1062 -78.42 -1.40 66.90
C PHE A 1062 -78.42 0.09 66.63
N PRO A 1063 -77.26 0.75 66.65
CA PRO A 1063 -77.23 2.19 66.38
C PRO A 1063 -77.61 2.51 64.94
N ARG A 1064 -78.22 3.68 64.76
CA ARG A 1064 -78.51 4.15 63.41
C ARG A 1064 -77.22 4.52 62.69
N GLU A 1065 -76.48 5.50 63.23
CA GLU A 1065 -75.15 5.84 62.72
C GLU A 1065 -74.34 6.32 63.93
N GLY A 1066 -73.63 5.38 64.54
CA GLY A 1066 -72.89 5.69 65.75
C GLY A 1066 -72.42 4.40 66.40
N VAL A 1067 -72.06 4.52 67.69
CA VAL A 1067 -71.56 3.37 68.44
C VAL A 1067 -71.98 3.54 69.90
N PHE A 1068 -72.22 2.41 70.57
CA PHE A 1068 -72.55 2.40 71.98
C PHE A 1068 -71.27 2.48 72.81
N VAL A 1069 -71.27 3.34 73.83
CA VAL A 1069 -70.15 3.49 74.74
C VAL A 1069 -70.68 3.55 76.17
N SER A 1070 -69.77 3.56 77.13
CA SER A 1070 -70.15 3.55 78.53
C SER A 1070 -69.24 4.47 79.33
N ASN A 1071 -69.85 5.31 80.18
CA ASN A 1071 -69.09 6.07 81.17
C ASN A 1071 -68.29 5.15 82.07
N GLY A 1072 -68.78 3.92 82.27
CA GLY A 1072 -68.27 3.00 83.25
C GLY A 1072 -69.44 2.39 84.01
N THR A 1073 -70.52 3.15 84.11
CA THR A 1073 -71.75 2.72 84.77
C THR A 1073 -72.94 2.72 83.83
N HIS A 1074 -73.15 3.79 83.08
CA HIS A 1074 -74.30 3.97 82.21
C HIS A 1074 -73.90 3.66 80.76
N TRP A 1075 -74.82 3.92 79.83
CA TRP A 1075 -74.57 3.70 78.42
C TRP A 1075 -75.01 4.93 77.63
N PHE A 1076 -74.33 5.16 76.50
CA PHE A 1076 -74.64 6.29 75.64
C PHE A 1076 -74.36 5.89 74.20
N VAL A 1077 -74.84 6.71 73.27
CA VAL A 1077 -74.58 6.56 71.84
C VAL A 1077 -73.78 7.77 71.38
N THR A 1078 -72.72 7.52 70.61
CA THR A 1078 -71.84 8.60 70.20
C THR A 1078 -71.44 8.42 68.74
N GLN A 1079 -70.89 9.48 68.16
CA GLN A 1079 -70.27 9.39 66.86
C GLN A 1079 -68.99 8.57 66.94
N ARG A 1080 -68.54 8.07 65.80
CA ARG A 1080 -67.34 7.25 65.77
C ARG A 1080 -66.06 8.07 65.69
N ASN A 1081 -66.14 9.37 65.44
CA ASN A 1081 -64.97 10.20 65.27
C ASN A 1081 -64.81 11.30 66.30
N PHE A 1082 -65.86 11.62 67.07
CA PHE A 1082 -65.82 12.68 68.05
C PHE A 1082 -66.68 12.27 69.23
N TYR A 1083 -66.16 12.44 70.44
CA TYR A 1083 -66.88 11.98 71.62
C TYR A 1083 -67.88 13.03 72.05
N GLU A 1084 -69.17 12.76 71.81
CA GLU A 1084 -70.26 13.52 72.39
C GLU A 1084 -71.36 12.52 72.73
N PRO A 1085 -71.58 12.27 74.01
CA PRO A 1085 -72.54 11.22 74.40
C PRO A 1085 -73.96 11.77 74.48
N GLN A 1086 -74.91 10.96 74.03
CA GLN A 1086 -76.32 11.28 74.11
C GLN A 1086 -77.09 10.03 74.48
N ILE A 1087 -78.24 10.24 75.13
CA ILE A 1087 -78.98 9.12 75.71
C ILE A 1087 -79.56 8.24 74.60
N ILE A 1088 -79.68 6.94 74.90
CA ILE A 1088 -80.21 6.00 73.92
C ILE A 1088 -81.70 6.24 73.74
N THR A 1089 -82.15 6.26 72.50
CA THR A 1089 -83.52 6.59 72.17
C THR A 1089 -83.96 5.72 70.99
N THR A 1090 -85.28 5.57 70.83
CA THR A 1090 -85.80 4.90 69.66
C THR A 1090 -85.47 5.65 68.38
N ASP A 1091 -85.17 6.94 68.46
CA ASP A 1091 -84.86 7.72 67.26
C ASP A 1091 -83.51 7.33 66.67
N ASN A 1092 -82.50 7.07 67.50
CA ASN A 1092 -81.17 6.81 67.00
C ASN A 1092 -80.79 5.33 67.03
N THR A 1093 -81.78 4.44 67.15
CA THR A 1093 -81.53 3.01 67.13
C THR A 1093 -82.61 2.34 66.29
N PHE A 1094 -82.30 1.12 65.81
CA PHE A 1094 -83.25 0.32 65.07
C PHE A 1094 -83.20 -1.12 65.57
N VAL A 1095 -84.33 -1.79 65.49
CA VAL A 1095 -84.47 -3.14 66.05
C VAL A 1095 -84.35 -4.16 64.94
N SER A 1096 -83.93 -5.38 65.32
CA SER A 1096 -83.83 -6.48 64.36
C SER A 1096 -83.87 -7.79 65.13
N GLY A 1097 -85.00 -8.50 65.05
CA GLY A 1097 -85.09 -9.83 65.60
C GLY A 1097 -84.98 -9.89 67.13
N ASN A 1098 -84.67 -11.08 67.61
CA ASN A 1098 -84.51 -11.34 69.04
C ASN A 1098 -83.04 -11.27 69.42
N CYS A 1099 -82.79 -11.33 70.73
CA CYS A 1099 -81.47 -11.07 71.29
C CYS A 1099 -80.81 -12.34 71.83
N ASP A 1100 -80.96 -13.45 71.10
CA ASP A 1100 -80.31 -14.70 71.47
C ASP A 1100 -79.20 -15.12 70.52
N VAL A 1101 -79.08 -14.47 69.37
CA VAL A 1101 -78.10 -14.87 68.36
C VAL A 1101 -76.89 -13.94 68.40
N VAL A 1102 -77.11 -12.69 68.81
CA VAL A 1102 -76.03 -11.72 68.82
C VAL A 1102 -75.09 -12.03 69.97
N ILE A 1103 -73.78 -12.12 69.66
CA ILE A 1103 -72.77 -12.45 70.66
C ILE A 1103 -72.22 -11.15 71.23
N GLY A 1104 -72.33 -10.99 72.54
CA GLY A 1104 -71.87 -9.80 73.21
C GLY A 1104 -72.94 -8.77 73.52
N ILE A 1105 -74.21 -9.11 73.34
CA ILE A 1105 -75.28 -8.17 73.64
C ILE A 1105 -75.29 -7.86 75.13
N VAL A 1106 -75.77 -6.66 75.48
CA VAL A 1106 -75.76 -6.18 76.86
C VAL A 1106 -77.18 -5.77 77.24
N ASN A 1107 -77.44 -5.78 78.54
CA ASN A 1107 -78.75 -5.43 79.07
C ASN A 1107 -78.79 -3.97 79.48
N ASN A 1108 -79.79 -3.24 79.00
CA ASN A 1108 -79.96 -1.83 79.31
C ASN A 1108 -81.38 -1.43 78.94
N THR A 1109 -81.73 -0.19 79.28
CA THR A 1109 -83.04 0.37 78.96
C THR A 1109 -82.95 1.27 77.74
N VAL A 1110 -84.10 1.47 77.10
CA VAL A 1110 -84.22 2.34 75.93
C VAL A 1110 -85.37 3.31 76.18
N TYR A 1111 -85.19 4.56 75.76
CA TYR A 1111 -86.16 5.62 75.98
C TYR A 1111 -86.85 5.97 74.67
N ASP A 1112 -88.12 6.37 74.76
CA ASP A 1112 -88.86 6.82 73.61
C ASP A 1112 -89.57 8.13 73.92
N PRO A 1113 -89.50 9.11 73.02
CA PRO A 1113 -90.11 10.42 73.31
C PRO A 1113 -91.62 10.36 73.48
N LEU A 1114 -92.29 9.35 72.94
CA LEU A 1114 -93.75 9.23 73.06
C LEU A 1114 -94.07 8.73 74.46
N GLN A 1115 -94.00 9.64 75.42
CA GLN A 1115 -94.27 9.33 76.82
C GLN A 1115 -94.70 10.58 77.57
N PRO A 1116 -95.94 11.04 77.41
CA PRO A 1116 -96.44 12.25 78.07
C PRO A 1116 -96.93 12.00 79.50
N PRO B 1 -33.55 44.20 -24.89
CA PRO B 1 -34.91 44.55 -25.30
C PRO B 1 -35.91 44.48 -24.14
N ALA B 2 -37.18 44.28 -24.47
CA ALA B 2 -38.23 44.23 -23.46
C ALA B 2 -38.19 42.91 -22.70
N TYR B 3 -38.82 42.91 -21.53
CA TYR B 3 -38.90 41.73 -20.67
C TYR B 3 -40.36 41.34 -20.48
N THR B 4 -40.60 40.05 -20.35
CA THR B 4 -41.93 39.54 -20.04
C THR B 4 -41.84 38.51 -18.92
N ASN B 5 -42.92 38.39 -18.15
CA ASN B 5 -42.94 37.57 -16.95
C ASN B 5 -43.48 36.19 -17.27
N SER B 6 -42.68 35.16 -16.97
CA SER B 6 -43.09 33.78 -17.22
C SER B 6 -44.00 33.30 -16.09
N PHE B 7 -45.18 32.81 -16.45
CA PHE B 7 -46.19 32.42 -15.46
C PHE B 7 -46.19 30.90 -15.31
N THR B 8 -45.28 30.41 -14.47
CA THR B 8 -45.17 28.99 -14.12
C THR B 8 -45.01 28.12 -15.37
N ARG B 9 -43.98 28.44 -16.15
CA ARG B 9 -43.67 27.70 -17.37
C ARG B 9 -42.20 27.32 -17.38
N GLY B 10 -41.90 26.18 -18.01
CA GLY B 10 -40.54 25.71 -18.11
C GLY B 10 -40.23 24.52 -17.22
N VAL B 11 -41.19 23.61 -17.09
CA VAL B 11 -41.05 22.42 -16.26
C VAL B 11 -41.07 21.19 -17.16
N TYR B 12 -40.17 20.25 -16.88
CA TYR B 12 -39.97 19.09 -17.73
C TYR B 12 -39.82 17.85 -16.87
N TYR B 13 -40.00 16.70 -17.50
CA TYR B 13 -39.77 15.44 -16.79
C TYR B 13 -38.28 15.26 -16.57
N PRO B 14 -37.80 15.17 -15.32
CA PRO B 14 -36.36 15.09 -15.08
C PRO B 14 -35.78 13.69 -15.18
N ASP B 15 -36.62 12.66 -15.32
CA ASP B 15 -36.13 11.30 -15.44
C ASP B 15 -37.15 10.48 -16.22
N LYS B 16 -36.86 9.20 -16.38
CA LYS B 16 -37.74 8.24 -17.05
C LYS B 16 -38.40 7.30 -16.05
N VAL B 17 -38.76 7.85 -14.89
CA VAL B 17 -39.35 7.09 -13.80
C VAL B 17 -40.85 7.39 -13.76
N PHE B 18 -41.65 6.34 -13.60
CA PHE B 18 -43.10 6.47 -13.56
C PHE B 18 -43.57 6.48 -12.12
N ARG B 19 -44.18 7.57 -11.70
CA ARG B 19 -44.69 7.74 -10.35
C ARG B 19 -46.18 8.07 -10.41
N SER B 20 -46.99 7.35 -9.63
CA SER B 20 -48.43 7.48 -9.66
C SER B 20 -48.92 8.01 -8.33
N SER B 21 -49.61 9.17 -8.37
CA SER B 21 -50.20 9.79 -7.18
C SER B 21 -49.15 10.02 -6.09
N VAL B 22 -48.09 10.74 -6.46
CA VAL B 22 -46.99 11.03 -5.56
C VAL B 22 -46.72 12.52 -5.62
N LEU B 23 -46.19 13.06 -4.52
CA LEU B 23 -45.70 14.44 -4.46
C LEU B 23 -44.19 14.36 -4.31
N HIS B 24 -43.49 14.28 -5.44
CA HIS B 24 -42.05 14.09 -5.43
C HIS B 24 -41.34 15.42 -5.26
N SER B 25 -40.14 15.37 -4.68
CA SER B 25 -39.30 16.54 -4.49
C SER B 25 -37.98 16.32 -5.20
N THR B 26 -37.65 17.20 -6.14
CA THR B 26 -36.45 17.07 -6.94
C THR B 26 -35.63 18.34 -6.86
N GLN B 27 -34.35 18.22 -7.21
CA GLN B 27 -33.42 19.35 -7.22
C GLN B 27 -32.63 19.29 -8.52
N ASP B 28 -32.88 20.22 -9.42
CA ASP B 28 -32.26 20.17 -10.75
C ASP B 28 -32.34 21.54 -11.39
N LEU B 29 -32.00 21.62 -12.68
CA LEU B 29 -31.96 22.89 -13.40
C LEU B 29 -33.35 23.20 -13.93
N PHE B 30 -33.97 24.24 -13.37
CA PHE B 30 -35.33 24.63 -13.72
C PHE B 30 -35.39 26.13 -13.91
N LEU B 31 -36.46 26.59 -14.56
CA LEU B 31 -36.69 28.02 -14.75
C LEU B 31 -37.53 28.54 -13.60
N PRO B 32 -37.04 29.50 -12.81
CA PRO B 32 -37.80 29.96 -11.64
C PRO B 32 -39.16 30.53 -12.04
N PHE B 33 -40.14 30.28 -11.19
CA PHE B 33 -41.49 30.80 -11.43
C PHE B 33 -41.50 32.32 -11.30
N PHE B 34 -42.31 32.96 -12.11
CA PHE B 34 -42.49 34.42 -12.11
C PHE B 34 -41.14 35.12 -12.25
N SER B 35 -40.51 34.89 -13.39
CA SER B 35 -39.21 35.44 -13.71
C SER B 35 -39.28 36.22 -15.02
N ASN B 36 -38.39 37.20 -15.16
CA ASN B 36 -38.33 38.01 -16.37
C ASN B 36 -37.48 37.33 -17.42
N VAL B 37 -38.02 37.22 -18.63
CA VAL B 37 -37.30 36.66 -19.77
C VAL B 37 -37.33 37.68 -20.91
N THR B 38 -36.21 37.78 -21.61
CA THR B 38 -36.08 38.76 -22.68
C THR B 38 -36.99 38.40 -23.85
N TRP B 39 -37.57 39.43 -24.46
CA TRP B 39 -38.50 39.28 -25.57
C TRP B 39 -37.83 39.82 -26.84
N PHE B 40 -37.73 38.98 -27.86
CA PHE B 40 -37.12 39.36 -29.12
C PHE B 40 -38.16 39.32 -30.24
N HIS B 41 -38.09 40.28 -31.15
CA HIS B 41 -39.00 40.34 -32.27
C HIS B 41 -38.21 40.61 -33.54
N ALA B 42 -38.62 39.96 -34.63
CA ALA B 42 -37.94 40.10 -35.91
C ALA B 42 -38.92 39.91 -37.06
N ASN B 56 -31.44 38.99 -34.01
CA ASN B 56 -31.18 37.71 -33.36
C ASN B 56 -29.68 37.36 -33.26
N PRO B 57 -28.97 38.10 -32.42
CA PRO B 57 -27.52 37.93 -32.30
C PRO B 57 -27.19 36.68 -31.49
N VAL B 58 -25.90 36.46 -31.29
CA VAL B 58 -25.42 35.31 -30.54
C VAL B 58 -25.70 35.53 -29.06
N LEU B 59 -26.01 34.44 -28.36
CA LEU B 59 -26.39 34.50 -26.96
C LEU B 59 -25.64 33.43 -26.17
N PRO B 60 -25.44 33.66 -24.87
CA PRO B 60 -24.77 32.65 -24.04
C PRO B 60 -25.67 31.45 -23.78
N PHE B 61 -25.06 30.40 -23.22
CA PHE B 61 -25.73 29.12 -22.98
C PHE B 61 -25.31 28.64 -21.60
N ASN B 62 -26.12 28.98 -20.59
CA ASN B 62 -25.80 28.67 -19.20
C ASN B 62 -26.64 27.47 -18.74
N ASP B 63 -26.00 26.29 -18.71
CA ASP B 63 -26.60 25.07 -18.18
C ASP B 63 -27.81 24.61 -18.99
N GLY B 64 -28.14 25.32 -20.06
CA GLY B 64 -29.36 25.10 -20.80
C GLY B 64 -30.18 26.37 -20.92
N VAL B 65 -31.22 26.29 -21.76
CA VAL B 65 -32.00 27.47 -22.07
C VAL B 65 -33.41 27.03 -22.46
N TYR B 66 -34.38 27.88 -22.13
CA TYR B 66 -35.78 27.66 -22.45
C TYR B 66 -36.18 28.64 -23.54
N PHE B 67 -36.64 28.12 -24.67
CA PHE B 67 -36.96 28.91 -25.85
C PHE B 67 -38.44 28.72 -26.17
N ALA B 68 -39.16 29.83 -26.29
CA ALA B 68 -40.59 29.81 -26.58
C ALA B 68 -40.84 30.60 -27.86
N SER B 69 -41.64 30.04 -28.76
CA SER B 69 -41.96 30.68 -30.03
C SER B 69 -43.45 30.57 -30.30
N THR B 70 -44.13 31.70 -30.40
CA THR B 70 -45.54 31.71 -30.79
C THR B 70 -45.71 31.92 -32.29
N GLU B 71 -44.98 31.14 -33.08
CA GLU B 71 -45.10 31.17 -34.53
C GLU B 71 -45.11 29.74 -35.05
N LYS B 72 -45.75 29.55 -36.20
CA LYS B 72 -46.00 28.21 -36.71
C LYS B 72 -45.52 27.96 -38.13
N SER B 73 -45.58 28.96 -39.02
CA SER B 73 -45.48 28.66 -40.44
C SER B 73 -44.14 28.08 -40.88
N ASN B 74 -43.09 28.90 -40.96
CA ASN B 74 -41.78 28.36 -41.32
C ASN B 74 -40.58 29.12 -40.77
N ILE B 75 -40.76 30.17 -39.97
CA ILE B 75 -39.66 31.11 -39.77
C ILE B 75 -38.58 30.52 -38.87
N ILE B 76 -38.97 29.79 -37.82
CA ILE B 76 -38.03 29.29 -36.82
C ILE B 76 -37.88 27.80 -37.04
N ARG B 77 -36.79 27.40 -37.70
CA ARG B 77 -36.55 26.00 -38.03
C ARG B 77 -35.09 25.63 -37.87
N GLY B 78 -34.43 26.13 -36.81
CA GLY B 78 -33.05 25.76 -36.59
C GLY B 78 -32.31 26.50 -35.51
N TRP B 79 -31.20 25.93 -35.04
CA TRP B 79 -30.37 26.52 -34.01
C TRP B 79 -28.91 26.14 -34.27
N ILE B 80 -28.00 26.92 -33.69
CA ILE B 80 -26.56 26.68 -33.80
C ILE B 80 -25.93 26.87 -32.44
N PHE B 81 -24.99 25.98 -32.09
CA PHE B 81 -24.37 25.95 -30.78
C PHE B 81 -22.85 25.86 -30.92
N GLY B 82 -22.16 26.42 -29.95
CA GLY B 82 -20.70 26.37 -29.91
C GLY B 82 -20.16 27.26 -28.81
N THR B 83 -18.86 27.12 -28.56
CA THR B 83 -18.20 27.94 -27.55
C THR B 83 -17.48 29.14 -28.17
N THR B 84 -16.51 28.87 -29.04
CA THR B 84 -15.62 29.87 -29.63
C THR B 84 -15.51 29.65 -31.12
N LEU B 85 -16.67 29.57 -31.78
CA LEU B 85 -16.81 29.03 -33.13
C LEU B 85 -15.75 29.55 -34.11
N ASP B 86 -14.90 28.63 -34.58
CA ASP B 86 -13.88 28.89 -35.58
C ASP B 86 -13.78 27.67 -36.46
N SER B 87 -12.85 27.70 -37.42
CA SER B 87 -12.66 26.56 -38.31
C SER B 87 -12.13 25.32 -37.59
N LYS B 88 -11.95 25.37 -36.27
CA LYS B 88 -11.45 24.26 -35.50
C LYS B 88 -12.46 23.68 -34.52
N THR B 89 -13.29 24.50 -33.90
CA THR B 89 -14.24 24.04 -32.91
C THR B 89 -15.52 23.53 -33.57
N GLN B 90 -16.17 22.59 -32.90
CA GLN B 90 -17.38 21.97 -33.42
C GLN B 90 -18.57 22.92 -33.29
N SER B 91 -19.67 22.55 -33.95
CA SER B 91 -20.87 23.38 -33.98
C SER B 91 -22.09 22.52 -34.23
N LEU B 92 -23.07 22.59 -33.33
CA LEU B 92 -24.32 21.84 -33.49
C LEU B 92 -25.21 22.49 -34.53
N LEU B 93 -25.76 21.68 -35.44
CA LEU B 93 -26.75 22.12 -36.41
C LEU B 93 -28.02 21.33 -36.17
N ILE B 94 -29.13 22.03 -35.99
CA ILE B 94 -30.41 21.38 -35.68
C ILE B 94 -31.44 21.94 -36.67
N VAL B 95 -30.99 22.31 -37.87
CA VAL B 95 -31.89 22.91 -38.84
C VAL B 95 -32.97 21.91 -39.23
N ASN B 96 -34.20 22.41 -39.33
CA ASN B 96 -35.38 21.58 -39.56
C ASN B 96 -35.86 21.77 -40.99
N ASN B 97 -36.10 20.67 -41.69
CA ASN B 97 -36.72 20.70 -43.00
C ASN B 97 -38.21 20.43 -42.88
N ALA B 98 -38.92 20.48 -44.01
CA ALA B 98 -40.34 20.22 -44.01
C ALA B 98 -40.67 18.78 -43.62
N THR B 99 -39.70 17.87 -43.74
CA THR B 99 -39.95 16.47 -43.40
C THR B 99 -38.81 15.81 -42.63
N ASN B 100 -37.72 16.50 -42.32
CA ASN B 100 -36.59 15.91 -41.61
C ASN B 100 -35.85 16.98 -40.83
N VAL B 101 -35.05 16.54 -39.86
CA VAL B 101 -34.09 17.38 -39.17
C VAL B 101 -32.74 16.68 -39.24
N VAL B 102 -31.67 17.48 -39.28
CA VAL B 102 -30.32 16.95 -39.35
C VAL B 102 -29.53 17.45 -38.15
N ILE B 103 -28.85 16.53 -37.48
CA ILE B 103 -27.99 16.86 -36.34
C ILE B 103 -26.56 16.78 -36.85
N LYS B 104 -25.95 17.94 -37.08
CA LYS B 104 -24.61 18.02 -37.66
C LYS B 104 -23.71 18.78 -36.69
N VAL B 105 -22.97 18.04 -35.87
CA VAL B 105 -21.92 18.62 -35.04
C VAL B 105 -20.63 18.58 -35.86
N CYS B 106 -20.23 19.74 -36.37
CA CYS B 106 -19.21 19.82 -37.40
C CYS B 106 -18.19 20.90 -37.01
N GLU B 107 -16.94 20.69 -37.41
CA GLU B 107 -15.84 21.60 -37.06
C GLU B 107 -15.68 22.64 -38.17
N PHE B 108 -16.38 23.77 -38.03
CA PHE B 108 -16.30 24.83 -39.04
C PHE B 108 -16.58 26.17 -38.38
N GLN B 109 -16.38 27.24 -39.16
CA GLN B 109 -16.84 28.57 -38.82
C GLN B 109 -17.75 29.07 -39.95
N PHE B 110 -18.59 30.03 -39.61
CA PHE B 110 -19.54 30.60 -40.56
C PHE B 110 -19.46 32.12 -40.52
N CYS B 111 -19.88 32.74 -41.63
CA CYS B 111 -19.83 34.18 -41.75
C CYS B 111 -20.84 34.84 -40.82
N ASN B 112 -20.63 36.12 -40.56
CA ASN B 112 -21.52 36.88 -39.70
C ASN B 112 -22.91 36.98 -40.32
N ASP B 113 -23.93 37.00 -39.45
CA ASP B 113 -25.33 37.05 -39.83
C ASP B 113 -25.70 35.89 -40.73
N PRO B 114 -25.74 34.66 -40.22
CA PRO B 114 -26.22 33.52 -41.01
C PRO B 114 -27.73 33.35 -40.89
N PHE B 115 -28.29 32.68 -41.88
CA PHE B 115 -29.73 32.45 -41.92
C PHE B 115 -30.03 31.43 -43.00
N LEU B 116 -31.31 31.16 -43.20
CA LEU B 116 -31.80 30.28 -44.25
C LEU B 116 -32.46 31.13 -45.33
N GLY B 117 -32.03 30.95 -46.57
CA GLY B 117 -32.51 31.76 -47.69
C GLY B 117 -34.01 31.60 -47.92
N MET B 128 -29.59 24.49 -49.48
CA MET B 128 -28.97 25.80 -49.69
C MET B 128 -29.17 26.70 -48.48
N GLU B 129 -28.07 27.00 -47.78
CA GLU B 129 -28.08 27.85 -46.61
C GLU B 129 -26.99 28.90 -46.73
N SER B 130 -27.24 30.06 -46.11
CA SER B 130 -26.27 31.15 -46.18
C SER B 130 -24.96 30.78 -45.48
N GLY B 131 -25.05 30.16 -44.31
CA GLY B 131 -23.86 29.86 -43.53
C GLY B 131 -23.07 28.67 -44.01
N VAL B 132 -23.66 27.82 -44.84
CA VAL B 132 -23.01 26.58 -45.27
C VAL B 132 -22.15 26.83 -46.51
N TYR B 133 -21.94 28.10 -46.86
CA TYR B 133 -21.04 28.42 -47.96
C TYR B 133 -19.66 27.80 -47.75
N SER B 134 -19.23 27.72 -46.49
CA SER B 134 -18.00 27.02 -46.13
C SER B 134 -18.18 26.11 -44.93
N SER B 135 -19.43 25.88 -44.50
CA SER B 135 -19.71 25.15 -43.27
C SER B 135 -19.98 23.67 -43.56
N ALA B 136 -19.00 23.01 -44.16
CA ALA B 136 -19.03 21.57 -44.37
C ALA B 136 -17.66 20.96 -44.09
N ASN B 137 -17.00 21.43 -43.04
CA ASN B 137 -15.59 21.15 -42.80
C ASN B 137 -15.44 20.11 -41.70
N ASN B 138 -14.81 18.98 -42.03
CA ASN B 138 -14.33 17.98 -41.07
C ASN B 138 -15.39 17.70 -39.99
N CYS B 139 -16.53 17.22 -40.45
CA CYS B 139 -17.66 17.00 -39.55
C CYS B 139 -17.60 15.60 -38.97
N THR B 140 -18.35 15.40 -37.88
CA THR B 140 -18.20 14.19 -37.08
C THR B 140 -19.45 13.32 -37.03
N PHE B 141 -20.61 13.87 -36.67
CA PHE B 141 -21.77 13.05 -36.35
C PHE B 141 -23.00 13.56 -37.08
N GLU B 142 -23.84 12.62 -37.52
CA GLU B 142 -25.05 12.90 -38.28
C GLU B 142 -26.23 12.15 -37.69
N TYR B 143 -27.42 12.75 -37.82
CA TYR B 143 -28.63 12.14 -37.28
C TYR B 143 -29.85 12.75 -37.95
N VAL B 144 -30.84 11.91 -38.25
CA VAL B 144 -32.09 12.36 -38.84
C VAL B 144 -33.28 11.62 -38.22
N SER B 145 -33.98 12.27 -37.29
CA SER B 145 -35.09 11.64 -36.59
C SER B 145 -36.41 12.38 -36.77
N GLN B 146 -36.47 13.69 -36.45
CA GLN B 146 -37.75 14.37 -36.30
C GLN B 146 -38.20 14.95 -37.63
N PRO B 147 -39.38 14.58 -38.14
CA PRO B 147 -39.96 15.16 -39.35
C PRO B 147 -40.48 16.58 -39.14
N PHE B 159 -49.18 31.39 -35.20
CA PHE B 159 -49.37 31.72 -33.80
C PHE B 159 -50.45 30.86 -33.17
N LYS B 160 -51.00 29.94 -33.97
CA LYS B 160 -52.03 29.05 -33.45
C LYS B 160 -51.48 28.12 -32.38
N ASN B 161 -50.26 27.61 -32.60
CA ASN B 161 -49.62 26.70 -31.65
C ASN B 161 -48.34 27.32 -31.13
N LEU B 162 -48.23 27.42 -29.81
CA LEU B 162 -46.99 27.83 -29.15
C LEU B 162 -46.06 26.64 -29.01
N ARG B 163 -44.80 26.86 -29.35
CA ARG B 163 -43.76 25.83 -29.30
C ARG B 163 -42.82 26.15 -28.15
N GLU B 164 -42.62 25.19 -27.26
CA GLU B 164 -41.71 25.37 -26.13
C GLU B 164 -40.62 24.31 -26.18
N PHE B 165 -39.38 24.75 -26.01
CA PHE B 165 -38.21 23.88 -26.06
C PHE B 165 -37.29 24.19 -24.89
N VAL B 166 -36.57 23.17 -24.44
CA VAL B 166 -35.53 23.31 -23.43
C VAL B 166 -34.31 22.55 -23.92
N PHE B 167 -33.17 23.22 -23.94
CA PHE B 167 -31.91 22.63 -24.39
C PHE B 167 -30.98 22.51 -23.19
N LYS B 168 -30.46 21.30 -22.96
CA LYS B 168 -29.53 21.05 -21.87
C LYS B 168 -28.29 20.37 -22.40
N ASN B 169 -27.13 20.76 -21.86
CA ASN B 169 -25.86 20.15 -22.21
C ASN B 169 -25.11 19.85 -20.93
N ILE B 170 -24.84 18.58 -20.68
CA ILE B 170 -24.18 18.17 -19.44
C ILE B 170 -23.60 16.78 -19.63
N ASP B 171 -22.45 16.55 -18.98
CA ASP B 171 -21.73 15.27 -18.98
C ASP B 171 -21.64 14.66 -20.38
N GLY B 172 -21.23 15.49 -21.35
CA GLY B 172 -21.08 15.03 -22.71
C GLY B 172 -22.36 14.54 -23.35
N TYR B 173 -23.49 15.15 -23.01
CA TYR B 173 -24.79 14.75 -23.52
C TYR B 173 -25.64 15.98 -23.77
N PHE B 174 -26.36 15.98 -24.88
CA PHE B 174 -27.27 17.05 -25.24
C PHE B 174 -28.69 16.52 -25.20
N LYS B 175 -29.57 17.21 -24.46
CA LYS B 175 -30.93 16.77 -24.22
C LYS B 175 -31.90 17.84 -24.67
N ILE B 176 -32.95 17.41 -25.38
CA ILE B 176 -33.97 18.28 -25.95
C ILE B 176 -35.30 17.94 -25.30
N TYR B 177 -36.00 18.94 -24.80
CA TYR B 177 -37.36 18.79 -24.31
C TYR B 177 -38.26 19.70 -25.12
N SER B 178 -39.46 19.22 -25.49
CA SER B 178 -40.31 20.01 -26.36
C SER B 178 -41.77 19.76 -26.04
N LYS B 179 -42.59 20.77 -26.32
CA LYS B 179 -44.03 20.70 -26.11
C LYS B 179 -44.73 21.64 -27.08
N HIS B 180 -45.95 21.25 -27.46
CA HIS B 180 -46.78 21.98 -28.39
C HIS B 180 -48.10 22.30 -27.69
N THR B 181 -48.52 23.57 -27.73
CA THR B 181 -49.77 23.91 -27.05
C THR B 181 -50.64 24.83 -27.90
N PRO B 182 -51.93 24.55 -28.04
CA PRO B 182 -52.83 25.45 -28.77
C PRO B 182 -53.28 26.61 -27.90
N ILE B 183 -52.83 27.82 -28.26
CA ILE B 183 -53.15 29.02 -27.49
C ILE B 183 -53.55 30.13 -28.46
N ASN B 184 -54.28 31.11 -27.93
CA ASN B 184 -54.76 32.24 -28.72
C ASN B 184 -54.71 33.51 -27.90
N LEU B 185 -54.63 34.64 -28.61
CA LEU B 185 -54.79 35.99 -28.05
C LEU B 185 -53.94 36.23 -26.80
N VAL B 186 -52.69 35.77 -26.85
CA VAL B 186 -51.72 36.00 -25.78
C VAL B 186 -50.50 36.68 -26.37
N ARG B 187 -50.04 37.75 -25.71
CA ARG B 187 -48.79 38.41 -26.07
C ARG B 187 -47.65 37.93 -25.20
N ASP B 188 -47.89 37.84 -23.90
CA ASP B 188 -46.97 37.17 -22.99
C ASP B 188 -47.27 35.67 -23.02
N LEU B 189 -46.61 34.90 -22.16
CA LEU B 189 -46.83 33.48 -22.16
C LEU B 189 -48.15 33.13 -21.48
N PRO B 190 -48.81 32.06 -21.92
CA PRO B 190 -50.16 31.78 -21.43
C PRO B 190 -50.19 31.33 -19.98
N GLN B 191 -51.33 31.55 -19.34
CA GLN B 191 -51.58 31.07 -17.99
C GLN B 191 -51.93 29.59 -18.04
N GLY B 192 -51.24 28.79 -17.25
CA GLY B 192 -51.53 27.37 -17.19
C GLY B 192 -50.29 26.59 -16.79
N PHE B 193 -50.41 25.27 -16.87
CA PHE B 193 -49.32 24.36 -16.56
C PHE B 193 -49.19 23.32 -17.65
N SER B 194 -47.95 23.06 -18.07
CA SER B 194 -47.66 22.04 -19.07
C SER B 194 -46.24 21.54 -18.85
N ALA B 195 -46.05 20.24 -19.03
CA ALA B 195 -44.77 19.59 -18.82
C ALA B 195 -44.13 19.23 -20.16
N LEU B 196 -42.81 19.37 -20.23
CA LEU B 196 -42.07 19.21 -21.48
C LEU B 196 -41.49 17.80 -21.53
N GLU B 197 -42.04 16.96 -22.40
CA GLU B 197 -41.55 15.60 -22.58
C GLU B 197 -40.20 15.62 -23.30
N PRO B 198 -39.36 14.60 -23.07
CA PRO B 198 -38.02 14.61 -23.69
C PRO B 198 -38.05 14.09 -25.12
N LEU B 199 -37.25 14.74 -25.97
CA LEU B 199 -37.17 14.37 -27.39
C LEU B 199 -36.01 13.42 -27.68
N VAL B 200 -34.77 13.87 -27.46
CA VAL B 200 -33.59 13.11 -27.85
C VAL B 200 -32.51 13.32 -26.79
N ASP B 201 -31.64 12.31 -26.66
CA ASP B 201 -30.44 12.40 -25.84
C ASP B 201 -29.26 11.98 -26.70
N LEU B 202 -28.41 12.94 -27.06
CA LEU B 202 -27.38 12.69 -28.04
C LEU B 202 -25.98 12.83 -27.42
N PRO B 203 -25.06 11.92 -27.74
CA PRO B 203 -23.69 11.97 -27.20
C PRO B 203 -22.74 12.78 -28.07
N ILE B 204 -22.93 14.11 -28.08
CA ILE B 204 -22.04 14.96 -28.85
C ILE B 204 -20.64 14.99 -28.24
N GLY B 205 -20.57 14.99 -26.91
CA GLY B 205 -19.28 14.94 -26.23
C GLY B 205 -18.39 16.14 -26.48
N ILE B 206 -18.98 17.33 -26.62
CA ILE B 206 -18.25 18.56 -26.84
C ILE B 206 -18.73 19.61 -25.85
N ASN B 207 -18.20 20.82 -25.97
CA ASN B 207 -18.58 21.95 -25.15
C ASN B 207 -19.44 22.91 -25.96
N ILE B 208 -20.38 23.55 -25.28
CA ILE B 208 -21.25 24.56 -25.89
C ILE B 208 -21.37 25.74 -24.94
N THR B 209 -21.10 26.94 -25.43
CA THR B 209 -21.22 28.16 -24.62
C THR B 209 -22.06 29.23 -25.29
N ARG B 210 -21.98 29.37 -26.61
CA ARG B 210 -22.78 30.33 -27.35
C ARG B 210 -23.91 29.63 -28.08
N PHE B 211 -25.01 30.35 -28.25
CA PHE B 211 -26.21 29.83 -28.87
C PHE B 211 -26.81 30.88 -29.78
N GLN B 212 -27.32 30.46 -30.93
CA GLN B 212 -27.96 31.39 -31.84
C GLN B 212 -29.01 30.66 -32.65
N THR B 213 -29.94 31.41 -33.21
CA THR B 213 -31.02 30.87 -34.02
C THR B 213 -30.81 31.19 -35.49
N LEU B 214 -31.38 30.35 -36.36
CA LEU B 214 -31.24 30.48 -37.81
C LEU B 214 -32.61 30.81 -38.38
N LEU B 215 -32.92 32.11 -38.45
CA LEU B 215 -34.18 32.56 -39.01
C LEU B 215 -34.21 32.28 -40.52
N ALA B 216 -35.36 31.84 -41.01
CA ALA B 216 -35.53 31.54 -42.43
C ALA B 216 -35.85 32.85 -43.17
N LEU B 217 -34.85 33.69 -43.27
CA LEU B 217 -34.99 35.00 -43.89
C LEU B 217 -35.10 34.84 -45.40
N HIS B 218 -36.30 35.02 -45.94
CA HIS B 218 -36.52 34.92 -47.37
C HIS B 218 -37.07 36.23 -47.92
N ALA B 236 -43.36 36.38 -35.38
CA ALA B 236 -41.97 36.81 -35.54
C ALA B 236 -41.39 37.27 -34.21
N ALA B 237 -41.83 36.64 -33.13
CA ALA B 237 -41.39 36.97 -31.79
C ALA B 237 -41.07 35.69 -31.02
N TYR B 238 -40.05 35.75 -30.18
CA TYR B 238 -39.67 34.60 -29.36
C TYR B 238 -39.15 35.08 -28.02
N TYR B 239 -39.06 34.13 -27.08
CA TYR B 239 -38.69 34.39 -25.70
C TYR B 239 -37.61 33.42 -25.27
N VAL B 240 -36.65 33.92 -24.50
CA VAL B 240 -35.49 33.15 -24.05
C VAL B 240 -35.35 33.30 -22.54
N GLY B 241 -35.18 32.17 -21.85
CA GLY B 241 -34.98 32.19 -20.42
C GLY B 241 -33.88 31.23 -20.01
N TYR B 242 -33.26 31.54 -18.87
CA TYR B 242 -32.12 30.80 -18.37
C TYR B 242 -32.49 29.91 -17.20
N LEU B 243 -31.95 28.69 -17.18
CA LEU B 243 -32.18 27.73 -16.12
C LEU B 243 -31.25 28.01 -14.94
N GLN B 244 -31.70 27.61 -13.75
CA GLN B 244 -30.96 27.77 -12.52
C GLN B 244 -31.13 26.52 -11.67
N PRO B 245 -30.18 26.22 -10.79
CA PRO B 245 -30.35 25.09 -9.88
C PRO B 245 -31.39 25.37 -8.81
N ARG B 246 -32.55 24.71 -8.89
CA ARG B 246 -33.66 24.98 -8.01
C ARG B 246 -34.27 23.65 -7.54
N THR B 247 -35.00 23.74 -6.44
CA THR B 247 -35.72 22.61 -5.86
C THR B 247 -37.21 22.76 -6.15
N PHE B 248 -37.82 21.70 -6.65
CA PHE B 248 -39.22 21.72 -7.08
C PHE B 248 -39.98 20.58 -6.41
N LEU B 249 -41.28 20.78 -6.25
CA LEU B 249 -42.18 19.78 -5.69
C LEU B 249 -43.19 19.43 -6.78
N LEU B 250 -42.92 18.35 -7.51
CA LEU B 250 -43.75 17.93 -8.63
C LEU B 250 -44.88 17.03 -8.15
N LYS B 251 -46.03 17.15 -8.80
CA LYS B 251 -47.24 16.44 -8.40
C LYS B 251 -47.65 15.49 -9.52
N TYR B 252 -47.12 14.26 -9.47
CA TYR B 252 -47.52 13.24 -10.42
C TYR B 252 -48.92 12.73 -10.08
N ASN B 253 -49.79 12.67 -11.07
CA ASN B 253 -51.15 12.21 -10.86
C ASN B 253 -51.21 10.70 -11.08
N GLU B 254 -52.43 10.16 -11.20
CA GLU B 254 -52.61 8.71 -11.28
C GLU B 254 -51.92 8.12 -12.50
N ASN B 255 -52.01 8.79 -13.64
CA ASN B 255 -51.46 8.27 -14.87
C ASN B 255 -49.97 8.54 -15.02
N GLY B 256 -49.35 9.26 -14.09
CA GLY B 256 -47.94 9.57 -14.17
C GLY B 256 -47.61 10.91 -14.78
N THR B 257 -48.61 11.75 -15.05
CA THR B 257 -48.39 13.04 -15.70
C THR B 257 -48.28 14.13 -14.64
N ILE B 258 -47.24 14.96 -14.76
CA ILE B 258 -47.05 16.07 -13.83
C ILE B 258 -48.17 17.08 -14.02
N THR B 259 -48.85 17.41 -12.92
CA THR B 259 -49.99 18.32 -12.95
C THR B 259 -49.72 19.68 -12.34
N ASP B 260 -48.92 19.74 -11.27
CA ASP B 260 -48.59 21.00 -10.62
C ASP B 260 -47.14 20.95 -10.15
N ALA B 261 -46.63 22.12 -9.78
CA ALA B 261 -45.30 22.22 -9.23
C ALA B 261 -45.24 23.42 -8.29
N VAL B 262 -44.27 23.39 -7.38
CA VAL B 262 -44.09 24.45 -6.39
C VAL B 262 -42.61 24.83 -6.36
N ASP B 263 -42.33 26.12 -6.43
CA ASP B 263 -40.97 26.63 -6.34
C ASP B 263 -40.57 26.70 -4.87
N CYS B 264 -39.63 25.86 -4.47
CA CYS B 264 -39.22 25.73 -3.07
C CYS B 264 -38.53 26.98 -2.53
N ALA B 265 -38.37 28.06 -3.30
CA ALA B 265 -37.72 29.26 -2.79
C ALA B 265 -38.42 30.54 -3.23
N LEU B 266 -39.67 30.47 -3.64
CA LEU B 266 -40.37 31.66 -4.12
C LEU B 266 -40.73 32.59 -2.98
N ASP B 267 -41.53 32.12 -2.04
CA ASP B 267 -41.99 32.92 -0.91
C ASP B 267 -42.09 32.01 0.30
N PRO B 268 -42.30 32.58 1.50
CA PRO B 268 -42.41 31.72 2.69
C PRO B 268 -43.48 30.64 2.59
N LEU B 269 -44.63 30.94 1.97
CA LEU B 269 -45.68 29.93 1.87
C LEU B 269 -45.24 28.75 1.02
N SER B 270 -44.51 29.02 -0.07
CA SER B 270 -43.99 27.93 -0.89
C SER B 270 -42.96 27.12 -0.12
N GLU B 271 -42.15 27.77 0.72
CA GLU B 271 -41.23 27.04 1.57
C GLU B 271 -41.98 26.14 2.55
N THR B 272 -43.08 26.64 3.12
CA THR B 272 -43.87 25.81 4.03
C THR B 272 -44.44 24.59 3.32
N LYS B 273 -45.00 24.80 2.12
CA LYS B 273 -45.55 23.68 1.35
C LYS B 273 -44.45 22.69 0.99
N CYS B 274 -43.27 23.20 0.64
CA CYS B 274 -42.15 22.34 0.28
C CYS B 274 -41.63 21.55 1.47
N THR B 275 -41.68 22.13 2.67
CA THR B 275 -41.24 21.42 3.86
C THR B 275 -42.24 20.36 4.28
N LEU B 276 -43.53 20.70 4.28
CA LEU B 276 -44.55 19.72 4.64
C LEU B 276 -44.79 18.68 3.56
N LYS B 277 -44.26 18.89 2.35
CA LYS B 277 -44.47 17.98 1.22
C LYS B 277 -45.96 17.79 0.93
N SER B 278 -46.70 18.89 0.92
CA SER B 278 -48.12 18.87 0.59
C SER B 278 -48.50 20.23 0.04
N PHE B 279 -49.47 20.25 -0.88
CA PHE B 279 -49.92 21.50 -1.48
C PHE B 279 -50.90 22.29 -0.62
N THR B 280 -51.43 21.68 0.44
CA THR B 280 -52.37 22.37 1.33
C THR B 280 -51.86 22.28 2.75
N VAL B 281 -51.76 23.42 3.41
CA VAL B 281 -51.38 23.48 4.81
C VAL B 281 -52.56 24.08 5.59
N GLU B 282 -52.66 23.68 6.85
CA GLU B 282 -53.73 24.16 7.72
C GLU B 282 -53.18 25.16 8.73
N LYS B 283 -54.09 25.77 9.47
CA LYS B 283 -53.75 26.87 10.37
C LYS B 283 -52.69 26.44 11.37
N GLY B 284 -51.69 27.29 11.57
CA GLY B 284 -50.68 27.03 12.57
C GLY B 284 -49.35 27.69 12.21
N ILE B 285 -48.35 27.34 13.01
CA ILE B 285 -46.99 27.85 12.87
C ILE B 285 -46.07 26.68 12.54
N TYR B 286 -45.31 26.81 11.46
CA TYR B 286 -44.43 25.75 10.98
C TYR B 286 -43.01 26.29 10.85
N GLN B 287 -42.05 25.60 11.44
CA GLN B 287 -40.65 26.00 11.28
C GLN B 287 -40.12 25.46 9.96
N THR B 288 -39.51 26.33 9.16
CA THR B 288 -39.10 25.99 7.81
C THR B 288 -37.58 25.97 7.62
N SER B 289 -36.90 27.06 7.96
CA SER B 289 -35.48 27.19 7.65
C SER B 289 -34.74 27.79 8.85
N ASN B 290 -33.45 28.03 8.65
CA ASN B 290 -32.57 28.56 9.68
C ASN B 290 -31.96 29.87 9.21
N PHE B 291 -32.03 30.89 10.06
CA PHE B 291 -31.48 32.20 9.76
C PHE B 291 -30.13 32.36 10.44
N ARG B 292 -29.17 32.91 9.71
CA ARG B 292 -27.80 33.02 10.18
C ARG B 292 -27.15 34.27 9.61
N VAL B 293 -26.48 35.05 10.46
CA VAL B 293 -25.77 36.24 10.03
C VAL B 293 -24.37 35.83 9.60
N GLN B 294 -23.97 36.26 8.40
CA GLN B 294 -22.68 35.83 7.88
C GLN B 294 -21.61 36.89 8.11
N PRO B 295 -20.36 36.47 8.35
CA PRO B 295 -19.30 37.45 8.59
C PRO B 295 -19.00 38.26 7.34
N THR B 296 -18.62 39.51 7.56
CA THR B 296 -18.35 40.45 6.47
C THR B 296 -16.86 40.59 6.19
N GLU B 297 -16.07 40.92 7.20
CA GLU B 297 -14.65 41.17 7.05
C GLU B 297 -13.85 40.05 7.70
N SER B 298 -12.53 40.22 7.69
CA SER B 298 -11.62 39.28 8.33
C SER B 298 -10.42 40.07 8.81
N ILE B 299 -10.25 40.17 10.13
CA ILE B 299 -9.20 41.01 10.71
C ILE B 299 -8.20 40.12 11.44
N VAL B 300 -6.97 40.62 11.51
CA VAL B 300 -5.89 39.96 12.24
C VAL B 300 -5.13 41.03 13.00
N ARG B 301 -4.77 40.73 14.24
CA ARG B 301 -4.10 41.68 15.12
C ARG B 301 -2.93 41.00 15.82
N PHE B 302 -1.77 41.62 15.75
CA PHE B 302 -0.53 41.10 16.31
C PHE B 302 0.22 42.23 16.98
N PRO B 303 1.14 41.92 17.89
CA PRO B 303 1.90 42.99 18.56
C PRO B 303 2.71 43.81 17.56
N ASN B 304 3.22 44.94 18.06
CA ASN B 304 3.94 45.87 17.21
C ASN B 304 5.20 45.22 16.64
N ILE B 305 5.55 45.54 15.40
CA ILE B 305 6.79 44.99 14.77
C ILE B 305 7.98 45.78 15.31
N THR B 306 8.78 45.16 16.18
CA THR B 306 9.90 45.87 16.84
C THR B 306 11.12 44.94 16.88
N ASN B 307 12.30 45.46 17.27
CA ASN B 307 13.54 44.65 17.34
C ASN B 307 13.78 44.04 15.96
N LEU B 308 13.91 44.88 14.93
CA LEU B 308 14.23 44.37 13.58
C LEU B 308 15.69 43.90 13.54
N CYS B 309 15.98 42.78 12.85
CA CYS B 309 17.34 42.20 12.80
C CYS B 309 18.25 43.08 11.96
N PRO B 310 19.56 43.19 12.27
CA PRO B 310 20.42 44.12 11.56
C PRO B 310 21.03 43.51 10.27
N PHE B 311 20.25 43.49 9.19
CA PHE B 311 20.73 42.97 7.89
C PHE B 311 21.39 44.10 7.11
N GLY B 312 21.25 45.33 7.59
CA GLY B 312 21.83 46.46 6.85
C GLY B 312 23.27 46.68 7.27
N GLU B 313 23.75 45.95 8.27
CA GLU B 313 25.17 46.06 8.64
C GLU B 313 25.95 44.99 7.89
N VAL B 314 25.25 44.05 7.24
CA VAL B 314 25.94 42.96 6.47
C VAL B 314 25.71 43.16 4.97
N PHE B 315 24.59 43.75 4.55
CA PHE B 315 24.38 44.05 3.12
C PHE B 315 24.96 45.39 2.75
N ASN B 316 25.22 46.28 3.69
CA ASN B 316 25.71 47.63 3.30
C ASN B 316 26.86 48.07 4.20
N ALA B 317 28.04 47.49 4.02
CA ALA B 317 29.22 47.91 4.79
C ALA B 317 30.28 48.36 3.78
N THR B 318 31.14 49.31 4.15
CA THR B 318 32.11 49.83 3.16
C THR B 318 33.11 48.76 2.75
N ARG B 319 33.60 47.94 3.67
CA ARG B 319 34.66 46.96 3.34
C ARG B 319 34.17 45.54 3.55
N PHE B 320 34.41 44.64 2.59
CA PHE B 320 34.01 43.23 2.69
C PHE B 320 35.31 42.43 2.72
N ALA B 321 35.28 41.21 3.24
CA ALA B 321 36.48 40.36 3.38
C ALA B 321 36.81 39.57 2.12
N SER B 322 38.05 39.10 2.01
CA SER B 322 38.45 38.26 0.84
C SER B 322 37.83 36.88 1.01
N VAL B 323 37.85 36.06 -0.04
CA VAL B 323 37.17 34.74 0.03
C VAL B 323 37.84 33.81 1.03
N TYR B 324 39.17 33.79 1.13
CA TYR B 324 39.82 32.81 2.02
C TYR B 324 39.40 33.10 3.46
N ALA B 325 39.42 34.37 3.88
CA ALA B 325 39.03 34.75 5.25
C ALA B 325 37.59 35.28 5.25
N TRP B 326 36.62 34.41 4.90
CA TRP B 326 35.20 34.84 4.82
C TRP B 326 34.67 35.13 6.24
N ASN B 327 33.88 36.19 6.40
CA ASN B 327 33.40 36.59 7.75
C ASN B 327 32.00 36.03 7.99
N ARG B 328 31.75 35.49 9.18
CA ARG B 328 30.41 34.93 9.53
C ARG B 328 29.80 35.71 10.67
N LYS B 329 28.52 36.07 10.57
CA LYS B 329 27.79 36.78 11.65
C LYS B 329 26.62 35.88 12.06
N ARG B 330 26.39 35.70 13.36
CA ARG B 330 25.21 34.95 13.82
C ARG B 330 24.11 35.94 14.14
N ILE B 331 22.97 35.84 13.44
CA ILE B 331 21.83 36.75 13.69
C ILE B 331 20.75 35.92 14.36
N SER B 332 20.23 36.39 15.49
CA SER B 332 19.19 35.63 16.25
C SER B 332 18.41 36.59 17.15
N ASN B 333 17.39 36.08 17.85
CA ASN B 333 16.58 36.91 18.79
C ASN B 333 16.13 38.20 18.09
N CYS B 334 15.54 38.10 16.90
CA CYS B 334 15.19 39.35 16.19
C CYS B 334 14.08 39.02 15.19
N VAL B 335 13.40 40.03 14.66
CA VAL B 335 12.41 39.75 13.59
C VAL B 335 13.05 40.15 12.27
N ALA B 336 13.23 39.21 11.36
CA ALA B 336 13.91 39.47 10.10
C ALA B 336 12.88 39.66 9.00
N ASP B 337 12.90 40.83 8.37
CA ASP B 337 11.99 41.15 7.27
C ASP B 337 12.75 40.97 5.97
N TYR B 338 12.54 39.85 5.29
CA TYR B 338 13.22 39.56 4.05
C TYR B 338 12.55 40.21 2.84
N SER B 339 11.43 40.91 3.04
CA SER B 339 10.78 41.60 1.94
C SER B 339 11.58 42.81 1.45
N VAL B 340 12.56 43.26 2.22
CA VAL B 340 13.43 44.35 1.77
C VAL B 340 14.59 43.85 0.92
N LEU B 341 14.78 42.54 0.83
CA LEU B 341 15.82 41.96 -0.01
C LEU B 341 15.26 41.47 -1.34
N TYR B 342 14.27 40.58 -1.30
CA TYR B 342 13.74 40.00 -2.53
C TYR B 342 13.07 41.04 -3.40
N ASN B 343 12.52 42.10 -2.79
CA ASN B 343 11.90 43.18 -3.56
C ASN B 343 12.90 44.26 -3.96
N SER B 344 14.17 44.13 -3.57
CA SER B 344 15.18 45.09 -3.95
C SER B 344 15.57 44.90 -5.42
N ALA B 345 16.26 45.90 -5.97
CA ALA B 345 16.60 45.91 -7.38
C ALA B 345 18.10 45.90 -7.66
N SER B 346 18.94 46.18 -6.68
CA SER B 346 20.38 46.17 -6.91
C SER B 346 20.93 44.75 -7.05
N PHE B 347 20.24 43.76 -6.50
CA PHE B 347 20.74 42.39 -6.52
C PHE B 347 20.59 41.79 -7.91
N SER B 348 21.59 41.02 -8.32
CA SER B 348 21.55 40.33 -9.60
C SER B 348 21.10 38.88 -9.50
N THR B 349 21.56 38.16 -8.48
CA THR B 349 21.14 36.78 -8.23
C THR B 349 20.57 36.66 -6.83
N PHE B 350 19.46 35.91 -6.71
CA PHE B 350 18.82 35.69 -5.42
C PHE B 350 18.33 34.26 -5.28
N LYS B 351 18.84 33.33 -6.08
CA LYS B 351 18.28 31.98 -6.09
C LYS B 351 18.39 31.33 -4.71
N CYS B 352 17.30 30.70 -4.29
CA CYS B 352 17.25 30.01 -3.01
C CYS B 352 16.94 28.53 -3.22
N TYR B 353 17.51 27.70 -2.36
CA TYR B 353 17.59 26.26 -2.60
C TYR B 353 16.62 25.44 -1.76
N GLY B 354 16.66 25.55 -0.45
CA GLY B 354 15.82 24.71 0.38
C GLY B 354 14.47 25.33 0.70
N VAL B 355 14.31 26.61 0.38
CA VAL B 355 13.08 27.35 0.69
C VAL B 355 12.69 28.17 -0.53
N SER B 356 11.39 28.27 -0.77
CA SER B 356 10.89 29.14 -1.83
C SER B 356 11.15 30.59 -1.45
N PRO B 357 11.44 31.46 -2.43
CA PRO B 357 11.89 32.82 -2.08
C PRO B 357 10.76 33.79 -1.78
N THR B 358 9.51 33.44 -2.06
CA THR B 358 8.39 34.32 -1.84
C THR B 358 7.69 34.10 -0.51
N LYS B 359 8.20 33.21 0.34
CA LYS B 359 7.51 32.84 1.57
C LYS B 359 8.50 32.73 2.74
N LEU B 360 9.49 33.62 2.78
CA LEU B 360 10.42 33.60 3.91
C LEU B 360 9.81 34.21 5.17
N ASN B 361 8.92 35.19 5.02
CA ASN B 361 8.41 35.91 6.19
C ASN B 361 7.65 34.99 7.13
N ASP B 362 6.82 34.12 6.59
CA ASP B 362 6.01 33.21 7.41
C ASP B 362 6.73 31.90 7.70
N LEU B 363 7.93 31.99 8.27
CA LEU B 363 8.74 30.82 8.52
C LEU B 363 9.82 31.17 9.53
N CYS B 364 10.01 30.31 10.54
CA CYS B 364 10.87 30.60 11.67
C CYS B 364 12.03 29.63 11.73
N PHE B 365 13.17 30.13 12.21
CA PHE B 365 14.39 29.35 12.34
C PHE B 365 15.09 29.70 13.65
N THR B 366 15.89 28.76 14.14
CA THR B 366 16.63 28.97 15.38
C THR B 366 17.67 30.06 15.24
N ASN B 367 18.52 29.97 14.20
CA ASN B 367 19.62 30.90 14.01
C ASN B 367 19.78 31.16 12.51
N VAL B 368 20.40 32.29 12.18
CA VAL B 368 20.76 32.59 10.80
C VAL B 368 22.22 33.00 10.76
N TYR B 369 22.96 32.48 9.79
CA TYR B 369 24.35 32.84 9.59
C TYR B 369 24.51 33.59 8.28
N ALA B 370 25.27 34.68 8.31
CA ALA B 370 25.51 35.51 7.14
C ALA B 370 27.00 35.51 6.84
N ASP B 371 27.38 34.92 5.70
CA ASP B 371 28.76 34.80 5.28
C ASP B 371 29.01 35.80 4.17
N SER B 372 30.04 36.64 4.31
CA SER B 372 30.25 37.72 3.37
C SER B 372 31.65 37.65 2.75
N PHE B 373 31.72 37.88 1.44
CA PHE B 373 33.02 37.98 0.77
C PHE B 373 32.81 38.64 -0.59
N VAL B 374 33.89 38.70 -1.37
CA VAL B 374 33.88 39.31 -2.69
C VAL B 374 34.69 38.46 -3.65
N ILE B 375 34.13 38.18 -4.83
CA ILE B 375 34.78 37.37 -5.85
C ILE B 375 34.70 38.09 -7.18
N ARG B 376 35.11 37.43 -8.26
CA ARG B 376 34.91 38.00 -9.58
C ARG B 376 33.62 37.45 -10.20
N GLY B 377 33.21 38.05 -11.31
CA GLY B 377 31.89 37.76 -11.86
C GLY B 377 31.71 36.33 -12.33
N ASP B 378 32.77 35.71 -12.85
CA ASP B 378 32.65 34.37 -13.39
C ASP B 378 32.45 33.33 -12.30
N GLU B 379 33.03 33.54 -11.12
CA GLU B 379 33.03 32.54 -10.06
C GLU B 379 31.73 32.50 -9.28
N VAL B 380 30.80 33.43 -9.53
CA VAL B 380 29.55 33.46 -8.78
C VAL B 380 28.74 32.20 -9.01
N ARG B 381 28.91 31.55 -10.16
CA ARG B 381 28.22 30.29 -10.43
C ARG B 381 28.75 29.14 -9.58
N GLN B 382 29.90 29.29 -8.93
CA GLN B 382 30.47 28.24 -8.11
C GLN B 382 29.98 28.28 -6.67
N ILE B 383 29.22 29.31 -6.30
CA ILE B 383 28.65 29.38 -4.94
C ILE B 383 27.28 28.70 -5.04
N ALA B 384 27.30 27.38 -4.93
CA ALA B 384 26.10 26.57 -5.00
C ALA B 384 26.39 25.23 -4.34
N PRO B 385 25.37 24.53 -3.82
CA PRO B 385 25.64 23.26 -3.14
C PRO B 385 26.05 22.17 -4.11
N GLY B 386 27.34 21.88 -4.16
CA GLY B 386 27.89 20.87 -5.04
C GLY B 386 28.47 21.51 -6.28
N GLN B 387 29.77 21.75 -6.29
CA GLN B 387 30.44 22.42 -7.40
C GLN B 387 31.91 22.04 -7.36
N THR B 388 32.56 22.13 -8.51
CA THR B 388 33.94 21.67 -8.68
C THR B 388 34.81 22.77 -9.26
N GLY B 389 34.74 23.96 -8.67
CA GLY B 389 35.57 25.08 -9.08
C GLY B 389 36.81 25.21 -8.20
N LYS B 390 37.58 26.25 -8.50
CA LYS B 390 38.71 26.59 -7.63
C LYS B 390 38.20 27.26 -6.35
N ILE B 391 37.23 28.17 -6.47
CA ILE B 391 36.81 28.95 -5.33
C ILE B 391 35.89 28.13 -4.43
N ALA B 392 35.31 27.06 -4.96
CA ALA B 392 34.40 26.20 -4.23
C ALA B 392 35.05 24.89 -3.79
N ASP B 393 36.37 24.80 -3.88
CA ASP B 393 37.11 23.65 -3.37
C ASP B 393 38.25 24.02 -2.45
N TYR B 394 38.74 25.26 -2.52
CA TYR B 394 39.83 25.71 -1.66
C TYR B 394 39.43 26.82 -0.72
N ASN B 395 38.32 27.52 -0.96
CA ASN B 395 37.94 28.66 -0.13
C ASN B 395 36.61 28.48 0.57
N TYR B 396 35.52 28.20 -0.15
CA TYR B 396 34.17 28.30 0.41
C TYR B 396 33.28 27.12 0.02
N LYS B 397 33.70 25.90 0.34
CA LYS B 397 32.83 24.74 0.14
C LYS B 397 31.50 24.93 0.86
N LEU B 398 30.42 24.53 0.19
CA LEU B 398 29.07 24.50 0.74
C LEU B 398 28.57 23.06 0.85
N PRO B 399 27.79 22.74 1.87
CA PRO B 399 27.31 21.37 2.04
C PRO B 399 26.24 21.00 1.02
N ASP B 400 26.11 19.70 0.80
CA ASP B 400 25.10 19.21 -0.15
C ASP B 400 23.69 19.54 0.32
N ASP B 401 23.42 19.37 1.62
CA ASP B 401 22.10 19.65 2.16
C ASP B 401 21.98 21.10 2.62
N PHE B 402 22.31 22.03 1.73
CA PHE B 402 22.20 23.45 2.03
C PHE B 402 20.74 23.86 2.08
N THR B 403 20.45 24.89 2.88
CA THR B 403 19.08 25.33 3.08
C THR B 403 18.85 26.83 2.96
N GLY B 404 19.87 27.67 3.15
CA GLY B 404 19.73 29.09 2.98
C GLY B 404 19.70 29.49 1.53
N CYS B 405 20.28 30.65 1.22
CA CYS B 405 20.50 31.01 -0.17
C CYS B 405 21.48 32.18 -0.31
N VAL B 406 21.82 32.47 -1.56
CA VAL B 406 22.97 33.28 -1.93
C VAL B 406 22.48 34.58 -2.59
N ILE B 407 23.10 35.68 -2.22
CA ILE B 407 22.77 37.00 -2.76
C ILE B 407 24.06 37.63 -3.25
N ALA B 408 24.14 37.91 -4.55
CA ALA B 408 25.33 38.48 -5.14
C ALA B 408 24.96 39.74 -5.90
N TRP B 409 25.80 40.77 -5.79
CA TRP B 409 25.54 41.99 -6.54
C TRP B 409 26.86 42.62 -6.98
N ASN B 410 26.83 43.24 -8.15
CA ASN B 410 28.02 43.84 -8.72
C ASN B 410 28.40 45.10 -7.96
N SER B 411 29.67 45.20 -7.56
CA SER B 411 30.22 46.39 -6.93
C SER B 411 31.51 46.75 -7.65
N ASN B 412 31.40 47.47 -8.76
CA ASN B 412 32.57 47.97 -9.45
C ASN B 412 33.02 49.33 -8.92
N ASN B 413 32.08 50.19 -8.57
CA ASN B 413 32.41 51.53 -8.11
C ASN B 413 33.05 51.56 -6.73
N LEU B 414 33.04 50.45 -5.99
CA LEU B 414 33.63 50.37 -4.67
C LEU B 414 34.96 49.63 -4.67
N ASP B 415 34.99 48.40 -5.18
CA ASP B 415 36.19 47.57 -5.15
C ASP B 415 36.93 47.63 -6.49
N SER B 416 37.30 48.83 -6.92
CA SER B 416 38.07 48.96 -8.16
C SER B 416 38.79 50.30 -8.17
N LYS B 417 39.98 50.29 -8.76
CA LYS B 417 40.83 51.48 -8.85
C LYS B 417 41.40 51.57 -10.25
N VAL B 418 41.76 52.80 -10.65
CA VAL B 418 42.37 53.01 -11.97
C VAL B 418 43.67 52.24 -12.11
N GLY B 419 44.27 51.84 -11.00
CA GLY B 419 45.38 50.91 -11.01
C GLY B 419 44.82 49.52 -10.73
N GLY B 420 44.89 49.07 -9.48
CA GLY B 420 44.20 47.85 -9.13
C GLY B 420 44.04 47.63 -7.63
N ASN B 421 42.97 46.94 -7.24
CA ASN B 421 42.85 46.44 -5.88
C ASN B 421 43.61 45.13 -5.77
N TYR B 422 44.81 45.19 -5.22
CA TYR B 422 45.57 44.00 -4.89
C TYR B 422 45.36 43.58 -3.45
N ASN B 423 44.32 44.09 -2.80
CA ASN B 423 43.99 43.75 -1.43
C ASN B 423 42.98 42.62 -1.31
N TYR B 424 42.47 42.11 -2.43
CA TYR B 424 41.56 40.98 -2.42
C TYR B 424 42.29 39.75 -2.93
N ARG B 425 42.29 38.69 -2.12
CA ARG B 425 43.13 37.53 -2.38
C ARG B 425 42.31 36.26 -2.30
N TYR B 426 42.82 35.22 -2.95
CA TYR B 426 42.20 33.91 -2.97
C TYR B 426 43.27 32.86 -2.77
N ARG B 427 42.87 31.71 -2.25
CA ARG B 427 43.77 30.57 -2.12
C ARG B 427 43.80 29.82 -3.45
N LEU B 428 44.97 29.77 -4.07
CA LEU B 428 45.12 29.15 -5.38
C LEU B 428 45.64 27.73 -5.30
N PHE B 429 46.59 27.46 -4.41
CA PHE B 429 47.23 26.15 -4.28
C PHE B 429 46.87 25.55 -2.93
N ARG B 430 46.46 24.29 -2.92
CA ARG B 430 46.13 23.59 -1.69
C ARG B 430 46.21 22.10 -1.95
N LYS B 431 46.61 21.36 -0.92
CA LYS B 431 46.85 19.92 -1.08
C LYS B 431 45.57 19.10 -1.13
N SER B 432 44.47 19.61 -0.60
CA SER B 432 43.23 18.83 -0.57
C SER B 432 42.03 19.75 -0.45
N ASN B 433 40.87 19.23 -0.83
CA ASN B 433 39.65 20.01 -0.80
C ASN B 433 39.23 20.33 0.63
N LEU B 434 38.58 21.48 0.79
CA LEU B 434 38.02 21.85 2.09
C LEU B 434 36.78 21.01 2.39
N LYS B 435 36.46 20.91 3.67
CA LYS B 435 35.19 20.38 4.13
C LYS B 435 34.16 21.50 4.16
N PRO B 436 32.87 21.17 4.13
CA PRO B 436 31.85 22.22 4.07
C PRO B 436 31.95 23.17 5.26
N PHE B 437 31.79 24.46 4.98
CA PHE B 437 31.83 25.51 5.99
C PHE B 437 33.12 25.46 6.80
N GLU B 438 34.24 25.23 6.12
CA GLU B 438 35.56 25.25 6.73
C GLU B 438 36.31 26.49 6.27
N ARG B 439 37.03 27.12 7.18
CA ARG B 439 37.78 28.34 6.92
C ARG B 439 39.24 28.09 7.25
N ASP B 440 40.12 28.43 6.32
CA ASP B 440 41.54 28.09 6.43
C ASP B 440 42.38 29.28 6.02
N ILE B 441 43.20 29.78 6.95
CA ILE B 441 44.16 30.84 6.68
C ILE B 441 45.54 30.31 7.01
N SER B 442 46.47 30.43 6.05
CA SER B 442 47.82 29.91 6.19
C SER B 442 48.66 30.49 5.07
N THR B 443 49.89 30.90 5.40
CA THR B 443 50.74 31.60 4.45
C THR B 443 51.72 30.69 3.71
N GLU B 444 51.84 29.42 4.10
CA GLU B 444 52.66 28.49 3.33
C GLU B 444 52.21 27.07 3.63
N ILE B 445 51.61 26.42 2.63
CA ILE B 445 51.23 25.01 2.73
C ILE B 445 51.80 24.23 1.56
N TYR B 446 51.71 24.81 0.36
CA TYR B 446 51.83 24.05 -0.89
C TYR B 446 53.29 23.90 -1.31
N GLN B 447 53.95 22.92 -0.69
CA GLN B 447 55.23 22.41 -1.17
C GLN B 447 55.64 21.13 -0.47
N ALA B 448 55.95 20.09 -1.24
CA ALA B 448 56.58 18.87 -0.71
C ALA B 448 57.27 18.19 -1.88
N GLY B 449 58.59 18.38 -1.99
CA GLY B 449 59.29 17.91 -3.16
C GLY B 449 60.68 17.37 -2.90
N SER B 450 61.53 17.37 -3.94
CA SER B 450 62.89 16.87 -3.79
C SER B 450 63.66 17.71 -2.78
N LYS B 451 63.51 19.03 -2.84
CA LYS B 451 64.14 19.96 -1.89
C LYS B 451 63.06 20.89 -1.36
N PRO B 452 62.29 20.44 -0.38
CA PRO B 452 61.24 21.31 0.18
C PRO B 452 61.83 22.56 0.80
N CYS B 453 61.23 23.70 0.50
CA CYS B 453 61.72 24.97 1.01
C CYS B 453 61.46 25.07 2.50
N ASN B 454 62.40 25.68 3.22
CA ASN B 454 62.32 25.85 4.66
C ASN B 454 61.46 27.05 5.06
N GLY B 455 60.59 27.52 4.18
CA GLY B 455 59.79 28.69 4.40
C GLY B 455 60.07 29.82 3.44
N VAL B 456 61.17 29.74 2.70
CA VAL B 456 61.51 30.75 1.71
C VAL B 456 60.91 30.38 0.36
N GLU B 457 60.52 31.39 -0.41
CA GLU B 457 59.95 31.15 -1.72
C GLU B 457 61.07 30.89 -2.74
N GLY B 458 60.81 29.94 -3.63
CA GLY B 458 61.81 29.56 -4.61
C GLY B 458 61.23 28.70 -5.69
N PHE B 459 62.11 27.96 -6.36
CA PHE B 459 61.70 27.08 -7.44
C PHE B 459 60.78 25.97 -6.92
N ASN B 460 59.64 25.81 -7.57
CA ASN B 460 58.61 24.85 -7.20
C ASN B 460 58.00 25.12 -5.82
N CYS B 461 58.42 26.19 -5.15
CA CYS B 461 57.80 26.63 -3.91
C CYS B 461 57.00 27.89 -4.18
N TYR B 462 55.70 27.84 -3.92
CA TYR B 462 54.78 28.87 -4.37
C TYR B 462 53.93 29.36 -3.21
N PHE B 463 53.71 30.67 -3.15
CA PHE B 463 52.86 31.27 -2.14
C PHE B 463 51.40 31.03 -2.50
N PRO B 464 50.61 30.39 -1.62
CA PRO B 464 49.27 29.93 -2.03
C PRO B 464 48.23 31.03 -2.18
N LEU B 465 48.49 32.25 -1.71
CA LEU B 465 47.49 33.31 -1.75
C LEU B 465 47.85 34.32 -2.84
N GLN B 466 46.94 34.50 -3.79
CA GLN B 466 47.19 35.36 -4.94
C GLN B 466 46.06 36.37 -5.10
N SER B 467 46.35 37.49 -5.75
CA SER B 467 45.44 38.63 -5.77
C SER B 467 44.51 38.59 -6.98
N TYR B 468 43.52 39.48 -6.96
CA TYR B 468 42.68 39.86 -8.09
C TYR B 468 43.16 41.16 -8.70
N GLY B 469 43.08 41.25 -10.03
CA GLY B 469 43.39 42.48 -10.72
C GLY B 469 42.16 43.33 -11.01
N PHE B 470 41.58 43.93 -9.98
CA PHE B 470 40.34 44.69 -10.12
C PHE B 470 40.65 46.09 -10.64
N GLN B 471 40.02 46.45 -11.75
CA GLN B 471 40.14 47.76 -12.36
C GLN B 471 38.88 48.05 -13.15
N PRO B 472 38.48 49.32 -13.26
CA PRO B 472 37.13 49.63 -13.77
C PRO B 472 36.94 49.36 -15.24
N THR B 473 38.02 49.26 -16.02
CA THR B 473 37.91 49.05 -17.46
C THR B 473 37.77 47.58 -17.83
N ASN B 474 37.84 46.67 -16.86
CA ASN B 474 37.71 45.25 -17.15
C ASN B 474 36.32 44.92 -17.66
N GLY B 475 36.25 43.88 -18.47
CA GLY B 475 34.97 43.43 -18.98
C GLY B 475 34.15 42.74 -17.92
N VAL B 476 32.88 42.48 -18.24
CA VAL B 476 31.98 41.80 -17.26
C VAL B 476 32.53 40.40 -16.96
N GLY B 477 32.42 39.95 -15.71
CA GLY B 477 32.91 38.62 -15.30
C GLY B 477 34.35 38.71 -14.83
N TYR B 478 34.98 39.87 -15.05
CA TYR B 478 36.33 40.11 -14.49
C TYR B 478 36.16 41.25 -13.51
N GLN B 479 34.90 41.55 -13.17
CA GLN B 479 34.60 42.70 -12.26
C GLN B 479 34.18 42.17 -10.89
N PRO B 480 34.28 42.99 -9.83
CA PRO B 480 34.01 42.57 -8.46
C PRO B 480 32.54 42.30 -8.23
N TYR B 481 32.25 41.27 -7.43
CA TYR B 481 30.89 40.91 -7.07
C TYR B 481 30.88 40.58 -5.59
N ARG B 482 30.05 41.27 -4.83
CA ARG B 482 29.94 41.01 -3.40
C ARG B 482 28.87 39.96 -3.16
N VAL B 483 29.18 39.00 -2.29
CA VAL B 483 28.35 37.83 -2.07
C VAL B 483 28.06 37.71 -0.59
N VAL B 484 26.78 37.51 -0.26
CA VAL B 484 26.31 37.25 1.09
C VAL B 484 25.48 35.97 1.06
N VAL B 485 25.86 34.99 1.86
CA VAL B 485 25.18 33.70 1.92
C VAL B 485 24.49 33.58 3.26
N LEU B 486 23.20 33.25 3.24
CA LEU B 486 22.37 33.16 4.44
C LEU B 486 22.05 31.69 4.67
N SER B 487 22.46 31.17 5.83
CA SER B 487 22.21 29.79 6.20
C SER B 487 21.25 29.76 7.39
N PHE B 488 20.15 29.02 7.25
CA PHE B 488 19.11 28.97 8.27
C PHE B 488 19.25 27.67 9.04
N GLU B 489 19.62 27.78 10.32
CA GLU B 489 19.85 26.59 11.13
C GLU B 489 18.55 25.84 11.40
N LEU B 490 18.63 24.52 11.42
CA LEU B 490 17.46 23.68 11.59
C LEU B 490 16.94 23.78 13.02
N LEU B 491 15.79 23.14 13.26
CA LEU B 491 15.06 23.30 14.52
C LEU B 491 15.50 22.25 15.51
N HIS B 492 16.16 22.68 16.59
CA HIS B 492 16.45 21.85 17.74
C HIS B 492 16.15 22.51 19.07
N ALA B 493 15.94 23.83 19.08
CA ALA B 493 15.58 24.62 20.25
C ALA B 493 14.37 25.46 19.86
N PRO B 494 13.78 26.25 20.76
CA PRO B 494 12.72 27.17 20.33
C PRO B 494 13.18 28.08 19.20
N ALA B 495 12.39 28.12 18.13
CA ALA B 495 12.70 28.97 16.99
C ALA B 495 12.60 30.43 17.40
N THR B 496 13.62 31.21 17.05
CA THR B 496 13.74 32.55 17.61
C THR B 496 13.80 33.61 16.50
N VAL B 497 14.35 33.25 15.34
CA VAL B 497 14.40 34.16 14.20
C VAL B 497 13.12 33.95 13.40
N CYS B 498 12.21 34.90 13.49
CA CYS B 498 10.92 34.82 12.82
C CYS B 498 10.69 36.06 11.98
N GLY B 499 9.92 35.91 10.91
CA GLY B 499 9.58 37.01 10.06
C GLY B 499 8.50 37.88 10.68
N PRO B 500 8.34 39.09 10.17
CA PRO B 500 7.34 40.00 10.75
C PRO B 500 5.93 39.47 10.55
N LYS B 501 5.07 39.81 11.51
CA LYS B 501 3.66 39.43 11.49
C LYS B 501 2.83 40.68 11.25
N LYS B 502 2.18 40.75 10.10
CA LYS B 502 1.39 41.91 9.74
C LYS B 502 0.01 41.85 10.40
N SER B 503 -0.65 43.01 10.45
CA SER B 503 -1.98 43.10 11.04
C SER B 503 -2.69 44.30 10.41
N THR B 504 -4.01 44.32 10.60
CA THR B 504 -4.86 45.33 9.96
C THR B 504 -5.67 46.08 11.02
N ASN B 505 -6.63 46.87 10.55
CA ASN B 505 -7.41 47.73 11.44
C ASN B 505 -8.39 46.91 12.25
N LEU B 506 -8.92 47.54 13.30
CA LEU B 506 -9.86 46.92 14.22
C LEU B 506 -11.26 47.43 13.91
N VAL B 507 -12.18 46.51 13.63
CA VAL B 507 -13.57 46.85 13.34
C VAL B 507 -14.45 46.25 14.43
N LYS B 508 -15.36 47.06 14.95
CA LYS B 508 -16.23 46.66 16.04
C LYS B 508 -17.68 46.72 15.60
N ASN B 509 -18.54 46.04 16.38
CA ASN B 509 -19.99 46.02 16.14
C ASN B 509 -20.32 45.48 14.75
N LYS B 510 -19.69 44.36 14.40
CA LYS B 510 -19.92 43.71 13.13
C LYS B 510 -19.42 42.28 13.21
N CYS B 511 -20.24 41.31 12.80
CA CYS B 511 -19.83 39.92 12.83
C CYS B 511 -18.69 39.72 11.84
N VAL B 512 -17.48 39.51 12.36
CA VAL B 512 -16.28 39.35 11.57
C VAL B 512 -15.49 38.16 12.08
N ASN B 513 -14.59 37.66 11.24
CA ASN B 513 -13.56 36.74 11.68
C ASN B 513 -12.42 37.51 12.31
N PHE B 514 -11.83 36.94 13.36
CA PHE B 514 -10.72 37.59 14.03
C PHE B 514 -9.63 36.56 14.30
N ASN B 515 -8.39 37.06 14.30
CA ASN B 515 -7.20 36.28 14.61
C ASN B 515 -6.37 37.14 15.56
N PHE B 516 -6.65 37.01 16.85
CA PHE B 516 -5.99 37.82 17.88
C PHE B 516 -4.80 37.02 18.42
N ASN B 517 -3.61 37.34 17.91
CA ASN B 517 -2.37 36.75 18.41
C ASN B 517 -2.42 35.23 18.38
N GLY B 518 -2.94 34.67 17.30
CA GLY B 518 -3.05 33.24 17.12
C GLY B 518 -4.37 32.65 17.58
N LEU B 519 -5.20 33.44 18.25
CA LEU B 519 -6.52 33.00 18.68
C LEU B 519 -7.52 33.28 17.56
N THR B 520 -7.98 32.22 16.90
CA THR B 520 -8.89 32.35 15.76
C THR B 520 -10.33 32.22 16.23
N GLY B 521 -11.23 32.97 15.58
CA GLY B 521 -12.63 32.85 15.93
C GLY B 521 -13.49 33.73 15.03
N THR B 522 -14.79 33.68 15.31
CA THR B 522 -15.78 34.47 14.60
C THR B 522 -16.74 35.07 15.60
N GLY B 523 -17.10 36.34 15.41
CA GLY B 523 -18.05 36.96 16.31
C GLY B 523 -18.03 38.47 16.17
N VAL B 524 -18.60 39.12 17.18
CA VAL B 524 -18.74 40.58 17.23
C VAL B 524 -17.92 41.07 18.40
N LEU B 525 -17.08 42.07 18.16
CA LEU B 525 -16.21 42.64 19.17
C LEU B 525 -16.78 43.96 19.64
N THR B 526 -16.98 44.09 20.96
CA THR B 526 -17.44 45.33 21.56
C THR B 526 -16.50 45.74 22.68
N GLU B 527 -16.72 46.93 23.22
CA GLU B 527 -15.91 47.44 24.32
C GLU B 527 -16.51 46.97 25.64
N SER B 528 -15.68 46.34 26.47
CA SER B 528 -16.12 45.81 27.76
C SER B 528 -15.45 46.56 28.89
N ASN B 529 -15.88 46.26 30.11
CA ASN B 529 -15.35 46.88 31.32
C ASN B 529 -14.67 45.89 32.24
N LYS B 530 -14.36 44.69 31.76
CA LYS B 530 -13.65 43.71 32.57
C LYS B 530 -12.26 44.21 32.89
N LYS B 531 -11.72 43.76 34.02
CA LYS B 531 -10.41 44.18 34.50
C LYS B 531 -9.49 42.96 34.54
N PHE B 532 -8.73 42.76 33.47
CA PHE B 532 -7.74 41.71 33.44
C PHE B 532 -6.57 42.07 34.35
N LEU B 533 -5.85 41.04 34.79
CA LEU B 533 -4.56 41.27 35.43
C LEU B 533 -3.54 41.63 34.37
N PRO B 534 -2.44 42.28 34.74
CA PRO B 534 -1.50 42.78 33.73
C PRO B 534 -0.95 41.71 32.80
N PHE B 535 -0.81 40.48 33.27
CA PHE B 535 -0.16 39.43 32.49
C PHE B 535 -1.15 38.54 31.75
N GLN B 536 -2.44 38.84 31.79
CA GLN B 536 -3.46 37.97 31.21
C GLN B 536 -3.88 38.48 29.84
N GLN B 537 -4.11 37.56 28.91
CA GLN B 537 -4.35 37.91 27.52
C GLN B 537 -5.78 37.68 27.05
N PHE B 538 -6.50 36.71 27.61
CA PHE B 538 -7.87 36.45 27.21
C PHE B 538 -8.60 35.75 28.34
N GLY B 539 -9.92 35.67 28.20
CA GLY B 539 -10.76 35.15 29.26
C GLY B 539 -11.76 34.12 28.78
N ARG B 540 -12.06 33.18 29.67
CA ARG B 540 -12.99 32.10 29.38
C ARG B 540 -14.11 32.09 30.41
N ASP B 541 -15.27 31.58 30.01
CA ASP B 541 -16.45 31.52 30.84
C ASP B 541 -16.57 30.14 31.49
N ILE B 542 -17.72 29.88 32.12
CA ILE B 542 -17.93 28.61 32.82
C ILE B 542 -17.79 27.44 31.87
N ALA B 543 -18.29 27.59 30.64
CA ALA B 543 -18.24 26.53 29.64
C ALA B 543 -16.89 26.42 28.94
N ASP B 544 -15.91 27.24 29.35
CA ASP B 544 -14.56 27.20 28.80
C ASP B 544 -14.55 27.52 27.31
N THR B 545 -15.19 28.63 26.95
CA THR B 545 -15.07 29.20 25.61
C THR B 545 -14.73 30.67 25.74
N THR B 546 -13.88 31.15 24.84
CA THR B 546 -13.36 32.51 24.94
C THR B 546 -14.48 33.53 24.85
N ASP B 547 -14.50 34.48 25.79
CA ASP B 547 -15.48 35.55 25.78
C ASP B 547 -14.87 36.94 25.82
N ALA B 548 -13.61 37.07 26.20
CA ALA B 548 -12.92 38.36 26.17
C ALA B 548 -11.54 38.15 25.59
N VAL B 549 -10.99 39.24 25.05
CA VAL B 549 -9.65 39.22 24.46
C VAL B 549 -9.01 40.57 24.72
N ARG B 550 -7.70 40.63 24.59
CA ARG B 550 -6.95 41.87 24.75
C ARG B 550 -6.21 42.18 23.46
N ASP B 551 -6.41 43.38 22.94
CA ASP B 551 -5.76 43.78 21.69
C ASP B 551 -4.25 43.88 21.93
N PRO B 552 -3.43 43.17 21.16
CA PRO B 552 -1.98 43.22 21.41
C PRO B 552 -1.37 44.59 21.24
N GLN B 553 -1.88 45.41 20.32
CA GLN B 553 -1.26 46.72 20.06
C GLN B 553 -1.67 47.73 21.12
N THR B 554 -2.96 48.02 21.23
CA THR B 554 -3.49 48.87 22.29
C THR B 554 -4.05 47.96 23.39
N LEU B 555 -3.61 48.17 24.62
CA LEU B 555 -3.94 47.26 25.72
C LEU B 555 -5.32 47.62 26.26
N GLU B 556 -6.35 47.16 25.52
CA GLU B 556 -7.72 47.34 25.95
C GLU B 556 -8.47 46.03 25.76
N ILE B 557 -9.50 45.84 26.58
CA ILE B 557 -10.25 44.58 26.62
C ILE B 557 -11.43 44.68 25.68
N LEU B 558 -11.59 43.67 24.83
CA LEU B 558 -12.73 43.55 23.93
C LEU B 558 -13.56 42.33 24.32
N ASP B 559 -14.86 42.44 24.16
CA ASP B 559 -15.80 41.40 24.52
C ASP B 559 -16.38 40.79 23.25
N ILE B 560 -16.43 39.46 23.20
CA ILE B 560 -16.78 38.70 22.01
C ILE B 560 -18.18 38.14 22.19
N THR B 561 -19.06 38.39 21.21
CA THR B 561 -20.42 37.89 21.24
C THR B 561 -20.73 37.23 19.91
N PRO B 562 -21.20 35.98 19.89
CA PRO B 562 -21.54 35.35 18.62
C PRO B 562 -22.64 36.14 17.91
N CYS B 563 -22.52 36.27 16.59
CA CYS B 563 -23.52 37.03 15.86
C CYS B 563 -24.78 36.19 15.67
N SER B 564 -25.87 36.89 15.38
CA SER B 564 -27.21 36.34 15.57
C SER B 564 -27.48 35.13 14.69
N PHE B 565 -28.24 34.19 15.24
CA PHE B 565 -28.67 33.00 14.54
C PHE B 565 -29.98 32.54 15.17
N GLY B 566 -30.72 31.72 14.43
CA GLY B 566 -31.97 31.20 14.95
C GLY B 566 -32.76 30.47 13.89
N GLY B 567 -34.03 30.24 14.19
CA GLY B 567 -34.92 29.59 13.26
C GLY B 567 -35.98 30.51 12.71
N VAL B 568 -36.57 30.16 11.58
CA VAL B 568 -37.59 30.96 10.91
C VAL B 568 -38.87 30.14 10.88
N SER B 569 -39.96 30.74 11.34
CA SER B 569 -41.24 30.05 11.43
C SER B 569 -42.31 30.80 10.68
N VAL B 570 -43.01 30.12 9.78
CA VAL B 570 -44.08 30.72 9.00
C VAL B 570 -45.40 30.50 9.72
N ILE B 571 -46.14 31.58 9.93
CA ILE B 571 -47.43 31.56 10.60
C ILE B 571 -48.51 31.71 9.53
N THR B 572 -49.34 30.70 9.37
CA THR B 572 -50.33 30.74 8.31
C THR B 572 -51.72 30.38 8.84
N PRO B 573 -52.76 30.98 8.29
CA PRO B 573 -54.15 30.59 8.62
C PRO B 573 -54.71 29.47 7.77
N GLY B 574 -53.88 28.75 7.03
CA GLY B 574 -54.36 27.69 6.16
C GLY B 574 -54.58 28.17 4.74
N THR B 575 -54.16 27.39 3.76
CA THR B 575 -54.34 27.78 2.37
C THR B 575 -55.80 27.78 1.95
N ASN B 576 -56.67 27.09 2.71
CA ASN B 576 -58.09 27.05 2.37
C ASN B 576 -58.76 28.41 2.54
N THR B 577 -58.21 29.30 3.36
CA THR B 577 -58.82 30.59 3.62
C THR B 577 -58.04 31.76 3.04
N SER B 578 -56.71 31.67 2.97
CA SER B 578 -55.90 32.76 2.46
C SER B 578 -54.54 32.21 2.03
N ASN B 579 -53.79 33.06 1.33
CA ASN B 579 -52.41 32.77 0.96
C ASN B 579 -51.44 33.77 1.56
N GLN B 580 -51.87 34.48 2.60
CA GLN B 580 -51.05 35.48 3.27
C GLN B 580 -50.49 34.89 4.56
N VAL B 581 -49.19 35.07 4.78
CA VAL B 581 -48.50 34.49 5.92
C VAL B 581 -47.71 35.56 6.64
N ALA B 582 -47.37 35.27 7.90
CA ALA B 582 -46.43 36.08 8.67
C ALA B 582 -45.19 35.25 8.94
N VAL B 583 -44.12 35.91 9.37
CA VAL B 583 -42.84 35.25 9.59
C VAL B 583 -42.29 35.64 10.96
N LEU B 584 -41.76 34.66 11.67
CA LEU B 584 -41.13 34.87 12.97
C LEU B 584 -39.67 34.47 12.88
N TYR B 585 -38.78 35.40 13.23
CA TYR B 585 -37.36 35.13 13.40
C TYR B 585 -37.11 34.97 14.89
N GLN B 586 -36.78 33.76 15.31
CA GLN B 586 -36.78 33.41 16.73
C GLN B 586 -35.50 33.92 17.39
N GLY B 587 -35.67 34.70 18.45
CA GLY B 587 -34.53 35.15 19.23
C GLY B 587 -33.56 36.03 18.48
N VAL B 588 -34.04 36.78 17.49
CA VAL B 588 -33.22 37.66 16.68
C VAL B 588 -33.75 39.07 16.81
N ASN B 589 -32.88 40.01 17.17
CA ASN B 589 -33.27 41.41 17.23
C ASN B 589 -33.65 41.89 15.84
N CYS B 590 -34.65 42.77 15.77
CA CYS B 590 -35.20 43.18 14.48
C CYS B 590 -34.21 43.97 13.64
N THR B 591 -33.09 44.41 14.22
CA THR B 591 -32.09 45.13 13.45
C THR B 591 -31.32 44.21 12.50
N GLU B 592 -31.16 42.94 12.88
CA GLU B 592 -30.40 41.99 12.08
C GLU B 592 -31.24 41.25 11.05
N VAL B 593 -32.54 41.53 10.98
CA VAL B 593 -33.41 40.79 10.06
C VAL B 593 -33.02 41.02 8.60
N PRO B 594 -32.85 42.25 8.12
CA PRO B 594 -32.40 42.42 6.73
C PRO B 594 -31.03 41.82 6.45
N VAL B 595 -30.14 41.85 7.44
CA VAL B 595 -28.78 41.36 7.26
C VAL B 595 -28.77 39.86 6.98
N SER B 613 -44.20 43.77 5.70
CA SER B 613 -45.24 44.61 6.29
C SER B 613 -44.76 45.22 7.61
N ASN B 614 -45.65 45.24 8.60
CA ASN B 614 -45.29 45.78 9.90
C ASN B 614 -44.24 44.91 10.58
N VAL B 615 -43.33 45.56 11.30
CA VAL B 615 -42.26 44.88 12.02
C VAL B 615 -42.50 45.06 13.51
N PHE B 616 -42.56 43.95 14.23
CA PHE B 616 -42.89 43.93 15.65
C PHE B 616 -41.80 43.18 16.39
N GLN B 617 -41.49 43.62 17.61
CA GLN B 617 -40.47 42.97 18.43
C GLN B 617 -41.16 42.32 19.63
N THR B 618 -41.23 41.00 19.60
CA THR B 618 -41.78 40.20 20.69
C THR B 618 -40.64 39.56 21.47
N ARG B 619 -40.96 39.06 22.66
CA ARG B 619 -39.98 38.32 23.44
C ARG B 619 -39.53 37.04 22.76
N ALA B 620 -40.38 36.48 21.89
CA ALA B 620 -39.99 35.29 21.14
C ALA B 620 -39.06 35.62 19.98
N GLY B 621 -39.13 36.83 19.45
CA GLY B 621 -38.28 37.21 18.35
C GLY B 621 -38.87 38.38 17.58
N CYS B 622 -38.56 38.44 16.29
CA CYS B 622 -39.00 39.51 15.41
C CYS B 622 -40.12 38.99 14.50
N LEU B 623 -41.23 39.72 14.47
CA LEU B 623 -42.42 39.31 13.74
C LEU B 623 -42.63 40.24 12.55
N ILE B 624 -42.74 39.66 11.36
CA ILE B 624 -42.90 40.40 10.11
C ILE B 624 -44.23 40.01 9.49
N GLY B 625 -45.06 40.99 9.19
CA GLY B 625 -46.32 40.76 8.51
C GLY B 625 -47.55 40.75 9.39
N ALA B 626 -47.43 41.09 10.67
CA ALA B 626 -48.55 41.07 11.59
C ALA B 626 -48.66 42.41 12.29
N GLU B 627 -49.90 42.87 12.50
CA GLU B 627 -50.18 44.15 13.12
C GLU B 627 -50.55 43.94 14.58
N HIS B 628 -49.85 44.61 15.49
CA HIS B 628 -50.03 44.40 16.92
C HIS B 628 -51.15 45.31 17.42
N VAL B 629 -52.33 44.73 17.63
CA VAL B 629 -53.45 45.44 18.23
C VAL B 629 -53.28 45.42 19.74
N ASN B 630 -54.08 46.21 20.45
CA ASN B 630 -54.01 46.27 21.90
C ASN B 630 -55.22 45.59 22.57
N ASN B 631 -55.94 44.76 21.83
CA ASN B 631 -57.07 44.03 22.38
C ASN B 631 -56.58 42.68 22.93
N SER B 632 -57.51 41.84 23.34
CA SER B 632 -57.17 40.52 23.87
C SER B 632 -58.26 39.53 23.50
N TYR B 633 -57.86 38.43 22.86
CA TYR B 633 -58.76 37.35 22.52
C TYR B 633 -58.13 36.03 22.95
N GLU B 634 -58.92 34.96 22.85
CA GLU B 634 -58.39 33.63 23.11
C GLU B 634 -57.36 33.26 22.06
N CYS B 635 -56.36 32.47 22.48
CA CYS B 635 -55.24 32.17 21.60
C CYS B 635 -55.68 31.30 20.43
N ASP B 636 -55.29 31.72 19.23
CA ASP B 636 -55.54 30.94 18.02
C ASP B 636 -54.29 30.19 17.57
N ILE B 637 -53.21 30.92 17.30
CA ILE B 637 -51.93 30.35 16.94
C ILE B 637 -50.91 30.80 17.97
N PRO B 638 -50.25 29.90 18.69
CA PRO B 638 -49.37 30.31 19.78
C PRO B 638 -47.98 30.68 19.27
N ILE B 639 -47.64 31.96 19.40
CA ILE B 639 -46.30 32.42 19.04
C ILE B 639 -45.33 32.24 20.18
N GLY B 640 -45.71 32.66 21.37
CA GLY B 640 -44.89 32.44 22.55
C GLY B 640 -44.80 33.69 23.42
N ALA B 641 -44.36 33.48 24.66
CA ALA B 641 -44.21 34.56 25.64
C ALA B 641 -45.51 35.31 25.88
N GLY B 642 -46.64 34.61 25.80
CA GLY B 642 -47.93 35.23 25.96
C GLY B 642 -48.46 35.91 24.72
N ILE B 643 -47.82 35.71 23.57
CA ILE B 643 -48.20 36.36 22.32
C ILE B 643 -48.80 35.32 21.40
N CYS B 644 -49.99 35.62 20.87
CA CYS B 644 -50.69 34.73 19.94
C CYS B 644 -51.15 35.53 18.73
N ALA B 645 -51.18 34.87 17.58
CA ALA B 645 -51.61 35.47 16.33
C ALA B 645 -52.97 34.94 15.93
N SER B 646 -53.60 35.64 14.98
CA SER B 646 -54.90 35.25 14.46
C SER B 646 -55.10 35.91 13.11
N TYR B 647 -56.16 35.53 12.42
CA TYR B 647 -56.51 36.05 11.10
C TYR B 647 -57.90 36.67 11.20
N GLN B 648 -57.97 38.00 11.24
CA GLN B 648 -59.22 38.68 11.52
C GLN B 648 -59.45 39.83 10.56
N THR B 649 -60.61 40.45 10.68
CA THR B 649 -61.01 41.55 9.80
C THR B 649 -60.93 42.91 10.51
N SER B 662 -58.93 44.87 5.62
CA SER B 662 -60.04 44.00 5.24
C SER B 662 -59.88 42.62 5.85
N GLN B 663 -58.77 41.95 5.55
CA GLN B 663 -58.46 40.63 6.09
C GLN B 663 -56.96 40.62 6.39
N SER B 664 -56.61 40.70 7.67
CA SER B 664 -55.21 40.83 8.06
C SER B 664 -54.89 39.86 9.19
N ILE B 665 -53.61 39.51 9.28
CA ILE B 665 -53.09 38.68 10.36
C ILE B 665 -52.66 39.61 11.48
N ILE B 666 -53.25 39.43 12.66
CA ILE B 666 -52.97 40.28 13.81
C ILE B 666 -52.23 39.46 14.86
N ALA B 667 -51.55 40.18 15.75
CA ALA B 667 -50.86 39.58 16.88
C ALA B 667 -51.31 40.32 18.14
N TYR B 668 -51.44 39.59 19.25
CA TYR B 668 -51.97 40.18 20.47
C TYR B 668 -51.51 39.34 21.66
N THR B 669 -51.94 39.74 22.84
CA THR B 669 -51.64 39.04 24.08
C THR B 669 -52.84 38.19 24.48
N MET B 670 -52.57 37.07 25.15
CA MET B 670 -53.61 36.11 25.47
C MET B 670 -54.64 36.70 26.41
N SER B 671 -55.87 36.25 26.25
CA SER B 671 -56.94 36.49 27.21
C SER B 671 -57.22 35.17 27.92
N LEU B 672 -57.09 35.17 29.25
CA LEU B 672 -57.25 33.95 30.02
C LEU B 672 -58.70 33.60 30.28
N GLY B 673 -59.63 34.17 29.52
CA GLY B 673 -61.04 33.89 29.68
C GLY B 673 -61.80 35.09 30.19
N ALA B 674 -63.10 34.90 30.35
CA ALA B 674 -63.97 35.95 30.82
C ALA B 674 -63.62 36.32 32.26
N GLU B 675 -64.20 37.43 32.72
CA GLU B 675 -63.98 37.94 34.06
C GLU B 675 -65.26 37.82 34.86
N ASN B 676 -65.16 37.23 36.05
CA ASN B 676 -66.34 36.99 36.88
C ASN B 676 -66.03 37.37 38.32
N SER B 677 -67.08 37.72 39.05
CA SER B 677 -66.95 38.08 40.47
C SER B 677 -68.17 37.53 41.18
N VAL B 678 -68.00 36.45 41.94
CA VAL B 678 -69.13 35.84 42.62
C VAL B 678 -69.59 36.73 43.76
N ALA B 679 -70.90 36.99 43.82
CA ALA B 679 -71.45 37.86 44.84
C ALA B 679 -71.45 37.17 46.20
N TYR B 680 -70.39 37.35 46.96
CA TYR B 680 -70.20 36.65 48.23
C TYR B 680 -70.63 37.54 49.38
N SER B 681 -71.42 36.97 50.30
CA SER B 681 -71.74 37.61 51.56
C SER B 681 -72.03 36.52 52.58
N ASN B 682 -71.96 36.87 53.85
CA ASN B 682 -71.99 35.87 54.90
C ASN B 682 -73.39 35.34 55.21
N ASN B 683 -74.40 35.69 54.41
CA ASN B 683 -75.72 35.10 54.59
C ASN B 683 -76.46 34.81 53.29
N SER B 684 -75.79 34.91 52.14
CA SER B 684 -76.42 34.68 50.85
C SER B 684 -75.92 33.37 50.25
N ILE B 685 -76.83 32.54 49.76
CA ILE B 685 -76.50 31.26 49.16
C ILE B 685 -77.26 31.13 47.84
N ALA B 686 -76.61 30.58 46.83
CA ALA B 686 -77.21 30.37 45.53
C ALA B 686 -77.53 28.89 45.36
N ILE B 687 -78.77 28.60 44.97
CA ILE B 687 -79.22 27.22 44.84
C ILE B 687 -79.82 27.00 43.47
N PRO B 688 -79.47 25.93 42.76
CA PRO B 688 -80.01 25.72 41.42
C PRO B 688 -81.47 25.30 41.47
N THR B 689 -82.18 25.60 40.37
CA THR B 689 -83.57 25.22 40.24
C THR B 689 -83.84 24.31 39.05
N ASN B 690 -82.86 24.11 38.16
CA ASN B 690 -83.02 23.23 37.02
C ASN B 690 -81.71 22.50 36.79
N PHE B 691 -81.74 21.50 35.91
CA PHE B 691 -80.55 20.72 35.63
C PHE B 691 -80.41 20.52 34.12
N THR B 692 -79.35 19.82 33.74
CA THR B 692 -79.08 19.53 32.34
C THR B 692 -78.28 18.24 32.27
N ILE B 693 -78.73 17.32 31.42
CA ILE B 693 -78.03 16.07 31.18
C ILE B 693 -77.12 16.28 29.98
N SER B 694 -75.82 16.18 30.19
CA SER B 694 -74.86 16.42 29.12
C SER B 694 -74.06 15.16 28.85
N VAL B 695 -73.62 15.01 27.60
CA VAL B 695 -72.81 13.88 27.17
C VAL B 695 -71.53 14.42 26.55
N THR B 696 -70.39 13.95 27.04
CA THR B 696 -69.09 14.32 26.50
C THR B 696 -68.38 13.08 25.97
N THR B 697 -67.37 13.29 25.16
CA THR B 697 -66.60 12.20 24.58
C THR B 697 -65.14 12.31 24.98
N GLU B 698 -64.50 11.16 25.14
CA GLU B 698 -63.07 11.11 25.42
C GLU B 698 -62.46 9.98 24.62
N ILE B 699 -61.33 10.24 23.96
CA ILE B 699 -60.70 9.30 23.04
C ILE B 699 -59.33 8.91 23.60
N LEU B 700 -59.07 7.61 23.70
CA LEU B 700 -57.81 7.12 24.24
C LEU B 700 -57.25 6.03 23.34
N PRO B 701 -56.00 6.16 22.89
CA PRO B 701 -55.37 5.06 22.14
C PRO B 701 -54.88 3.96 23.07
N VAL B 702 -55.04 2.71 22.62
CA VAL B 702 -54.68 1.57 23.45
C VAL B 702 -53.57 0.72 22.84
N SER B 703 -53.38 0.72 21.52
CA SER B 703 -52.40 -0.16 20.92
C SER B 703 -51.90 0.45 19.62
N MET B 704 -50.77 -0.06 19.14
CA MET B 704 -50.18 0.38 17.89
C MET B 704 -49.78 -0.84 17.06
N THR B 705 -49.37 -0.58 15.82
CA THR B 705 -49.14 -1.65 14.87
C THR B 705 -47.93 -2.50 15.26
N LYS B 706 -48.01 -3.79 14.95
CA LYS B 706 -46.97 -4.76 15.34
C LYS B 706 -46.04 -5.00 14.16
N THR B 707 -45.05 -4.12 14.02
CA THR B 707 -44.05 -4.29 12.98
C THR B 707 -42.88 -5.14 13.51
N SER B 708 -42.06 -5.62 12.58
CA SER B 708 -40.87 -6.37 12.94
C SER B 708 -39.89 -6.31 11.78
N VAL B 709 -38.69 -5.78 12.02
CA VAL B 709 -37.67 -5.61 11.00
C VAL B 709 -36.58 -6.63 11.24
N ASP B 710 -36.40 -7.53 10.28
CA ASP B 710 -35.32 -8.51 10.35
C ASP B 710 -33.97 -7.80 10.23
N CYS B 711 -33.01 -8.23 11.05
CA CYS B 711 -31.74 -7.51 11.14
C CYS B 711 -30.88 -7.72 9.91
N THR B 712 -30.54 -8.99 9.61
CA THR B 712 -29.63 -9.26 8.50
C THR B 712 -30.22 -8.85 7.16
N MET B 713 -31.50 -9.15 6.96
CA MET B 713 -32.12 -8.86 5.66
C MET B 713 -32.17 -7.35 5.39
N TYR B 714 -32.43 -6.55 6.43
CA TYR B 714 -32.45 -5.10 6.23
C TYR B 714 -31.07 -4.58 5.89
N ILE B 715 -30.06 -4.95 6.67
CA ILE B 715 -28.72 -4.41 6.48
C ILE B 715 -28.16 -4.84 5.13
N CYS B 716 -28.31 -6.12 4.79
CA CYS B 716 -27.90 -6.60 3.48
C CYS B 716 -28.61 -7.92 3.20
N GLY B 717 -29.50 -7.91 2.22
CA GLY B 717 -30.39 -9.03 2.00
C GLY B 717 -29.79 -10.22 1.27
N ASP B 718 -29.22 -9.98 0.10
CA ASP B 718 -28.73 -11.06 -0.75
C ASP B 718 -27.24 -11.33 -0.62
N SER B 719 -26.47 -10.37 -0.13
CA SER B 719 -25.02 -10.55 -0.02
C SER B 719 -24.67 -11.59 1.04
N THR B 720 -23.58 -12.31 0.79
CA THR B 720 -23.04 -13.27 1.74
C THR B 720 -21.76 -12.81 2.40
N GLU B 721 -20.91 -12.07 1.69
CA GLU B 721 -19.77 -11.45 2.32
C GLU B 721 -20.22 -10.48 3.41
N CYS B 722 -21.26 -9.69 3.13
CA CYS B 722 -21.78 -8.78 4.14
C CYS B 722 -22.27 -9.53 5.36
N SER B 723 -22.95 -10.66 5.16
CA SER B 723 -23.40 -11.45 6.31
C SER B 723 -22.21 -11.97 7.10
N ASN B 724 -21.15 -12.41 6.40
CA ASN B 724 -19.98 -12.94 7.10
C ASN B 724 -19.30 -11.86 7.94
N LEU B 725 -19.20 -10.64 7.41
CA LEU B 725 -18.70 -9.53 8.23
C LEU B 725 -19.67 -9.18 9.36
N LEU B 726 -20.98 -9.31 9.12
CA LEU B 726 -21.94 -8.97 10.16
C LEU B 726 -21.87 -9.92 11.33
N LEU B 727 -21.50 -11.19 11.09
CA LEU B 727 -21.32 -12.11 12.21
C LEU B 727 -20.22 -11.67 13.15
N GLN B 728 -19.31 -10.79 12.70
CA GLN B 728 -18.22 -10.32 13.55
C GLN B 728 -18.69 -9.35 14.62
N TYR B 729 -19.93 -8.89 14.58
CA TYR B 729 -20.45 -7.93 15.54
C TYR B 729 -21.22 -8.59 16.67
N GLY B 730 -21.14 -9.91 16.80
CA GLY B 730 -21.83 -10.58 17.88
C GLY B 730 -23.34 -10.53 17.71
N SER B 731 -24.04 -10.47 18.84
CA SER B 731 -25.50 -10.50 18.85
C SER B 731 -26.06 -9.08 18.94
N PHE B 732 -25.80 -8.29 17.91
CA PHE B 732 -26.58 -7.08 17.67
C PHE B 732 -27.81 -7.33 16.82
N CYS B 733 -27.98 -8.53 16.28
CA CYS B 733 -29.16 -8.86 15.48
C CYS B 733 -30.14 -9.75 16.23
N THR B 734 -29.89 -10.04 17.50
CA THR B 734 -30.84 -10.75 18.34
C THR B 734 -31.53 -9.83 19.34
N GLN B 735 -30.81 -8.84 19.85
CA GLN B 735 -31.40 -7.89 20.79
C GLN B 735 -32.53 -7.10 20.16
N LEU B 736 -32.33 -6.65 18.91
CA LEU B 736 -33.35 -5.85 18.23
C LEU B 736 -34.63 -6.66 18.03
N ASN B 737 -34.47 -7.91 17.57
CA ASN B 737 -35.64 -8.76 17.35
C ASN B 737 -36.34 -9.07 18.66
N ARG B 738 -35.57 -9.29 19.73
CA ARG B 738 -36.18 -9.53 21.04
C ARG B 738 -36.98 -8.32 21.50
N ALA B 739 -36.43 -7.12 21.31
CA ALA B 739 -37.14 -5.90 21.71
C ALA B 739 -38.44 -5.74 20.94
N LEU B 740 -38.39 -5.95 19.62
CA LEU B 740 -39.60 -5.77 18.81
C LEU B 740 -40.65 -6.82 19.16
N THR B 741 -40.24 -8.05 19.42
CA THR B 741 -41.18 -9.08 19.84
C THR B 741 -41.84 -8.71 21.16
N GLY B 742 -41.05 -8.20 22.11
CA GLY B 742 -41.63 -7.73 23.36
C GLY B 742 -42.65 -6.64 23.14
N ILE B 743 -42.37 -5.71 22.23
CA ILE B 743 -43.31 -4.63 21.95
C ILE B 743 -44.62 -5.18 21.40
N ALA B 744 -44.54 -6.14 20.47
CA ALA B 744 -45.76 -6.70 19.88
C ALA B 744 -46.61 -7.41 20.93
N VAL B 745 -45.97 -8.22 21.78
CA VAL B 745 -46.69 -8.91 22.85
C VAL B 745 -47.32 -7.89 23.79
N GLU B 746 -46.62 -6.78 24.03
CA GLU B 746 -47.16 -5.71 24.87
C GLU B 746 -48.43 -5.12 24.26
N GLN B 747 -48.45 -4.92 22.94
CA GLN B 747 -49.64 -4.37 22.30
C GLN B 747 -50.83 -5.31 22.45
N ASP B 748 -50.61 -6.60 22.25
CA ASP B 748 -51.69 -7.56 22.44
C ASP B 748 -52.20 -7.54 23.87
N LYS B 749 -51.29 -7.48 24.85
CA LYS B 749 -51.70 -7.42 26.24
C LYS B 749 -52.49 -6.16 26.54
N ASN B 750 -52.12 -5.03 25.93
CA ASN B 750 -52.85 -3.78 26.13
C ASN B 750 -54.30 -3.92 25.71
N THR B 751 -54.53 -4.39 24.48
CA THR B 751 -55.90 -4.56 24.03
C THR B 751 -56.66 -5.55 24.91
N GLN B 752 -56.01 -6.66 25.27
CA GLN B 752 -56.64 -7.66 26.11
C GLN B 752 -57.09 -7.08 27.44
N GLU B 753 -56.23 -6.30 28.09
CA GLU B 753 -56.55 -5.79 29.42
C GLU B 753 -57.56 -4.66 29.37
N VAL B 754 -57.63 -3.90 28.27
CA VAL B 754 -58.64 -2.85 28.19
C VAL B 754 -60.02 -3.45 27.95
N PHE B 755 -60.16 -4.26 26.90
CA PHE B 755 -61.52 -4.60 26.47
C PHE B 755 -62.08 -5.84 27.16
N ALA B 756 -61.27 -6.87 27.38
CA ALA B 756 -61.76 -8.12 27.96
C ALA B 756 -61.87 -7.95 29.47
N GLN B 757 -62.96 -7.33 29.90
CA GLN B 757 -63.25 -7.15 31.32
C GLN B 757 -64.59 -7.74 31.72
N VAL B 758 -65.23 -8.49 30.82
CA VAL B 758 -66.52 -9.11 31.09
C VAL B 758 -66.35 -10.61 30.92
N LYS B 759 -66.87 -11.38 31.87
CA LYS B 759 -66.72 -12.83 31.84
C LYS B 759 -67.64 -13.47 30.81
N GLN B 760 -68.85 -12.95 30.68
CA GLN B 760 -69.86 -13.51 29.81
C GLN B 760 -70.14 -12.55 28.65
N ILE B 761 -71.14 -12.89 27.84
CA ILE B 761 -71.56 -12.06 26.72
C ILE B 761 -73.06 -11.82 26.91
N TYR B 762 -73.41 -10.61 27.34
CA TYR B 762 -74.81 -10.27 27.58
C TYR B 762 -75.47 -9.75 26.32
N LYS B 763 -76.78 -9.95 26.23
CA LYS B 763 -77.56 -9.51 25.09
C LYS B 763 -78.74 -8.69 25.57
N THR B 764 -79.03 -7.62 24.85
CA THR B 764 -80.19 -6.80 25.15
C THR B 764 -81.46 -7.49 24.68
N PRO B 765 -82.57 -7.32 25.42
CA PRO B 765 -83.81 -8.00 25.04
C PRO B 765 -84.36 -7.45 23.73
N PRO B 766 -85.08 -8.27 22.97
CA PRO B 766 -85.68 -7.77 21.73
C PRO B 766 -86.66 -6.62 21.94
N ILE B 767 -87.39 -6.62 23.04
CA ILE B 767 -88.25 -5.50 23.39
C ILE B 767 -87.39 -4.41 24.02
N LYS B 768 -87.50 -3.20 23.49
CA LYS B 768 -86.55 -2.14 23.86
C LYS B 768 -87.28 -0.90 24.38
N ASP B 769 -88.19 -1.08 25.32
CA ASP B 769 -88.90 0.02 25.97
C ASP B 769 -88.23 0.33 27.32
N PHE B 770 -87.21 1.19 27.28
CA PHE B 770 -86.42 1.52 28.45
C PHE B 770 -86.95 2.75 29.18
N GLY B 771 -88.26 2.99 29.14
CA GLY B 771 -88.84 4.10 29.85
C GLY B 771 -88.76 5.44 29.14
N GLY B 772 -88.33 5.46 27.88
CA GLY B 772 -88.18 6.68 27.12
C GLY B 772 -86.77 6.91 26.61
N PHE B 773 -85.77 6.38 27.30
CA PHE B 773 -84.39 6.48 26.86
C PHE B 773 -84.19 5.64 25.61
N ASN B 774 -83.44 6.18 24.66
CA ASN B 774 -83.29 5.60 23.33
C ASN B 774 -81.81 5.39 23.06
N PHE B 775 -81.37 4.13 23.12
CA PHE B 775 -79.97 3.76 22.95
C PHE B 775 -79.66 3.27 21.54
N SER B 776 -80.39 3.75 20.54
CA SER B 776 -80.23 3.23 19.19
C SER B 776 -78.87 3.62 18.59
N GLN B 777 -78.36 4.79 18.95
CA GLN B 777 -77.10 5.27 18.38
C GLN B 777 -75.88 4.52 18.89
N ILE B 778 -76.00 3.76 19.98
CA ILE B 778 -74.88 3.06 20.56
C ILE B 778 -75.03 1.55 20.50
N LEU B 779 -76.27 1.04 20.50
CA LEU B 779 -76.46 -0.40 20.41
C LEU B 779 -76.09 -0.91 19.03
N PRO B 780 -75.69 -2.18 18.92
CA PRO B 780 -75.31 -2.71 17.60
C PRO B 780 -76.48 -2.69 16.63
N ASP B 781 -76.16 -2.45 15.36
CA ASP B 781 -77.16 -2.40 14.31
C ASP B 781 -77.08 -3.68 13.49
N PRO B 782 -78.06 -4.60 13.61
CA PRO B 782 -77.93 -5.90 12.95
C PRO B 782 -78.00 -5.84 11.43
N SER B 783 -78.52 -4.75 10.87
CA SER B 783 -78.63 -4.65 9.41
C SER B 783 -77.26 -4.66 8.74
N LYS B 784 -76.32 -3.93 9.31
CA LYS B 784 -74.98 -3.86 8.71
C LYS B 784 -74.28 -5.21 8.84
N PRO B 785 -73.50 -5.61 7.82
CA PRO B 785 -72.77 -6.88 7.92
C PRO B 785 -71.75 -6.89 9.06
N SER B 786 -71.17 -5.75 9.39
CA SER B 786 -70.16 -5.67 10.44
C SER B 786 -70.75 -5.66 11.84
N LYS B 787 -72.06 -5.44 11.97
CA LYS B 787 -72.76 -5.42 13.26
C LYS B 787 -72.24 -4.32 14.19
N ARG B 788 -71.64 -3.28 13.64
CA ARG B 788 -71.22 -2.13 14.43
C ARG B 788 -72.36 -1.13 14.55
N SER B 789 -72.28 -0.30 15.57
CA SER B 789 -73.32 0.70 15.81
C SER B 789 -73.14 1.89 14.88
N PHE B 790 -74.03 2.87 14.99
CA PHE B 790 -73.95 4.06 14.16
C PHE B 790 -72.66 4.83 14.42
N ILE B 791 -72.40 5.13 15.70
CA ILE B 791 -71.23 5.92 16.06
C ILE B 791 -69.95 5.15 15.78
N GLU B 792 -69.97 3.83 16.00
CA GLU B 792 -68.78 3.04 15.69
C GLU B 792 -68.49 3.04 14.19
N ASP B 793 -69.52 2.95 13.35
CA ASP B 793 -69.31 3.04 11.91
C ASP B 793 -68.75 4.40 11.53
N LEU B 794 -69.27 5.47 12.13
CA LEU B 794 -68.72 6.80 11.85
C LEU B 794 -67.26 6.88 12.25
N LEU B 795 -66.90 6.32 13.40
CA LEU B 795 -65.52 6.38 13.87
C LEU B 795 -64.59 5.60 12.95
N PHE B 796 -64.99 4.40 12.55
CA PHE B 796 -64.15 3.61 11.66
C PHE B 796 -64.05 4.23 10.27
N ASN B 797 -65.08 4.93 9.82
CA ASN B 797 -65.02 5.57 8.51
C ASN B 797 -64.13 6.81 8.53
N LYS B 798 -64.20 7.60 9.61
CA LYS B 798 -63.43 8.84 9.67
C LYS B 798 -61.94 8.58 9.64
N VAL B 799 -61.47 7.59 10.41
CA VAL B 799 -60.04 7.30 10.47
C VAL B 799 -59.58 6.64 9.19
N PHE B 828 -39.54 -5.31 0.42
CA PHE B 828 -39.95 -4.73 1.70
C PHE B 828 -38.74 -4.36 2.54
N ASN B 829 -37.56 -4.75 2.07
CA ASN B 829 -36.31 -4.57 2.82
C ASN B 829 -36.35 -5.29 4.16
N GLY B 830 -37.01 -6.45 4.21
CA GLY B 830 -36.95 -7.29 5.38
C GLY B 830 -37.80 -6.85 6.56
N LEU B 831 -38.92 -6.18 6.33
CA LEU B 831 -39.82 -5.78 7.40
C LEU B 831 -41.19 -6.39 7.17
N THR B 832 -41.82 -6.83 8.26
CA THR B 832 -43.11 -7.49 8.21
C THR B 832 -44.04 -6.85 9.24
N VAL B 833 -45.35 -7.03 9.02
CA VAL B 833 -46.38 -6.49 9.91
C VAL B 833 -47.30 -7.63 10.32
N LEU B 834 -47.34 -7.92 11.61
CA LEU B 834 -48.16 -9.01 12.12
C LEU B 834 -49.60 -8.55 12.31
N PRO B 835 -50.56 -9.47 12.25
CA PRO B 835 -51.95 -9.10 12.50
C PRO B 835 -52.29 -9.21 13.97
N PRO B 836 -53.17 -8.35 14.47
CA PRO B 836 -53.56 -8.43 15.89
C PRO B 836 -54.31 -9.71 16.20
N LEU B 837 -54.15 -10.18 17.43
CA LEU B 837 -54.78 -11.42 17.84
C LEU B 837 -56.30 -11.29 17.94
N LEU B 838 -56.79 -10.13 18.34
CA LEU B 838 -58.22 -9.88 18.46
C LEU B 838 -58.70 -9.09 17.25
N THR B 839 -59.57 -9.70 16.45
CA THR B 839 -60.12 -8.98 15.31
C THR B 839 -61.14 -7.95 15.77
N ASP B 840 -61.41 -6.96 14.91
CA ASP B 840 -62.29 -5.87 15.27
C ASP B 840 -63.70 -6.35 15.59
N GLU B 841 -64.12 -7.48 15.01
CA GLU B 841 -65.43 -8.02 15.34
C GLU B 841 -65.50 -8.44 16.81
N MET B 842 -64.43 -9.03 17.33
CA MET B 842 -64.42 -9.42 18.73
C MET B 842 -64.35 -8.21 19.65
N ILE B 843 -63.66 -7.16 19.25
CA ILE B 843 -63.67 -5.91 20.02
C ILE B 843 -65.09 -5.35 20.08
N ALA B 844 -65.78 -5.34 18.95
CA ALA B 844 -67.16 -4.88 18.94
C ALA B 844 -68.04 -5.76 19.81
N GLN B 845 -67.77 -7.07 19.84
CA GLN B 845 -68.55 -7.98 20.68
C GLN B 845 -68.35 -7.68 22.16
N TYR B 846 -67.10 -7.44 22.58
CA TYR B 846 -66.85 -6.97 23.94
C TYR B 846 -67.60 -5.68 24.26
N THR B 847 -67.51 -4.68 23.39
CA THR B 847 -68.18 -3.42 23.69
C THR B 847 -69.69 -3.60 23.77
N SER B 848 -70.26 -4.43 22.89
CA SER B 848 -71.70 -4.69 22.93
C SER B 848 -72.09 -5.41 24.21
N ALA B 849 -71.28 -6.37 24.65
CA ALA B 849 -71.57 -7.05 25.91
C ALA B 849 -71.54 -6.09 27.08
N LEU B 850 -70.55 -5.19 27.11
CA LEU B 850 -70.48 -4.20 28.18
C LEU B 850 -71.68 -3.27 28.17
N LEU B 851 -72.09 -2.83 26.97
CA LEU B 851 -73.26 -1.95 26.87
C LEU B 851 -74.52 -2.66 27.34
N ALA B 852 -74.71 -3.91 26.92
CA ALA B 852 -75.91 -4.65 27.32
C ALA B 852 -75.94 -4.88 28.82
N GLY B 853 -74.78 -5.21 29.41
CA GLY B 853 -74.72 -5.38 30.85
C GLY B 853 -75.02 -4.10 31.60
N THR B 854 -74.47 -2.97 31.12
CA THR B 854 -74.72 -1.69 31.78
C THR B 854 -76.19 -1.31 31.71
N ILE B 855 -76.80 -1.46 30.54
CA ILE B 855 -78.19 -1.05 30.38
C ILE B 855 -79.12 -1.95 31.17
N THR B 856 -78.86 -3.26 31.17
CA THR B 856 -79.79 -4.21 31.76
C THR B 856 -79.57 -4.41 33.26
N SER B 857 -78.31 -4.51 33.70
CA SER B 857 -78.00 -4.84 35.08
C SER B 857 -77.68 -3.62 35.94
N GLY B 858 -76.82 -2.74 35.47
CA GLY B 858 -76.34 -1.63 36.28
C GLY B 858 -74.87 -1.77 36.57
N TRP B 859 -74.46 -1.55 37.81
CA TRP B 859 -73.09 -1.85 38.20
C TRP B 859 -72.94 -3.24 38.80
N THR B 860 -74.02 -4.02 38.86
CA THR B 860 -73.96 -5.31 39.52
C THR B 860 -73.22 -6.35 38.70
N PHE B 861 -73.21 -6.21 37.37
CA PHE B 861 -72.58 -7.22 36.53
C PHE B 861 -71.06 -7.21 36.60
N GLY B 862 -70.47 -6.18 37.20
CA GLY B 862 -69.04 -6.11 37.38
C GLY B 862 -68.56 -6.43 38.78
N ALA B 863 -69.44 -6.91 39.67
CA ALA B 863 -69.07 -7.21 41.04
C ALA B 863 -69.66 -8.52 41.52
N GLY B 864 -70.03 -9.40 40.62
CA GLY B 864 -70.67 -10.66 40.98
C GLY B 864 -71.66 -11.08 39.90
N PRO B 865 -72.79 -11.61 40.35
CA PRO B 865 -73.82 -12.06 39.42
C PRO B 865 -74.67 -10.89 38.93
N ALA B 866 -74.95 -10.88 37.64
CA ALA B 866 -75.74 -9.80 37.06
C ALA B 866 -77.18 -9.87 37.53
N LEU B 867 -77.71 -8.75 37.99
CA LEU B 867 -79.06 -8.66 38.52
C LEU B 867 -79.84 -7.59 37.76
N GLN B 868 -80.98 -7.97 37.22
CA GLN B 868 -81.76 -7.05 36.40
C GLN B 868 -82.45 -6.00 37.26
N ILE B 869 -82.74 -4.86 36.64
CA ILE B 869 -83.41 -3.75 37.31
C ILE B 869 -83.95 -2.80 36.23
N PRO B 870 -85.16 -2.27 36.37
CA PRO B 870 -85.66 -1.33 35.37
C PRO B 870 -84.76 -0.11 35.25
N PHE B 871 -84.62 0.39 34.01
CA PHE B 871 -83.67 1.48 33.78
C PHE B 871 -84.08 2.76 34.49
N PRO B 872 -85.38 3.02 34.64
CA PRO B 872 -85.80 4.19 35.40
C PRO B 872 -85.32 4.09 36.85
N MET B 873 -85.42 2.90 37.45
CA MET B 873 -84.95 2.72 38.82
C MET B 873 -83.44 2.84 38.91
N GLN B 874 -82.73 2.38 37.88
CA GLN B 874 -81.27 2.53 37.87
C GLN B 874 -80.87 4.01 37.79
N MET B 875 -81.55 4.79 36.96
CA MET B 875 -81.34 6.23 36.95
C MET B 875 -81.67 6.87 38.29
N ALA B 876 -82.71 6.40 38.97
CA ALA B 876 -83.02 6.93 40.29
C ALA B 876 -81.91 6.64 41.28
N TYR B 877 -81.37 5.43 41.24
CA TYR B 877 -80.24 5.07 42.09
C TYR B 877 -79.04 5.96 41.77
N ARG B 878 -78.82 6.28 40.50
CA ARG B 878 -77.65 7.06 40.13
C ARG B 878 -77.80 8.53 40.49
N PHE B 879 -79.02 9.08 40.44
CA PHE B 879 -79.24 10.40 41.03
C PHE B 879 -79.03 10.37 42.53
N ASN B 880 -79.52 9.32 43.20
CA ASN B 880 -79.37 9.24 44.64
C ASN B 880 -77.91 9.22 45.05
N GLY B 881 -77.01 8.82 44.15
CA GLY B 881 -75.59 8.77 44.40
C GLY B 881 -74.83 10.05 44.21
N ILE B 882 -75.47 11.13 43.76
CA ILE B 882 -74.83 12.43 43.64
C ILE B 882 -75.47 13.47 44.54
N GLY B 883 -76.42 13.08 45.38
CA GLY B 883 -77.04 13.98 46.32
C GLY B 883 -78.41 14.51 45.93
N VAL B 884 -79.03 13.97 44.89
CA VAL B 884 -80.35 14.38 44.45
C VAL B 884 -81.33 13.27 44.77
N THR B 885 -82.47 13.63 45.35
CA THR B 885 -83.43 12.64 45.84
C THR B 885 -84.07 11.92 44.66
N GLN B 886 -84.58 10.71 44.93
CA GLN B 886 -85.18 9.89 43.89
C GLN B 886 -86.36 10.58 43.22
N ASN B 887 -87.17 11.30 44.00
CA ASN B 887 -88.40 11.88 43.47
C ASN B 887 -88.14 12.89 42.37
N VAL B 888 -86.91 13.40 42.26
CA VAL B 888 -86.59 14.32 41.17
C VAL B 888 -86.68 13.62 39.83
N LEU B 889 -86.18 12.38 39.77
CA LEU B 889 -86.24 11.63 38.52
C LEU B 889 -87.67 11.29 38.12
N TYR B 890 -88.43 10.71 39.05
CA TYR B 890 -89.75 10.18 38.71
C TYR B 890 -90.72 11.28 38.31
N GLU B 891 -90.50 12.51 38.76
CA GLU B 891 -91.35 13.63 38.40
C GLU B 891 -90.87 14.37 37.15
N ASN B 892 -89.70 14.02 36.63
CA ASN B 892 -89.16 14.65 35.42
C ASN B 892 -88.57 13.61 34.50
N GLN B 893 -89.24 12.45 34.39
CA GLN B 893 -88.71 11.35 33.59
C GLN B 893 -88.67 11.71 32.10
N LYS B 894 -89.76 12.29 31.58
CA LYS B 894 -89.82 12.61 30.17
C LYS B 894 -88.81 13.66 29.78
N LEU B 895 -88.67 14.70 30.60
CA LEU B 895 -87.71 15.77 30.31
C LEU B 895 -86.29 15.23 30.26
N ILE B 896 -85.92 14.38 31.21
CA ILE B 896 -84.58 13.82 31.27
C ILE B 896 -84.34 12.90 30.07
N ALA B 897 -85.34 12.10 29.70
CA ALA B 897 -85.19 11.23 28.54
C ALA B 897 -84.97 12.05 27.27
N ASN B 898 -85.74 13.13 27.10
CA ASN B 898 -85.58 13.98 25.93
C ASN B 898 -84.20 14.61 25.90
N GLN B 899 -83.71 15.09 27.06
CA GLN B 899 -82.39 15.68 27.11
C GLN B 899 -81.31 14.67 26.74
N PHE B 900 -81.44 13.44 27.25
CA PHE B 900 -80.45 12.41 26.93
C PHE B 900 -80.44 12.10 25.44
N ASN B 901 -81.62 11.96 24.84
CA ASN B 901 -81.69 11.65 23.41
C ASN B 901 -81.10 12.78 22.58
N SER B 902 -81.43 14.03 22.93
CA SER B 902 -80.87 15.16 22.20
C SER B 902 -79.36 15.21 22.32
N ALA B 903 -78.83 14.93 23.52
CA ALA B 903 -77.38 14.94 23.71
C ALA B 903 -76.70 13.87 22.87
N ILE B 904 -77.28 12.66 22.80
CA ILE B 904 -76.69 11.62 21.98
C ILE B 904 -76.68 12.02 20.50
N GLY B 905 -77.80 12.58 20.02
CA GLY B 905 -77.83 13.05 18.65
C GLY B 905 -76.79 14.11 18.38
N LYS B 906 -76.61 15.04 19.32
CA LYS B 906 -75.60 16.09 19.15
C LYS B 906 -74.20 15.50 19.13
N ILE B 907 -73.94 14.47 19.93
CA ILE B 907 -72.65 13.79 19.87
C ILE B 907 -72.40 13.23 18.49
N GLN B 908 -73.41 12.56 17.92
CA GLN B 908 -73.23 12.02 16.58
C GLN B 908 -72.93 13.12 15.57
N ASP B 909 -73.69 14.21 15.64
CA ASP B 909 -73.48 15.31 14.69
C ASP B 909 -72.10 15.93 14.85
N SER B 910 -71.67 16.16 16.10
CA SER B 910 -70.37 16.78 16.34
C SER B 910 -69.24 15.89 15.86
N LEU B 911 -69.34 14.58 16.10
CA LEU B 911 -68.31 13.67 15.60
C LEU B 911 -68.29 13.65 14.07
N SER B 912 -69.47 13.66 13.45
CA SER B 912 -69.52 13.58 11.99
C SER B 912 -69.03 14.86 11.32
N SER B 913 -69.27 16.02 11.94
CA SER B 913 -68.97 17.28 11.28
C SER B 913 -67.47 17.57 11.26
N THR B 914 -66.86 17.70 12.42
CA THR B 914 -65.46 18.05 12.51
C THR B 914 -64.59 16.81 12.26
N PRO B 915 -63.57 16.96 11.42
CA PRO B 915 -62.69 15.84 11.10
C PRO B 915 -61.50 15.73 12.03
N SER B 916 -61.12 16.82 12.71
CA SER B 916 -59.97 16.83 13.60
C SER B 916 -60.32 16.42 15.03
N ALA B 917 -61.39 15.68 15.22
CA ALA B 917 -61.75 15.22 16.56
C ALA B 917 -60.84 14.10 17.03
N LEU B 918 -60.49 13.18 16.14
CA LEU B 918 -59.69 12.00 16.50
C LEU B 918 -58.20 12.27 16.26
N GLY B 919 -57.70 13.25 16.99
CA GLY B 919 -56.32 13.67 16.80
C GLY B 919 -55.31 12.63 17.25
N LYS B 920 -55.57 11.95 18.37
CA LYS B 920 -54.56 11.12 18.99
C LYS B 920 -54.29 9.85 18.19
N LEU B 921 -55.35 9.18 17.74
CA LEU B 921 -55.17 7.95 16.97
C LEU B 921 -54.44 8.22 15.66
N GLN B 922 -54.85 9.27 14.94
CA GLN B 922 -54.17 9.65 13.72
C GLN B 922 -52.73 10.05 14.00
N ASN B 923 -52.48 10.72 15.12
CA ASN B 923 -51.12 11.10 15.46
C ASN B 923 -50.24 9.88 15.66
N VAL B 924 -50.76 8.86 16.34
CA VAL B 924 -49.99 7.63 16.56
C VAL B 924 -49.68 6.96 15.23
N VAL B 925 -50.69 6.85 14.37
CA VAL B 925 -50.49 6.19 13.07
C VAL B 925 -49.46 6.94 12.25
N ASN B 926 -49.57 8.27 12.22
CA ASN B 926 -48.63 9.09 11.44
C ASN B 926 -47.21 8.95 11.97
N GLN B 927 -47.04 8.93 13.30
CA GLN B 927 -45.70 8.79 13.87
C GLN B 927 -45.07 7.47 13.46
N ASN B 928 -45.83 6.38 13.55
CA ASN B 928 -45.27 5.08 13.17
C ASN B 928 -44.91 5.05 11.69
N ALA B 929 -45.80 5.58 10.84
CA ALA B 929 -45.53 5.57 9.41
C ALA B 929 -44.31 6.41 9.07
N GLN B 930 -44.16 7.58 9.70
CA GLN B 930 -43.00 8.42 9.44
C GLN B 930 -41.71 7.74 9.88
N ALA B 931 -41.75 7.05 11.02
CA ALA B 931 -40.55 6.35 11.48
C ALA B 931 -40.14 5.28 10.48
N LEU B 932 -41.09 4.47 10.02
CA LEU B 932 -40.76 3.42 9.06
C LEU B 932 -40.26 4.01 7.74
N ASN B 933 -40.89 5.09 7.27
CA ASN B 933 -40.45 5.74 6.05
C ASN B 933 -39.03 6.27 6.19
N THR B 934 -38.71 6.88 7.33
CA THR B 934 -37.37 7.39 7.55
C THR B 934 -36.35 6.26 7.54
N LEU B 935 -36.68 5.12 8.15
CA LEU B 935 -35.76 3.99 8.11
C LEU B 935 -35.50 3.54 6.67
N VAL B 936 -36.56 3.39 5.89
CA VAL B 936 -36.41 2.91 4.52
C VAL B 936 -35.60 3.90 3.68
N LYS B 937 -35.87 5.20 3.85
CA LYS B 937 -35.09 6.21 3.13
C LYS B 937 -33.63 6.18 3.56
N GLN B 938 -33.37 6.00 4.85
CA GLN B 938 -32.00 5.93 5.34
C GLN B 938 -31.26 4.71 4.82
N LEU B 939 -31.98 3.69 4.36
CA LEU B 939 -31.30 2.51 3.82
C LEU B 939 -30.40 2.85 2.65
N SER B 940 -30.72 3.90 1.89
CA SER B 940 -29.94 4.28 0.70
C SER B 940 -29.10 5.52 1.02
N SER B 941 -27.93 5.28 1.61
CA SER B 941 -27.00 6.37 1.92
C SER B 941 -25.58 5.83 1.87
N ASN B 942 -24.63 6.73 1.67
CA ASN B 942 -23.23 6.34 1.50
C ASN B 942 -22.55 6.07 2.83
N PHE B 943 -22.81 6.92 3.83
CA PHE B 943 -22.18 6.81 5.15
C PHE B 943 -20.66 6.88 5.07
N GLY B 944 -20.14 7.63 4.10
CA GLY B 944 -18.73 7.75 3.89
C GLY B 944 -18.14 6.83 2.84
N ALA B 945 -18.89 5.83 2.40
CA ALA B 945 -18.43 4.93 1.35
C ALA B 945 -18.65 5.56 -0.02
N ILE B 946 -18.11 4.89 -1.05
CA ILE B 946 -18.18 5.43 -2.40
C ILE B 946 -19.61 5.39 -2.94
N SER B 947 -20.35 4.34 -2.61
CA SER B 947 -21.71 4.19 -3.12
C SER B 947 -22.57 3.51 -2.06
N SER B 948 -23.88 3.74 -2.16
CA SER B 948 -24.83 3.15 -1.22
C SER B 948 -25.13 1.70 -1.56
N VAL B 949 -25.35 1.40 -2.83
CA VAL B 949 -25.60 0.02 -3.25
C VAL B 949 -24.31 -0.78 -3.15
N LEU B 950 -24.40 -1.97 -2.58
CA LEU B 950 -23.21 -2.77 -2.32
C LEU B 950 -22.83 -3.68 -3.48
N ASN B 951 -23.68 -3.81 -4.50
CA ASN B 951 -23.28 -4.54 -5.70
C ASN B 951 -22.13 -3.82 -6.40
N ASP B 952 -22.21 -2.48 -6.49
CA ASP B 952 -21.09 -1.71 -7.01
C ASP B 952 -19.87 -1.78 -6.10
N ILE B 953 -20.09 -1.96 -4.79
CA ILE B 953 -18.96 -2.14 -3.87
C ILE B 953 -18.25 -3.45 -4.16
N LEU B 954 -19.01 -4.51 -4.40
CA LEU B 954 -18.44 -5.85 -4.51
C LEU B 954 -18.01 -6.23 -5.92
N SER B 955 -18.49 -5.50 -6.94
CA SER B 955 -18.16 -5.82 -8.33
C SER B 955 -17.01 -5.00 -8.87
N ARG B 956 -16.88 -3.74 -8.46
CA ARG B 956 -15.87 -2.84 -9.00
C ARG B 956 -14.64 -2.69 -8.12
N LEU B 957 -14.52 -3.49 -7.07
CA LEU B 957 -13.42 -3.32 -6.13
C LEU B 957 -12.80 -4.66 -5.77
N ASP B 958 -11.54 -4.61 -5.39
CA ASP B 958 -10.80 -5.72 -4.82
C ASP B 958 -11.26 -6.02 -3.40
N PRO B 959 -10.96 -7.20 -2.88
CA PRO B 959 -11.50 -7.61 -1.56
C PRO B 959 -11.19 -6.62 -0.44
N PRO B 960 -9.98 -6.01 -0.38
CA PRO B 960 -9.73 -5.09 0.74
C PRO B 960 -10.63 -3.86 0.76
N GLU B 961 -10.63 -3.10 -0.34
CA GLU B 961 -11.44 -1.89 -0.41
C GLU B 961 -12.93 -2.22 -0.34
N ALA B 962 -13.34 -3.29 -1.02
CA ALA B 962 -14.74 -3.71 -0.91
C ALA B 962 -15.10 -4.02 0.52
N GLU B 963 -14.20 -4.69 1.25
CA GLU B 963 -14.45 -5.03 2.64
C GLU B 963 -14.60 -3.78 3.50
N VAL B 964 -13.73 -2.79 3.29
CA VAL B 964 -13.81 -1.59 4.14
C VAL B 964 -15.07 -0.79 3.83
N GLN B 965 -15.45 -0.70 2.55
CA GLN B 965 -16.69 0.00 2.21
C GLN B 965 -17.90 -0.73 2.78
N ILE B 966 -17.89 -2.06 2.72
CA ILE B 966 -18.99 -2.84 3.29
C ILE B 966 -19.06 -2.63 4.79
N ASP B 967 -17.91 -2.54 5.46
CA ASP B 967 -17.91 -2.29 6.90
C ASP B 967 -18.51 -0.92 7.21
N ARG B 968 -18.16 0.09 6.41
CA ARG B 968 -18.74 1.43 6.63
C ARG B 968 -20.25 1.39 6.48
N LEU B 969 -20.74 0.74 5.42
CA LEU B 969 -22.18 0.61 5.21
C LEU B 969 -22.83 -0.12 6.37
N ILE B 970 -22.19 -1.19 6.86
CA ILE B 970 -22.76 -1.99 7.94
C ILE B 970 -22.89 -1.14 9.20
N THR B 971 -21.84 -0.38 9.52
CA THR B 971 -21.90 0.46 10.72
C THR B 971 -23.01 1.49 10.62
N GLY B 972 -23.14 2.15 9.47
CA GLY B 972 -24.21 3.14 9.32
C GLY B 972 -25.59 2.53 9.48
N ARG B 973 -25.82 1.41 8.79
CA ARG B 973 -27.14 0.79 8.84
C ARG B 973 -27.47 0.27 10.23
N LEU B 974 -26.47 -0.29 10.93
CA LEU B 974 -26.69 -0.77 12.28
C LEU B 974 -27.03 0.38 13.23
N GLN B 975 -26.36 1.52 13.08
CA GLN B 975 -26.70 2.68 13.89
C GLN B 975 -28.14 3.12 13.64
N SER B 976 -28.55 3.14 12.36
CA SER B 976 -29.93 3.54 12.05
C SER B 976 -30.94 2.59 12.67
N LEU B 977 -30.67 1.27 12.60
CA LEU B 977 -31.60 0.31 13.18
C LEU B 977 -31.69 0.46 14.70
N GLN B 978 -30.55 0.70 15.36
CA GLN B 978 -30.58 0.91 16.81
C GLN B 978 -31.40 2.14 17.17
N THR B 979 -31.24 3.23 16.43
CA THR B 979 -32.03 4.42 16.70
C THR B 979 -33.52 4.14 16.55
N TYR B 980 -33.90 3.43 15.50
CA TYR B 980 -35.31 3.10 15.30
C TYR B 980 -35.85 2.28 16.46
N VAL B 981 -35.11 1.27 16.90
CA VAL B 981 -35.60 0.40 17.97
C VAL B 981 -35.75 1.18 19.27
N THR B 982 -34.79 2.07 19.57
CA THR B 982 -34.89 2.85 20.80
C THR B 982 -36.13 3.74 20.80
N GLN B 983 -36.37 4.46 19.70
CA GLN B 983 -37.55 5.31 19.67
C GLN B 983 -38.83 4.50 19.73
N GLN B 984 -38.83 3.28 19.15
CA GLN B 984 -40.00 2.42 19.26
C GLN B 984 -40.25 2.01 20.71
N LEU B 985 -39.19 1.73 21.46
CA LEU B 985 -39.37 1.36 22.86
C LEU B 985 -39.98 2.51 23.67
N ILE B 986 -39.50 3.73 23.42
CA ILE B 986 -40.05 4.88 24.14
C ILE B 986 -41.52 5.08 23.79
N ARG B 987 -41.85 5.01 22.50
CA ARG B 987 -43.25 5.17 22.08
C ARG B 987 -44.14 4.10 22.68
N ALA B 988 -43.64 2.86 22.74
CA ALA B 988 -44.41 1.78 23.32
C ALA B 988 -44.67 2.00 24.80
N ALA B 989 -43.69 2.53 25.53
CA ALA B 989 -43.93 2.86 26.93
C ALA B 989 -45.04 3.89 27.09
N GLU B 990 -45.03 4.92 26.24
CA GLU B 990 -46.09 5.92 26.30
C GLU B 990 -47.45 5.31 26.01
N ILE B 991 -47.54 4.46 24.99
CA ILE B 991 -48.81 3.83 24.64
C ILE B 991 -49.29 2.91 25.77
N ARG B 992 -48.36 2.24 26.45
CA ARG B 992 -48.75 1.38 27.56
C ARG B 992 -49.34 2.20 28.70
N ALA B 993 -48.76 3.37 28.98
CA ALA B 993 -49.35 4.24 30.00
C ALA B 993 -50.77 4.64 29.61
N SER B 994 -50.97 5.00 28.33
CA SER B 994 -52.31 5.37 27.88
C SER B 994 -53.29 4.20 28.00
N ALA B 995 -52.84 2.99 27.69
CA ALA B 995 -53.72 1.82 27.79
C ALA B 995 -54.07 1.51 29.24
N ASN B 996 -53.12 1.71 30.16
CA ASN B 996 -53.44 1.55 31.58
C ASN B 996 -54.51 2.55 32.02
N LEU B 997 -54.39 3.79 31.57
CA LEU B 997 -55.42 4.77 31.90
C LEU B 997 -56.78 4.37 31.34
N ALA B 998 -56.81 3.88 30.09
CA ALA B 998 -58.07 3.46 29.48
C ALA B 998 -58.70 2.31 30.24
N ALA B 999 -57.88 1.34 30.67
CA ALA B 999 -58.41 0.22 31.47
C ALA B 999 -58.98 0.70 32.78
N THR B 1000 -58.30 1.65 33.44
CA THR B 1000 -58.82 2.19 34.69
C THR B 1000 -60.16 2.90 34.48
N LYS B 1001 -60.29 3.69 33.42
CA LYS B 1001 -61.57 4.33 33.15
C LYS B 1001 -62.66 3.33 32.81
N MET B 1002 -62.32 2.24 32.11
CA MET B 1002 -63.32 1.22 31.84
C MET B 1002 -63.79 0.56 33.13
N SER B 1003 -62.88 0.33 34.06
CA SER B 1003 -63.26 -0.29 35.33
C SER B 1003 -64.12 0.65 36.18
N GLU B 1004 -63.76 1.92 36.26
CA GLU B 1004 -64.37 2.82 37.23
C GLU B 1004 -65.52 3.64 36.68
N CYS B 1005 -65.48 4.05 35.42
CA CYS B 1005 -66.56 4.84 34.85
C CYS B 1005 -67.68 3.98 34.29
N VAL B 1006 -67.34 2.90 33.58
CA VAL B 1006 -68.35 2.10 32.89
C VAL B 1006 -68.99 1.10 33.85
N LEU B 1007 -68.17 0.34 34.58
CA LEU B 1007 -68.71 -0.68 35.47
C LEU B 1007 -69.24 -0.10 36.79
N GLY B 1008 -68.99 1.17 37.07
CA GLY B 1008 -69.49 1.77 38.30
C GLY B 1008 -69.90 3.21 38.13
N GLN B 1009 -69.90 3.96 39.22
CA GLN B 1009 -70.19 5.39 39.21
C GLN B 1009 -69.17 6.08 40.10
N SER B 1010 -68.22 6.78 39.48
CA SER B 1010 -67.08 7.32 40.20
C SER B 1010 -67.40 8.66 40.83
N LYS B 1011 -66.90 8.87 42.04
CA LYS B 1011 -67.00 10.16 42.71
C LYS B 1011 -65.78 11.03 42.50
N ARG B 1012 -64.73 10.50 41.89
CA ARG B 1012 -63.55 11.30 41.59
C ARG B 1012 -63.91 12.43 40.64
N VAL B 1013 -63.45 13.63 40.97
CA VAL B 1013 -63.85 14.83 40.23
C VAL B 1013 -63.09 14.88 38.91
N ASP B 1014 -63.82 15.23 37.84
CA ASP B 1014 -63.27 15.43 36.50
C ASP B 1014 -62.61 14.17 35.93
N PHE B 1015 -62.85 13.01 36.52
CA PHE B 1015 -62.31 11.77 35.98
C PHE B 1015 -63.19 11.27 34.84
N CYS B 1016 -64.46 11.00 35.13
CA CYS B 1016 -65.40 10.55 34.11
C CYS B 1016 -66.26 11.74 33.63
N GLY B 1017 -65.60 12.70 33.01
CA GLY B 1017 -66.33 13.77 32.35
C GLY B 1017 -66.17 15.16 32.92
N LYS B 1018 -67.24 15.94 32.92
CA LYS B 1018 -67.23 17.34 33.37
C LYS B 1018 -68.60 17.63 33.98
N GLY B 1019 -68.71 17.46 35.29
CA GLY B 1019 -69.95 17.58 36.00
C GLY B 1019 -70.06 16.49 37.04
N TYR B 1020 -71.28 16.19 37.46
CA TYR B 1020 -71.53 15.08 38.38
C TYR B 1020 -71.80 13.83 37.55
N HIS B 1021 -70.90 12.85 37.65
CA HIS B 1021 -70.96 11.69 36.79
C HIS B 1021 -72.23 10.88 37.04
N LEU B 1022 -72.90 10.51 35.94
CA LEU B 1022 -74.03 9.59 35.98
C LEU B 1022 -73.65 8.22 35.45
N MET B 1023 -73.12 8.13 34.24
CA MET B 1023 -72.61 6.86 33.73
C MET B 1023 -71.77 7.10 32.48
N SER B 1024 -71.36 6.00 31.85
CA SER B 1024 -70.50 6.07 30.68
C SER B 1024 -70.79 4.89 29.77
N PHE B 1025 -70.50 5.07 28.47
CA PHE B 1025 -70.70 4.03 27.47
C PHE B 1025 -69.43 3.89 26.64
N PRO B 1026 -68.94 2.69 26.42
CA PRO B 1026 -67.76 2.50 25.58
C PRO B 1026 -68.09 2.24 24.12
N GLN B 1027 -67.21 2.72 23.25
CA GLN B 1027 -67.27 2.45 21.83
C GLN B 1027 -65.87 2.15 21.35
N SER B 1028 -65.77 1.27 20.36
CA SER B 1028 -64.47 0.93 19.81
C SER B 1028 -64.05 1.94 18.76
N ALA B 1029 -62.76 1.96 18.45
CA ALA B 1029 -62.23 2.78 17.38
C ALA B 1029 -60.91 2.16 16.94
N PRO B 1030 -60.47 2.44 15.71
CA PRO B 1030 -59.21 1.85 15.26
C PRO B 1030 -58.06 2.15 16.19
N HIS B 1031 -57.55 1.11 16.86
CA HIS B 1031 -56.46 1.22 17.82
C HIS B 1031 -56.81 2.16 18.98
N GLY B 1032 -58.05 2.10 19.45
CA GLY B 1032 -58.41 2.96 20.56
C GLY B 1032 -59.83 2.75 21.01
N VAL B 1033 -60.19 3.49 22.06
CA VAL B 1033 -61.52 3.42 22.67
C VAL B 1033 -62.04 4.84 22.84
N VAL B 1034 -63.38 4.95 22.84
CA VAL B 1034 -64.08 6.22 22.97
C VAL B 1034 -65.10 6.07 24.08
N PHE B 1035 -65.03 6.92 25.09
CA PHE B 1035 -65.98 6.91 26.19
C PHE B 1035 -66.96 8.05 26.03
N LEU B 1036 -68.24 7.75 26.15
CA LEU B 1036 -69.30 8.76 26.18
C LEU B 1036 -69.76 8.87 27.62
N HIS B 1037 -69.42 9.98 28.26
CA HIS B 1037 -69.70 10.22 29.67
C HIS B 1037 -70.98 11.04 29.79
N VAL B 1038 -71.99 10.47 30.44
CA VAL B 1038 -73.25 11.14 30.73
C VAL B 1038 -73.16 11.69 32.14
N THR B 1039 -73.29 13.02 32.25
CA THR B 1039 -73.12 13.75 33.50
C THR B 1039 -74.28 14.71 33.70
N TYR B 1040 -74.36 15.22 34.92
CA TYR B 1040 -75.43 16.08 35.40
C TYR B 1040 -74.86 17.43 35.75
N VAL B 1041 -75.40 18.51 35.18
CA VAL B 1041 -74.91 19.84 35.50
C VAL B 1041 -76.06 20.74 35.92
N PRO B 1042 -75.93 21.51 37.00
CA PRO B 1042 -77.02 22.38 37.43
C PRO B 1042 -77.14 23.61 36.56
N ALA B 1043 -78.29 24.28 36.67
CA ALA B 1043 -78.56 25.49 35.91
C ALA B 1043 -79.73 26.23 36.54
N GLN B 1044 -79.83 27.52 36.20
CA GLN B 1044 -80.90 28.40 36.65
C GLN B 1044 -80.90 28.53 38.18
N GLU B 1045 -79.79 29.05 38.70
CA GLU B 1045 -79.64 29.25 40.13
C GLU B 1045 -80.40 30.48 40.59
N LYS B 1046 -80.71 30.51 41.89
CA LYS B 1046 -81.41 31.63 42.50
C LYS B 1046 -80.76 31.99 43.82
N ASN B 1047 -80.79 33.28 44.15
CA ASN B 1047 -80.29 33.77 45.42
C ASN B 1047 -81.27 33.44 46.55
N PHE B 1048 -80.71 33.27 47.75
CA PHE B 1048 -81.53 33.06 48.93
C PHE B 1048 -80.75 33.54 50.16
N THR B 1049 -81.49 33.81 51.22
CA THR B 1049 -80.91 34.16 52.51
C THR B 1049 -80.94 32.94 53.42
N THR B 1050 -79.81 32.69 54.09
CA THR B 1050 -79.59 31.44 54.80
C THR B 1050 -79.00 31.70 56.17
N ALA B 1051 -79.20 30.74 57.08
CA ALA B 1051 -78.71 30.82 58.44
C ALA B 1051 -78.11 29.48 58.84
N PRO B 1052 -77.13 29.49 59.75
CA PRO B 1052 -76.56 28.21 60.20
C PRO B 1052 -77.55 27.33 60.95
N ALA B 1053 -78.21 27.87 61.97
CA ALA B 1053 -79.15 27.12 62.78
C ALA B 1053 -80.37 27.99 63.05
N ILE B 1054 -81.35 27.42 63.75
CA ILE B 1054 -82.58 28.12 64.10
C ILE B 1054 -82.89 27.88 65.57
N CYS B 1055 -83.14 28.97 66.29
CA CYS B 1055 -83.48 28.91 67.71
C CYS B 1055 -84.99 28.91 67.87
N HIS B 1056 -85.55 27.77 68.27
CA HIS B 1056 -86.99 27.62 68.43
C HIS B 1056 -87.44 27.86 69.87
N ASP B 1057 -86.92 27.07 70.80
CA ASP B 1057 -87.33 27.10 72.20
C ASP B 1057 -86.11 27.10 73.11
N GLY B 1058 -85.14 27.96 72.81
CA GLY B 1058 -83.90 27.98 73.54
C GLY B 1058 -82.92 26.89 73.16
N LYS B 1059 -83.23 26.08 72.16
CA LYS B 1059 -82.35 25.03 71.67
C LYS B 1059 -82.10 25.24 70.18
N ALA B 1060 -80.85 25.06 69.78
CA ALA B 1060 -80.48 25.22 68.38
C ALA B 1060 -80.87 23.99 67.59
N HIS B 1061 -81.39 24.21 66.39
CA HIS B 1061 -81.80 23.14 65.48
C HIS B 1061 -80.96 23.20 64.22
N PHE B 1062 -80.41 22.07 63.82
CA PHE B 1062 -79.60 21.96 62.62
C PHE B 1062 -80.27 20.99 61.64
N PRO B 1063 -80.11 21.20 60.33
CA PRO B 1063 -80.73 20.30 59.37
C PRO B 1063 -80.06 18.95 59.36
N ARG B 1064 -80.88 17.90 59.27
CA ARG B 1064 -80.33 16.55 59.12
C ARG B 1064 -79.57 16.43 57.81
N GLU B 1065 -80.27 16.61 56.68
CA GLU B 1065 -79.64 16.63 55.37
C GLU B 1065 -80.32 17.71 54.54
N GLY B 1066 -79.62 18.81 54.32
CA GLY B 1066 -80.17 19.94 53.59
C GLY B 1066 -79.57 21.22 54.09
N VAL B 1067 -80.29 22.33 53.86
CA VAL B 1067 -79.83 23.65 54.25
C VAL B 1067 -81.05 24.53 54.43
N PHE B 1068 -80.94 25.51 55.33
CA PHE B 1068 -82.01 26.48 55.53
C PHE B 1068 -81.94 27.58 54.48
N VAL B 1069 -83.09 27.94 53.93
CA VAL B 1069 -83.21 29.01 52.96
C VAL B 1069 -84.44 29.85 53.31
N SER B 1070 -84.62 30.94 52.58
CA SER B 1070 -85.72 31.85 52.88
C SER B 1070 -86.19 32.55 51.61
N ASN B 1071 -87.51 32.58 51.41
CA ASN B 1071 -88.10 33.50 50.44
C ASN B 1071 -87.64 34.93 50.68
N GLY B 1072 -87.52 35.30 51.96
CA GLY B 1072 -87.27 36.68 52.36
C GLY B 1072 -88.10 37.00 53.58
N THR B 1073 -89.19 36.27 53.76
CA THR B 1073 -90.09 36.40 54.91
C THR B 1073 -90.21 35.13 55.72
N HIS B 1074 -90.28 33.97 55.07
CA HIS B 1074 -90.41 32.68 55.73
C HIS B 1074 -89.12 31.87 55.58
N TRP B 1075 -89.02 30.80 56.35
CA TRP B 1075 -87.85 29.93 56.35
C TRP B 1075 -88.24 28.51 55.98
N PHE B 1076 -87.44 27.90 55.12
CA PHE B 1076 -87.65 26.53 54.66
C PHE B 1076 -86.35 25.75 54.77
N VAL B 1077 -86.46 24.43 54.69
CA VAL B 1077 -85.31 23.54 54.60
C VAL B 1077 -85.37 22.84 53.25
N THR B 1078 -84.23 22.82 52.55
CA THR B 1078 -84.19 22.30 51.19
C THR B 1078 -82.96 21.40 51.01
N GLN B 1079 -82.84 20.86 49.80
CA GLN B 1079 -81.65 20.12 49.43
C GLN B 1079 -80.50 21.11 49.17
N ARG B 1080 -79.39 20.58 48.67
CA ARG B 1080 -78.26 21.43 48.32
C ARG B 1080 -78.05 21.57 46.82
N ASN B 1081 -78.49 20.59 46.03
CA ASN B 1081 -78.30 20.61 44.58
C ASN B 1081 -79.59 20.84 43.81
N PHE B 1082 -80.72 20.97 44.49
CA PHE B 1082 -82.00 21.21 43.84
C PHE B 1082 -82.89 21.99 44.80
N TYR B 1083 -83.72 22.86 44.25
CA TYR B 1083 -84.60 23.70 45.06
C TYR B 1083 -85.92 22.98 45.26
N GLU B 1084 -86.07 22.34 46.42
CA GLU B 1084 -87.32 21.68 46.82
C GLU B 1084 -87.62 22.09 48.25
N PRO B 1085 -88.14 23.30 48.46
CA PRO B 1085 -88.38 23.77 49.82
C PRO B 1085 -89.50 23.01 50.51
N GLN B 1086 -89.40 22.93 51.84
CA GLN B 1086 -90.44 22.32 52.64
C GLN B 1086 -90.37 22.92 54.04
N ILE B 1087 -91.47 22.76 54.79
CA ILE B 1087 -91.57 23.40 56.10
C ILE B 1087 -90.60 22.74 57.07
N ILE B 1088 -90.08 23.56 57.99
CA ILE B 1088 -89.14 23.06 58.99
C ILE B 1088 -89.90 22.26 60.04
N THR B 1089 -89.37 21.08 60.38
CA THR B 1089 -90.06 20.14 61.24
C THR B 1089 -89.04 19.47 62.15
N THR B 1090 -89.53 18.89 63.25
CA THR B 1090 -88.65 18.13 64.13
C THR B 1090 -88.15 16.86 63.45
N ASP B 1091 -88.83 16.43 62.39
CA ASP B 1091 -88.40 15.22 61.69
C ASP B 1091 -87.07 15.41 60.97
N ASN B 1092 -86.91 16.53 60.28
CA ASN B 1092 -85.73 16.77 59.46
C ASN B 1092 -84.73 17.70 60.11
N THR B 1093 -84.80 17.90 61.42
CA THR B 1093 -83.83 18.69 62.16
C THR B 1093 -83.45 17.96 63.44
N PHE B 1094 -82.26 18.27 63.95
CA PHE B 1094 -81.78 17.70 65.20
C PHE B 1094 -81.23 18.80 66.09
N VAL B 1095 -81.36 18.60 67.40
CA VAL B 1095 -81.03 19.62 68.39
C VAL B 1095 -79.61 19.41 68.89
N SER B 1096 -78.96 20.51 69.28
CA SER B 1096 -77.64 20.43 69.90
C SER B 1096 -77.39 21.72 70.67
N GLY B 1097 -77.38 21.64 72.00
CA GLY B 1097 -77.03 22.77 72.82
C GLY B 1097 -78.08 23.86 72.84
N ASN B 1098 -77.65 25.03 73.31
CA ASN B 1098 -78.49 26.20 73.41
C ASN B 1098 -78.16 27.20 72.30
N CYS B 1099 -78.78 28.37 72.38
CA CYS B 1099 -78.72 29.37 71.31
C CYS B 1099 -77.71 30.47 71.61
N ASP B 1100 -76.58 30.14 72.25
CA ASP B 1100 -75.60 31.14 72.63
C ASP B 1100 -74.23 30.95 72.00
N VAL B 1101 -73.92 29.76 71.49
CA VAL B 1101 -72.57 29.46 71.01
C VAL B 1101 -72.49 29.65 69.50
N VAL B 1102 -73.61 29.52 68.81
CA VAL B 1102 -73.63 29.57 67.35
C VAL B 1102 -73.67 31.02 66.90
N ILE B 1103 -72.73 31.41 66.04
CA ILE B 1103 -72.65 32.77 65.51
C ILE B 1103 -73.52 32.82 64.25
N GLY B 1104 -74.65 33.50 64.34
CA GLY B 1104 -75.51 33.65 63.19
C GLY B 1104 -76.82 32.92 63.31
N ILE B 1105 -77.10 32.35 64.49
CA ILE B 1105 -78.36 31.67 64.71
C ILE B 1105 -79.51 32.65 64.53
N VAL B 1106 -80.63 32.14 64.03
CA VAL B 1106 -81.79 32.95 63.69
C VAL B 1106 -82.98 32.47 64.52
N ASN B 1107 -83.62 33.41 65.21
CA ASN B 1107 -84.85 33.10 65.94
C ASN B 1107 -85.97 32.83 64.94
N ASN B 1108 -86.64 31.70 65.10
CA ASN B 1108 -87.78 31.31 64.28
C ASN B 1108 -88.49 30.17 64.99
N THR B 1109 -89.44 29.54 64.31
CA THR B 1109 -90.25 28.48 64.89
C THR B 1109 -90.17 27.22 64.03
N VAL B 1110 -90.29 26.08 64.68
CA VAL B 1110 -90.32 24.78 64.02
C VAL B 1110 -91.67 24.13 64.30
N TYR B 1111 -91.94 23.07 63.56
CA TYR B 1111 -93.20 22.35 63.64
C TYR B 1111 -92.97 20.93 64.12
N ASP B 1112 -93.94 20.39 64.86
CA ASP B 1112 -93.87 19.02 65.35
C ASP B 1112 -95.08 18.23 64.84
N PRO B 1113 -94.86 17.10 64.18
CA PRO B 1113 -95.99 16.31 63.66
C PRO B 1113 -96.88 15.74 64.74
N LEU B 1114 -96.37 15.60 65.98
CA LEU B 1114 -97.16 15.03 67.08
C LEU B 1114 -98.02 16.12 67.73
N GLN B 1115 -98.88 16.72 66.90
CA GLN B 1115 -99.80 17.77 67.36
C GLN B 1115 -101.00 17.81 66.43
N PRO B 1116 -101.83 16.74 66.43
CA PRO B 1116 -102.98 16.70 65.52
C PRO B 1116 -104.20 17.40 66.11
N PRO C 1 -24.83 -52.03 0.65
CA PRO C 1 -25.27 -53.29 1.28
C PRO C 1 -26.35 -53.07 2.33
N ALA C 2 -26.31 -53.88 3.39
CA ALA C 2 -27.30 -53.78 4.44
C ALA C 2 -27.19 -52.44 5.16
N TYR C 3 -28.33 -51.87 5.52
CA TYR C 3 -28.40 -50.61 6.24
C TYR C 3 -29.00 -50.83 7.61
N THR C 4 -28.61 -49.99 8.56
CA THR C 4 -29.24 -49.99 9.87
C THR C 4 -29.29 -48.54 10.37
N ASN C 5 -29.92 -48.34 11.53
CA ASN C 5 -30.19 -47.01 12.05
C ASN C 5 -29.30 -46.73 13.25
N SER C 6 -28.75 -45.52 13.29
CA SER C 6 -27.91 -45.07 14.42
C SER C 6 -28.81 -44.29 15.38
N PHE C 7 -29.19 -44.94 16.48
CA PHE C 7 -30.13 -44.37 17.45
C PHE C 7 -29.37 -43.51 18.45
N THR C 8 -29.04 -42.29 18.02
CA THR C 8 -28.33 -41.31 18.84
C THR C 8 -27.01 -41.89 19.38
N ARG C 9 -26.12 -42.22 18.44
CA ARG C 9 -24.80 -42.73 18.78
C ARG C 9 -23.77 -42.03 17.90
N GLY C 10 -22.54 -41.95 18.42
CA GLY C 10 -21.46 -41.30 17.73
C GLY C 10 -21.16 -39.90 18.19
N VAL C 11 -21.34 -39.60 19.47
CA VAL C 11 -21.10 -38.27 20.02
C VAL C 11 -19.91 -38.34 20.96
N TYR C 12 -18.97 -37.42 20.78
CA TYR C 12 -17.70 -37.41 21.49
C TYR C 12 -17.53 -36.09 22.23
N TYR C 13 -16.43 -35.98 22.97
CA TYR C 13 -16.11 -34.72 23.65
C TYR C 13 -15.42 -33.79 22.66
N PRO C 14 -16.05 -32.67 22.30
CA PRO C 14 -15.48 -31.83 21.24
C PRO C 14 -14.24 -31.05 21.65
N ASP C 15 -13.94 -30.94 22.94
CA ASP C 15 -12.77 -30.20 23.39
C ASP C 15 -12.38 -30.73 24.77
N LYS C 16 -11.32 -30.13 25.34
CA LYS C 16 -10.79 -30.54 26.63
C LYS C 16 -11.16 -29.56 27.74
N VAL C 17 -12.37 -29.03 27.70
CA VAL C 17 -12.87 -28.08 28.68
C VAL C 17 -13.81 -28.81 29.64
N PHE C 18 -13.64 -28.57 30.94
CA PHE C 18 -14.49 -29.17 31.95
C PHE C 18 -15.67 -28.27 32.25
N ARG C 19 -16.87 -28.80 32.13
CA ARG C 19 -18.09 -28.07 32.43
C ARG C 19 -18.98 -28.92 33.33
N SER C 20 -19.56 -28.29 34.36
CA SER C 20 -20.40 -28.98 35.33
C SER C 20 -21.78 -28.34 35.32
N SER C 21 -22.81 -29.16 35.09
CA SER C 21 -24.21 -28.73 35.12
C SER C 21 -24.44 -27.54 34.18
N VAL C 22 -23.96 -27.67 32.95
CA VAL C 22 -24.13 -26.66 31.92
C VAL C 22 -24.73 -27.32 30.70
N LEU C 23 -25.60 -26.61 30.00
CA LEU C 23 -26.14 -27.06 28.71
C LEU C 23 -25.44 -26.24 27.63
N HIS C 24 -24.40 -26.82 27.03
CA HIS C 24 -23.60 -26.12 26.05
C HIS C 24 -24.12 -26.38 24.64
N SER C 25 -23.83 -25.45 23.74
CA SER C 25 -24.19 -25.56 22.34
C SER C 25 -22.93 -25.51 21.50
N THR C 26 -22.70 -26.55 20.71
CA THR C 26 -21.47 -26.67 19.94
C THR C 26 -21.80 -26.93 18.48
N GLN C 27 -20.86 -26.57 17.61
CA GLN C 27 -20.98 -26.79 16.17
C GLN C 27 -19.74 -27.53 15.70
N ASP C 28 -19.91 -28.77 15.25
CA ASP C 28 -18.76 -29.61 14.91
C ASP C 28 -19.24 -30.75 14.03
N LEU C 29 -18.30 -31.62 13.66
CA LEU C 29 -18.61 -32.77 12.82
C LEU C 29 -19.12 -33.92 13.70
N PHE C 30 -20.42 -34.16 13.64
CA PHE C 30 -21.07 -35.20 14.41
C PHE C 30 -21.83 -36.13 13.47
N LEU C 31 -22.11 -37.33 13.95
CA LEU C 31 -22.94 -38.27 13.20
C LEU C 31 -24.41 -37.92 13.42
N PRO C 32 -25.16 -37.61 12.36
CA PRO C 32 -26.56 -37.21 12.55
C PRO C 32 -27.39 -38.28 13.25
N PHE C 33 -28.32 -37.82 14.07
CA PHE C 33 -29.18 -38.72 14.82
C PHE C 33 -30.16 -39.42 13.89
N PHE C 34 -30.43 -40.69 14.18
CA PHE C 34 -31.36 -41.51 13.41
C PHE C 34 -31.01 -41.50 11.92
N SER C 35 -29.78 -41.89 11.63
CA SER C 35 -29.26 -41.90 10.27
C SER C 35 -28.95 -43.32 9.85
N ASN C 36 -28.86 -43.51 8.54
CA ASN C 36 -28.63 -44.82 7.95
C ASN C 36 -27.13 -45.07 7.87
N VAL C 37 -26.64 -46.05 8.62
CA VAL C 37 -25.25 -46.46 8.58
C VAL C 37 -25.16 -47.82 7.89
N THR C 38 -24.17 -47.95 7.01
CA THR C 38 -23.99 -49.18 6.25
C THR C 38 -23.51 -50.29 7.16
N TRP C 39 -24.10 -51.47 7.02
CA TRP C 39 -23.71 -52.65 7.78
C TRP C 39 -22.91 -53.57 6.88
N PHE C 40 -21.68 -53.88 7.29
CA PHE C 40 -20.78 -54.69 6.49
C PHE C 40 -20.54 -56.02 7.19
N HIS C 41 -20.49 -57.10 6.41
CA HIS C 41 -20.20 -58.43 6.92
C HIS C 41 -19.26 -59.12 5.94
N ALA C 42 -18.15 -59.64 6.46
CA ALA C 42 -17.17 -60.32 5.61
C ALA C 42 -16.33 -61.29 6.42
N ASN C 56 -14.18 -57.35 2.90
CA ASN C 56 -14.18 -55.94 3.23
C ASN C 56 -13.64 -55.09 2.07
N PRO C 57 -14.42 -54.13 1.62
CA PRO C 57 -14.01 -53.28 0.50
C PRO C 57 -13.28 -52.03 0.98
N VAL C 58 -12.77 -51.28 0.01
CA VAL C 58 -12.16 -49.99 0.29
C VAL C 58 -13.24 -48.92 0.25
N LEU C 59 -13.23 -48.04 1.24
CA LEU C 59 -14.31 -47.08 1.44
C LEU C 59 -13.76 -45.66 1.48
N PRO C 60 -14.55 -44.67 1.10
CA PRO C 60 -14.11 -43.28 1.21
C PRO C 60 -14.08 -42.81 2.66
N PHE C 61 -13.36 -41.71 2.86
CA PHE C 61 -13.16 -41.11 4.19
C PHE C 61 -13.60 -39.66 4.08
N ASN C 62 -14.88 -39.42 4.32
CA ASN C 62 -15.48 -38.09 4.15
C ASN C 62 -15.61 -37.42 5.50
N ASP C 63 -14.71 -36.48 5.79
CA ASP C 63 -14.78 -35.65 7.00
C ASP C 63 -14.85 -36.48 8.27
N GLY C 64 -14.13 -37.59 8.32
CA GLY C 64 -14.15 -38.47 9.46
C GLY C 64 -15.16 -39.61 9.28
N VAL C 65 -15.08 -40.57 10.18
CA VAL C 65 -15.89 -41.77 10.07
C VAL C 65 -16.11 -42.35 11.46
N TYR C 66 -17.31 -42.91 11.66
CA TYR C 66 -17.67 -43.62 12.88
C TYR C 66 -17.67 -45.12 12.59
N PHE C 67 -16.94 -45.88 13.40
CA PHE C 67 -16.74 -47.31 13.19
C PHE C 67 -17.17 -48.05 14.44
N ALA C 68 -18.12 -48.98 14.29
CA ALA C 68 -18.61 -49.76 15.42
C ALA C 68 -18.41 -51.24 15.14
N SER C 69 -18.07 -51.98 16.19
CA SER C 69 -17.81 -53.41 16.07
C SER C 69 -18.36 -54.14 17.28
N THR C 70 -19.34 -55.01 17.05
CA THR C 70 -19.86 -55.90 18.09
C THR C 70 -19.16 -57.25 18.06
N GLU C 71 -17.82 -57.21 18.04
CA GLU C 71 -17.00 -58.39 17.97
C GLU C 71 -15.90 -58.28 19.02
N LYS C 72 -15.52 -59.42 19.58
CA LYS C 72 -14.67 -59.40 20.77
C LYS C 72 -13.31 -60.06 20.59
N SER C 73 -13.24 -61.27 20.04
CA SER C 73 -12.05 -62.09 20.24
C SER C 73 -10.79 -61.51 19.63
N ASN C 74 -10.63 -61.56 18.30
CA ASN C 74 -9.42 -60.91 17.71
C ASN C 74 -9.55 -60.78 16.20
N ILE C 75 -10.77 -60.60 15.67
CA ILE C 75 -10.86 -60.59 14.22
C ILE C 75 -10.47 -59.22 13.64
N ILE C 76 -10.95 -58.13 14.23
CA ILE C 76 -10.70 -56.79 13.70
C ILE C 76 -9.66 -56.12 14.59
N ARG C 77 -8.48 -55.87 14.05
CA ARG C 77 -7.37 -55.35 14.85
C ARG C 77 -6.55 -54.33 14.08
N GLY C 78 -7.17 -53.57 13.17
CA GLY C 78 -6.41 -52.54 12.49
C GLY C 78 -7.16 -51.91 11.35
N TRP C 79 -6.59 -50.82 10.85
CA TRP C 79 -7.13 -50.05 9.75
C TRP C 79 -5.98 -49.48 8.94
N ILE C 80 -6.26 -49.12 7.69
CA ILE C 80 -5.31 -48.40 6.85
C ILE C 80 -6.04 -47.24 6.19
N PHE C 81 -5.34 -46.12 6.05
CA PHE C 81 -5.89 -44.91 5.45
C PHE C 81 -4.92 -44.38 4.42
N GLY C 82 -5.46 -43.83 3.34
CA GLY C 82 -4.63 -43.28 2.28
C GLY C 82 -5.47 -42.55 1.26
N THR C 83 -4.79 -41.96 0.28
CA THR C 83 -5.44 -41.15 -0.74
C THR C 83 -5.31 -41.74 -2.14
N THR C 84 -4.09 -42.03 -2.59
CA THR C 84 -3.80 -42.54 -3.93
C THR C 84 -2.86 -43.73 -3.82
N LEU C 85 -3.29 -44.71 -3.01
CA LEU C 85 -2.45 -45.76 -2.47
C LEU C 85 -1.51 -46.34 -3.51
N ASP C 86 -0.22 -46.07 -3.34
CA ASP C 86 0.84 -46.42 -4.27
C ASP C 86 2.16 -46.37 -3.52
N SER C 87 3.27 -46.34 -4.24
CA SER C 87 4.59 -46.20 -3.64
C SER C 87 5.00 -44.74 -3.47
N LYS C 88 4.15 -43.78 -3.84
CA LYS C 88 4.54 -42.38 -3.80
C LYS C 88 3.81 -41.57 -2.74
N THR C 89 2.86 -42.15 -2.02
CA THR C 89 2.10 -41.44 -0.99
C THR C 89 2.13 -42.23 0.31
N GLN C 90 2.04 -41.49 1.41
CA GLN C 90 2.10 -42.10 2.73
C GLN C 90 0.78 -42.79 3.07
N SER C 91 0.80 -43.55 4.16
CA SER C 91 -0.37 -44.33 4.55
C SER C 91 -0.29 -44.69 6.02
N LEU C 92 -1.37 -44.43 6.75
CA LEU C 92 -1.47 -44.87 8.13
C LEU C 92 -1.53 -46.38 8.23
N LEU C 93 -1.31 -46.89 9.43
CA LEU C 93 -1.49 -48.31 9.72
C LEU C 93 -1.62 -48.44 11.23
N ILE C 94 -2.79 -48.87 11.69
CA ILE C 94 -3.10 -48.90 13.11
C ILE C 94 -3.29 -50.35 13.53
N VAL C 95 -2.50 -51.25 12.94
CA VAL C 95 -2.55 -52.65 13.31
C VAL C 95 -2.33 -52.78 14.82
N ASN C 96 -3.14 -53.60 15.46
CA ASN C 96 -3.16 -53.72 16.91
C ASN C 96 -2.67 -55.12 17.29
N ASN C 97 -1.47 -55.19 17.84
CA ASN C 97 -0.89 -56.46 18.25
C ASN C 97 -1.59 -56.96 19.51
N ALA C 98 -1.13 -58.11 20.01
CA ALA C 98 -1.74 -58.70 21.20
C ALA C 98 -1.46 -57.89 22.46
N THR C 99 -0.40 -57.08 22.46
CA THR C 99 -0.03 -56.32 23.66
C THR C 99 0.16 -54.83 23.43
N ASN C 100 0.27 -54.37 22.18
CA ASN C 100 0.48 -52.97 21.90
C ASN C 100 -0.07 -52.63 20.52
N VAL C 101 -0.31 -51.35 20.29
CA VAL C 101 -0.64 -50.87 18.96
C VAL C 101 0.62 -50.30 18.33
N VAL C 102 0.62 -50.22 17.00
CA VAL C 102 1.73 -49.64 16.25
C VAL C 102 1.14 -48.65 15.27
N ILE C 103 1.55 -47.39 15.35
CA ILE C 103 1.04 -46.34 14.40
C ILE C 103 2.19 -45.91 13.50
N LYS C 104 2.29 -46.49 12.29
CA LYS C 104 3.45 -46.17 11.41
C LYS C 104 3.00 -45.47 10.13
N VAL C 105 3.37 -44.20 9.92
CA VAL C 105 2.88 -43.52 8.69
C VAL C 105 3.95 -43.59 7.58
N CYS C 106 4.70 -44.69 7.52
CA CYS C 106 5.69 -44.85 6.41
C CYS C 106 4.94 -45.09 5.09
N GLU C 107 5.51 -44.65 3.96
CA GLU C 107 4.89 -44.97 2.65
C GLU C 107 4.95 -46.50 2.50
N PHE C 108 3.83 -47.16 2.21
CA PHE C 108 3.86 -48.63 2.18
C PHE C 108 3.34 -49.13 0.84
N GLN C 109 3.70 -50.36 0.47
CA GLN C 109 3.09 -50.96 -0.73
C GLN C 109 2.28 -52.13 -0.17
N PHE C 110 0.98 -52.13 -0.41
CA PHE C 110 0.13 -53.15 0.24
C PHE C 110 -0.50 -54.06 -0.80
N CYS C 111 -0.45 -55.36 -0.54
CA CYS C 111 -1.02 -56.35 -1.48
C CYS C 111 -2.53 -56.19 -1.47
N ASN C 112 -3.21 -56.53 -2.57
CA ASN C 112 -4.69 -56.47 -2.58
C ASN C 112 -5.19 -57.49 -1.56
N ASP C 113 -6.36 -57.26 -0.98
CA ASP C 113 -6.85 -58.15 0.12
C ASP C 113 -5.83 -58.17 1.27
N PRO C 114 -5.40 -57.03 1.85
CA PRO C 114 -4.49 -57.05 3.00
C PRO C 114 -5.16 -57.73 4.21
N PHE C 115 -4.41 -58.54 4.95
CA PHE C 115 -5.00 -59.31 6.07
C PHE C 115 -3.91 -59.64 7.09
N LEU C 116 -4.24 -60.21 8.25
CA LEU C 116 -3.18 -60.41 9.28
C LEU C 116 -2.87 -61.89 9.48
N GLY C 117 -1.59 -62.26 9.43
CA GLY C 117 -1.16 -63.67 9.60
C GLY C 117 -0.57 -63.88 11.00
N MET C 128 5.58 -61.61 9.34
CA MET C 128 4.33 -62.37 9.10
C MET C 128 3.15 -61.39 9.07
N GLU C 129 3.36 -60.23 8.46
CA GLU C 129 2.22 -59.28 8.31
C GLU C 129 1.86 -59.33 6.83
N SER C 130 0.68 -59.86 6.51
CA SER C 130 0.28 -60.00 5.08
C SER C 130 0.11 -58.65 4.38
N GLY C 131 -0.39 -57.63 5.08
CA GLY C 131 -0.67 -56.35 4.39
C GLY C 131 0.55 -55.70 3.77
N VAL C 132 1.67 -55.68 4.48
CA VAL C 132 2.87 -54.93 3.99
C VAL C 132 3.73 -55.80 3.07
N TYR C 133 4.06 -55.31 1.88
CA TYR C 133 4.99 -56.06 0.99
C TYR C 133 6.25 -55.20 0.83
N SER C 134 6.27 -54.32 -0.16
CA SER C 134 7.41 -53.37 -0.24
C SER C 134 7.03 -52.21 0.66
N SER C 135 7.07 -52.40 1.98
CA SER C 135 6.49 -51.36 2.87
C SER C 135 7.42 -50.86 3.96
N ALA C 136 8.49 -50.16 3.58
CA ALA C 136 9.35 -49.51 4.59
C ALA C 136 10.05 -48.40 3.82
N ASN C 137 9.31 -47.62 3.04
CA ASN C 137 9.93 -46.57 2.18
C ASN C 137 10.28 -45.33 3.00
N ASN C 138 9.80 -44.16 2.58
CA ASN C 138 10.11 -42.91 3.30
C ASN C 138 9.31 -42.86 4.60
N CYS C 139 9.79 -43.56 5.65
CA CYS C 139 8.99 -43.62 6.90
C CYS C 139 9.09 -42.27 7.61
N THR C 140 7.98 -41.82 8.19
CA THR C 140 7.98 -40.46 8.80
C THR C 140 7.58 -40.54 10.28
N PHE C 141 7.00 -41.67 10.73
CA PHE C 141 6.53 -41.67 12.14
C PHE C 141 6.18 -43.07 12.67
N GLU C 142 6.42 -43.30 13.96
CA GLU C 142 6.04 -44.53 14.63
C GLU C 142 5.58 -44.20 16.04
N TYR C 143 4.70 -45.03 16.60
CA TYR C 143 4.12 -44.76 17.90
C TYR C 143 3.53 -46.04 18.46
N VAL C 144 3.94 -46.40 19.67
CA VAL C 144 3.49 -47.64 20.30
C VAL C 144 3.07 -47.39 21.74
N SER C 145 1.77 -47.11 21.96
CA SER C 145 1.27 -46.91 23.32
C SER C 145 0.14 -47.86 23.70
N GLN C 146 -0.94 -47.90 22.93
CA GLN C 146 -2.18 -48.54 23.38
C GLN C 146 -2.04 -50.05 23.32
N PRO C 147 -2.36 -50.78 24.40
CA PRO C 147 -2.41 -52.25 24.41
C PRO C 147 -3.60 -52.80 23.63
N PHE C 159 -19.37 -60.83 21.03
CA PHE C 159 -20.40 -59.79 20.97
C PHE C 159 -20.73 -59.29 22.37
N LYS C 160 -19.93 -59.70 23.36
CA LYS C 160 -20.14 -59.23 24.72
C LYS C 160 -19.96 -57.73 24.85
N ASN C 161 -18.93 -57.18 24.19
CA ASN C 161 -18.60 -55.77 24.27
C ASN C 161 -18.68 -55.13 22.90
N LEU C 162 -19.26 -53.93 22.86
CA LEU C 162 -19.33 -53.12 21.65
C LEU C 162 -18.21 -52.09 21.69
N ARG C 163 -17.46 -52.00 20.59
CA ARG C 163 -16.38 -51.03 20.45
C ARG C 163 -16.80 -49.95 19.48
N GLU C 164 -16.68 -48.70 19.90
CA GLU C 164 -17.03 -47.55 19.09
C GLU C 164 -15.81 -46.67 18.91
N PHE C 165 -15.55 -46.25 17.68
CA PHE C 165 -14.41 -45.41 17.35
C PHE C 165 -14.87 -44.29 16.42
N VAL C 166 -14.24 -43.13 16.57
CA VAL C 166 -14.44 -42.01 15.66
C VAL C 166 -13.07 -41.55 15.19
N PHE C 167 -12.89 -41.47 13.88
CA PHE C 167 -11.64 -41.04 13.28
C PHE C 167 -11.86 -39.73 12.55
N LYS C 168 -11.02 -38.74 12.86
CA LYS C 168 -11.09 -37.43 12.22
C LYS C 168 -9.69 -37.03 11.77
N ASN C 169 -9.63 -36.16 10.77
CA ASN C 169 -8.35 -35.69 10.24
C ASN C 169 -8.52 -34.23 9.85
N ILE C 170 -8.06 -33.32 10.69
CA ILE C 170 -8.23 -31.90 10.46
C ILE C 170 -6.91 -31.17 10.72
N ASP C 171 -6.62 -30.19 9.86
CA ASP C 171 -5.39 -29.37 9.88
C ASP C 171 -4.15 -30.17 10.26
N GLY C 172 -3.98 -31.33 9.63
CA GLY C 172 -2.79 -32.14 9.78
C GLY C 172 -2.79 -33.07 10.97
N TYR C 173 -3.71 -32.89 11.91
CA TYR C 173 -3.81 -33.74 13.09
C TYR C 173 -4.84 -34.83 12.85
N PHE C 174 -4.46 -36.06 13.18
CA PHE C 174 -5.34 -37.22 13.10
C PHE C 174 -5.80 -37.56 14.52
N LYS C 175 -7.11 -37.57 14.73
CA LYS C 175 -7.71 -37.71 16.05
C LYS C 175 -8.56 -38.95 16.11
N ILE C 176 -8.47 -39.66 17.24
CA ILE C 176 -9.18 -40.91 17.46
C ILE C 176 -9.91 -40.81 18.79
N TYR C 177 -11.21 -41.10 18.79
CA TYR C 177 -12.01 -41.18 20.00
C TYR C 177 -12.56 -42.60 20.11
N SER C 178 -12.62 -43.14 21.33
CA SER C 178 -12.98 -44.53 21.49
C SER C 178 -13.85 -44.75 22.72
N LYS C 179 -14.60 -45.85 22.69
CA LYS C 179 -15.44 -46.26 23.80
C LYS C 179 -15.67 -47.76 23.73
N HIS C 180 -15.71 -48.41 24.88
CA HIS C 180 -16.04 -49.83 25.00
C HIS C 180 -17.20 -49.96 25.97
N THR C 181 -18.28 -50.60 25.52
CA THR C 181 -19.45 -50.68 26.37
C THR C 181 -20.01 -52.10 26.41
N PRO C 182 -20.53 -52.55 27.56
CA PRO C 182 -21.13 -53.88 27.61
C PRO C 182 -22.54 -53.92 27.04
N ILE C 183 -22.69 -54.49 25.85
CA ILE C 183 -23.97 -54.61 25.18
C ILE C 183 -24.05 -56.01 24.57
N ASN C 184 -25.15 -56.71 24.82
CA ASN C 184 -25.30 -58.09 24.40
C ASN C 184 -26.62 -58.31 23.67
N LEU C 185 -26.61 -59.28 22.76
CA LEU C 185 -27.80 -59.77 22.07
C LEU C 185 -28.51 -58.64 21.30
N VAL C 186 -27.80 -58.09 20.33
CA VAL C 186 -28.36 -57.10 19.41
C VAL C 186 -27.88 -57.42 18.00
N ARG C 187 -28.80 -57.36 17.03
CA ARG C 187 -28.41 -57.45 15.63
C ARG C 187 -28.02 -56.09 15.07
N ASP C 188 -28.54 -55.02 15.65
CA ASP C 188 -28.25 -53.65 15.27
C ASP C 188 -27.70 -52.88 16.48
N LEU C 189 -27.53 -51.58 16.31
CA LEU C 189 -26.97 -50.76 17.38
C LEU C 189 -27.96 -50.65 18.54
N PRO C 190 -27.47 -50.62 19.77
CA PRO C 190 -28.37 -50.54 20.93
C PRO C 190 -28.96 -49.16 21.11
N GLN C 191 -30.04 -49.10 21.90
CA GLN C 191 -30.64 -47.84 22.30
C GLN C 191 -29.96 -47.38 23.58
N GLY C 192 -29.48 -46.14 23.59
CA GLY C 192 -28.82 -45.60 24.75
C GLY C 192 -27.94 -44.43 24.38
N PHE C 193 -27.16 -43.98 25.35
CA PHE C 193 -26.26 -42.85 25.17
C PHE C 193 -24.91 -43.16 25.78
N SER C 194 -23.84 -42.93 25.02
CA SER C 194 -22.48 -43.11 25.51
C SER C 194 -21.58 -42.11 24.79
N ALA C 195 -20.79 -41.36 25.56
CA ALA C 195 -19.90 -40.35 25.02
C ALA C 195 -18.51 -40.92 24.82
N LEU C 196 -17.89 -40.58 23.71
CA LEU C 196 -16.61 -41.15 23.31
C LEU C 196 -15.47 -40.26 23.80
N GLU C 197 -14.64 -40.80 24.69
CA GLU C 197 -13.47 -40.07 25.17
C GLU C 197 -12.35 -40.11 24.14
N PRO C 198 -11.53 -39.06 24.07
CA PRO C 198 -10.41 -39.07 23.11
C PRO C 198 -9.29 -39.99 23.55
N LEU C 199 -8.70 -40.69 22.57
CA LEU C 199 -7.59 -41.60 22.81
C LEU C 199 -6.24 -40.93 22.57
N VAL C 200 -5.99 -40.50 21.33
CA VAL C 200 -4.69 -39.97 20.93
C VAL C 200 -4.90 -38.86 19.92
N ASP C 201 -3.82 -38.13 19.67
CA ASP C 201 -3.78 -37.09 18.63
C ASP C 201 -2.41 -37.13 17.99
N LEU C 202 -2.38 -37.32 16.67
CA LEU C 202 -1.12 -37.56 15.97
C LEU C 202 -0.86 -36.45 14.96
N PRO C 203 0.30 -35.80 15.01
CA PRO C 203 0.64 -34.79 13.99
C PRO C 203 1.22 -35.45 12.75
N ILE C 204 0.32 -35.97 11.91
CA ILE C 204 0.70 -36.72 10.72
C ILE C 204 0.84 -35.83 9.51
N GLY C 205 -0.14 -34.96 9.28
CA GLY C 205 -0.06 -33.98 8.20
C GLY C 205 -0.08 -34.55 6.80
N ILE C 206 -0.94 -35.54 6.54
CA ILE C 206 -1.05 -36.11 5.21
C ILE C 206 -2.50 -35.98 4.73
N ASN C 207 -2.77 -36.47 3.53
CA ASN C 207 -4.09 -36.42 2.92
C ASN C 207 -4.70 -37.82 2.94
N ILE C 208 -5.93 -37.93 3.42
CA ILE C 208 -6.64 -39.20 3.48
C ILE C 208 -7.96 -39.06 2.75
N THR C 209 -8.22 -39.96 1.79
CA THR C 209 -9.48 -39.95 1.06
C THR C 209 -10.14 -41.32 1.11
N ARG C 210 -9.34 -42.36 1.28
CA ARG C 210 -9.85 -43.74 1.31
C ARG C 210 -9.52 -44.36 2.67
N PHE C 211 -9.99 -45.60 2.86
CA PHE C 211 -10.06 -46.21 4.17
C PHE C 211 -10.38 -47.69 3.97
N GLN C 212 -9.67 -48.55 4.70
CA GLN C 212 -9.94 -49.98 4.59
C GLN C 212 -9.50 -50.70 5.86
N THR C 213 -10.37 -51.53 6.41
CA THR C 213 -10.07 -52.27 7.63
C THR C 213 -9.14 -53.44 7.33
N LEU C 214 -8.56 -53.99 8.40
CA LEU C 214 -7.67 -55.15 8.33
C LEU C 214 -8.24 -56.25 9.19
N LEU C 215 -8.78 -57.29 8.56
CA LEU C 215 -9.37 -58.40 9.28
C LEU C 215 -8.34 -59.50 9.51
N ALA C 216 -8.43 -60.17 10.66
CA ALA C 216 -7.46 -61.21 11.03
C ALA C 216 -7.78 -62.48 10.25
N LEU C 217 -7.44 -62.46 8.97
CA LEU C 217 -7.67 -63.60 8.08
C LEU C 217 -6.60 -64.65 8.36
N HIS C 218 -6.98 -65.69 9.10
CA HIS C 218 -6.07 -66.78 9.39
C HIS C 218 -6.82 -68.12 9.41
N ALA C 236 -17.70 -61.61 12.03
CA ALA C 236 -17.09 -60.57 11.21
C ALA C 236 -18.15 -59.64 10.64
N ALA C 237 -18.67 -58.74 11.49
CA ALA C 237 -19.66 -57.76 11.08
C ALA C 237 -19.38 -56.45 11.80
N TYR C 238 -19.44 -55.34 11.06
CA TYR C 238 -19.18 -54.03 11.64
C TYR C 238 -20.07 -52.98 10.97
N TYR C 239 -20.03 -51.78 11.50
CA TYR C 239 -20.89 -50.68 11.09
C TYR C 239 -20.03 -49.46 10.80
N VAL C 240 -20.37 -48.74 9.72
CA VAL C 240 -19.63 -47.56 9.30
C VAL C 240 -20.63 -46.44 9.02
N GLY C 241 -20.42 -45.29 9.65
CA GLY C 241 -21.21 -44.11 9.39
C GLY C 241 -20.31 -42.91 9.11
N TYR C 242 -20.89 -41.89 8.51
CA TYR C 242 -20.15 -40.72 8.07
C TYR C 242 -20.53 -39.50 8.87
N LEU C 243 -19.54 -38.67 9.20
CA LEU C 243 -19.76 -37.48 10.00
C LEU C 243 -20.21 -36.32 9.12
N GLN C 244 -21.10 -35.50 9.66
CA GLN C 244 -21.65 -34.32 8.99
C GLN C 244 -21.46 -33.10 9.88
N PRO C 245 -21.34 -31.92 9.30
CA PRO C 245 -21.26 -30.70 10.11
C PRO C 245 -22.60 -30.33 10.72
N ARG C 246 -22.74 -30.54 12.02
CA ARG C 246 -24.01 -30.36 12.71
C ARG C 246 -23.82 -29.54 13.99
N THR C 247 -24.93 -28.98 14.45
CA THR C 247 -24.99 -28.27 15.72
C THR C 247 -25.66 -29.17 16.75
N PHE C 248 -25.07 -29.26 17.94
CA PHE C 248 -25.55 -30.13 19.00
C PHE C 248 -25.70 -29.33 20.28
N LEU C 249 -26.59 -29.80 21.15
CA LEU C 249 -26.83 -29.20 22.46
C LEU C 249 -26.47 -30.27 23.50
N LEU C 250 -25.26 -30.18 24.03
CA LEU C 250 -24.74 -31.19 24.95
C LEU C 250 -25.08 -30.83 26.38
N LYS C 251 -25.34 -31.84 27.20
CA LYS C 251 -25.73 -31.67 28.60
C LYS C 251 -24.71 -32.33 29.49
N TYR C 252 -23.97 -31.53 30.25
CA TYR C 252 -22.96 -32.02 31.18
C TYR C 252 -23.57 -32.15 32.57
N ASN C 253 -23.21 -33.22 33.26
CA ASN C 253 -23.75 -33.43 34.60
C ASN C 253 -22.81 -32.81 35.64
N GLU C 254 -23.02 -33.17 36.91
CA GLU C 254 -22.26 -32.57 37.99
C GLU C 254 -20.77 -32.92 37.93
N ASN C 255 -20.44 -34.11 37.41
CA ASN C 255 -19.07 -34.59 37.41
C ASN C 255 -18.33 -34.27 36.11
N GLY C 256 -18.95 -33.52 35.20
CA GLY C 256 -18.33 -33.18 33.94
C GLY C 256 -18.63 -34.14 32.81
N THR C 257 -19.31 -35.25 33.08
CA THR C 257 -19.65 -36.21 32.05
C THR C 257 -20.80 -35.70 31.19
N ILE C 258 -20.72 -35.99 29.89
CA ILE C 258 -21.85 -35.71 29.00
C ILE C 258 -22.90 -36.80 29.19
N THR C 259 -24.12 -36.39 29.49
CA THR C 259 -25.20 -37.31 29.81
C THR C 259 -26.26 -37.40 28.71
N ASP C 260 -26.51 -36.32 27.98
CA ASP C 260 -27.52 -36.35 26.93
C ASP C 260 -27.18 -35.28 25.90
N ALA C 261 -27.81 -35.39 24.73
CA ALA C 261 -27.57 -34.44 23.65
C ALA C 261 -28.78 -34.38 22.75
N VAL C 262 -28.87 -33.30 21.96
CA VAL C 262 -29.99 -33.04 21.07
C VAL C 262 -29.44 -32.68 19.70
N ASP C 263 -29.85 -33.41 18.67
CA ASP C 263 -29.52 -33.06 17.30
C ASP C 263 -30.40 -31.89 16.87
N CYS C 264 -29.78 -30.81 16.44
CA CYS C 264 -30.48 -29.53 16.34
C CYS C 264 -31.28 -29.37 15.05
N ALA C 265 -31.22 -30.33 14.13
CA ALA C 265 -31.98 -30.24 12.88
C ALA C 265 -32.79 -31.50 12.61
N LEU C 266 -32.92 -32.39 13.59
CA LEU C 266 -33.69 -33.62 13.38
C LEU C 266 -35.16 -33.33 13.12
N ASP C 267 -35.75 -32.41 13.88
CA ASP C 267 -37.17 -32.12 13.80
C ASP C 267 -37.43 -30.77 14.46
N PRO C 268 -38.60 -30.16 14.23
CA PRO C 268 -38.85 -28.83 14.81
C PRO C 268 -38.77 -28.78 16.33
N LEU C 269 -39.16 -29.84 17.02
CA LEU C 269 -39.08 -29.81 18.48
C LEU C 269 -37.64 -29.66 18.95
N SER C 270 -36.71 -30.33 18.28
CA SER C 270 -35.30 -30.20 18.64
C SER C 270 -34.79 -28.79 18.37
N GLU C 271 -35.26 -28.16 17.28
CA GLU C 271 -34.88 -26.77 17.03
C GLU C 271 -35.41 -25.86 18.12
N THR C 272 -36.64 -26.10 18.58
CA THR C 272 -37.18 -25.32 19.69
C THR C 272 -36.33 -25.52 20.95
N LYS C 273 -35.93 -26.76 21.22
CA LYS C 273 -35.08 -27.03 22.38
C LYS C 273 -33.75 -26.31 22.25
N CYS C 274 -33.19 -26.25 21.04
CA CYS C 274 -31.96 -25.50 20.82
C CYS C 274 -32.15 -24.03 21.14
N THR C 275 -33.19 -23.42 20.56
CA THR C 275 -33.37 -21.98 20.72
C THR C 275 -33.65 -21.62 22.17
N LEU C 276 -34.48 -22.39 22.87
CA LEU C 276 -34.69 -22.16 24.28
C LEU C 276 -33.50 -22.62 25.12
N LYS C 277 -32.62 -23.43 24.55
CA LYS C 277 -31.44 -23.96 25.22
C LYS C 277 -31.82 -24.71 26.50
N SER C 278 -32.79 -25.61 26.36
CA SER C 278 -33.19 -26.48 27.45
C SER C 278 -33.74 -27.78 26.87
N PHE C 279 -33.75 -28.81 27.70
CA PHE C 279 -34.20 -30.13 27.30
C PHE C 279 -35.68 -30.36 27.53
N THR C 280 -36.39 -29.39 28.08
CA THR C 280 -37.84 -29.47 28.25
C THR C 280 -38.44 -28.11 27.94
N VAL C 281 -39.54 -28.11 27.19
CA VAL C 281 -40.21 -26.89 26.79
C VAL C 281 -41.64 -26.92 27.30
N GLU C 282 -42.21 -25.74 27.51
CA GLU C 282 -43.54 -25.59 28.05
C GLU C 282 -44.51 -25.15 26.95
N LYS C 283 -45.79 -25.30 27.25
CA LYS C 283 -46.84 -25.07 26.27
C LYS C 283 -46.79 -23.65 25.71
N GLY C 284 -46.86 -23.54 24.40
CA GLY C 284 -46.91 -22.24 23.77
C GLY C 284 -46.36 -22.28 22.36
N ILE C 285 -46.18 -21.08 21.80
CA ILE C 285 -45.66 -20.90 20.45
C ILE C 285 -44.34 -20.15 20.55
N TYR C 286 -43.30 -20.69 19.91
CA TYR C 286 -41.96 -20.13 19.96
C TYR C 286 -41.44 -19.90 18.55
N GLN C 287 -40.87 -18.73 18.30
CA GLN C 287 -40.23 -18.47 17.03
C GLN C 287 -38.81 -19.02 17.03
N THR C 288 -38.49 -19.83 16.02
CA THR C 288 -37.21 -20.52 15.97
C THR C 288 -36.34 -20.07 14.80
N SER C 289 -36.86 -20.09 13.58
CA SER C 289 -36.03 -19.86 12.41
C SER C 289 -36.60 -18.78 11.50
N ASN C 290 -36.01 -18.62 10.32
CA ASN C 290 -36.49 -17.70 9.30
C ASN C 290 -36.62 -18.45 7.97
N PHE C 291 -37.77 -18.29 7.32
CA PHE C 291 -38.04 -18.94 6.05
C PHE C 291 -37.81 -17.94 4.93
N ARG C 292 -37.05 -18.35 3.92
CA ARG C 292 -36.69 -17.48 2.80
C ARG C 292 -36.74 -18.28 1.51
N VAL C 293 -37.22 -17.66 0.45
CA VAL C 293 -37.31 -18.28 -0.87
C VAL C 293 -36.10 -17.87 -1.68
N GLN C 294 -35.40 -18.84 -2.25
CA GLN C 294 -34.18 -18.52 -2.99
C GLN C 294 -34.44 -18.47 -4.49
N PRO C 295 -33.76 -17.57 -5.20
CA PRO C 295 -33.95 -17.49 -6.65
C PRO C 295 -33.48 -18.75 -7.35
N THR C 296 -34.21 -19.12 -8.41
CA THR C 296 -33.95 -20.34 -9.15
C THR C 296 -33.19 -20.08 -10.45
N GLU C 297 -33.76 -19.27 -11.33
CA GLU C 297 -33.18 -18.97 -12.63
C GLU C 297 -32.45 -17.63 -12.57
N SER C 298 -31.99 -17.17 -13.73
CA SER C 298 -31.38 -15.85 -13.85
C SER C 298 -31.58 -15.37 -15.29
N ILE C 299 -32.17 -14.20 -15.46
CA ILE C 299 -32.49 -13.69 -16.78
C ILE C 299 -31.89 -12.31 -16.95
N VAL C 300 -31.63 -11.97 -18.22
CA VAL C 300 -31.17 -10.64 -18.61
C VAL C 300 -31.89 -10.29 -19.91
N ARG C 301 -32.31 -9.04 -20.04
CA ARG C 301 -33.05 -8.59 -21.22
C ARG C 301 -32.42 -7.31 -21.75
N PHE C 302 -32.28 -7.25 -23.07
CA PHE C 302 -31.67 -6.13 -23.75
C PHE C 302 -32.43 -5.88 -25.05
N PRO C 303 -32.34 -4.67 -25.61
CA PRO C 303 -33.08 -4.37 -26.84
C PRO C 303 -32.69 -5.28 -27.99
N ASN C 304 -33.49 -5.21 -29.06
CA ASN C 304 -33.26 -6.03 -30.23
C ASN C 304 -31.90 -5.71 -30.84
N ILE C 305 -31.22 -6.75 -31.32
CA ILE C 305 -29.95 -6.58 -32.02
C ILE C 305 -30.25 -6.21 -33.47
N THR C 306 -29.96 -4.96 -33.83
CA THR C 306 -30.33 -4.41 -35.12
C THR C 306 -29.12 -3.67 -35.69
N ASN C 307 -29.03 -3.62 -37.03
CA ASN C 307 -27.92 -2.88 -37.71
C ASN C 307 -26.60 -3.59 -37.46
N LEU C 308 -26.47 -4.85 -37.88
CA LEU C 308 -25.17 -5.57 -37.75
C LEU C 308 -24.17 -4.95 -38.74
N CYS C 309 -22.87 -4.88 -38.38
CA CYS C 309 -21.80 -4.37 -39.28
C CYS C 309 -21.60 -5.36 -40.43
N PRO C 310 -21.47 -4.95 -41.72
CA PRO C 310 -21.37 -5.92 -42.81
C PRO C 310 -19.91 -6.27 -43.16
N PHE C 311 -19.20 -6.91 -42.23
CA PHE C 311 -17.82 -7.37 -42.56
C PHE C 311 -17.89 -8.73 -43.25
N GLY C 312 -19.02 -9.43 -43.10
CA GLY C 312 -19.18 -10.74 -43.76
C GLY C 312 -19.05 -10.63 -45.26
N GLU C 313 -19.58 -9.55 -45.85
CA GLU C 313 -19.53 -9.36 -47.33
C GLU C 313 -18.09 -9.15 -47.79
N VAL C 314 -17.30 -8.38 -47.03
CA VAL C 314 -15.87 -8.17 -47.39
C VAL C 314 -15.12 -9.51 -47.31
N PHE C 315 -15.42 -10.32 -46.29
CA PHE C 315 -14.69 -11.61 -46.10
C PHE C 315 -14.96 -12.57 -47.26
N ASN C 316 -16.22 -12.66 -47.71
CA ASN C 316 -16.53 -13.53 -48.87
C ASN C 316 -16.71 -12.66 -50.12
N ALA C 317 -15.68 -12.60 -50.98
CA ALA C 317 -15.75 -11.77 -52.20
C ALA C 317 -15.32 -12.61 -53.41
N THR C 318 -16.09 -12.57 -54.50
CA THR C 318 -15.68 -13.26 -55.75
C THR C 318 -14.39 -12.62 -56.27
N ARG C 319 -14.30 -11.30 -56.19
CA ARG C 319 -13.11 -10.56 -56.69
C ARG C 319 -12.29 -10.05 -55.50
N PHE C 320 -10.98 -10.30 -55.50
CA PHE C 320 -10.10 -9.81 -54.40
C PHE C 320 -9.08 -8.83 -54.97
N ALA C 321 -8.84 -7.71 -54.26
CA ALA C 321 -7.93 -6.65 -54.76
C ALA C 321 -6.48 -7.15 -54.78
N SER C 322 -5.66 -6.60 -55.69
CA SER C 322 -4.23 -6.99 -55.76
C SER C 322 -3.50 -6.45 -54.52
N VAL C 323 -2.37 -7.08 -54.14
CA VAL C 323 -1.69 -6.67 -52.88
C VAL C 323 -1.25 -5.20 -52.94
N TYR C 324 -0.67 -4.76 -54.06
CA TYR C 324 -0.16 -3.37 -54.13
C TYR C 324 -1.34 -2.40 -54.03
N ALA C 325 -2.44 -2.68 -54.72
CA ALA C 325 -3.65 -1.82 -54.63
C ALA C 325 -4.58 -2.34 -53.52
N TRP C 326 -4.16 -2.23 -52.26
CA TRP C 326 -5.04 -2.65 -51.13
C TRP C 326 -6.22 -1.68 -51.01
N ASN C 327 -7.40 -2.19 -50.67
CA ASN C 327 -8.61 -1.33 -50.60
C ASN C 327 -9.08 -1.22 -49.15
N ARG C 328 -9.46 -0.01 -48.71
CA ARG C 328 -9.85 0.21 -47.29
C ARG C 328 -11.37 0.41 -47.21
N LYS C 329 -12.05 -0.39 -46.38
CA LYS C 329 -13.52 -0.24 -46.19
C LYS C 329 -13.76 0.26 -44.75
N ARG C 330 -14.55 1.32 -44.58
CA ARG C 330 -14.74 1.89 -43.23
C ARG C 330 -16.01 1.29 -42.64
N ILE C 331 -15.88 0.62 -41.50
CA ILE C 331 -17.07 0.05 -40.80
C ILE C 331 -17.34 1.04 -39.66
N SER C 332 -18.54 1.62 -39.63
CA SER C 332 -18.83 2.69 -38.63
C SER C 332 -20.30 2.69 -38.18
N ASN C 333 -20.57 3.05 -36.92
CA ASN C 333 -21.95 3.15 -36.37
C ASN C 333 -22.77 1.87 -36.62
N CYS C 334 -22.29 0.70 -36.19
CA CYS C 334 -23.07 -0.55 -36.33
C CYS C 334 -22.74 -1.55 -35.22
N VAL C 335 -23.48 -2.65 -35.14
CA VAL C 335 -23.23 -3.69 -34.11
C VAL C 335 -22.31 -4.73 -34.73
N ALA C 336 -21.13 -4.95 -34.15
CA ALA C 336 -20.14 -5.86 -34.78
C ALA C 336 -19.97 -7.13 -33.96
N ASP C 337 -20.18 -8.29 -34.59
CA ASP C 337 -20.10 -9.58 -33.84
C ASP C 337 -18.82 -10.32 -34.19
N TYR C 338 -17.73 -10.13 -33.43
CA TYR C 338 -16.47 -10.74 -33.84
C TYR C 338 -16.41 -12.22 -33.49
N SER C 339 -17.46 -12.79 -32.89
CA SER C 339 -17.48 -14.21 -32.56
C SER C 339 -17.70 -15.08 -33.79
N VAL C 340 -18.29 -14.54 -34.86
CA VAL C 340 -18.46 -15.30 -36.08
C VAL C 340 -17.11 -15.61 -36.72
N LEU C 341 -16.14 -14.70 -36.60
CA LEU C 341 -14.84 -14.91 -37.19
C LEU C 341 -13.95 -15.82 -36.34
N TYR C 342 -13.90 -15.56 -35.04
CA TYR C 342 -13.00 -16.31 -34.17
C TYR C 342 -13.35 -17.79 -34.14
N ASN C 343 -14.64 -18.12 -34.16
CA ASN C 343 -15.07 -19.50 -34.07
C ASN C 343 -15.03 -20.23 -35.41
N SER C 344 -14.64 -19.55 -36.48
CA SER C 344 -14.50 -20.21 -37.78
C SER C 344 -13.25 -21.09 -37.78
N ALA C 345 -13.18 -21.99 -38.76
CA ALA C 345 -12.08 -22.93 -38.87
C ALA C 345 -11.30 -22.85 -40.17
N SER C 346 -11.86 -22.26 -41.23
CA SER C 346 -11.12 -22.14 -42.49
C SER C 346 -9.92 -21.20 -42.38
N PHE C 347 -9.95 -20.28 -41.42
CA PHE C 347 -8.85 -19.34 -41.26
C PHE C 347 -7.58 -20.07 -40.82
N SER C 348 -6.47 -19.77 -41.49
CA SER C 348 -5.21 -20.41 -41.17
C SER C 348 -4.41 -19.64 -40.12
N THR C 349 -4.46 -18.31 -40.17
CA THR C 349 -3.81 -17.46 -39.17
C THR C 349 -4.83 -16.48 -38.62
N PHE C 350 -4.82 -16.30 -37.30
CA PHE C 350 -5.74 -15.35 -36.66
C PHE C 350 -5.08 -14.58 -35.53
N LYS C 351 -3.76 -14.45 -35.53
CA LYS C 351 -3.08 -13.79 -34.41
C LYS C 351 -3.52 -12.33 -34.32
N CYS C 352 -3.67 -11.85 -33.09
CA CYS C 352 -4.04 -10.46 -32.86
C CYS C 352 -3.02 -9.80 -31.94
N TYR C 353 -2.78 -8.51 -32.17
CA TYR C 353 -1.61 -7.84 -31.60
C TYR C 353 -1.92 -6.96 -30.40
N GLY C 354 -2.87 -6.04 -30.52
CA GLY C 354 -3.11 -5.12 -29.43
C GLY C 354 -4.19 -5.60 -28.48
N VAL C 355 -5.07 -6.46 -28.95
CA VAL C 355 -6.22 -6.93 -28.18
C VAL C 355 -6.31 -8.44 -28.30
N SER C 356 -6.64 -9.10 -27.19
CA SER C 356 -6.79 -10.55 -27.19
C SER C 356 -8.02 -10.96 -27.98
N PRO C 357 -8.02 -12.15 -28.58
CA PRO C 357 -9.15 -12.55 -29.43
C PRO C 357 -10.35 -13.07 -28.67
N THR C 358 -10.18 -13.54 -27.42
CA THR C 358 -11.30 -14.13 -26.70
C THR C 358 -12.31 -13.07 -26.30
N LYS C 359 -11.86 -11.85 -25.99
CA LYS C 359 -12.73 -10.77 -25.57
C LYS C 359 -12.75 -9.61 -26.56
N LEU C 360 -12.77 -9.93 -27.86
CA LEU C 360 -12.96 -8.90 -28.88
C LEU C 360 -14.37 -8.33 -28.82
N ASN C 361 -15.34 -9.13 -28.37
CA ASN C 361 -16.74 -8.77 -28.50
C ASN C 361 -17.09 -7.57 -27.63
N ASP C 362 -16.56 -7.51 -26.42
CA ASP C 362 -16.93 -6.50 -25.43
C ASP C 362 -15.99 -5.29 -25.43
N LEU C 363 -15.76 -4.69 -26.59
CA LEU C 363 -14.89 -3.52 -26.69
C LEU C 363 -15.39 -2.62 -27.80
N CYS C 364 -15.58 -1.33 -27.49
CA CYS C 364 -16.12 -0.37 -28.45
C CYS C 364 -15.01 0.55 -28.96
N PHE C 365 -14.95 0.70 -30.27
CA PHE C 365 -13.96 1.54 -30.93
C PHE C 365 -14.67 2.52 -31.86
N THR C 366 -13.99 3.63 -32.16
CA THR C 366 -14.59 4.66 -33.00
C THR C 366 -14.81 4.15 -34.42
N ASN C 367 -13.84 3.44 -34.99
CA ASN C 367 -13.91 3.03 -36.38
C ASN C 367 -13.18 1.71 -36.56
N VAL C 368 -13.61 0.95 -37.56
CA VAL C 368 -12.93 -0.29 -37.93
C VAL C 368 -12.61 -0.25 -39.42
N TYR C 369 -11.35 -0.46 -39.76
CA TYR C 369 -10.89 -0.43 -41.15
C TYR C 369 -10.53 -1.83 -41.59
N ALA C 370 -11.10 -2.28 -42.70
CA ALA C 370 -10.83 -3.61 -43.24
C ALA C 370 -10.06 -3.45 -44.54
N ASP C 371 -8.79 -3.87 -44.53
CA ASP C 371 -7.93 -3.84 -45.71
C ASP C 371 -7.85 -5.25 -46.27
N SER C 372 -8.21 -5.41 -47.54
CA SER C 372 -8.28 -6.75 -48.13
C SER C 372 -7.34 -6.85 -49.33
N PHE C 373 -6.56 -7.93 -49.38
CA PHE C 373 -5.68 -8.17 -50.51
C PHE C 373 -5.24 -9.62 -50.53
N VAL C 374 -4.65 -10.03 -51.65
CA VAL C 374 -4.22 -11.41 -51.85
C VAL C 374 -2.72 -11.44 -52.10
N ILE C 375 -2.05 -12.41 -51.46
CA ILE C 375 -0.59 -12.58 -51.56
C ILE C 375 -0.30 -14.07 -51.74
N ARG C 376 0.97 -14.45 -51.69
CA ARG C 376 1.34 -15.86 -51.77
C ARG C 376 1.57 -16.42 -50.37
N GLY C 377 1.86 -17.71 -50.32
CA GLY C 377 1.90 -18.39 -49.03
C GLY C 377 3.06 -17.96 -48.14
N ASP C 378 4.27 -17.95 -48.68
CA ASP C 378 5.45 -17.60 -47.89
C ASP C 378 5.46 -16.15 -47.46
N GLU C 379 4.70 -15.28 -48.13
CA GLU C 379 4.74 -13.85 -47.91
C GLU C 379 3.84 -13.40 -46.77
N VAL C 380 3.02 -14.30 -46.22
CA VAL C 380 2.04 -13.90 -45.21
C VAL C 380 2.70 -13.66 -43.85
N ARG C 381 3.91 -14.17 -43.63
CA ARG C 381 4.57 -13.91 -42.36
C ARG C 381 5.12 -12.50 -42.27
N GLN C 382 5.07 -11.73 -43.35
CA GLN C 382 5.61 -10.38 -43.37
C GLN C 382 4.60 -9.31 -42.99
N ILE C 383 3.33 -9.68 -42.77
CA ILE C 383 2.30 -8.72 -42.41
C ILE C 383 2.28 -8.64 -40.89
N ALA C 384 3.15 -7.81 -40.34
CA ALA C 384 3.26 -7.61 -38.90
C ALA C 384 3.95 -6.27 -38.67
N PRO C 385 3.77 -5.66 -37.51
CA PRO C 385 4.43 -4.37 -37.26
C PRO C 385 5.94 -4.54 -37.11
N GLY C 386 6.67 -4.15 -38.15
CA GLY C 386 8.11 -4.27 -38.18
C GLY C 386 8.55 -5.50 -38.95
N GLN C 387 8.89 -5.31 -40.23
CA GLN C 387 9.31 -6.40 -41.10
C GLN C 387 10.18 -5.82 -42.20
N THR C 388 10.94 -6.67 -42.87
CA THR C 388 11.93 -6.24 -43.84
C THR C 388 11.83 -7.04 -45.13
N GLY C 389 10.62 -7.19 -45.65
CA GLY C 389 10.40 -7.84 -46.94
C GLY C 389 10.13 -6.83 -48.04
N LYS C 390 9.69 -7.37 -49.18
CA LYS C 390 9.28 -6.52 -50.29
C LYS C 390 7.82 -6.12 -50.22
N ILE C 391 7.04 -6.71 -49.32
CA ILE C 391 5.64 -6.34 -49.15
C ILE C 391 5.52 -5.40 -47.96
N ALA C 392 6.39 -5.58 -46.98
CA ALA C 392 6.42 -4.69 -45.83
C ALA C 392 7.11 -3.38 -46.13
N ASP C 393 7.70 -3.23 -47.31
CA ASP C 393 8.40 -2.01 -47.64
C ASP C 393 7.84 -1.32 -48.88
N TYR C 394 7.38 -2.10 -49.88
CA TYR C 394 6.94 -1.52 -51.13
C TYR C 394 5.45 -1.62 -51.37
N ASN C 395 4.73 -2.48 -50.64
CA ASN C 395 3.30 -2.66 -50.88
C ASN C 395 2.45 -2.26 -49.69
N TYR C 396 2.65 -2.88 -48.52
CA TYR C 396 1.71 -2.74 -47.40
C TYR C 396 2.45 -2.51 -46.07
N LYS C 397 3.31 -1.50 -46.02
CA LYS C 397 3.96 -1.13 -44.76
C LYS C 397 2.91 -0.88 -43.68
N LEU C 398 3.14 -1.49 -42.51
CA LEU C 398 2.29 -1.36 -41.33
C LEU C 398 2.99 -0.52 -40.26
N PRO C 399 2.25 0.27 -39.50
CA PRO C 399 2.86 1.02 -38.39
C PRO C 399 3.23 0.10 -37.24
N ASP C 400 4.23 0.53 -36.48
CA ASP C 400 4.65 -0.23 -35.31
C ASP C 400 3.63 -0.19 -34.18
N ASP C 401 2.78 0.84 -34.15
CA ASP C 401 1.74 0.96 -33.12
C ASP C 401 0.42 0.41 -33.63
N PHE C 402 0.45 -0.85 -34.05
CA PHE C 402 -0.73 -1.51 -34.60
C PHE C 402 -1.61 -2.04 -33.48
N THR C 403 -2.92 -2.03 -33.71
CA THR C 403 -3.87 -2.42 -32.69
C THR C 403 -4.96 -3.38 -33.16
N GLY C 404 -5.26 -3.44 -34.45
CA GLY C 404 -6.22 -4.42 -34.94
C GLY C 404 -5.60 -5.80 -35.01
N CYS C 405 -5.96 -6.59 -36.01
CA CYS C 405 -5.23 -7.82 -36.27
C CYS C 405 -5.54 -8.37 -37.66
N VAL C 406 -4.75 -9.36 -38.05
CA VAL C 406 -4.68 -9.85 -39.41
C VAL C 406 -5.25 -11.25 -39.47
N ILE C 407 -6.08 -11.51 -40.49
CA ILE C 407 -6.72 -12.80 -40.70
C ILE C 407 -6.39 -13.25 -42.11
N ALA C 408 -5.76 -14.42 -42.24
CA ALA C 408 -5.35 -14.93 -43.54
C ALA C 408 -5.86 -16.34 -43.71
N TRP C 409 -6.38 -16.63 -44.91
CA TRP C 409 -6.83 -17.99 -45.21
C TRP C 409 -6.42 -18.36 -46.63
N ASN C 410 -6.04 -19.62 -46.81
CA ASN C 410 -5.68 -20.12 -48.13
C ASN C 410 -6.88 -20.05 -49.06
N SER C 411 -6.67 -19.55 -50.26
CA SER C 411 -7.70 -19.59 -51.30
C SER C 411 -7.01 -20.05 -52.59
N ASN C 412 -6.89 -21.36 -52.74
CA ASN C 412 -6.36 -21.94 -53.97
C ASN C 412 -7.45 -22.29 -54.97
N ASN C 413 -8.66 -22.53 -54.50
CA ASN C 413 -9.76 -22.87 -55.41
C ASN C 413 -10.17 -21.65 -56.23
N LEU C 414 -10.35 -20.50 -55.58
CA LEU C 414 -10.83 -19.32 -56.28
C LEU C 414 -9.74 -18.75 -57.19
N ASP C 415 -8.53 -18.57 -56.65
CA ASP C 415 -7.45 -17.90 -57.38
C ASP C 415 -6.45 -18.93 -57.91
N SER C 416 -6.83 -19.61 -58.99
CA SER C 416 -5.93 -20.53 -59.65
C SER C 416 -6.51 -20.94 -60.98
N LYS C 417 -5.63 -21.21 -61.94
CA LYS C 417 -6.02 -21.72 -63.25
C LYS C 417 -4.95 -22.70 -63.71
N VAL C 418 -5.33 -23.61 -64.61
CA VAL C 418 -4.38 -24.56 -65.14
C VAL C 418 -3.24 -23.87 -65.87
N GLY C 419 -3.44 -22.61 -66.24
CA GLY C 419 -2.36 -21.76 -66.70
C GLY C 419 -1.84 -20.95 -65.52
N GLY C 420 -2.24 -19.68 -65.44
CA GLY C 420 -1.89 -18.88 -64.28
C GLY C 420 -2.78 -17.67 -64.15
N ASN C 421 -2.92 -17.21 -62.91
CA ASN C 421 -3.59 -15.95 -62.62
C ASN C 421 -2.57 -14.83 -62.71
N TYR C 422 -2.41 -14.28 -63.91
CA TYR C 422 -1.56 -13.13 -64.11
C TYR C 422 -2.29 -11.83 -63.86
N ASN C 423 -3.44 -11.87 -63.20
CA ASN C 423 -4.20 -10.69 -62.85
C ASN C 423 -3.84 -10.14 -61.47
N TYR C 424 -3.03 -10.86 -60.70
CA TYR C 424 -2.56 -10.38 -59.41
C TYR C 424 -1.11 -9.92 -59.58
N ARG C 425 -0.84 -8.69 -59.18
CA ARG C 425 0.46 -8.07 -59.41
C ARG C 425 0.95 -7.42 -58.12
N TYR C 426 2.28 -7.32 -58.01
CA TYR C 426 2.92 -6.71 -56.85
C TYR C 426 3.99 -5.74 -57.30
N ARG C 427 4.26 -4.77 -56.42
CA ARG C 427 5.30 -3.77 -56.64
C ARG C 427 6.65 -4.36 -56.26
N LEU C 428 7.51 -4.55 -57.27
CA LEU C 428 8.80 -5.18 -57.05
C LEU C 428 9.94 -4.19 -56.94
N PHE C 429 9.88 -3.07 -57.66
CA PHE C 429 10.92 -2.06 -57.66
C PHE C 429 10.37 -0.74 -57.14
N ARG C 430 11.09 -0.12 -56.21
CA ARG C 430 10.77 1.22 -55.74
C ARG C 430 12.08 1.97 -55.51
N LYS C 431 11.95 3.23 -55.10
CA LYS C 431 13.11 4.04 -54.75
C LYS C 431 13.25 4.27 -53.25
N SER C 432 12.19 4.03 -52.48
CA SER C 432 12.23 4.21 -51.04
C SER C 432 11.13 3.38 -50.41
N ASN C 433 11.22 3.20 -49.09
CA ASN C 433 10.23 2.43 -48.36
C ASN C 433 8.94 3.22 -48.22
N LEU C 434 7.82 2.51 -48.25
CA LEU C 434 6.53 3.13 -48.02
C LEU C 434 6.39 3.56 -46.57
N LYS C 435 5.71 4.68 -46.37
CA LYS C 435 5.31 5.07 -45.03
C LYS C 435 4.15 4.20 -44.57
N PRO C 436 3.93 4.06 -43.27
CA PRO C 436 2.84 3.21 -42.80
C PRO C 436 1.50 3.64 -43.36
N PHE C 437 0.71 2.64 -43.79
CA PHE C 437 -0.63 2.85 -44.33
C PHE C 437 -0.62 3.79 -45.54
N GLU C 438 0.40 3.66 -46.38
CA GLU C 438 0.50 4.44 -47.61
C GLU C 438 0.20 3.55 -48.80
N ARG C 439 -0.52 4.10 -49.78
CA ARG C 439 -0.93 3.38 -50.97
C ARG C 439 -0.28 4.04 -52.18
N ASP C 440 0.45 3.24 -52.96
CA ASP C 440 1.16 3.73 -54.14
C ASP C 440 0.67 2.98 -55.36
N ILE C 441 0.11 3.70 -56.31
CA ILE C 441 -0.35 3.12 -57.57
C ILE C 441 0.24 3.97 -58.69
N SER C 442 1.41 3.58 -59.18
CA SER C 442 2.07 4.27 -60.27
C SER C 442 2.61 3.24 -61.26
N THR C 443 2.76 3.65 -62.52
CA THR C 443 3.15 2.73 -63.58
C THR C 443 4.58 2.93 -64.07
N GLU C 444 5.29 3.97 -63.63
CA GLU C 444 6.70 4.11 -63.97
C GLU C 444 7.35 4.95 -62.87
N ILE C 445 8.05 4.28 -61.96
CA ILE C 445 8.77 4.93 -60.88
C ILE C 445 10.26 4.63 -60.93
N TYR C 446 10.64 3.42 -61.32
CA TYR C 446 11.99 2.91 -61.12
C TYR C 446 12.77 2.91 -62.43
N GLN C 447 13.93 3.57 -62.42
CA GLN C 447 14.90 3.48 -63.50
C GLN C 447 16.28 3.51 -62.86
N ALA C 448 17.19 2.66 -63.34
CA ALA C 448 18.49 2.51 -62.71
C ALA C 448 19.55 2.31 -63.77
N GLY C 449 20.13 3.41 -64.24
CA GLY C 449 21.15 3.32 -65.27
C GLY C 449 21.71 4.68 -65.59
N SER C 450 22.74 4.67 -66.45
CA SER C 450 23.39 5.93 -66.83
C SER C 450 22.45 6.83 -67.62
N LYS C 451 21.71 6.25 -68.56
CA LYS C 451 20.82 7.02 -69.44
C LYS C 451 19.39 6.88 -68.97
N PRO C 452 18.67 7.98 -68.72
CA PRO C 452 17.29 7.87 -68.26
C PRO C 452 16.35 7.46 -69.38
N CYS C 453 15.46 6.52 -69.07
CA CYS C 453 14.43 6.14 -70.03
C CYS C 453 13.34 7.20 -70.07
N ASN C 454 12.87 7.49 -71.28
CA ASN C 454 11.89 8.53 -71.53
C ASN C 454 10.47 8.12 -71.16
N GLY C 455 10.31 7.01 -70.46
CA GLY C 455 8.99 6.44 -70.20
C GLY C 455 8.70 5.20 -70.99
N VAL C 456 9.68 4.63 -71.67
CA VAL C 456 9.50 3.44 -72.49
C VAL C 456 10.38 2.32 -71.96
N GLU C 457 9.88 1.09 -72.07
CA GLU C 457 10.63 -0.08 -71.62
C GLU C 457 11.94 -0.19 -72.39
N GLY C 458 13.03 -0.42 -71.67
CA GLY C 458 14.32 -0.49 -72.32
C GLY C 458 15.39 -1.02 -71.38
N PHE C 459 16.64 -0.80 -71.80
CA PHE C 459 17.78 -1.27 -71.00
C PHE C 459 17.86 -0.51 -69.69
N ASN C 460 18.01 -1.24 -68.60
CA ASN C 460 18.12 -0.72 -67.24
C ASN C 460 16.91 0.13 -66.83
N CYS C 461 15.82 0.06 -67.59
CA CYS C 461 14.55 0.68 -67.22
C CYS C 461 13.48 -0.41 -67.24
N TYR C 462 12.86 -0.65 -66.09
CA TYR C 462 12.04 -1.84 -65.88
C TYR C 462 10.68 -1.44 -65.34
N PHE C 463 9.67 -2.23 -65.69
CA PHE C 463 8.32 -2.00 -65.19
C PHE C 463 8.24 -2.38 -63.71
N PRO C 464 7.77 -1.49 -62.84
CA PRO C 464 7.81 -1.77 -61.39
C PRO C 464 6.84 -2.84 -60.94
N LEU C 465 5.79 -3.13 -61.71
CA LEU C 465 4.74 -4.06 -61.30
C LEU C 465 4.92 -5.40 -62.01
N GLN C 466 4.98 -6.46 -61.20
CA GLN C 466 5.18 -7.82 -61.76
C GLN C 466 3.98 -8.69 -61.40
N SER C 467 3.75 -9.74 -62.18
CA SER C 467 2.61 -10.62 -61.98
C SER C 467 2.96 -11.80 -61.07
N TYR C 468 1.92 -12.50 -60.64
CA TYR C 468 2.03 -13.70 -59.82
C TYR C 468 1.73 -14.93 -60.68
N GLY C 469 2.53 -15.98 -60.50
CA GLY C 469 2.31 -17.21 -61.24
C GLY C 469 1.48 -18.24 -60.52
N PHE C 470 0.22 -17.91 -60.23
CA PHE C 470 -0.64 -18.77 -59.43
C PHE C 470 -1.19 -19.90 -60.28
N GLN C 471 -0.83 -21.14 -59.93
CA GLN C 471 -1.39 -22.33 -60.55
C GLN C 471 -1.58 -23.41 -59.50
N PRO C 472 -2.60 -24.27 -59.65
CA PRO C 472 -2.92 -25.23 -58.59
C PRO C 472 -1.84 -26.28 -58.35
N THR C 473 -1.00 -26.56 -59.34
CA THR C 473 0.05 -27.55 -59.18
C THR C 473 1.12 -27.08 -58.20
N ASN C 474 1.27 -25.77 -58.01
CA ASN C 474 2.32 -25.24 -57.16
C ASN C 474 2.13 -25.71 -55.72
N GLY C 475 3.24 -26.03 -55.06
CA GLY C 475 3.18 -26.52 -53.71
C GLY C 475 2.82 -25.42 -52.72
N VAL C 476 2.62 -25.84 -51.47
CA VAL C 476 2.27 -24.88 -50.42
C VAL C 476 3.42 -23.91 -50.25
N GLY C 477 3.08 -22.66 -49.94
CA GLY C 477 4.07 -21.60 -49.91
C GLY C 477 3.91 -20.70 -51.12
N TYR C 478 3.39 -21.24 -52.21
CA TYR C 478 3.00 -20.45 -53.36
C TYR C 478 1.49 -20.44 -53.56
N GLN C 479 0.75 -21.20 -52.77
CA GLN C 479 -0.70 -21.15 -52.84
C GLN C 479 -1.17 -19.73 -52.55
N PRO C 480 -2.15 -19.22 -53.28
CA PRO C 480 -2.68 -17.88 -52.97
C PRO C 480 -3.30 -17.85 -51.58
N TYR C 481 -3.17 -16.71 -50.93
CA TYR C 481 -3.66 -16.51 -49.57
C TYR C 481 -4.37 -15.17 -49.52
N ARG C 482 -5.61 -15.18 -49.07
CA ARG C 482 -6.37 -13.93 -48.93
C ARG C 482 -6.23 -13.42 -47.51
N VAL C 483 -6.04 -12.11 -47.39
CA VAL C 483 -5.68 -11.46 -46.13
C VAL C 483 -6.62 -10.29 -45.90
N VAL C 484 -7.16 -10.20 -44.70
CA VAL C 484 -7.96 -9.07 -44.24
C VAL C 484 -7.33 -8.55 -42.96
N VAL C 485 -6.97 -7.28 -42.94
CA VAL C 485 -6.38 -6.63 -41.78
C VAL C 485 -7.41 -5.68 -41.21
N LEU C 486 -7.74 -5.86 -39.93
CA LEU C 486 -8.77 -5.09 -39.25
C LEU C 486 -8.08 -4.14 -38.26
N SER C 487 -8.03 -2.86 -38.62
CA SER C 487 -7.44 -1.84 -37.77
C SER C 487 -8.54 -1.15 -36.98
N PHE C 488 -8.48 -1.25 -35.66
CA PHE C 488 -9.46 -0.64 -34.78
C PHE C 488 -8.96 0.75 -34.40
N GLU C 489 -9.48 1.78 -35.07
CA GLU C 489 -9.09 3.14 -34.75
C GLU C 489 -9.51 3.46 -33.31
N LEU C 490 -8.52 3.72 -32.46
CA LEU C 490 -8.78 3.83 -31.04
C LEU C 490 -9.65 5.06 -30.75
N LEU C 491 -10.13 5.12 -29.50
CA LEU C 491 -11.10 6.14 -29.11
C LEU C 491 -10.44 7.52 -29.10
N HIS C 492 -10.96 8.41 -29.94
CA HIS C 492 -10.60 9.82 -29.89
C HIS C 492 -11.88 10.64 -29.77
N ALA C 493 -12.98 10.07 -30.28
CA ALA C 493 -14.33 10.57 -30.14
C ALA C 493 -15.17 9.43 -29.56
N PRO C 494 -16.35 9.71 -29.00
CA PRO C 494 -17.16 8.62 -28.44
C PRO C 494 -17.40 7.51 -29.47
N ALA C 495 -17.24 6.27 -29.02
CA ALA C 495 -17.29 5.13 -29.93
C ALA C 495 -18.71 4.87 -30.40
N THR C 496 -18.81 4.20 -31.56
CA THR C 496 -20.10 3.86 -32.14
C THR C 496 -20.19 2.44 -32.64
N VAL C 497 -19.14 1.63 -32.48
CA VAL C 497 -19.12 0.26 -33.00
C VAL C 497 -18.65 -0.67 -31.88
N CYS C 498 -19.47 -1.65 -31.54
CA CYS C 498 -19.05 -2.79 -30.71
C CYS C 498 -20.16 -3.82 -30.70
N GLY C 499 -19.89 -4.93 -30.01
CA GLY C 499 -20.65 -6.15 -30.17
C GLY C 499 -22.04 -6.12 -29.60
N PRO C 500 -22.87 -7.07 -30.05
CA PRO C 500 -24.23 -7.16 -29.54
C PRO C 500 -24.25 -7.68 -28.11
N LYS C 501 -25.31 -7.32 -27.41
CA LYS C 501 -25.54 -7.75 -26.03
C LYS C 501 -26.62 -8.83 -26.02
N LYS C 502 -26.29 -10.00 -25.51
CA LYS C 502 -27.21 -11.12 -25.52
C LYS C 502 -28.23 -10.99 -24.38
N SER C 503 -29.23 -11.86 -24.42
CA SER C 503 -30.32 -11.82 -23.45
C SER C 503 -30.95 -13.21 -23.38
N THR C 504 -31.69 -13.44 -22.30
CA THR C 504 -32.34 -14.71 -22.05
C THR C 504 -33.84 -14.59 -22.31
N ASN C 505 -34.57 -15.66 -22.04
CA ASN C 505 -36.02 -15.63 -22.15
C ASN C 505 -36.63 -14.91 -20.95
N LEU C 506 -37.92 -14.61 -21.06
CA LEU C 506 -38.65 -13.90 -20.01
C LEU C 506 -39.50 -14.92 -19.25
N VAL C 507 -39.01 -15.35 -18.10
CA VAL C 507 -39.74 -16.27 -17.23
C VAL C 507 -40.54 -15.44 -16.23
N LYS C 508 -41.77 -15.85 -15.98
CA LYS C 508 -42.68 -15.10 -15.13
C LYS C 508 -43.24 -15.99 -14.03
N ASN C 509 -43.63 -15.37 -12.91
CA ASN C 509 -44.28 -16.13 -11.82
C ASN C 509 -43.27 -17.04 -11.13
N LYS C 510 -41.98 -16.69 -11.18
CA LYS C 510 -40.95 -17.44 -10.40
C LYS C 510 -39.96 -16.42 -9.85
N CYS C 511 -39.20 -16.76 -8.80
CA CYS C 511 -38.22 -15.82 -8.19
C CYS C 511 -36.97 -15.89 -9.06
N VAL C 512 -36.58 -14.79 -9.71
CA VAL C 512 -35.41 -14.86 -10.64
C VAL C 512 -34.55 -13.59 -10.50
N ASN C 513 -33.22 -13.75 -10.49
CA ASN C 513 -32.32 -12.57 -10.50
C ASN C 513 -32.51 -11.93 -11.87
N PHE C 514 -32.61 -10.60 -11.97
CA PHE C 514 -32.95 -10.03 -13.30
C PHE C 514 -32.15 -8.78 -13.66
N ASN C 515 -31.82 -8.63 -14.94
CA ASN C 515 -31.16 -7.41 -15.46
C ASN C 515 -32.05 -6.96 -16.62
N PHE C 516 -32.50 -5.71 -16.59
CA PHE C 516 -33.39 -5.18 -17.64
C PHE C 516 -32.81 -3.86 -18.13
N ASN C 517 -31.82 -3.91 -19.02
CA ASN C 517 -31.17 -2.69 -19.56
C ASN C 517 -30.33 -2.03 -18.47
N GLY C 518 -29.89 -2.80 -17.48
CA GLY C 518 -29.01 -2.23 -16.45
C GLY C 518 -29.60 -2.14 -15.04
N LEU C 519 -30.92 -2.20 -14.87
CA LEU C 519 -31.48 -2.25 -13.50
C LEU C 519 -31.32 -3.70 -13.05
N THR C 520 -30.70 -3.92 -11.90
CA THR C 520 -30.48 -5.29 -11.41
C THR C 520 -31.26 -5.48 -10.11
N GLY C 521 -31.72 -6.71 -9.85
CA GLY C 521 -32.45 -7.01 -8.61
C GLY C 521 -32.97 -8.43 -8.61
N THR C 522 -33.57 -8.89 -7.50
CA THR C 522 -34.16 -10.26 -7.44
C THR C 522 -35.64 -10.10 -7.06
N GLY C 523 -36.53 -10.92 -7.63
CA GLY C 523 -37.96 -10.74 -7.36
C GLY C 523 -38.81 -11.69 -8.15
N VAL C 524 -40.12 -11.52 -8.11
CA VAL C 524 -41.05 -12.35 -8.92
C VAL C 524 -41.66 -11.41 -9.92
N LEU C 525 -41.61 -11.73 -11.22
CA LEU C 525 -42.08 -10.78 -12.25
C LEU C 525 -43.44 -11.24 -12.75
N THR C 526 -44.42 -10.36 -12.79
CA THR C 526 -45.79 -10.72 -13.22
C THR C 526 -46.32 -9.61 -14.12
N GLU C 527 -47.37 -9.89 -14.88
CA GLU C 527 -47.91 -8.89 -15.84
C GLU C 527 -48.57 -7.75 -15.06
N SER C 528 -48.66 -6.57 -15.66
CA SER C 528 -49.16 -5.40 -14.90
C SER C 528 -50.23 -4.64 -15.67
N ASN C 529 -51.07 -3.89 -14.94
CA ASN C 529 -52.13 -3.08 -15.57
C ASN C 529 -51.73 -1.62 -15.49
N LYS C 530 -50.47 -1.33 -15.15
CA LYS C 530 -49.97 0.07 -15.11
C LYS C 530 -49.84 0.61 -16.54
N LYS C 531 -50.05 1.91 -16.72
CA LYS C 531 -49.92 2.52 -18.07
C LYS C 531 -48.83 3.60 -18.03
N PHE C 532 -47.56 3.21 -18.21
CA PHE C 532 -46.47 4.22 -18.25
C PHE C 532 -46.64 5.07 -19.51
N LEU C 533 -46.21 6.33 -19.46
CA LEU C 533 -46.24 7.18 -20.67
C LEU C 533 -45.18 6.62 -21.60
N PRO C 534 -45.16 6.92 -22.93
CA PRO C 534 -44.23 6.27 -23.85
C PRO C 534 -42.73 6.35 -23.52
N PHE C 535 -42.27 7.46 -22.96
CA PHE C 535 -40.82 7.64 -22.72
C PHE C 535 -40.39 7.10 -21.35
N GLN C 536 -41.29 6.45 -20.59
CA GLN C 536 -40.97 6.04 -19.20
C GLN C 536 -40.54 4.59 -19.15
N GLN C 537 -39.39 4.28 -18.54
CA GLN C 537 -38.87 2.89 -18.60
C GLN C 537 -39.23 2.10 -17.33
N PHE C 538 -38.98 2.66 -16.14
CA PHE C 538 -39.22 1.88 -14.90
C PHE C 538 -40.02 2.70 -13.89
N GLY C 539 -40.70 2.03 -12.96
CA GLY C 539 -41.53 2.72 -11.96
C GLY C 539 -40.94 2.65 -10.57
N ARG C 540 -40.96 3.77 -9.83
CA ARG C 540 -40.47 3.82 -8.44
C ARG C 540 -41.68 4.21 -7.60
N ASP C 541 -41.77 3.72 -6.35
CA ASP C 541 -42.98 3.96 -5.51
C ASP C 541 -42.79 5.17 -4.58
N ILE C 542 -43.55 5.23 -3.48
CA ILE C 542 -43.48 6.36 -2.49
C ILE C 542 -42.17 6.30 -1.69
N ALA C 543 -41.62 5.11 -1.46
CA ALA C 543 -40.39 4.95 -0.67
C ALA C 543 -39.18 4.89 -1.60
N ASP C 544 -39.34 5.21 -2.88
CA ASP C 544 -38.23 5.13 -3.87
C ASP C 544 -37.70 3.69 -4.03
N THR C 545 -38.58 2.71 -4.20
CA THR C 545 -38.12 1.33 -4.49
C THR C 545 -38.70 0.94 -5.86
N THR C 546 -37.90 0.34 -6.75
CA THR C 546 -38.40 0.03 -8.10
C THR C 546 -39.46 -1.06 -7.99
N ASP C 547 -40.64 -0.84 -8.57
CA ASP C 547 -41.74 -1.83 -8.50
C ASP C 547 -42.26 -2.20 -9.88
N ALA C 548 -41.70 -1.61 -10.94
CA ALA C 548 -42.11 -2.02 -12.30
C ALA C 548 -40.99 -1.77 -13.31
N VAL C 549 -40.93 -2.59 -14.37
CA VAL C 549 -39.91 -2.46 -15.44
C VAL C 549 -40.63 -2.72 -16.75
N ARG C 550 -40.24 -2.08 -17.85
CA ARG C 550 -40.83 -2.36 -19.17
C ARG C 550 -39.87 -3.30 -19.90
N ASP C 551 -40.32 -4.46 -20.35
CA ASP C 551 -39.37 -5.41 -20.98
C ASP C 551 -38.81 -4.68 -22.18
N PRO C 552 -37.48 -4.62 -22.41
CA PRO C 552 -36.95 -3.84 -23.51
C PRO C 552 -37.39 -4.31 -24.90
N GLN C 553 -37.38 -5.62 -25.17
CA GLN C 553 -37.70 -6.12 -26.53
C GLN C 553 -39.18 -6.03 -26.89
N THR C 554 -40.07 -6.56 -26.05
CA THR C 554 -41.53 -6.39 -26.27
C THR C 554 -41.94 -5.36 -25.24
N LEU C 555 -42.60 -4.28 -25.62
CA LEU C 555 -42.81 -3.21 -24.63
C LEU C 555 -43.98 -3.53 -23.71
N GLU C 556 -43.82 -4.49 -22.81
CA GLU C 556 -44.90 -4.88 -21.87
C GLU C 556 -44.50 -4.45 -20.46
N ILE C 557 -45.41 -3.79 -19.74
CA ILE C 557 -45.13 -3.34 -18.35
C ILE C 557 -45.24 -4.56 -17.45
N LEU C 558 -44.27 -4.75 -16.56
CA LEU C 558 -44.25 -5.95 -15.69
C LEU C 558 -44.06 -5.45 -14.27
N ASP C 559 -44.44 -6.24 -13.27
CA ASP C 559 -44.39 -5.77 -11.87
C ASP C 559 -43.43 -6.63 -11.05
N ILE C 560 -42.60 -5.99 -10.22
CA ILE C 560 -41.62 -6.73 -9.39
C ILE C 560 -42.19 -6.81 -7.98
N THR C 561 -42.38 -8.02 -7.46
CA THR C 561 -42.93 -8.26 -6.10
C THR C 561 -41.90 -9.07 -5.34
N PRO C 562 -41.54 -8.73 -4.09
CA PRO C 562 -40.43 -9.42 -3.42
C PRO C 562 -40.64 -10.90 -3.20
N CYS C 563 -39.54 -11.67 -3.21
CA CYS C 563 -39.63 -13.14 -3.02
C CYS C 563 -40.07 -13.40 -1.59
N SER C 564 -40.88 -14.44 -1.36
CA SER C 564 -41.48 -14.67 -0.02
C SER C 564 -40.46 -14.82 1.08
N PHE C 565 -40.69 -14.15 2.20
CA PHE C 565 -39.81 -14.29 3.37
C PHE C 565 -40.68 -14.16 4.60
N GLY C 566 -40.28 -14.78 5.69
CA GLY C 566 -41.00 -14.63 6.94
C GLY C 566 -40.37 -15.44 8.04
N GLY C 567 -41.12 -15.62 9.11
CA GLY C 567 -40.64 -16.38 10.25
C GLY C 567 -41.31 -17.73 10.40
N VAL C 568 -40.68 -18.63 11.14
CA VAL C 568 -41.21 -19.97 11.38
C VAL C 568 -41.40 -20.12 12.89
N SER C 569 -42.59 -20.55 13.29
CA SER C 569 -42.91 -20.73 14.69
C SER C 569 -43.34 -22.17 14.94
N VAL C 570 -43.00 -22.68 16.13
CA VAL C 570 -43.35 -24.03 16.54
C VAL C 570 -44.34 -23.95 17.69
N ILE C 571 -45.46 -24.64 17.55
CA ILE C 571 -46.53 -24.67 18.53
C ILE C 571 -46.48 -26.02 19.24
N THR C 572 -46.28 -25.99 20.55
CA THR C 572 -46.13 -27.21 21.30
C THR C 572 -47.03 -27.21 22.54
N PRO C 573 -47.56 -28.37 22.93
CA PRO C 573 -48.33 -28.45 24.17
C PRO C 573 -47.45 -28.77 25.37
N GLY C 574 -46.14 -28.62 25.20
CA GLY C 574 -45.21 -28.91 26.28
C GLY C 574 -44.78 -30.35 26.29
N THR C 575 -43.48 -30.60 26.46
CA THR C 575 -42.98 -31.96 26.46
C THR C 575 -43.44 -32.77 27.68
N ASN C 576 -44.03 -32.11 28.67
CA ASN C 576 -44.56 -32.82 29.82
C ASN C 576 -45.83 -33.61 29.49
N THR C 577 -46.44 -33.35 28.33
CA THR C 577 -47.64 -34.06 27.92
C THR C 577 -47.48 -34.82 26.63
N SER C 578 -46.82 -34.26 25.63
CA SER C 578 -46.67 -34.91 24.34
C SER C 578 -45.46 -34.34 23.61
N ASN C 579 -45.02 -35.05 22.58
CA ASN C 579 -43.93 -34.61 21.72
C ASN C 579 -44.40 -34.33 20.30
N GLN C 580 -45.68 -34.05 20.13
CA GLN C 580 -46.25 -33.74 18.82
C GLN C 580 -46.47 -32.24 18.70
N VAL C 581 -45.90 -31.63 17.66
CA VAL C 581 -45.89 -30.19 17.50
C VAL C 581 -46.56 -29.83 16.18
N ALA C 582 -46.85 -28.53 16.04
CA ALA C 582 -47.35 -27.97 14.80
C ALA C 582 -46.43 -26.82 14.39
N VAL C 583 -46.49 -26.44 13.11
CA VAL C 583 -45.61 -25.40 12.58
C VAL C 583 -46.45 -24.31 11.95
N LEU C 584 -46.00 -23.06 12.09
CA LEU C 584 -46.67 -21.92 11.50
C LEU C 584 -45.66 -21.13 10.67
N TYR C 585 -45.99 -20.92 9.40
CA TYR C 585 -45.19 -20.09 8.51
C TYR C 585 -45.93 -18.75 8.37
N GLN C 586 -45.31 -17.68 8.85
CA GLN C 586 -45.99 -16.41 8.98
C GLN C 586 -45.93 -15.61 7.69
N GLY C 587 -47.08 -15.07 7.27
CA GLY C 587 -47.14 -14.23 6.09
C GLY C 587 -46.74 -14.93 4.82
N VAL C 588 -47.07 -16.22 4.65
CA VAL C 588 -46.66 -17.01 3.46
C VAL C 588 -47.86 -17.81 2.98
N ASN C 589 -48.14 -17.83 1.67
CA ASN C 589 -49.25 -18.64 1.10
C ASN C 589 -48.88 -20.11 1.22
N CYS C 590 -49.84 -21.00 1.44
CA CYS C 590 -49.50 -22.42 1.68
C CYS C 590 -48.81 -23.04 0.47
N THR C 591 -49.18 -22.61 -0.73
CA THR C 591 -48.62 -23.17 -1.99
C THR C 591 -47.11 -22.92 -2.06
N GLU C 592 -46.64 -21.74 -1.67
CA GLU C 592 -45.20 -21.40 -1.75
C GLU C 592 -44.39 -22.10 -0.68
N VAL C 593 -45.03 -22.64 0.36
CA VAL C 593 -44.23 -23.40 1.37
C VAL C 593 -43.57 -24.56 0.63
N PRO C 594 -42.27 -24.84 0.84
CA PRO C 594 -41.63 -25.97 0.19
C PRO C 594 -42.27 -27.28 0.66
N VAL C 595 -42.45 -28.22 -0.27
CA VAL C 595 -43.15 -29.50 0.07
C VAL C 595 -42.36 -30.67 -0.52
N SER C 613 -48.71 -32.73 7.22
CA SER C 613 -49.89 -33.54 7.61
C SER C 613 -51.18 -32.91 7.06
N ASN C 614 -51.79 -31.97 7.81
CA ASN C 614 -52.96 -31.23 7.30
C ASN C 614 -52.54 -29.78 7.15
N VAL C 615 -52.79 -29.15 6.01
CA VAL C 615 -52.34 -27.76 5.77
C VAL C 615 -53.57 -26.87 5.83
N PHE C 616 -53.50 -25.75 6.55
CA PHE C 616 -54.63 -24.80 6.71
C PHE C 616 -54.09 -23.41 6.41
N GLN C 617 -54.86 -22.55 5.74
CA GLN C 617 -54.40 -21.16 5.55
C GLN C 617 -55.16 -20.28 6.52
N THR C 618 -54.45 -19.37 7.22
CA THR C 618 -55.10 -18.39 8.12
C THR C 618 -54.55 -17.01 7.75
N ARG C 619 -55.06 -15.95 8.36
CA ARG C 619 -54.48 -14.59 8.11
C ARG C 619 -53.03 -14.57 8.60
N ALA C 620 -52.76 -15.24 9.73
CA ALA C 620 -51.39 -15.30 10.28
C ALA C 620 -50.43 -15.93 9.26
N GLY C 621 -50.85 -17.04 8.64
CA GLY C 621 -50.01 -17.71 7.63
C GLY C 621 -50.42 -19.16 7.41
N CYS C 622 -49.46 -20.02 7.04
CA CYS C 622 -49.80 -21.45 6.75
C CYS C 622 -49.54 -22.31 7.99
N LEU C 623 -50.59 -22.94 8.54
CA LEU C 623 -50.38 -23.85 9.69
C LEU C 623 -50.26 -25.28 9.18
N ILE C 624 -49.29 -26.05 9.67
CA ILE C 624 -49.01 -27.41 9.23
C ILE C 624 -49.00 -28.31 10.46
N GLY C 625 -49.81 -29.37 10.43
CA GLY C 625 -49.83 -30.35 11.49
C GLY C 625 -50.97 -30.24 12.46
N ALA C 626 -51.94 -29.35 12.23
CA ALA C 626 -53.06 -29.16 13.13
C ALA C 626 -54.37 -29.30 12.37
N GLU C 627 -55.34 -29.97 12.99
CA GLU C 627 -56.62 -30.24 12.37
C GLU C 627 -57.64 -29.18 12.76
N HIS C 628 -58.26 -28.55 11.76
CA HIS C 628 -59.15 -27.43 11.99
C HIS C 628 -60.55 -27.94 12.31
N VAL C 629 -60.97 -27.77 13.57
CA VAL C 629 -62.31 -28.12 14.00
C VAL C 629 -63.26 -26.97 13.68
N ASN C 630 -64.56 -27.22 13.78
CA ASN C 630 -65.58 -26.21 13.52
C ASN C 630 -66.15 -25.58 14.79
N ASN C 631 -65.69 -26.00 15.95
CA ASN C 631 -66.23 -25.51 17.21
C ASN C 631 -65.45 -24.27 17.67
N SER C 632 -65.72 -23.82 18.89
CA SER C 632 -65.03 -22.68 19.47
C SER C 632 -64.86 -22.92 20.96
N TYR C 633 -63.64 -22.74 21.45
CA TYR C 633 -63.31 -22.90 22.85
C TYR C 633 -62.56 -21.66 23.33
N GLU C 634 -62.25 -21.63 24.63
CA GLU C 634 -61.40 -20.58 25.16
C GLU C 634 -59.99 -20.72 24.60
N CYS C 635 -59.34 -19.59 24.36
CA CYS C 635 -58.03 -19.61 23.73
C CYS C 635 -57.01 -20.26 24.65
N ASP C 636 -56.28 -21.25 24.11
CA ASP C 636 -55.19 -21.90 24.84
C ASP C 636 -53.83 -21.37 24.39
N ILE C 637 -53.54 -21.47 23.10
CA ILE C 637 -52.31 -20.96 22.51
C ILE C 637 -52.71 -19.98 21.40
N PRO C 638 -52.36 -18.71 21.49
CA PRO C 638 -52.84 -17.71 20.52
C PRO C 638 -51.98 -17.72 19.26
N ILE C 639 -52.58 -18.15 18.15
CA ILE C 639 -51.86 -18.13 16.88
C ILE C 639 -51.97 -16.75 16.25
N GLY C 640 -53.17 -16.18 16.20
CA GLY C 640 -53.34 -14.83 15.72
C GLY C 640 -54.54 -14.70 14.79
N ALA C 641 -54.95 -13.45 14.56
CA ALA C 641 -56.09 -13.12 13.70
C ALA C 641 -57.36 -13.81 14.15
N GLY C 642 -57.51 -14.04 15.45
CA GLY C 642 -58.67 -14.73 15.98
C GLY C 642 -58.55 -16.24 15.98
N ILE C 643 -57.38 -16.78 15.67
CA ILE C 643 -57.19 -18.23 15.56
C ILE C 643 -56.33 -18.68 16.73
N CYS C 644 -56.80 -19.73 17.43
CA CYS C 644 -56.12 -20.30 18.57
C CYS C 644 -55.91 -21.80 18.35
N ALA C 645 -54.87 -22.34 18.98
CA ALA C 645 -54.55 -23.75 18.89
C ALA C 645 -54.59 -24.40 20.27
N SER C 646 -54.89 -25.69 20.30
CA SER C 646 -55.01 -26.41 21.55
C SER C 646 -54.72 -27.89 21.32
N TYR C 647 -54.64 -28.64 22.41
CA TYR C 647 -54.33 -30.06 22.38
C TYR C 647 -55.55 -30.82 22.90
N GLN C 648 -56.31 -31.42 21.98
CA GLN C 648 -57.60 -32.03 22.33
C GLN C 648 -57.69 -33.42 21.72
N THR C 649 -58.42 -34.30 22.41
CA THR C 649 -58.48 -35.72 22.07
C THR C 649 -59.20 -35.99 20.75
N SER C 662 -58.05 -39.74 18.40
CA SER C 662 -57.34 -40.16 19.60
C SER C 662 -56.90 -38.96 20.42
N GLN C 663 -55.90 -38.23 19.93
CA GLN C 663 -55.33 -37.09 20.64
C GLN C 663 -54.48 -36.31 19.65
N SER C 664 -54.80 -35.04 19.44
CA SER C 664 -54.09 -34.27 18.42
C SER C 664 -54.22 -32.79 18.69
N ILE C 665 -53.47 -32.01 17.93
CA ILE C 665 -53.46 -30.55 18.04
C ILE C 665 -54.51 -30.01 17.07
N ILE C 666 -55.45 -29.24 17.60
CA ILE C 666 -56.53 -28.65 16.80
C ILE C 666 -56.34 -27.14 16.75
N ALA C 667 -56.88 -26.54 15.68
CA ALA C 667 -56.89 -25.10 15.50
C ALA C 667 -58.31 -24.65 15.25
N TYR C 668 -58.73 -23.60 15.95
CA TYR C 668 -60.10 -23.12 15.87
C TYR C 668 -60.12 -21.61 15.96
N THR C 669 -61.32 -21.04 16.00
CA THR C 669 -61.51 -19.61 16.21
C THR C 669 -61.91 -19.36 17.65
N MET C 670 -61.51 -18.20 18.16
CA MET C 670 -61.66 -17.89 19.58
C MET C 670 -63.13 -17.80 19.97
N SER C 671 -63.41 -18.18 21.22
CA SER C 671 -64.71 -17.97 21.85
C SER C 671 -64.55 -16.97 22.97
N LEU C 672 -65.31 -15.88 22.91
CA LEU C 672 -65.15 -14.79 23.87
C LEU C 672 -65.83 -15.06 25.20
N GLY C 673 -66.64 -16.11 25.31
CA GLY C 673 -67.28 -16.46 26.56
C GLY C 673 -68.69 -16.97 26.34
N ALA C 674 -69.29 -17.42 27.43
CA ALA C 674 -70.64 -17.96 27.37
C ALA C 674 -71.65 -16.85 27.03
N GLU C 675 -72.67 -17.24 26.29
CA GLU C 675 -73.73 -16.33 25.88
C GLU C 675 -74.78 -16.25 26.98
N ASN C 676 -75.09 -15.03 27.41
CA ASN C 676 -76.04 -14.81 28.49
C ASN C 676 -77.09 -13.80 28.05
N SER C 677 -78.24 -13.86 28.71
CA SER C 677 -79.34 -12.95 28.41
C SER C 677 -80.06 -12.66 29.71
N VAL C 678 -79.90 -11.44 30.22
CA VAL C 678 -80.51 -11.08 31.49
C VAL C 678 -82.00 -10.87 31.29
N ALA C 679 -82.81 -11.47 32.17
CA ALA C 679 -84.26 -11.41 32.04
C ALA C 679 -84.79 -10.03 32.38
N TYR C 680 -84.84 -9.15 31.39
CA TYR C 680 -85.19 -7.75 31.61
C TYR C 680 -86.65 -7.50 31.33
N SER C 681 -87.33 -6.86 32.27
CA SER C 681 -88.65 -6.28 32.06
C SER C 681 -88.66 -4.93 32.76
N ASN C 682 -89.84 -4.32 32.85
CA ASN C 682 -89.96 -3.00 33.46
C ASN C 682 -90.51 -3.05 34.87
N ASN C 683 -90.72 -4.24 35.44
CA ASN C 683 -91.15 -4.31 36.84
C ASN C 683 -90.51 -5.46 37.61
N SER C 684 -89.48 -6.11 37.07
CA SER C 684 -88.86 -7.24 37.73
C SER C 684 -87.45 -6.87 38.18
N ILE C 685 -87.11 -7.25 39.41
CA ILE C 685 -85.80 -6.95 39.99
C ILE C 685 -85.28 -8.19 40.69
N ALA C 686 -83.98 -8.45 40.55
CA ALA C 686 -83.33 -9.58 41.18
C ALA C 686 -82.54 -9.11 42.40
N ILE C 687 -82.73 -9.79 43.52
CA ILE C 687 -82.08 -9.38 44.77
C ILE C 687 -81.39 -10.59 45.40
N PRO C 688 -80.16 -10.44 45.89
CA PRO C 688 -79.47 -11.59 46.47
C PRO C 688 -80.04 -11.99 47.81
N THR C 689 -79.84 -13.26 48.15
CA THR C 689 -80.28 -13.80 49.44
C THR C 689 -79.12 -14.37 50.26
N ASN C 690 -77.91 -14.42 49.70
CA ASN C 690 -76.76 -14.94 50.40
C ASN C 690 -75.51 -14.24 49.88
N PHE C 691 -74.37 -14.53 50.47
CA PHE C 691 -73.14 -13.87 50.07
C PHE C 691 -71.98 -14.84 50.17
N THR C 692 -70.78 -14.33 49.85
CA THR C 692 -69.57 -15.10 49.89
C THR C 692 -68.41 -14.14 50.16
N ILE C 693 -67.45 -14.58 50.96
CA ILE C 693 -66.25 -13.82 51.27
C ILE C 693 -65.11 -14.43 50.47
N SER C 694 -64.55 -13.68 49.53
CA SER C 694 -63.53 -14.20 48.63
C SER C 694 -62.22 -13.47 48.83
N VAL C 695 -61.11 -14.21 48.77
CA VAL C 695 -59.77 -13.66 48.89
C VAL C 695 -59.06 -13.82 47.56
N THR C 696 -58.52 -12.73 47.05
CA THR C 696 -57.82 -12.68 45.77
C THR C 696 -56.38 -12.24 46.02
N THR C 697 -55.46 -12.63 45.15
CA THR C 697 -54.07 -12.25 45.29
C THR C 697 -53.64 -11.35 44.13
N GLU C 698 -52.71 -10.44 44.42
CA GLU C 698 -52.16 -9.58 43.38
C GLU C 698 -50.69 -9.35 43.67
N ILE C 699 -49.84 -9.62 42.69
CA ILE C 699 -48.39 -9.59 42.85
C ILE C 699 -47.83 -8.41 42.06
N LEU C 700 -47.02 -7.58 42.73
CA LEU C 700 -46.47 -6.40 42.09
C LEU C 700 -44.97 -6.29 42.40
N PRO C 701 -44.12 -6.17 41.38
CA PRO C 701 -42.69 -5.95 41.64
C PRO C 701 -42.41 -4.48 41.96
N VAL C 702 -41.51 -4.26 42.91
CA VAL C 702 -41.20 -2.91 43.35
C VAL C 702 -39.75 -2.51 43.10
N SER C 703 -38.82 -3.45 42.91
CA SER C 703 -37.42 -3.06 42.72
C SER C 703 -36.70 -4.17 41.97
N MET C 704 -35.45 -3.90 41.62
CA MET C 704 -34.60 -4.85 40.92
C MET C 704 -33.18 -4.71 41.43
N THR C 705 -32.28 -5.55 40.91
CA THR C 705 -30.91 -5.64 41.41
C THR C 705 -30.13 -4.38 41.04
N LYS C 706 -29.27 -3.95 41.96
CA LYS C 706 -28.48 -2.72 41.79
C LYS C 706 -27.09 -3.10 41.28
N THR C 707 -27.00 -3.33 39.98
CA THR C 707 -25.73 -3.65 39.36
C THR C 707 -25.07 -2.41 38.78
N SER C 708 -23.75 -2.34 38.92
CA SER C 708 -22.95 -1.24 38.40
C SER C 708 -21.77 -1.80 37.65
N VAL C 709 -21.53 -1.30 36.44
CA VAL C 709 -20.46 -1.78 35.57
C VAL C 709 -19.46 -0.65 35.36
N ASP C 710 -18.22 -0.90 35.73
CA ASP C 710 -17.15 0.07 35.49
C ASP C 710 -16.82 0.13 34.01
N CYS C 711 -16.55 1.33 33.52
CA CYS C 711 -16.35 1.51 32.08
C CYS C 711 -14.95 1.08 31.65
N THR C 712 -13.92 1.65 32.28
CA THR C 712 -12.56 1.39 31.83
C THR C 712 -12.18 -0.08 32.02
N MET C 713 -12.53 -0.66 33.16
CA MET C 713 -12.14 -2.04 33.43
C MET C 713 -12.87 -3.02 32.51
N TYR C 714 -14.12 -2.73 32.17
CA TYR C 714 -14.85 -3.59 31.25
C TYR C 714 -14.21 -3.55 29.86
N ILE C 715 -13.89 -2.35 29.38
CA ILE C 715 -13.31 -2.23 28.04
C ILE C 715 -11.94 -2.88 27.98
N CYS C 716 -11.06 -2.54 28.93
CA CYS C 716 -9.74 -3.14 28.99
C CYS C 716 -9.18 -2.97 30.40
N GLY C 717 -9.13 -4.06 31.16
CA GLY C 717 -8.75 -3.97 32.55
C GLY C 717 -7.26 -3.99 32.82
N ASP C 718 -6.47 -4.51 31.90
CA ASP C 718 -5.03 -4.64 32.08
C ASP C 718 -4.21 -3.64 31.30
N SER C 719 -4.57 -3.41 30.03
CA SER C 719 -3.77 -2.57 29.15
C SER C 719 -3.76 -1.12 29.64
N THR C 720 -2.62 -0.47 29.47
CA THR C 720 -2.46 0.96 29.74
C THR C 720 -2.55 1.80 28.47
N GLU C 721 -2.03 1.28 27.36
CA GLU C 721 -2.18 1.96 26.09
C GLU C 721 -3.65 2.05 25.68
N CYS C 722 -4.42 1.00 25.97
CA CYS C 722 -5.85 1.04 25.69
C CYS C 722 -6.54 2.12 26.52
N SER C 723 -6.16 2.25 27.80
CA SER C 723 -6.74 3.29 28.63
C SER C 723 -6.37 4.68 28.12
N ASN C 724 -5.12 4.85 27.66
CA ASN C 724 -4.71 6.12 27.10
C ASN C 724 -5.50 6.45 25.84
N LEU C 725 -5.76 5.45 25.00
CA LEU C 725 -6.58 5.68 23.81
C LEU C 725 -8.02 6.00 24.19
N LEU C 726 -8.55 5.32 25.21
CA LEU C 726 -9.91 5.56 25.65
C LEU C 726 -10.08 6.96 26.22
N LEU C 727 -9.04 7.50 26.85
CA LEU C 727 -9.09 8.85 27.36
C LEU C 727 -9.35 9.88 26.27
N GLN C 728 -9.04 9.54 25.01
CA GLN C 728 -9.28 10.47 23.91
C GLN C 728 -10.77 10.68 23.63
N TYR C 729 -11.64 9.80 24.12
CA TYR C 729 -13.05 9.85 23.82
C TYR C 729 -13.84 10.74 24.76
N GLY C 730 -13.18 11.68 25.44
CA GLY C 730 -13.90 12.56 26.33
C GLY C 730 -14.49 11.81 27.52
N SER C 731 -15.62 12.30 28.02
CA SER C 731 -16.29 11.71 29.17
C SER C 731 -17.44 10.81 28.69
N PHE C 732 -17.06 9.73 28.02
CA PHE C 732 -18.01 8.69 27.65
C PHE C 732 -18.08 7.58 28.68
N CYS C 733 -17.29 7.65 29.76
CA CYS C 733 -17.30 6.63 30.79
C CYS C 733 -17.72 7.17 32.15
N THR C 734 -18.12 8.44 32.22
CA THR C 734 -18.69 8.99 33.45
C THR C 734 -20.21 9.11 33.38
N GLN C 735 -20.76 9.35 32.19
CA GLN C 735 -22.20 9.39 32.03
C GLN C 735 -22.83 8.04 32.37
N LEU C 736 -22.19 6.94 31.95
CA LEU C 736 -22.72 5.62 32.25
C LEU C 736 -22.74 5.36 33.75
N ASN C 737 -21.66 5.74 34.44
CA ASN C 737 -21.61 5.56 35.89
C ASN C 737 -22.67 6.39 36.58
N ARG C 738 -22.87 7.64 36.13
CA ARG C 738 -23.91 8.47 36.71
C ARG C 738 -25.28 7.86 36.52
N ALA C 739 -25.56 7.34 35.32
CA ALA C 739 -26.86 6.75 35.04
C ALA C 739 -27.11 5.53 35.93
N LEU C 740 -26.12 4.64 36.04
CA LEU C 740 -26.31 3.44 36.85
C LEU C 740 -26.47 3.78 38.33
N THR C 741 -25.72 4.77 38.82
CA THR C 741 -25.88 5.20 40.19
C THR C 741 -27.27 5.75 40.44
N GLY C 742 -27.79 6.55 39.50
CA GLY C 742 -29.15 7.04 39.63
C GLY C 742 -30.16 5.92 39.68
N ILE C 743 -29.96 4.89 38.85
CA ILE C 743 -30.88 3.75 38.86
C ILE C 743 -30.88 3.06 40.21
N ALA C 744 -29.70 2.84 40.79
CA ALA C 744 -29.62 2.16 42.09
C ALA C 744 -30.29 2.97 43.19
N VAL C 745 -30.02 4.29 43.23
CA VAL C 745 -30.66 5.14 44.22
C VAL C 745 -32.18 5.09 44.05
N GLU C 746 -32.64 5.06 42.80
CA GLU C 746 -34.07 4.97 42.54
C GLU C 746 -34.66 3.67 43.08
N GLN C 747 -33.93 2.56 42.94
CA GLN C 747 -34.43 1.28 43.47
C GLN C 747 -34.63 1.36 44.98
N ASP C 748 -33.65 1.92 45.68
CA ASP C 748 -33.80 2.06 47.13
C ASP C 748 -34.98 2.96 47.48
N LYS C 749 -35.17 4.04 46.71
CA LYS C 749 -36.30 4.92 46.92
C LYS C 749 -37.63 4.20 46.70
N ASN C 750 -37.69 3.33 45.69
CA ASN C 750 -38.90 2.56 45.42
C ASN C 750 -39.28 1.71 46.62
N THR C 751 -38.32 0.95 47.13
CA THR C 751 -38.62 0.10 48.29
C THR C 751 -39.08 0.93 49.48
N GLN C 752 -38.38 2.04 49.76
CA GLN C 752 -38.75 2.88 50.89
C GLN C 752 -40.15 3.45 50.73
N GLU C 753 -40.48 3.90 49.52
CA GLU C 753 -41.78 4.50 49.26
C GLU C 753 -42.90 3.49 49.44
N VAL C 754 -42.71 2.26 48.96
CA VAL C 754 -43.77 1.26 49.07
C VAL C 754 -43.98 0.84 50.52
N PHE C 755 -42.90 0.50 51.23
CA PHE C 755 -43.07 -0.23 52.48
C PHE C 755 -43.08 0.64 53.72
N ALA C 756 -42.27 1.69 53.77
CA ALA C 756 -42.17 2.52 54.98
C ALA C 756 -43.31 3.53 54.99
N GLN C 757 -44.46 3.12 55.55
CA GLN C 757 -45.63 3.98 55.64
C GLN C 757 -46.20 4.07 57.04
N VAL C 758 -45.53 3.50 58.03
CA VAL C 758 -45.96 3.58 59.42
C VAL C 758 -44.86 4.26 60.22
N LYS C 759 -45.26 5.19 61.08
CA LYS C 759 -44.31 5.86 61.96
C LYS C 759 -43.90 5.01 63.16
N GLN C 760 -44.70 3.99 63.49
CA GLN C 760 -44.44 3.15 64.65
C GLN C 760 -44.58 1.69 64.27
N ILE C 761 -43.95 0.83 65.06
CA ILE C 761 -43.97 -0.60 64.84
C ILE C 761 -44.99 -1.18 65.81
N TYR C 762 -46.19 -1.48 65.31
CA TYR C 762 -47.24 -2.03 66.15
C TYR C 762 -47.02 -3.52 66.39
N LYS C 763 -47.66 -4.04 67.43
CA LYS C 763 -47.51 -5.42 67.83
C LYS C 763 -48.87 -6.03 68.11
N THR C 764 -49.08 -7.25 67.64
CA THR C 764 -50.31 -7.98 67.92
C THR C 764 -50.30 -8.51 69.34
N PRO C 765 -51.45 -8.52 70.01
CA PRO C 765 -51.47 -8.96 71.41
C PRO C 765 -51.16 -10.45 71.51
N PRO C 766 -50.61 -10.89 72.65
CA PRO C 766 -50.35 -12.33 72.81
C PRO C 766 -51.60 -13.19 72.74
N ILE C 767 -52.74 -12.68 73.20
CA ILE C 767 -54.01 -13.38 73.11
C ILE C 767 -54.61 -13.09 71.74
N LYS C 768 -55.11 -14.13 71.08
CA LYS C 768 -55.55 -13.99 69.69
C LYS C 768 -56.99 -14.44 69.51
N ASP C 769 -57.88 -13.93 70.36
CA ASP C 769 -59.32 -14.16 70.22
C ASP C 769 -59.90 -12.99 69.44
N PHE C 770 -60.08 -13.16 68.13
CA PHE C 770 -60.57 -12.12 67.25
C PHE C 770 -62.01 -12.38 66.80
N GLY C 771 -62.82 -12.98 67.67
CA GLY C 771 -64.20 -13.24 67.33
C GLY C 771 -64.42 -14.39 66.39
N GLY C 772 -63.44 -15.27 66.22
CA GLY C 772 -63.54 -16.43 65.35
C GLY C 772 -62.66 -16.37 64.13
N PHE C 773 -62.18 -15.19 63.75
CA PHE C 773 -61.29 -15.06 62.62
C PHE C 773 -59.90 -15.54 62.99
N ASN C 774 -59.23 -16.23 62.07
CA ASN C 774 -57.96 -16.89 62.33
C ASN C 774 -56.93 -16.36 61.34
N PHE C 775 -56.04 -15.49 61.83
CA PHE C 775 -55.03 -14.86 61.00
C PHE C 775 -53.66 -15.52 61.11
N SER C 776 -53.62 -16.79 61.53
CA SER C 776 -52.34 -17.45 61.73
C SER C 776 -51.53 -17.56 60.45
N GLN C 777 -52.19 -17.53 59.29
CA GLN C 777 -51.49 -17.72 58.02
C GLN C 777 -50.74 -16.49 57.56
N ILE C 778 -51.00 -15.33 58.14
CA ILE C 778 -50.39 -14.09 57.67
C ILE C 778 -49.56 -13.46 58.79
N LEU C 779 -49.92 -13.76 60.03
CA LEU C 779 -49.18 -13.24 61.17
C LEU C 779 -47.81 -13.91 61.27
N PRO C 780 -46.84 -13.24 61.90
CA PRO C 780 -45.50 -13.83 61.99
C PRO C 780 -45.48 -15.11 62.80
N ASP C 781 -44.56 -16.00 62.46
CA ASP C 781 -44.40 -17.27 63.15
C ASP C 781 -43.27 -17.15 64.16
N PRO C 782 -43.56 -17.14 65.46
CA PRO C 782 -42.47 -17.00 66.44
C PRO C 782 -41.48 -18.14 66.42
N SER C 783 -41.93 -19.36 66.14
CA SER C 783 -41.04 -20.52 66.17
C SER C 783 -39.98 -20.44 65.08
N LYS C 784 -40.36 -19.96 63.90
CA LYS C 784 -39.45 -19.95 62.77
C LYS C 784 -38.34 -18.92 62.98
N PRO C 785 -37.09 -19.27 62.66
CA PRO C 785 -35.98 -18.33 62.89
C PRO C 785 -36.08 -17.04 62.11
N SER C 786 -36.65 -17.06 60.90
CA SER C 786 -36.69 -15.88 60.06
C SER C 786 -37.80 -14.92 60.42
N LYS C 787 -38.70 -15.32 61.32
CA LYS C 787 -39.82 -14.48 61.78
C LYS C 787 -40.75 -14.10 60.64
N ARG C 788 -40.83 -14.94 59.62
CA ARG C 788 -41.80 -14.76 58.54
C ARG C 788 -43.08 -15.54 58.86
N SER C 789 -44.06 -15.38 57.97
CA SER C 789 -45.31 -16.11 58.08
C SER C 789 -45.27 -17.31 57.14
N PHE C 790 -46.39 -18.04 57.08
CA PHE C 790 -46.45 -19.22 56.22
C PHE C 790 -46.39 -18.83 54.75
N ILE C 791 -47.23 -17.88 54.34
CA ILE C 791 -47.31 -17.48 52.95
C ILE C 791 -46.03 -16.80 52.50
N GLU C 792 -45.40 -16.02 53.39
CA GLU C 792 -44.12 -15.41 53.04
C GLU C 792 -43.05 -16.47 52.79
N ASP C 793 -43.03 -17.52 53.60
CA ASP C 793 -42.09 -18.62 53.37
C ASP C 793 -42.36 -19.30 52.04
N LEU C 794 -43.64 -19.54 51.72
CA LEU C 794 -43.98 -20.13 50.43
C LEU C 794 -43.47 -19.26 49.29
N LEU C 795 -43.72 -17.94 49.38
CA LEU C 795 -43.32 -17.03 48.32
C LEU C 795 -41.81 -16.98 48.16
N PHE C 796 -41.08 -17.00 49.28
CA PHE C 796 -39.63 -16.93 49.19
C PHE C 796 -39.04 -18.24 48.66
N ASN C 797 -39.68 -19.38 48.93
CA ASN C 797 -39.18 -20.64 48.41
C ASN C 797 -39.47 -20.77 46.92
N LYS C 798 -40.66 -20.36 46.48
CA LYS C 798 -41.03 -20.56 45.08
C LYS C 798 -40.23 -19.70 44.11
N VAL C 799 -39.50 -18.70 44.59
CA VAL C 799 -38.71 -17.84 43.72
C VAL C 799 -37.23 -17.97 44.02
N PHE C 828 -14.66 -10.25 37.48
CA PHE C 828 -15.99 -10.40 36.88
C PHE C 828 -16.13 -9.46 35.69
N ASN C 829 -15.00 -9.10 35.09
CA ASN C 829 -14.92 -8.15 33.98
C ASN C 829 -15.35 -6.75 34.38
N GLY C 830 -15.31 -6.43 35.68
CA GLY C 830 -15.56 -5.08 36.13
C GLY C 830 -16.99 -4.74 36.46
N LEU C 831 -17.82 -5.73 36.82
CA LEU C 831 -19.20 -5.49 37.19
C LEU C 831 -19.44 -5.96 38.62
N THR C 832 -20.20 -5.16 39.38
CA THR C 832 -20.44 -5.41 40.79
C THR C 832 -21.92 -5.25 41.09
N VAL C 833 -22.36 -5.85 42.20
CA VAL C 833 -23.76 -5.82 42.61
C VAL C 833 -23.83 -5.30 44.04
N LEU C 834 -24.48 -4.15 44.21
CA LEU C 834 -24.61 -3.55 45.53
C LEU C 834 -25.75 -4.20 46.31
N PRO C 835 -25.65 -4.23 47.63
CA PRO C 835 -26.72 -4.81 48.44
C PRO C 835 -27.79 -3.78 48.75
N PRO C 836 -29.04 -4.21 48.88
CA PRO C 836 -30.10 -3.26 49.22
C PRO C 836 -29.92 -2.69 50.62
N LEU C 837 -30.36 -1.44 50.80
CA LEU C 837 -30.23 -0.79 52.09
C LEU C 837 -31.10 -1.47 53.14
N LEU C 838 -32.31 -1.90 52.76
CA LEU C 838 -33.24 -2.55 53.67
C LEU C 838 -33.11 -4.05 53.49
N THR C 839 -32.64 -4.74 54.53
CA THR C 839 -32.62 -6.20 54.50
C THR C 839 -34.04 -6.74 54.62
N ASP C 840 -34.23 -7.96 54.13
CA ASP C 840 -35.58 -8.52 54.06
C ASP C 840 -36.20 -8.75 55.44
N GLU C 841 -35.39 -8.85 56.50
CA GLU C 841 -35.97 -8.89 57.83
C GLU C 841 -36.65 -7.56 58.18
N MET C 842 -36.09 -6.44 57.71
CA MET C 842 -36.72 -5.15 57.94
C MET C 842 -38.02 -5.03 57.15
N ILE C 843 -38.05 -5.55 55.92
CA ILE C 843 -39.27 -5.55 55.14
C ILE C 843 -40.34 -6.39 55.82
N ALA C 844 -39.94 -7.55 56.34
CA ALA C 844 -40.89 -8.39 57.08
C ALA C 844 -41.39 -7.67 58.33
N GLN C 845 -40.53 -6.90 58.98
CA GLN C 845 -40.95 -6.13 60.15
C GLN C 845 -41.98 -5.07 59.78
N TYR C 846 -41.75 -4.35 58.67
CA TYR C 846 -42.76 -3.43 58.15
C TYR C 846 -44.09 -4.12 57.88
N THR C 847 -44.07 -5.25 57.18
CA THR C 847 -45.35 -5.88 56.84
C THR C 847 -46.06 -6.40 58.09
N SER C 848 -45.30 -6.90 59.06
CA SER C 848 -45.92 -7.34 60.32
C SER C 848 -46.52 -6.18 61.09
N ALA C 849 -45.83 -5.02 61.09
CA ALA C 849 -46.38 -3.85 61.75
C ALA C 849 -47.67 -3.39 61.08
N LEU C 850 -47.70 -3.39 59.75
CA LEU C 850 -48.91 -3.02 59.03
C LEU C 850 -50.06 -3.98 59.33
N LEU C 851 -49.76 -5.28 59.35
CA LEU C 851 -50.80 -6.27 59.65
C LEU C 851 -51.34 -6.10 61.06
N ALA C 852 -50.46 -5.90 62.04
CA ALA C 852 -50.91 -5.72 63.41
C ALA C 852 -51.74 -4.46 63.57
N GLY C 853 -51.32 -3.36 62.91
CA GLY C 853 -52.11 -2.15 62.98
C GLY C 853 -53.47 -2.30 62.34
N THR C 854 -53.54 -2.99 61.20
CA THR C 854 -54.83 -3.22 60.54
C THR C 854 -55.75 -4.07 61.40
N ILE C 855 -55.22 -5.14 61.99
CA ILE C 855 -56.05 -6.05 62.76
C ILE C 855 -56.53 -5.38 64.05
N THR C 856 -55.67 -4.59 64.70
CA THR C 856 -56.04 -4.02 65.98
C THR C 856 -56.82 -2.72 65.83
N SER C 857 -56.41 -1.84 64.93
CA SER C 857 -56.97 -0.49 64.83
C SER C 857 -58.01 -0.36 63.72
N GLY C 858 -57.63 -0.68 62.48
CA GLY C 858 -58.52 -0.48 61.36
C GLY C 858 -58.08 0.69 60.48
N TRP C 859 -59.00 1.62 60.21
CA TRP C 859 -58.66 2.80 59.45
C TRP C 859 -57.79 3.77 60.25
N THR C 860 -57.87 3.71 61.58
CA THR C 860 -57.44 4.83 62.40
C THR C 860 -55.93 5.00 62.40
N PHE C 861 -55.18 3.89 62.38
CA PHE C 861 -53.73 3.99 62.54
C PHE C 861 -53.04 4.67 61.37
N GLY C 862 -53.73 4.86 60.24
CA GLY C 862 -53.15 5.51 59.09
C GLY C 862 -53.55 6.94 58.88
N ALA C 863 -54.42 7.48 59.73
CA ALA C 863 -54.91 8.85 59.60
C ALA C 863 -54.92 9.55 60.95
N GLY C 864 -53.88 9.31 61.75
CA GLY C 864 -53.79 9.94 63.06
C GLY C 864 -53.29 9.00 64.14
N PRO C 865 -53.83 9.13 65.34
CA PRO C 865 -53.45 8.25 66.45
C PRO C 865 -54.23 6.95 66.37
N ALA C 866 -53.53 5.82 66.54
CA ALA C 866 -54.17 4.53 66.45
C ALA C 866 -55.18 4.34 67.57
N LEU C 867 -56.38 3.87 67.23
CA LEU C 867 -57.44 3.64 68.18
C LEU C 867 -57.90 2.20 68.06
N GLN C 868 -58.01 1.51 69.19
CA GLN C 868 -58.37 0.11 69.18
C GLN C 868 -59.89 -0.07 69.05
N ILE C 869 -60.29 -1.20 68.48
CA ILE C 869 -61.69 -1.54 68.29
C ILE C 869 -61.78 -3.05 68.09
N PRO C 870 -62.79 -3.72 68.66
CA PRO C 870 -62.92 -5.17 68.45
C PRO C 870 -63.09 -5.49 66.96
N PHE C 871 -62.51 -6.61 66.55
CA PHE C 871 -62.51 -6.94 65.13
C PHE C 871 -63.91 -7.17 64.58
N PRO C 872 -64.81 -7.72 65.40
CA PRO C 872 -66.18 -7.90 64.94
C PRO C 872 -66.83 -6.56 64.60
N MET C 873 -66.63 -5.55 65.44
CA MET C 873 -67.19 -4.24 65.15
C MET C 873 -66.50 -3.57 63.96
N GLN C 874 -65.21 -3.82 63.78
CA GLN C 874 -64.54 -3.30 62.59
C GLN C 874 -65.13 -3.90 61.32
N MET C 875 -65.40 -5.21 61.34
CA MET C 875 -66.04 -5.84 60.18
C MET C 875 -67.46 -5.33 59.98
N ALA C 876 -68.18 -5.04 61.06
CA ALA C 876 -69.50 -4.44 60.92
C ALA C 876 -69.41 -3.07 60.28
N TYR C 877 -68.43 -2.28 60.69
CA TYR C 877 -68.18 -0.98 60.06
C TYR C 877 -67.92 -1.14 58.58
N ARG C 878 -67.12 -2.14 58.20
CA ARG C 878 -66.76 -2.33 56.80
C ARG C 878 -67.93 -2.83 55.98
N PHE C 879 -68.80 -3.67 56.54
CA PHE C 879 -70.05 -3.99 55.85
C PHE C 879 -70.91 -2.76 55.68
N ASN C 880 -70.97 -1.90 56.69
CA ASN C 880 -71.76 -0.68 56.58
C ASN C 880 -71.27 0.23 55.45
N GLY C 881 -70.02 0.07 55.02
CA GLY C 881 -69.47 0.89 53.96
C GLY C 881 -69.75 0.43 52.55
N ILE C 882 -70.35 -0.74 52.37
CA ILE C 882 -70.72 -1.24 51.06
C ILE C 882 -72.23 -1.28 50.87
N GLY C 883 -72.99 -0.78 51.84
CA GLY C 883 -74.43 -0.71 51.72
C GLY C 883 -75.20 -1.81 52.42
N VAL C 884 -74.54 -2.67 53.18
CA VAL C 884 -75.18 -3.74 53.92
C VAL C 884 -75.22 -3.36 55.39
N THR C 885 -76.38 -3.49 56.02
CA THR C 885 -76.52 -3.10 57.41
C THR C 885 -75.66 -3.99 58.30
N GLN C 886 -75.36 -3.47 59.50
CA GLN C 886 -74.45 -4.16 60.40
C GLN C 886 -75.06 -5.37 61.07
N ASN C 887 -76.39 -5.45 61.15
CA ASN C 887 -77.01 -6.62 61.76
C ASN C 887 -76.80 -7.87 60.91
N VAL C 888 -76.44 -7.71 59.64
CA VAL C 888 -76.16 -8.87 58.80
C VAL C 888 -74.93 -9.61 59.30
N LEU C 889 -73.91 -8.87 59.72
CA LEU C 889 -72.68 -9.51 60.23
C LEU C 889 -72.93 -10.16 61.58
N TYR C 890 -73.58 -9.44 62.50
CA TYR C 890 -73.71 -9.92 63.87
C TYR C 890 -74.55 -11.20 63.94
N GLU C 891 -75.46 -11.39 62.99
CA GLU C 891 -76.28 -12.58 62.96
C GLU C 891 -75.70 -13.70 62.10
N ASN C 892 -74.59 -13.44 61.41
CA ASN C 892 -73.93 -14.44 60.57
C ASN C 892 -72.44 -14.46 60.85
N GLN C 893 -72.05 -14.22 62.10
CA GLN C 893 -70.64 -14.07 62.43
C GLN C 893 -69.87 -15.36 62.21
N LYS C 894 -70.42 -16.48 62.67
CA LYS C 894 -69.71 -17.75 62.55
C LYS C 894 -69.54 -18.16 61.10
N LEU C 895 -70.58 -18.00 60.29
CA LEU C 895 -70.48 -18.36 58.88
C LEU C 895 -69.43 -17.52 58.17
N ILE C 896 -69.41 -16.22 58.46
CA ILE C 896 -68.44 -15.33 57.83
C ILE C 896 -67.02 -15.69 58.26
N ALA C 897 -66.82 -15.99 59.54
CA ALA C 897 -65.50 -16.38 60.01
C ALA C 897 -65.03 -17.67 59.34
N ASN C 898 -65.93 -18.65 59.23
CA ASN C 898 -65.57 -19.91 58.58
C ASN C 898 -65.21 -19.69 57.11
N GLN C 899 -65.99 -18.86 56.42
CA GLN C 899 -65.69 -18.57 55.01
C GLN C 899 -64.34 -17.88 54.88
N PHE C 900 -64.03 -16.94 55.78
CA PHE C 900 -62.75 -16.25 55.73
C PHE C 900 -61.59 -17.23 55.91
N ASN C 901 -61.69 -18.10 56.92
CA ASN C 901 -60.61 -19.04 57.18
C ASN C 901 -60.43 -20.01 56.02
N SER C 902 -61.53 -20.51 55.47
CA SER C 902 -61.44 -21.42 54.33
C SER C 902 -60.81 -20.74 53.12
N ALA C 903 -61.18 -19.48 52.88
CA ALA C 903 -60.59 -18.75 51.77
C ALA C 903 -59.09 -18.58 51.94
N ILE C 904 -58.64 -18.24 53.16
CA ILE C 904 -57.20 -18.08 53.38
C ILE C 904 -56.47 -19.40 53.15
N GLY C 905 -57.03 -20.50 53.67
CA GLY C 905 -56.42 -21.80 53.44
C GLY C 905 -56.32 -22.15 51.97
N LYS C 906 -57.38 -21.85 51.21
CA LYS C 906 -57.36 -22.10 49.78
C LYS C 906 -56.31 -21.25 49.09
N ILE C 907 -56.11 -20.01 49.55
CA ILE C 907 -55.04 -19.18 48.98
C ILE C 907 -53.69 -19.83 49.19
N GLN C 908 -53.44 -20.32 50.40
CA GLN C 908 -52.16 -20.99 50.66
C GLN C 908 -51.98 -22.19 49.75
N ASP C 909 -53.02 -23.01 49.63
CA ASP C 909 -52.93 -24.21 48.80
C ASP C 909 -52.70 -23.85 47.32
N SER C 910 -53.42 -22.84 46.82
CA SER C 910 -53.26 -22.44 45.43
C SER C 910 -51.87 -21.91 45.15
N LEU C 911 -51.33 -21.10 46.06
CA LEU C 911 -49.97 -20.61 45.86
C LEU C 911 -48.96 -21.75 45.91
N SER C 912 -49.21 -22.74 46.78
CA SER C 912 -48.29 -23.88 46.85
C SER C 912 -48.34 -24.73 45.59
N SER C 913 -49.52 -24.91 45.01
CA SER C 913 -49.68 -25.89 43.93
C SER C 913 -49.08 -25.39 42.63
N THR C 914 -49.63 -24.32 42.07
CA THR C 914 -49.19 -23.82 40.78
C THR C 914 -47.87 -23.07 40.93
N PRO C 915 -46.90 -23.39 40.08
CA PRO C 915 -45.57 -22.80 40.16
C PRO C 915 -45.37 -21.60 39.24
N SER C 916 -46.40 -21.21 38.49
CA SER C 916 -46.29 -20.09 37.55
C SER C 916 -47.10 -18.88 38.01
N ALA C 917 -47.49 -18.84 39.28
CA ALA C 917 -48.24 -17.69 39.78
C ALA C 917 -47.35 -16.45 39.89
N LEU C 918 -46.11 -16.64 40.35
CA LEU C 918 -45.18 -15.52 40.54
C LEU C 918 -44.38 -15.28 39.25
N GLY C 919 -45.11 -14.94 38.19
CA GLY C 919 -44.48 -14.74 36.89
C GLY C 919 -43.80 -13.41 36.74
N LYS C 920 -44.30 -12.37 37.41
CA LYS C 920 -43.78 -11.02 37.20
C LYS C 920 -42.38 -10.86 37.80
N LEU C 921 -42.19 -11.31 39.04
CA LEU C 921 -40.88 -11.19 39.68
C LEU C 921 -39.84 -12.02 38.95
N GLN C 922 -40.21 -13.24 38.57
CA GLN C 922 -39.29 -14.08 37.80
C GLN C 922 -38.98 -13.47 36.45
N ASN C 923 -39.97 -12.83 35.83
CA ASN C 923 -39.73 -12.17 34.55
C ASN C 923 -38.70 -11.07 34.70
N VAL C 924 -38.81 -10.25 35.75
CA VAL C 924 -37.86 -9.17 35.96
C VAL C 924 -36.46 -9.74 36.17
N VAL C 925 -36.36 -10.77 37.02
CA VAL C 925 -35.05 -11.35 37.33
C VAL C 925 -34.42 -11.92 36.07
N ASN C 926 -35.20 -12.65 35.27
CA ASN C 926 -34.68 -13.25 34.05
C ASN C 926 -34.25 -12.19 33.06
N GLN C 927 -35.01 -11.11 32.94
CA GLN C 927 -34.64 -10.03 32.02
C GLN C 927 -33.27 -9.45 32.39
N ASN C 928 -33.09 -9.13 33.69
CA ASN C 928 -31.82 -8.55 34.10
C ASN C 928 -30.66 -9.51 33.88
N ALA C 929 -30.85 -10.78 34.24
CA ALA C 929 -29.78 -11.76 34.06
C ALA C 929 -29.43 -11.94 32.60
N GLN C 930 -30.42 -11.98 31.72
CA GLN C 930 -30.15 -12.12 30.30
C GLN C 930 -29.40 -10.93 29.75
N ALA C 931 -29.75 -9.71 30.20
CA ALA C 931 -29.03 -8.54 29.73
C ALA C 931 -27.56 -8.59 30.14
N LEU C 932 -27.29 -8.96 31.40
CA LEU C 932 -25.91 -9.05 31.85
C LEU C 932 -25.14 -10.13 31.08
N ASN C 933 -25.78 -11.29 30.84
CA ASN C 933 -25.12 -12.35 30.10
C ASN C 933 -24.80 -11.92 28.68
N THR C 934 -25.72 -11.21 28.04
CA THR C 934 -25.46 -10.73 26.68
C THR C 934 -24.30 -9.75 26.67
N LEU C 935 -24.22 -8.86 27.66
CA LEU C 935 -23.07 -7.95 27.74
C LEU C 935 -21.76 -8.73 27.86
N VAL C 936 -21.71 -9.68 28.79
CA VAL C 936 -20.49 -10.44 29.02
C VAL C 936 -20.09 -11.22 27.77
N LYS C 937 -21.06 -11.87 27.12
CA LYS C 937 -20.75 -12.59 25.89
C LYS C 937 -20.26 -11.65 24.79
N GLN C 938 -20.85 -10.46 24.70
CA GLN C 938 -20.40 -9.47 23.73
C GLN C 938 -18.97 -9.01 24.00
N LEU C 939 -18.49 -9.16 25.23
CA LEU C 939 -17.11 -8.77 25.52
C LEU C 939 -16.11 -9.51 24.62
N SER C 940 -16.40 -10.75 24.25
CA SER C 940 -15.49 -11.56 23.44
C SER C 940 -15.95 -11.55 21.99
N SER C 941 -15.62 -10.47 21.29
CA SER C 941 -15.94 -10.36 19.87
C SER C 941 -14.91 -9.48 19.19
N ASN C 942 -14.75 -9.68 17.88
CA ASN C 942 -13.67 -9.03 17.15
C ASN C 942 -14.05 -7.64 16.67
N PHE C 943 -15.31 -7.45 16.25
CA PHE C 943 -15.77 -6.17 15.70
C PHE C 943 -14.93 -5.76 14.49
N GLY C 944 -14.52 -6.74 13.69
CA GLY C 944 -13.72 -6.48 12.51
C GLY C 944 -12.23 -6.41 12.73
N ALA C 945 -11.74 -6.75 13.92
CA ALA C 945 -10.31 -6.78 14.20
C ALA C 945 -9.77 -8.19 13.91
N ILE C 946 -8.54 -8.45 14.33
CA ILE C 946 -7.94 -9.77 14.11
C ILE C 946 -8.42 -10.75 15.16
N SER C 947 -8.28 -10.42 16.43
CA SER C 947 -8.67 -11.31 17.51
C SER C 947 -9.44 -10.55 18.57
N SER C 948 -10.31 -11.26 19.29
CA SER C 948 -11.11 -10.65 20.35
C SER C 948 -10.22 -10.15 21.48
N VAL C 949 -9.26 -10.98 21.90
CA VAL C 949 -8.37 -10.60 22.98
C VAL C 949 -7.38 -9.55 22.48
N LEU C 950 -7.21 -8.48 23.25
CA LEU C 950 -6.37 -7.37 22.83
C LEU C 950 -4.92 -7.52 23.24
N ASN C 951 -4.61 -8.44 24.16
CA ASN C 951 -3.22 -8.67 24.54
C ASN C 951 -2.41 -9.18 23.36
N ASP C 952 -2.95 -10.14 22.62
CA ASP C 952 -2.27 -10.64 21.43
C ASP C 952 -2.16 -9.56 20.36
N ILE C 953 -3.18 -8.70 20.25
CA ILE C 953 -3.13 -7.63 19.26
C ILE C 953 -2.01 -6.65 19.59
N LEU C 954 -1.87 -6.28 20.87
CA LEU C 954 -0.83 -5.33 21.25
C LEU C 954 0.56 -5.96 21.25
N SER C 955 0.67 -7.27 21.47
CA SER C 955 1.98 -7.92 21.47
C SER C 955 2.43 -8.29 20.06
N ARG C 956 1.61 -9.07 19.35
CA ARG C 956 1.99 -9.58 18.04
C ARG C 956 1.49 -8.65 16.93
N LEU C 957 2.00 -7.42 16.96
CA LEU C 957 1.71 -6.43 15.93
C LEU C 957 2.54 -5.16 16.13
N ASP C 958 2.74 -4.40 15.05
CA ASP C 958 3.43 -3.14 15.11
C ASP C 958 2.56 -2.07 15.77
N PRO C 959 3.17 -1.00 16.28
CA PRO C 959 2.41 0.01 17.04
C PRO C 959 1.20 0.55 16.29
N PRO C 960 1.34 1.00 15.01
CA PRO C 960 0.18 1.68 14.39
C PRO C 960 -1.01 0.77 14.14
N GLU C 961 -0.76 -0.41 13.57
CA GLU C 961 -1.85 -1.34 13.29
C GLU C 961 -2.50 -1.83 14.59
N ALA C 962 -1.67 -2.12 15.60
CA ALA C 962 -2.23 -2.51 16.89
C ALA C 962 -3.10 -1.39 17.46
N GLU C 963 -2.66 -0.14 17.29
CA GLU C 963 -3.44 0.99 17.77
C GLU C 963 -4.78 1.08 17.07
N VAL C 964 -4.81 0.91 15.75
CA VAL C 964 -6.09 1.04 15.03
C VAL C 964 -7.01 -0.12 15.37
N GLN C 965 -6.47 -1.33 15.54
CA GLN C 965 -7.31 -2.46 15.93
C GLN C 965 -7.86 -2.27 17.34
N ILE C 966 -7.04 -1.74 18.25
CA ILE C 966 -7.51 -1.43 19.58
C ILE C 966 -8.61 -0.38 19.52
N ASP C 967 -8.48 0.59 18.63
CA ASP C 967 -9.53 1.60 18.48
C ASP C 967 -10.84 0.98 18.02
N ARG C 968 -10.77 0.04 17.07
CA ARG C 968 -11.98 -0.66 16.64
C ARG C 968 -12.63 -1.42 17.80
N LEU C 969 -11.82 -2.13 18.58
CA LEU C 969 -12.34 -2.87 19.73
C LEU C 969 -12.98 -1.91 20.74
N ILE C 970 -12.36 -0.76 20.96
CA ILE C 970 -12.88 0.23 21.90
C ILE C 970 -14.24 0.73 21.43
N THR C 971 -14.37 1.04 20.14
CA THR C 971 -15.66 1.50 19.63
C THR C 971 -16.73 0.44 19.83
N GLY C 972 -16.41 -0.82 19.51
CA GLY C 972 -17.40 -1.88 19.68
C GLY C 972 -17.86 -2.03 21.11
N ARG C 973 -16.91 -2.07 22.05
CA ARG C 973 -17.27 -2.29 23.44
C ARG C 973 -18.01 -1.09 24.02
N LEU C 974 -17.65 0.13 23.62
CA LEU C 974 -18.38 1.30 24.06
C LEU C 974 -19.82 1.27 23.56
N GLN C 975 -20.03 0.84 22.31
CA GLN C 975 -21.38 0.72 21.78
C GLN C 975 -22.19 -0.30 22.57
N SER C 976 -21.58 -1.45 22.90
CA SER C 976 -22.28 -2.45 23.69
C SER C 976 -22.68 -1.91 25.06
N LEU C 977 -21.77 -1.19 25.71
CA LEU C 977 -22.09 -0.63 27.02
C LEU C 977 -23.22 0.39 26.94
N GLN C 978 -23.20 1.23 25.89
CA GLN C 978 -24.27 2.21 25.72
C GLN C 978 -25.62 1.54 25.55
N THR C 979 -25.68 0.49 24.73
CA THR C 979 -26.94 -0.22 24.54
C THR C 979 -27.45 -0.80 25.86
N TYR C 980 -26.55 -1.41 26.64
CA TYR C 980 -26.97 -1.98 27.92
C TYR C 980 -27.52 -0.90 28.84
N VAL C 981 -26.83 0.24 28.92
CA VAL C 981 -27.26 1.30 29.85
C VAL C 981 -28.62 1.85 29.45
N THR C 982 -28.84 2.08 28.14
CA THR C 982 -30.14 2.61 27.72
C THR C 982 -31.27 1.63 28.02
N GLN C 983 -31.06 0.34 27.76
CA GLN C 983 -32.10 -0.63 28.07
C GLN C 983 -32.38 -0.66 29.57
N GLN C 984 -31.33 -0.55 30.39
CA GLN C 984 -31.53 -0.52 31.83
C GLN C 984 -32.34 0.69 32.26
N LEU C 985 -32.10 1.85 31.63
CA LEU C 985 -32.86 3.05 31.98
C LEU C 985 -34.35 2.87 31.69
N ILE C 986 -34.68 2.31 30.52
CA ILE C 986 -36.08 2.12 30.19
C ILE C 986 -36.74 1.12 31.14
N ARG C 987 -36.04 0.01 31.43
CA ARG C 987 -36.57 -0.99 32.34
C ARG C 987 -36.80 -0.40 33.74
N ALA C 988 -35.87 0.44 34.19
CA ALA C 988 -36.01 1.07 35.50
C ALA C 988 -37.21 2.00 35.54
N ALA C 989 -37.47 2.72 34.45
CA ALA C 989 -38.67 3.56 34.40
C ALA C 989 -39.94 2.73 34.55
N GLU C 990 -40.00 1.59 33.85
CA GLU C 990 -41.18 0.73 33.99
C GLU C 990 -41.32 0.20 35.43
N ILE C 991 -40.21 -0.20 36.04
CA ILE C 991 -40.26 -0.70 37.41
C ILE C 991 -40.72 0.41 38.36
N ARG C 992 -40.30 1.65 38.12
CA ARG C 992 -40.74 2.75 38.96
C ARG C 992 -42.24 2.98 38.84
N ALA C 993 -42.78 2.87 37.63
CA ALA C 993 -44.23 2.97 37.48
C ALA C 993 -44.95 1.90 38.29
N SER C 994 -44.45 0.66 38.22
CA SER C 994 -45.06 -0.42 38.99
C SER C 994 -44.96 -0.17 40.49
N ALA C 995 -43.84 0.35 40.96
CA ALA C 995 -43.67 0.64 42.38
C ALA C 995 -44.60 1.75 42.85
N ASN C 996 -44.82 2.76 42.00
CA ASN C 996 -45.80 3.79 42.33
C ASN C 996 -47.21 3.20 42.46
N LEU C 997 -47.56 2.29 41.56
CA LEU C 997 -48.86 1.62 41.68
C LEU C 997 -48.95 0.83 42.97
N ALA C 998 -47.89 0.12 43.34
CA ALA C 998 -47.89 -0.65 44.58
C ALA C 998 -48.04 0.25 45.81
N ALA C 999 -47.37 1.40 45.80
CA ALA C 999 -47.51 2.33 46.91
C ALA C 999 -48.93 2.87 47.01
N THR C 1000 -49.56 3.18 45.87
CA THR C 1000 -50.94 3.64 45.89
C THR C 1000 -51.89 2.57 46.43
N LYS C 1001 -51.69 1.32 46.01
CA LYS C 1001 -52.53 0.25 46.53
C LYS C 1001 -52.33 0.04 48.02
N MET C 1002 -51.10 0.18 48.50
CA MET C 1002 -50.87 0.06 49.94
C MET C 1002 -51.57 1.18 50.70
N SER C 1003 -51.53 2.40 50.16
CA SER C 1003 -52.16 3.52 50.86
C SER C 1003 -53.68 3.41 50.86
N GLU C 1004 -54.27 2.93 49.77
CA GLU C 1004 -55.72 2.98 49.61
C GLU C 1004 -56.43 1.67 49.96
N CYS C 1005 -55.80 0.52 49.70
CA CYS C 1005 -56.46 -0.74 50.01
C CYS C 1005 -56.20 -1.19 51.44
N VAL C 1006 -54.97 -1.03 51.91
CA VAL C 1006 -54.59 -1.55 53.23
C VAL C 1006 -54.92 -0.57 54.34
N LEU C 1007 -54.53 0.70 54.20
CA LEU C 1007 -54.79 1.67 55.25
C LEU C 1007 -56.20 2.22 55.22
N GLY C 1008 -57.01 1.86 54.23
CA GLY C 1008 -58.39 2.30 54.16
C GLY C 1008 -59.28 1.30 53.49
N GLN C 1009 -60.46 1.74 53.04
CA GLN C 1009 -61.39 0.90 52.30
C GLN C 1009 -61.82 1.66 51.06
N SER C 1010 -61.46 1.14 49.88
CA SER C 1010 -61.61 1.87 48.64
C SER C 1010 -62.91 1.53 47.94
N LYS C 1011 -63.60 2.55 47.47
CA LYS C 1011 -64.81 2.39 46.68
C LYS C 1011 -64.55 2.35 45.18
N ARG C 1012 -63.31 2.48 44.76
CA ARG C 1012 -62.97 2.37 43.35
C ARG C 1012 -63.17 0.94 42.87
N VAL C 1013 -63.86 0.79 41.74
CA VAL C 1013 -64.23 -0.53 41.25
C VAL C 1013 -63.02 -1.21 40.64
N ASP C 1014 -62.86 -2.50 40.95
CA ASP C 1014 -61.80 -3.36 40.44
C ASP C 1014 -60.40 -2.89 40.82
N PHE C 1015 -60.29 -1.96 41.76
CA PHE C 1015 -58.97 -1.52 42.21
C PHE C 1015 -58.39 -2.48 43.22
N CYS C 1016 -59.09 -2.65 44.35
CA CYS C 1016 -58.67 -3.58 45.38
C CYS C 1016 -59.47 -4.88 45.29
N GLY C 1017 -59.24 -5.64 44.21
CA GLY C 1017 -59.88 -6.96 44.11
C GLY C 1017 -61.14 -6.99 43.27
N LYS C 1018 -61.72 -8.17 43.07
CA LYS C 1018 -62.96 -8.31 42.26
C LYS C 1018 -64.15 -8.44 43.21
N GLY C 1019 -65.06 -7.46 43.20
CA GLY C 1019 -66.23 -7.49 44.04
C GLY C 1019 -66.31 -6.23 44.87
N TYR C 1020 -67.06 -6.29 45.95
CA TYR C 1020 -67.16 -5.17 46.88
C TYR C 1020 -66.04 -5.29 47.91
N HIS C 1021 -65.17 -4.28 47.96
CA HIS C 1021 -63.98 -4.35 48.80
C HIS C 1021 -64.37 -4.38 50.28
N LEU C 1022 -63.69 -5.24 51.02
CA LEU C 1022 -63.78 -5.25 52.47
C LEU C 1022 -62.46 -4.83 53.11
N MET C 1023 -61.36 -5.53 52.83
CA MET C 1023 -60.08 -5.15 53.43
C MET C 1023 -58.95 -5.89 52.69
N SER C 1024 -57.71 -5.65 53.13
CA SER C 1024 -56.57 -6.18 52.41
C SER C 1024 -55.39 -6.38 53.34
N PHE C 1025 -54.52 -7.31 52.97
CA PHE C 1025 -53.34 -7.68 53.76
C PHE C 1025 -52.09 -7.68 52.87
N PRO C 1026 -51.00 -7.07 53.30
CA PRO C 1026 -49.75 -7.13 52.53
C PRO C 1026 -48.83 -8.25 52.99
N GLN C 1027 -48.07 -8.78 52.03
CA GLN C 1027 -47.03 -9.76 52.30
C GLN C 1027 -45.82 -9.43 51.43
N SER C 1028 -44.64 -9.79 51.93
CA SER C 1028 -43.42 -9.52 51.18
C SER C 1028 -43.16 -10.63 50.17
N ALA C 1029 -42.29 -10.33 49.21
CA ALA C 1029 -41.81 -11.32 48.26
C ALA C 1029 -40.49 -10.81 47.70
N PRO C 1030 -39.64 -11.69 47.19
CA PRO C 1030 -38.36 -11.23 46.65
C PRO C 1030 -38.54 -10.16 45.57
N HIS C 1031 -38.14 -8.93 45.90
CA HIS C 1031 -38.27 -7.79 45.00
C HIS C 1031 -39.73 -7.48 44.66
N GLY C 1032 -40.62 -7.63 45.63
CA GLY C 1032 -42.01 -7.33 45.33
C GLY C 1032 -42.91 -7.47 46.54
N VAL C 1033 -44.18 -7.15 46.32
CA VAL C 1033 -45.21 -7.23 47.35
C VAL C 1033 -46.38 -8.03 46.80
N VAL C 1034 -47.13 -8.64 47.71
CA VAL C 1034 -48.30 -9.45 47.38
C VAL C 1034 -49.46 -8.99 48.24
N PHE C 1035 -50.55 -8.58 47.61
CA PHE C 1035 -51.74 -8.14 48.33
C PHE C 1035 -52.79 -9.24 48.30
N LEU C 1036 -53.35 -9.54 49.47
CA LEU C 1036 -54.51 -10.40 49.58
C LEU C 1036 -55.71 -9.52 49.84
N HIS C 1037 -56.62 -9.47 48.87
CA HIS C 1037 -57.80 -8.62 48.92
C HIS C 1037 -58.98 -9.48 49.35
N VAL C 1038 -59.59 -9.12 50.48
CA VAL C 1038 -60.79 -9.77 50.98
C VAL C 1038 -61.99 -8.93 50.55
N THR C 1039 -62.87 -9.54 49.76
CA THR C 1039 -64.01 -8.86 49.15
C THR C 1039 -65.29 -9.65 49.38
N TYR C 1040 -66.41 -8.98 49.12
CA TYR C 1040 -67.76 -9.48 49.37
C TYR C 1040 -68.46 -9.65 48.03
N VAL C 1041 -68.95 -10.85 47.76
CA VAL C 1041 -69.66 -11.09 46.50
C VAL C 1041 -71.03 -11.70 46.79
N PRO C 1042 -72.11 -11.13 46.24
CA PRO C 1042 -73.44 -11.67 46.50
C PRO C 1042 -73.68 -12.97 45.75
N ALA C 1043 -74.71 -13.70 46.19
CA ALA C 1043 -75.05 -14.98 45.58
C ALA C 1043 -76.46 -15.37 45.98
N GLN C 1044 -77.01 -16.34 45.24
CA GLN C 1044 -78.35 -16.88 45.47
C GLN C 1044 -79.42 -15.81 45.32
N GLU C 1045 -79.49 -15.24 44.12
CA GLU C 1045 -80.45 -14.19 43.83
C GLU C 1045 -81.86 -14.75 43.66
N LYS C 1046 -82.85 -13.86 43.72
CA LYS C 1046 -84.23 -14.23 43.56
C LYS C 1046 -84.99 -13.11 42.86
N ASN C 1047 -85.96 -13.49 42.03
CA ASN C 1047 -86.78 -12.53 41.30
C ASN C 1047 -87.86 -11.94 42.20
N PHE C 1048 -88.23 -10.70 41.92
CA PHE C 1048 -89.31 -10.02 42.62
C PHE C 1048 -89.92 -8.99 41.69
N THR C 1049 -91.10 -8.50 42.07
CA THR C 1049 -91.78 -7.44 41.35
C THR C 1049 -91.60 -6.13 42.11
N THR C 1050 -91.24 -5.07 41.39
CA THR C 1050 -90.91 -3.79 42.01
C THR C 1050 -91.74 -2.68 41.39
N ALA C 1051 -91.91 -1.61 42.16
CA ALA C 1051 -92.63 -0.42 41.72
C ALA C 1051 -91.88 0.81 42.21
N PRO C 1052 -91.93 1.90 41.44
CA PRO C 1052 -91.24 3.13 41.87
C PRO C 1052 -91.74 3.69 43.19
N ALA C 1053 -93.04 3.95 43.28
CA ALA C 1053 -93.63 4.54 44.46
C ALA C 1053 -94.95 3.83 44.77
N ILE C 1054 -95.52 4.14 45.93
CA ILE C 1054 -96.77 3.56 46.37
C ILE C 1054 -97.74 4.68 46.74
N CYS C 1055 -98.94 4.64 46.16
CA CYS C 1055 -99.96 5.64 46.40
C CYS C 1055 -100.88 5.14 47.51
N HIS C 1056 -100.83 5.80 48.67
CA HIS C 1056 -101.62 5.39 49.82
C HIS C 1056 -102.93 6.16 49.92
N ASP C 1057 -102.85 7.48 50.04
CA ASP C 1057 -104.02 8.34 50.25
C ASP C 1057 -103.95 9.55 49.33
N GLY C 1058 -103.68 9.29 48.05
CA GLY C 1058 -103.46 10.36 47.11
C GLY C 1058 -102.09 10.99 47.19
N LYS C 1059 -101.19 10.42 47.99
CA LYS C 1059 -99.83 10.93 48.15
C LYS C 1059 -98.84 9.82 47.85
N ALA C 1060 -97.78 10.17 47.12
CA ALA C 1060 -96.77 9.20 46.74
C ALA C 1060 -95.78 8.98 47.88
N HIS C 1061 -95.39 7.73 48.09
CA HIS C 1061 -94.43 7.36 49.11
C HIS C 1061 -93.22 6.73 48.45
N PHE C 1062 -92.04 7.30 48.68
CA PHE C 1062 -90.79 6.77 48.17
C PHE C 1062 -89.97 6.18 49.31
N PRO C 1063 -89.16 5.15 49.04
CA PRO C 1063 -88.32 4.58 50.10
C PRO C 1063 -87.26 5.57 50.56
N ARG C 1064 -87.00 5.57 51.87
CA ARG C 1064 -85.91 6.38 52.40
C ARG C 1064 -84.57 5.84 51.90
N GLU C 1065 -84.35 4.54 52.06
CA GLU C 1065 -83.17 3.87 51.53
C GLU C 1065 -83.50 2.40 51.39
N GLY C 1066 -83.66 1.95 50.16
CA GLY C 1066 -84.07 0.59 49.89
C GLY C 1066 -84.87 0.53 48.61
N VAL C 1067 -85.62 -0.56 48.47
CA VAL C 1067 -86.39 -0.80 47.26
C VAL C 1067 -87.65 -1.56 47.64
N PHE C 1068 -88.75 -1.27 46.94
CA PHE C 1068 -90.00 -1.98 47.13
C PHE C 1068 -89.96 -3.31 46.38
N VAL C 1069 -90.35 -4.38 47.06
CA VAL C 1069 -90.41 -5.71 46.47
C VAL C 1069 -91.75 -6.35 46.83
N SER C 1070 -92.04 -7.47 46.15
CA SER C 1070 -93.31 -8.15 46.34
C SER C 1070 -93.08 -9.66 46.41
N ASN C 1071 -93.62 -10.27 47.47
CA ASN C 1071 -93.70 -11.73 47.55
C ASN C 1071 -94.43 -12.30 46.34
N GLY C 1072 -95.38 -11.54 45.80
CA GLY C 1072 -96.30 -12.00 44.78
C GLY C 1072 -97.69 -11.47 45.07
N THR C 1073 -97.98 -11.27 46.35
CA THR C 1073 -99.26 -10.74 46.82
C THR C 1073 -99.11 -9.54 47.74
N HIS C 1074 -98.08 -9.52 48.59
CA HIS C 1074 -97.84 -8.45 49.54
C HIS C 1074 -96.71 -7.55 49.03
N TRP C 1075 -96.43 -6.50 49.80
CA TRP C 1075 -95.38 -5.56 49.45
C TRP C 1075 -94.49 -5.31 50.67
N PHE C 1076 -93.18 -5.23 50.42
CA PHE C 1076 -92.20 -5.01 51.47
C PHE C 1076 -91.15 -4.02 50.99
N VAL C 1077 -90.39 -3.49 51.94
CA VAL C 1077 -89.22 -2.65 51.67
C VAL C 1077 -87.99 -3.44 52.07
N THR C 1078 -87.00 -3.49 51.19
CA THR C 1078 -85.81 -4.30 51.47
C THR C 1078 -84.56 -3.51 51.09
N GLN C 1079 -83.42 -4.00 51.59
CA GLN C 1079 -82.13 -3.46 51.19
C GLN C 1079 -81.84 -3.83 49.74
N ARG C 1080 -80.99 -3.03 49.10
CA ARG C 1080 -80.66 -3.29 47.71
C ARG C 1080 -79.66 -4.44 47.53
N ASN C 1081 -78.90 -4.77 48.57
CA ASN C 1081 -77.84 -5.76 48.46
C ASN C 1081 -78.14 -7.07 49.17
N PHE C 1082 -79.07 -7.09 50.12
CA PHE C 1082 -79.40 -8.29 50.87
C PHE C 1082 -80.90 -8.33 51.08
N TYR C 1083 -81.49 -9.51 50.88
CA TYR C 1083 -82.93 -9.65 50.97
C TYR C 1083 -83.34 -9.72 52.44
N GLU C 1084 -83.80 -8.59 52.98
CA GLU C 1084 -84.31 -8.52 54.35
C GLU C 1084 -85.63 -7.76 54.33
N PRO C 1085 -86.70 -8.40 53.87
CA PRO C 1085 -87.98 -7.69 53.72
C PRO C 1085 -88.56 -7.30 55.06
N GLN C 1086 -89.28 -6.19 55.06
CA GLN C 1086 -89.94 -5.69 56.27
C GLN C 1086 -91.17 -4.91 55.88
N ILE C 1087 -92.07 -4.74 56.86
CA ILE C 1087 -93.36 -4.12 56.59
C ILE C 1087 -93.18 -2.65 56.25
N ILE C 1088 -94.00 -2.16 55.33
CA ILE C 1088 -93.94 -0.76 54.92
C ILE C 1088 -94.51 0.11 56.01
N THR C 1089 -93.76 1.13 56.42
CA THR C 1089 -94.13 1.99 57.53
C THR C 1089 -93.78 3.42 57.16
N THR C 1090 -94.39 4.37 57.90
CA THR C 1090 -94.12 5.78 57.64
C THR C 1090 -92.70 6.18 57.98
N ASP C 1091 -92.00 5.41 58.83
CA ASP C 1091 -90.67 5.79 59.25
C ASP C 1091 -89.62 5.55 58.16
N ASN C 1092 -89.79 4.51 57.34
CA ASN C 1092 -88.82 4.18 56.31
C ASN C 1092 -89.27 4.61 54.92
N THR C 1093 -90.27 5.49 54.83
CA THR C 1093 -90.69 6.08 53.57
C THR C 1093 -90.93 7.57 53.78
N PHE C 1094 -90.85 8.32 52.69
CA PHE C 1094 -91.12 9.75 52.72
C PHE C 1094 -92.08 10.14 51.61
N VAL C 1095 -92.87 11.18 51.87
CA VAL C 1095 -93.95 11.60 50.98
C VAL C 1095 -93.46 12.73 50.10
N SER C 1096 -93.88 12.72 48.84
CA SER C 1096 -93.54 13.80 47.92
C SER C 1096 -94.59 13.86 46.81
N GLY C 1097 -95.45 14.87 46.86
CA GLY C 1097 -96.40 15.08 45.79
C GLY C 1097 -97.60 14.14 45.85
N ASN C 1098 -98.31 14.06 44.72
CA ASN C 1098 -99.49 13.24 44.56
C ASN C 1098 -99.20 12.10 43.59
N CYS C 1099 -100.25 11.37 43.21
CA CYS C 1099 -100.13 10.14 42.44
C CYS C 1099 -100.49 10.32 40.97
N ASP C 1100 -100.16 11.46 40.36
CA ASP C 1100 -100.47 11.69 38.96
C ASP C 1100 -99.25 11.82 38.06
N VAL C 1101 -98.10 12.20 38.61
CA VAL C 1101 -96.92 12.44 37.78
C VAL C 1101 -96.05 11.20 37.67
N VAL C 1102 -95.92 10.43 38.75
CA VAL C 1102 -95.09 9.23 38.72
C VAL C 1102 -95.70 8.20 37.78
N ILE C 1103 -94.86 7.59 36.96
CA ILE C 1103 -95.28 6.62 35.96
C ILE C 1103 -94.89 5.24 36.49
N GLY C 1104 -95.87 4.52 37.03
CA GLY C 1104 -95.62 3.19 37.54
C GLY C 1104 -96.02 3.02 38.99
N ILE C 1105 -96.78 3.98 39.50
CA ILE C 1105 -97.23 3.92 40.89
C ILE C 1105 -98.17 2.74 41.08
N VAL C 1106 -98.22 2.23 42.31
CA VAL C 1106 -99.04 1.08 42.65
C VAL C 1106 -99.84 1.40 43.91
N ASN C 1107 -101.09 0.95 43.94
CA ASN C 1107 -101.95 1.18 45.09
C ASN C 1107 -101.60 0.22 46.22
N ASN C 1108 -101.43 0.75 47.42
CA ASN C 1108 -101.19 -0.05 48.60
C ASN C 1108 -101.36 0.85 49.82
N THR C 1109 -101.33 0.22 50.99
CA THR C 1109 -101.46 0.93 52.26
C THR C 1109 -100.12 0.94 53.00
N VAL C 1110 -99.89 2.03 53.73
CA VAL C 1110 -98.67 2.21 54.52
C VAL C 1110 -99.07 2.37 55.98
N TYR C 1111 -98.45 1.59 56.84
CA TYR C 1111 -98.75 1.60 58.25
C TYR C 1111 -98.05 2.77 58.93
N ASP C 1112 -98.69 3.32 59.95
CA ASP C 1112 -98.11 4.40 60.74
C ASP C 1112 -98.01 3.95 62.20
N PRO C 1113 -96.87 4.16 62.86
CA PRO C 1113 -96.71 3.66 64.24
C PRO C 1113 -97.69 4.26 65.22
N LEU C 1114 -98.12 5.51 65.03
CA LEU C 1114 -98.97 6.17 66.00
C LEU C 1114 -100.41 5.66 65.92
N GLN C 1115 -100.62 4.39 66.27
CA GLN C 1115 -101.95 3.81 66.39
C GLN C 1115 -101.99 2.91 67.61
N PRO C 1116 -101.92 3.48 68.81
CA PRO C 1116 -101.91 2.67 70.04
C PRO C 1116 -103.32 2.33 70.51
N GLU D 1 40.26 32.24 -17.36
CA GLU D 1 40.75 32.00 -18.72
C GLU D 1 41.49 33.22 -19.24
N ILE D 2 42.79 33.28 -18.96
CA ILE D 2 43.63 34.37 -19.44
C ILE D 2 44.24 33.94 -20.77
N VAL D 3 44.03 34.75 -21.81
CA VAL D 3 44.49 34.44 -23.15
C VAL D 3 45.88 35.03 -23.33
N MET D 4 46.88 34.17 -23.50
CA MET D 4 48.25 34.59 -23.72
C MET D 4 48.51 34.68 -25.21
N THR D 5 48.81 35.89 -25.69
CA THR D 5 49.14 36.12 -27.08
C THR D 5 50.64 36.33 -27.19
N GLN D 6 51.29 35.56 -28.06
CA GLN D 6 52.74 35.55 -28.15
C GLN D 6 53.18 36.17 -29.46
N SER D 7 54.47 36.54 -29.51
CA SER D 7 55.12 37.19 -30.63
C SER D 7 54.92 36.39 -31.91
N PRO D 8 55.21 36.96 -33.09
CA PRO D 8 54.98 36.23 -34.34
C PRO D 8 55.53 34.81 -34.28
N GLY D 9 54.73 33.85 -34.78
CA GLY D 9 55.06 32.45 -34.60
C GLY D 9 56.38 32.05 -35.22
N THR D 10 56.83 32.79 -36.23
CA THR D 10 58.09 32.49 -36.91
C THR D 10 58.97 33.72 -36.91
N LEU D 11 60.16 33.59 -36.33
CA LEU D 11 61.21 34.60 -36.46
C LEU D 11 62.48 33.89 -36.91
N SER D 12 63.10 34.42 -37.96
CA SER D 12 64.25 33.79 -38.59
C SER D 12 65.48 34.67 -38.42
N LEU D 13 66.57 34.09 -37.93
CA LEU D 13 67.80 34.84 -37.72
C LEU D 13 68.98 33.88 -37.70
N SER D 14 70.16 34.44 -37.99
CA SER D 14 71.37 33.65 -38.11
C SER D 14 71.85 33.18 -36.74
N PRO D 15 72.64 32.11 -36.69
CA PRO D 15 73.17 31.63 -35.41
C PRO D 15 74.12 32.64 -34.78
N GLY D 16 74.24 32.54 -33.47
CA GLY D 16 75.08 33.45 -32.71
C GLY D 16 74.60 34.88 -32.70
N GLU D 17 73.29 35.08 -32.51
CA GLU D 17 72.69 36.40 -32.50
C GLU D 17 71.74 36.54 -31.33
N ARG D 18 71.29 37.77 -31.10
CA ARG D 18 70.37 38.10 -30.02
C ARG D 18 68.94 37.78 -30.45
N ALA D 19 68.25 37.00 -29.64
CA ALA D 19 66.87 36.62 -29.91
C ALA D 19 65.98 37.11 -28.78
N THR D 20 64.89 37.79 -29.14
CA THR D 20 63.93 38.30 -28.17
C THR D 20 62.53 37.79 -28.53
N LEU D 21 61.86 37.19 -27.56
CA LEU D 21 60.51 36.67 -27.74
C LEU D 21 59.59 37.40 -26.77
N SER D 22 58.49 37.93 -27.29
CA SER D 22 57.57 38.72 -26.48
C SER D 22 56.34 37.90 -26.11
N CYS D 23 55.64 38.37 -25.08
CA CYS D 23 54.46 37.69 -24.57
C CYS D 23 53.56 38.72 -23.92
N ARG D 24 52.25 38.64 -24.21
CA ARG D 24 51.27 39.53 -23.62
C ARG D 24 50.10 38.72 -23.08
N ALA D 25 49.48 39.23 -22.02
CA ALA D 25 48.34 38.58 -21.40
C ALA D 25 47.15 39.52 -21.44
N SER D 26 45.95 38.94 -21.41
CA SER D 26 44.74 39.76 -21.38
C SER D 26 44.55 40.43 -20.02
N GLN D 27 45.03 39.79 -18.95
CA GLN D 27 44.95 40.34 -17.61
C GLN D 27 46.32 40.36 -16.97
N SER D 28 46.51 41.29 -16.03
CA SER D 28 47.77 41.36 -15.30
C SER D 28 47.96 40.09 -14.46
N ILE D 29 49.17 39.55 -14.51
CA ILE D 29 49.48 38.28 -13.86
C ILE D 29 49.99 38.56 -12.45
N SER D 30 49.37 37.92 -11.46
CA SER D 30 49.73 38.18 -10.07
C SER D 30 51.07 37.56 -9.74
N SER D 31 51.87 38.28 -8.95
CA SER D 31 53.17 37.87 -8.46
C SER D 31 54.15 37.55 -9.57
N SER D 32 53.84 37.94 -10.81
CA SER D 32 54.67 37.66 -11.97
C SER D 32 54.97 36.18 -12.11
N TYR D 33 53.97 35.35 -11.80
CA TYR D 33 54.07 33.94 -12.14
C TYR D 33 53.93 33.72 -13.65
N LEU D 34 55.05 33.78 -14.36
CA LEU D 34 55.11 33.39 -15.76
C LEU D 34 56.32 32.48 -15.94
N ALA D 35 56.18 31.50 -16.82
CA ALA D 35 57.23 30.54 -17.08
C ALA D 35 57.40 30.38 -18.58
N TRP D 36 58.60 30.02 -18.99
CA TRP D 36 58.95 29.83 -20.39
C TRP D 36 59.36 28.37 -20.61
N PHE D 37 58.72 27.72 -21.56
CA PHE D 37 58.97 26.32 -21.88
C PHE D 37 59.63 26.23 -23.25
N GLN D 38 60.59 25.30 -23.38
CA GLN D 38 61.24 25.03 -24.66
C GLN D 38 60.93 23.60 -25.08
N GLN D 39 60.40 23.45 -26.29
CA GLN D 39 60.08 22.15 -26.84
C GLN D 39 60.85 21.95 -28.15
N LYS D 40 61.61 20.89 -28.21
CA LYS D 40 62.34 20.40 -29.36
C LYS D 40 61.53 19.32 -30.07
N PRO D 41 61.70 19.16 -31.38
CA PRO D 41 60.80 18.28 -32.13
C PRO D 41 60.86 16.84 -31.64
N GLY D 42 59.69 16.28 -31.34
CA GLY D 42 59.57 14.89 -30.97
C GLY D 42 59.78 14.57 -29.51
N GLN D 43 59.64 15.54 -28.61
CA GLN D 43 59.81 15.27 -27.19
C GLN D 43 59.08 16.33 -26.38
N ALA D 44 58.95 16.06 -25.08
CA ALA D 44 58.14 16.89 -24.19
C ALA D 44 58.81 18.23 -23.93
N PRO D 45 58.01 19.25 -23.59
CA PRO D 45 58.59 20.57 -23.29
C PRO D 45 59.46 20.55 -22.05
N ARG D 46 60.42 21.46 -22.02
CA ARG D 46 61.34 21.61 -20.90
C ARG D 46 61.26 23.04 -20.38
N LEU D 47 61.24 23.18 -19.06
CA LEU D 47 61.16 24.50 -18.44
C LEU D 47 62.53 25.17 -18.41
N LEU D 48 62.57 26.46 -18.77
CA LEU D 48 63.78 27.27 -18.72
C LEU D 48 63.73 28.35 -17.66
N ILE D 49 62.68 29.17 -17.67
CA ILE D 49 62.58 30.36 -16.84
C ILE D 49 61.29 30.27 -16.04
N TYR D 50 61.37 30.53 -14.74
CA TYR D 50 60.21 30.59 -13.87
C TYR D 50 60.20 31.92 -13.13
N GLY D 51 59.00 32.42 -12.84
CA GLY D 51 58.88 33.70 -12.18
C GLY D 51 59.16 34.89 -13.07
N ALA D 52 59.31 34.67 -14.37
CA ALA D 52 59.51 35.70 -15.39
C ALA D 52 60.89 36.33 -15.31
N SER D 53 61.64 36.04 -14.26
CA SER D 53 63.02 36.49 -14.17
C SER D 53 63.99 35.39 -13.77
N SER D 54 63.57 34.49 -12.88
CA SER D 54 64.46 33.49 -12.34
C SER D 54 64.70 32.37 -13.34
N ARG D 55 65.82 31.68 -13.17
CA ARG D 55 66.26 30.63 -14.08
C ARG D 55 66.24 29.29 -13.37
N ALA D 56 65.71 28.27 -14.04
CA ALA D 56 65.63 26.95 -13.44
C ALA D 56 67.02 26.34 -13.31
N PRO D 57 67.21 25.42 -12.37
CA PRO D 57 68.52 24.78 -12.21
C PRO D 57 68.93 24.00 -13.45
N GLY D 58 70.23 24.06 -13.75
CA GLY D 58 70.79 23.33 -14.88
C GLY D 58 70.63 24.00 -16.23
N ILE D 59 70.14 25.23 -16.27
CA ILE D 59 69.91 25.93 -17.54
C ILE D 59 71.08 26.85 -17.83
N PRO D 60 71.61 26.85 -19.05
CA PRO D 60 72.71 27.77 -19.38
C PRO D 60 72.27 29.23 -19.21
N ASP D 61 73.20 30.06 -18.77
CA ASP D 61 72.86 31.44 -18.43
C ASP D 61 72.65 32.34 -19.65
N ARG D 62 72.58 31.83 -20.87
CA ARG D 62 72.23 32.68 -22.01
C ARG D 62 70.75 32.97 -22.09
N PHE D 63 69.93 32.31 -21.28
CA PHE D 63 68.49 32.59 -21.22
C PHE D 63 68.21 33.56 -20.08
N SER D 64 67.48 34.63 -20.38
CA SER D 64 67.08 35.59 -19.37
C SER D 64 65.62 35.96 -19.59
N GLY D 65 64.97 36.40 -18.53
CA GLY D 65 63.57 36.83 -18.61
C GLY D 65 63.39 38.18 -17.96
N SER D 66 62.51 38.98 -18.56
CA SER D 66 62.24 40.31 -18.03
C SER D 66 60.83 40.74 -18.40
N GLY D 67 60.08 41.22 -17.42
CA GLY D 67 58.75 41.70 -17.70
C GLY D 67 57.95 41.82 -16.42
N SER D 68 56.78 42.43 -16.57
CA SER D 68 55.88 42.65 -15.45
C SER D 68 54.50 43.01 -15.98
N GLY D 69 53.54 43.08 -15.06
CA GLY D 69 52.19 43.44 -15.41
C GLY D 69 51.58 42.48 -16.40
N THR D 70 51.45 42.92 -17.65
CA THR D 70 50.92 42.09 -18.71
C THR D 70 51.86 41.96 -19.89
N ASP D 71 53.13 42.34 -19.74
CA ASP D 71 54.10 42.29 -20.83
C ASP D 71 55.37 41.61 -20.35
N PHE D 72 55.82 40.60 -21.09
CA PHE D 72 56.97 39.80 -20.69
C PHE D 72 57.83 39.50 -21.91
N THR D 73 59.09 39.14 -21.65
CA THR D 73 60.05 38.90 -22.72
C THR D 73 61.10 37.90 -22.28
N LEU D 74 61.46 36.99 -23.19
CA LEU D 74 62.56 36.06 -23.03
C LEU D 74 63.67 36.42 -24.00
N THR D 75 64.91 36.38 -23.52
CA THR D 75 66.06 36.82 -24.29
C THR D 75 67.13 35.73 -24.30
N ILE D 76 67.63 35.42 -25.50
CA ILE D 76 68.78 34.55 -25.67
C ILE D 76 69.90 35.40 -26.27
N SER D 77 71.00 35.54 -25.52
CA SER D 77 72.04 36.48 -25.89
C SER D 77 72.70 36.11 -27.22
N ARG D 78 73.17 34.86 -27.33
CA ARG D 78 73.71 34.37 -28.59
C ARG D 78 73.31 32.91 -28.75
N LEU D 79 72.94 32.54 -29.97
CA LEU D 79 72.22 31.30 -30.23
C LEU D 79 73.19 30.16 -30.55
N GLU D 80 73.04 29.05 -29.85
CA GLU D 80 73.68 27.79 -30.17
C GLU D 80 72.83 27.02 -31.16
N PRO D 81 73.42 26.06 -31.89
CA PRO D 81 72.60 25.27 -32.83
C PRO D 81 71.50 24.47 -32.15
N GLU D 82 71.67 24.12 -30.88
CA GLU D 82 70.66 23.34 -30.18
C GLU D 82 69.44 24.18 -29.83
N ASP D 83 69.61 25.50 -29.72
CA ASP D 83 68.57 26.38 -29.22
C ASP D 83 67.49 26.70 -30.25
N PHE D 84 67.45 25.99 -31.37
CA PHE D 84 66.41 26.19 -32.37
C PHE D 84 65.26 25.25 -32.06
N ALA D 85 64.19 25.80 -31.50
CA ALA D 85 63.07 24.99 -31.01
C ALA D 85 61.83 25.89 -30.97
N VAL D 86 60.80 25.46 -30.25
CA VAL D 86 59.58 26.23 -30.08
C VAL D 86 59.48 26.64 -28.61
N TYR D 87 59.08 27.89 -28.38
CA TYR D 87 59.03 28.45 -27.03
C TYR D 87 57.61 28.85 -26.67
N TYR D 88 57.21 28.56 -25.43
CA TYR D 88 55.85 28.74 -24.97
C TYR D 88 55.82 29.54 -23.68
N CYS D 89 54.84 30.43 -23.56
CA CYS D 89 54.53 31.06 -22.28
C CYS D 89 53.66 30.13 -21.44
N GLN D 90 53.65 30.38 -20.14
CA GLN D 90 52.79 29.59 -19.25
C GLN D 90 52.55 30.39 -17.99
N GLN D 91 51.31 30.82 -17.77
CA GLN D 91 50.95 31.52 -16.55
C GLN D 91 50.34 30.53 -15.57
N TYR D 92 50.83 30.53 -14.33
CA TYR D 92 50.35 29.61 -13.31
C TYR D 92 49.84 30.34 -12.07
N GLY D 93 49.52 31.63 -12.20
CA GLY D 93 48.98 32.42 -11.12
C GLY D 93 47.47 32.56 -11.11
N ASP D 94 46.75 31.79 -11.92
CA ASP D 94 45.30 31.83 -11.98
C ASP D 94 44.77 30.40 -11.99
N SER D 95 43.44 30.26 -11.97
CA SER D 95 42.83 28.95 -11.73
C SER D 95 43.16 27.93 -12.82
N PRO D 96 42.93 28.18 -14.12
CA PRO D 96 43.39 27.22 -15.13
C PRO D 96 44.74 27.61 -15.70
N LEU D 97 45.63 26.64 -15.89
CA LEU D 97 46.89 26.91 -16.55
C LEU D 97 46.66 27.17 -18.03
N THR D 98 47.27 28.23 -18.55
CA THR D 98 47.16 28.54 -19.97
C THR D 98 48.55 28.70 -20.56
N PHE D 99 48.74 28.17 -21.75
CA PHE D 99 49.98 28.30 -22.48
C PHE D 99 49.80 29.28 -23.63
N GLY D 100 50.92 29.80 -24.14
CA GLY D 100 50.89 30.68 -25.28
C GLY D 100 50.74 29.92 -26.58
N GLY D 101 50.67 30.69 -27.67
CA GLY D 101 50.52 30.07 -28.98
C GLY D 101 51.76 29.37 -29.48
N GLY D 102 52.93 29.86 -29.10
CA GLY D 102 54.18 29.25 -29.51
C GLY D 102 54.91 30.12 -30.52
N THR D 103 56.23 30.15 -30.40
CA THR D 103 57.08 30.88 -31.33
C THR D 103 58.17 29.94 -31.83
N LYS D 104 58.28 29.82 -33.14
CA LYS D 104 59.24 28.92 -33.78
C LYS D 104 60.37 29.74 -34.38
N VAL D 105 61.60 29.35 -34.07
CA VAL D 105 62.79 30.02 -34.55
C VAL D 105 63.46 29.17 -35.62
N ASP D 106 63.91 29.81 -36.69
CA ASP D 106 64.52 29.15 -37.82
C ASP D 106 65.94 29.67 -38.02
N ILE D 107 66.64 29.09 -39.00
CA ILE D 107 67.99 29.51 -39.37
C ILE D 107 67.91 30.38 -40.61
N LYS D 108 68.51 31.56 -40.54
CA LYS D 108 68.52 32.46 -41.68
C LYS D 108 69.64 32.10 -42.65
N ARG D 109 69.40 32.36 -43.93
CA ARG D 109 70.38 32.11 -44.97
C ARG D 109 70.08 33.03 -46.14
N THR D 110 70.95 32.98 -47.15
CA THR D 110 70.76 33.79 -48.35
C THR D 110 69.50 33.36 -49.08
N VAL D 111 68.81 34.32 -49.70
CA VAL D 111 67.59 34.03 -50.41
C VAL D 111 67.88 33.09 -51.58
N ALA D 112 66.94 32.19 -51.86
CA ALA D 112 67.06 31.22 -52.94
C ALA D 112 65.81 31.24 -53.80
N ALA D 113 65.95 30.78 -55.04
CA ALA D 113 64.87 30.78 -56.00
C ALA D 113 64.35 29.37 -56.19
N PRO D 114 63.04 29.13 -56.04
CA PRO D 114 62.52 27.77 -56.22
C PRO D 114 62.61 27.33 -57.67
N SER D 115 62.75 26.02 -57.84
CA SER D 115 62.67 25.39 -59.15
C SER D 115 61.31 24.70 -59.28
N VAL D 116 60.54 25.10 -60.29
CA VAL D 116 59.16 24.69 -60.43
C VAL D 116 59.09 23.47 -61.33
N PHE D 117 58.41 22.43 -60.88
CA PHE D 117 58.16 21.24 -61.68
C PHE D 117 56.67 20.95 -61.73
N ILE D 118 56.25 20.30 -62.81
CA ILE D 118 54.85 19.93 -63.02
C ILE D 118 54.79 18.50 -63.51
N PHE D 119 53.82 17.74 -63.01
CA PHE D 119 53.66 16.33 -63.39
C PHE D 119 52.25 16.05 -63.86
N PRO D 120 52.06 15.48 -65.06
CA PRO D 120 50.73 15.11 -65.48
C PRO D 120 50.29 13.81 -64.81
N PRO D 121 48.98 13.59 -64.67
CA PRO D 121 48.51 12.35 -64.06
C PRO D 121 48.83 11.14 -64.93
N SER D 122 49.04 10.01 -64.28
CA SER D 122 49.32 8.76 -64.98
C SER D 122 48.02 8.13 -65.50
N ASP D 123 48.16 7.30 -66.53
CA ASP D 123 46.99 6.64 -67.10
C ASP D 123 46.38 5.63 -66.13
N GLU D 124 47.21 5.02 -65.27
CA GLU D 124 46.69 4.07 -64.30
C GLU D 124 45.72 4.76 -63.33
N GLN D 125 46.09 5.95 -62.85
CA GLN D 125 45.20 6.69 -61.97
C GLN D 125 43.93 7.13 -62.71
N LEU D 126 44.04 7.45 -63.99
CA LEU D 126 42.85 7.77 -64.77
C LEU D 126 41.92 6.58 -64.86
N LYS D 127 42.48 5.38 -65.06
CA LYS D 127 41.68 4.16 -65.01
C LYS D 127 41.04 3.98 -63.64
N SER D 128 41.75 4.39 -62.57
CA SER D 128 41.18 4.33 -61.24
C SER D 128 39.94 5.21 -61.11
N GLY D 129 39.98 6.39 -61.72
CA GLY D 129 38.82 7.27 -61.74
C GLY D 129 39.04 8.64 -61.13
N THR D 130 40.30 9.07 -61.05
CA THR D 130 40.63 10.39 -60.51
C THR D 130 41.98 10.80 -61.09
N ALA D 131 42.16 12.09 -61.30
CA ALA D 131 43.40 12.64 -61.82
C ALA D 131 44.01 13.59 -60.82
N SER D 132 45.31 13.42 -60.56
CA SER D 132 46.04 14.26 -59.61
C SER D 132 47.24 14.88 -60.31
N VAL D 133 47.34 16.21 -60.25
CA VAL D 133 48.43 16.95 -60.86
C VAL D 133 49.26 17.57 -59.75
N VAL D 134 50.58 17.38 -59.83
CA VAL D 134 51.50 17.79 -58.77
C VAL D 134 52.43 18.85 -59.32
N CYS D 135 52.49 19.99 -58.63
CA CYS D 135 53.43 21.06 -58.95
C CYS D 135 54.28 21.32 -57.71
N LEU D 136 55.59 21.21 -57.85
CA LEU D 136 56.47 21.26 -56.68
C LEU D 136 57.57 22.29 -56.87
N LEU D 137 58.09 22.75 -55.72
CA LEU D 137 59.12 23.76 -55.61
C LEU D 137 60.23 23.21 -54.73
N ASN D 138 61.48 23.36 -55.17
CA ASN D 138 62.64 22.79 -54.49
C ASN D 138 63.59 23.88 -54.03
N ASN D 139 64.15 23.68 -52.83
CA ASN D 139 65.35 24.39 -52.37
C ASN D 139 65.18 25.91 -52.43
N PHE D 140 64.20 26.40 -51.66
CA PHE D 140 63.97 27.82 -51.51
C PHE D 140 63.94 28.13 -50.02
N TYR D 141 64.66 29.18 -49.61
CA TYR D 141 64.70 29.51 -48.19
C TYR D 141 63.44 30.21 -47.70
N PRO D 142 63.00 31.32 -48.31
CA PRO D 142 61.82 32.02 -47.77
C PRO D 142 60.58 31.14 -47.87
N ARG D 143 60.01 30.81 -46.71
CA ARG D 143 58.86 29.92 -46.68
C ARG D 143 57.65 30.53 -47.39
N GLU D 144 57.64 31.85 -47.54
CA GLU D 144 56.51 32.53 -48.18
C GLU D 144 56.57 32.31 -49.69
N ALA D 145 55.72 31.44 -50.21
CA ALA D 145 55.65 31.18 -51.64
C ALA D 145 54.19 30.91 -52.01
N LYS D 146 53.69 31.63 -53.00
CA LYS D 146 52.30 31.49 -53.42
C LYS D 146 52.25 30.68 -54.71
N VAL D 147 51.48 29.60 -54.71
CA VAL D 147 51.31 28.75 -55.88
C VAL D 147 49.84 28.73 -56.24
N GLN D 148 49.53 28.92 -57.52
CA GLN D 148 48.15 28.87 -57.99
C GLN D 148 48.10 28.09 -59.30
N TRP D 149 46.89 27.69 -59.66
CA TRP D 149 46.65 26.82 -60.80
C TRP D 149 45.80 27.55 -61.84
N LYS D 150 46.23 27.49 -63.09
CA LYS D 150 45.48 27.99 -64.22
C LYS D 150 44.99 26.79 -65.02
N VAL D 151 43.70 26.52 -64.96
CA VAL D 151 43.06 25.47 -65.76
C VAL D 151 42.27 26.15 -66.85
N ASP D 152 42.73 26.02 -68.09
CA ASP D 152 42.17 26.75 -69.23
C ASP D 152 42.15 28.25 -68.94
N ASN D 153 43.26 28.75 -68.40
CA ASN D 153 43.43 30.16 -68.05
C ASN D 153 42.36 30.61 -67.06
N ALA D 154 42.04 29.75 -66.10
CA ALA D 154 41.09 30.06 -65.05
C ALA D 154 41.65 29.62 -63.70
N LEU D 155 41.30 30.37 -62.66
CA LEU D 155 41.79 30.08 -61.32
C LEU D 155 40.92 29.04 -60.64
N GLN D 156 41.56 28.07 -60.00
CA GLN D 156 40.88 27.02 -59.27
C GLN D 156 41.13 27.20 -57.77
N SER D 157 40.06 27.14 -56.98
CA SER D 157 40.15 27.34 -55.54
C SER D 157 39.39 26.25 -54.82
N GLY D 158 39.99 25.72 -53.75
CA GLY D 158 39.32 24.75 -52.91
C GLY D 158 39.40 23.31 -53.36
N ASN D 159 40.07 23.02 -54.48
CA ASN D 159 40.21 21.64 -54.95
C ASN D 159 41.66 21.18 -54.97
N SER D 160 42.56 21.95 -54.37
CA SER D 160 43.98 21.59 -54.32
C SER D 160 44.50 21.85 -52.92
N GLN D 161 45.56 21.12 -52.56
CA GLN D 161 46.16 21.30 -51.25
C GLN D 161 47.66 21.01 -51.34
N GLU D 162 48.42 21.59 -50.41
CA GLU D 162 49.87 21.59 -50.50
C GLU D 162 50.49 21.17 -49.18
N SER D 163 51.69 20.61 -49.27
CA SER D 163 52.47 20.18 -48.12
C SER D 163 53.90 20.71 -48.24
N VAL D 164 54.46 21.12 -47.11
CA VAL D 164 55.78 21.73 -47.04
C VAL D 164 56.65 20.88 -46.12
N THR D 165 57.86 20.58 -46.58
CA THR D 165 58.78 19.77 -45.78
C THR D 165 59.49 20.65 -44.76
N GLU D 166 60.14 19.99 -43.81
CA GLU D 166 60.88 20.69 -42.76
C GLU D 166 62.19 21.26 -43.31
N GLN D 167 62.84 22.07 -42.49
CA GLN D 167 64.10 22.68 -42.89
C GLN D 167 65.20 21.63 -42.99
N ASP D 168 65.98 21.72 -44.06
CA ASP D 168 67.02 20.72 -44.31
C ASP D 168 68.11 20.81 -43.25
N SER D 169 68.76 19.67 -42.99
CA SER D 169 69.78 19.62 -41.96
C SER D 169 70.99 20.47 -42.34
N LYS D 170 71.37 20.46 -43.61
CA LYS D 170 72.53 21.21 -44.07
C LYS D 170 72.21 22.27 -45.11
N ASP D 171 71.23 22.02 -45.99
CA ASP D 171 70.85 23.04 -46.96
C ASP D 171 70.11 24.20 -46.30
N SER D 172 69.33 23.91 -45.26
CA SER D 172 68.48 24.90 -44.59
C SER D 172 67.51 25.55 -45.58
N THR D 173 67.00 24.76 -46.51
CA THR D 173 66.06 25.20 -47.53
C THR D 173 64.74 24.43 -47.37
N TYR D 174 63.77 24.77 -48.20
CA TYR D 174 62.43 24.23 -48.11
C TYR D 174 61.99 23.61 -49.42
N SER D 175 61.09 22.63 -49.33
CA SER D 175 60.44 22.04 -50.49
C SER D 175 58.94 22.04 -50.28
N LEU D 176 58.21 22.37 -51.32
CA LEU D 176 56.75 22.46 -51.28
C LEU D 176 56.18 21.64 -52.42
N SER D 177 54.99 21.07 -52.20
CA SER D 177 54.31 20.32 -53.25
C SER D 177 52.82 20.58 -53.14
N SER D 178 52.22 21.09 -54.22
CA SER D 178 50.79 21.33 -54.29
C SER D 178 50.16 20.36 -55.28
N THR D 179 49.14 19.64 -54.83
CA THR D 179 48.44 18.65 -55.65
C THR D 179 47.01 19.10 -55.86
N LEU D 180 46.56 19.03 -57.11
CA LEU D 180 45.19 19.36 -57.49
C LEU D 180 44.52 18.11 -58.02
N THR D 181 43.32 17.82 -57.50
CA THR D 181 42.59 16.61 -57.82
C THR D 181 41.32 16.92 -58.59
N LEU D 182 41.04 16.12 -59.61
CA LEU D 182 39.87 16.28 -60.46
C LEU D 182 39.30 14.90 -60.80
N SER D 183 38.06 14.90 -61.26
CA SER D 183 37.40 13.68 -61.68
C SER D 183 37.86 13.30 -63.09
N LYS D 184 37.21 12.31 -63.70
CA LYS D 184 37.57 11.91 -65.05
C LYS D 184 37.08 12.92 -66.08
N ALA D 185 35.80 13.31 -65.99
CA ALA D 185 35.25 14.25 -66.94
C ALA D 185 35.93 15.61 -66.84
N ASP D 186 36.17 16.07 -65.61
CA ASP D 186 36.81 17.37 -65.42
C ASP D 186 38.22 17.38 -66.00
N TYR D 187 38.96 16.30 -65.83
CA TYR D 187 40.31 16.24 -66.37
C TYR D 187 40.31 16.12 -67.89
N GLU D 188 39.46 15.27 -68.43
CA GLU D 188 39.50 14.99 -69.87
C GLU D 188 38.81 16.05 -70.71
N LYS D 189 37.97 16.90 -70.11
CA LYS D 189 37.31 17.93 -70.90
C LYS D 189 38.28 19.01 -71.36
N HIS D 190 39.25 19.36 -70.52
CA HIS D 190 40.14 20.49 -70.78
C HIS D 190 41.48 20.00 -71.34
N LYS D 191 42.19 20.92 -71.99
CA LYS D 191 43.41 20.60 -72.71
C LYS D 191 44.67 21.04 -71.98
N VAL D 192 44.74 22.30 -71.54
CA VAL D 192 45.96 22.89 -70.99
C VAL D 192 45.79 23.05 -69.49
N TYR D 193 46.84 22.69 -68.75
CA TYR D 193 46.91 22.89 -67.31
C TYR D 193 48.21 23.60 -67.00
N ALA D 194 48.20 24.46 -65.97
CA ALA D 194 49.42 25.18 -65.62
C ALA D 194 49.43 25.49 -64.13
N CYS D 195 50.63 25.59 -63.58
CA CYS D 195 50.83 26.07 -62.23
C CYS D 195 51.82 27.23 -62.29
N GLU D 196 51.48 28.34 -61.65
CA GLU D 196 52.38 29.49 -61.58
C GLU D 196 52.58 29.93 -60.14
N VAL D 197 53.81 30.32 -59.82
CA VAL D 197 54.24 30.58 -58.47
C VAL D 197 54.83 31.99 -58.40
N THR D 198 54.34 32.77 -57.44
CA THR D 198 54.95 34.05 -57.08
C THR D 198 55.75 33.84 -55.80
N HIS D 199 57.05 34.07 -55.88
CA HIS D 199 57.96 33.94 -54.75
C HIS D 199 58.89 35.15 -54.74
N GLN D 200 59.12 35.71 -53.55
CA GLN D 200 59.91 36.93 -53.45
C GLN D 200 61.37 36.70 -53.83
N GLY D 201 61.84 35.45 -53.83
CA GLY D 201 63.22 35.19 -54.17
C GLY D 201 63.54 35.51 -55.61
N LEU D 202 62.67 35.12 -56.53
CA LEU D 202 62.87 35.35 -57.96
C LEU D 202 61.75 36.22 -58.49
N SER D 203 62.11 37.25 -59.25
CA SER D 203 61.12 38.22 -59.72
C SER D 203 60.11 37.58 -60.67
N SER D 204 60.58 36.73 -61.57
CA SER D 204 59.71 36.17 -62.60
C SER D 204 58.70 35.20 -61.99
N PRO D 205 57.39 35.43 -62.17
CA PRO D 205 56.40 34.45 -61.72
C PRO D 205 56.35 33.26 -62.66
N VAL D 206 57.23 32.28 -62.42
CA VAL D 206 57.38 31.14 -63.32
C VAL D 206 56.05 30.42 -63.48
N THR D 207 55.61 30.25 -64.71
CA THR D 207 54.36 29.58 -65.06
C THR D 207 54.71 28.36 -65.91
N LYS D 208 54.55 27.17 -65.33
CA LYS D 208 54.85 25.93 -66.02
C LYS D 208 53.56 25.23 -66.40
N SER D 209 53.45 24.86 -67.67
CA SER D 209 52.22 24.32 -68.22
C SER D 209 52.48 23.01 -68.96
N PHE D 210 51.43 22.21 -69.08
CA PHE D 210 51.46 20.99 -69.86
C PHE D 210 50.09 20.78 -70.50
N ASN D 211 50.07 19.98 -71.57
CA ASN D 211 48.84 19.72 -72.30
C ASN D 211 48.15 18.46 -71.78
N GLU E 1 64.81 10.93 -8.72
CA GLU E 1 64.31 11.01 -10.09
C GLU E 1 62.96 10.32 -10.21
N VAL E 2 62.09 10.86 -11.07
CA VAL E 2 60.76 10.33 -11.30
C VAL E 2 60.64 9.95 -12.77
N GLN E 3 60.11 8.75 -13.02
CA GLN E 3 59.92 8.25 -14.37
C GLN E 3 58.43 8.00 -14.59
N LEU E 4 57.88 8.58 -15.65
CA LEU E 4 56.47 8.42 -15.98
C LEU E 4 56.36 7.61 -17.27
N GLN E 5 55.50 6.59 -17.26
CA GLN E 5 55.27 5.76 -18.43
C GLN E 5 53.77 5.65 -18.67
N GLN E 6 53.34 5.94 -19.90
CA GLN E 6 51.91 6.00 -20.19
C GLN E 6 51.56 5.14 -21.39
N TRP E 7 50.32 4.66 -21.40
CA TRP E 7 49.83 3.82 -22.48
C TRP E 7 48.33 4.07 -22.66
N GLY E 8 47.81 3.55 -23.76
CA GLY E 8 46.41 3.75 -24.08
C GLY E 8 46.15 3.39 -25.53
N ALA E 9 44.90 3.62 -25.93
CA ALA E 9 44.46 3.27 -27.27
C ALA E 9 44.84 4.36 -28.25
N GLY E 10 45.62 3.99 -29.27
CA GLY E 10 46.06 4.95 -30.28
C GLY E 10 45.06 5.26 -31.36
N LEU E 11 44.00 4.45 -31.49
CA LEU E 11 42.96 4.68 -32.48
C LEU E 11 41.60 4.60 -31.81
N LEU E 12 40.68 5.43 -32.28
CA LEU E 12 39.32 5.46 -31.73
C LEU E 12 38.36 5.79 -32.84
N LYS E 13 37.07 5.60 -32.55
CA LYS E 13 35.99 6.01 -33.42
C LYS E 13 35.22 7.16 -32.80
N PRO E 14 34.58 8.00 -33.60
CA PRO E 14 33.74 9.06 -33.02
C PRO E 14 32.63 8.46 -32.17
N SER E 15 32.27 9.20 -31.12
CA SER E 15 31.28 8.84 -30.10
C SER E 15 31.80 7.78 -29.12
N GLU E 16 33.03 7.30 -29.29
CA GLU E 16 33.60 6.35 -28.35
C GLU E 16 34.19 7.11 -27.15
N THR E 17 34.84 6.39 -26.25
CA THR E 17 35.43 6.98 -25.05
C THR E 17 36.93 6.73 -25.04
N LEU E 18 37.69 7.81 -24.87
CA LEU E 18 39.14 7.72 -24.78
C LEU E 18 39.56 7.32 -23.38
N SER E 19 40.49 6.38 -23.28
CA SER E 19 41.03 5.96 -21.99
C SER E 19 42.55 5.91 -22.06
N LEU E 20 43.21 6.55 -21.11
CA LEU E 20 44.66 6.57 -21.03
C LEU E 20 45.09 6.26 -19.60
N THR E 21 46.27 5.67 -19.45
CA THR E 21 46.79 5.35 -18.14
C THR E 21 48.25 5.77 -18.05
N CYS E 22 48.66 6.26 -16.88
CA CYS E 22 50.02 6.69 -16.64
C CYS E 22 50.48 6.13 -15.30
N ALA E 23 51.73 5.69 -15.25
CA ALA E 23 52.32 5.07 -14.06
C ALA E 23 53.60 5.78 -13.70
N VAL E 24 53.87 5.83 -12.39
CA VAL E 24 54.94 6.64 -11.82
C VAL E 24 55.92 5.73 -11.10
N TYR E 25 57.21 5.99 -11.30
CA TYR E 25 58.27 5.25 -10.62
C TYR E 25 59.30 6.22 -10.09
N GLY E 26 60.03 5.79 -9.06
CA GLY E 26 61.22 6.48 -8.60
C GLY E 26 61.04 7.37 -7.39
N GLU E 27 59.81 7.77 -7.07
CA GLU E 27 59.58 8.67 -5.94
C GLU E 27 58.19 8.41 -5.37
N SER E 28 57.81 9.23 -4.40
CA SER E 28 56.52 9.08 -3.76
C SER E 28 55.39 9.43 -4.73
N PHE E 29 54.24 8.79 -4.52
CA PHE E 29 53.05 9.02 -5.31
C PHE E 29 52.03 9.90 -4.61
N SER E 30 51.84 9.72 -3.31
CA SER E 30 50.90 10.54 -2.55
C SER E 30 51.53 11.89 -2.22
N GLY E 31 50.70 12.80 -1.74
CA GLY E 31 51.15 14.15 -1.50
C GLY E 31 51.50 14.90 -2.77
N TYR E 32 50.74 14.69 -3.84
CA TYR E 32 51.04 15.29 -5.12
C TYR E 32 49.78 15.37 -5.96
N TYR E 33 49.83 16.21 -6.99
CA TYR E 33 48.78 16.32 -7.99
C TYR E 33 49.35 15.93 -9.33
N TRP E 34 48.65 15.07 -10.06
CA TRP E 34 49.10 14.56 -11.35
C TRP E 34 48.17 15.09 -12.43
N SER E 35 48.76 15.70 -13.45
CA SER E 35 48.04 16.48 -14.45
C SER E 35 48.11 15.82 -15.81
N TRP E 36 47.12 16.13 -16.65
CA TRP E 36 47.09 15.71 -18.04
C TRP E 36 47.09 16.96 -18.92
N ILE E 37 48.02 17.01 -19.87
CA ILE E 37 48.18 18.16 -20.77
C ILE E 37 48.06 17.67 -22.21
N ARG E 38 47.21 18.34 -22.99
CA ARG E 38 46.94 17.97 -24.37
C ARG E 38 47.57 18.99 -25.31
N GLN E 39 48.28 18.51 -26.33
CA GLN E 39 48.87 19.37 -27.34
C GLN E 39 48.32 18.98 -28.71
N SER E 40 47.80 19.96 -29.43
CA SER E 40 47.22 19.75 -30.74
C SER E 40 47.94 20.59 -31.78
N PRO E 41 48.06 20.11 -33.02
CA PRO E 41 48.73 20.91 -34.06
C PRO E 41 47.96 22.14 -34.51
N GLY E 42 46.72 22.31 -34.06
CA GLY E 42 45.92 23.44 -34.49
C GLY E 42 45.81 24.56 -33.47
N LYS E 43 45.67 24.22 -32.20
CA LYS E 43 45.50 25.20 -31.14
C LYS E 43 46.76 25.39 -30.29
N GLY E 44 47.32 24.32 -29.75
CA GLY E 44 48.50 24.39 -28.93
C GLY E 44 48.31 23.64 -27.63
N LEU E 45 49.24 23.88 -26.70
CA LEU E 45 49.20 23.19 -25.41
C LEU E 45 47.96 23.58 -24.62
N GLU E 46 47.33 22.59 -24.01
CA GLU E 46 46.12 22.81 -23.22
C GLU E 46 46.15 21.94 -21.98
N TRP E 47 45.53 22.43 -20.92
CA TRP E 47 45.50 21.75 -19.63
C TRP E 47 44.14 21.09 -19.44
N ILE E 48 44.14 19.81 -19.12
CA ILE E 48 42.90 19.03 -19.04
C ILE E 48 42.40 18.93 -17.60
N GLY E 49 43.27 18.54 -16.68
CA GLY E 49 42.88 18.39 -15.29
C GLY E 49 43.99 17.74 -14.50
N GLN E 50 43.71 17.56 -13.21
CA GLN E 50 44.67 16.92 -12.32
C GLN E 50 43.94 16.25 -11.17
N ILE E 51 44.57 15.21 -10.63
CA ILE E 51 44.00 14.41 -9.54
C ILE E 51 45.09 14.08 -8.52
N ASN E 52 44.68 13.89 -7.27
CA ASN E 52 45.58 13.53 -6.18
C ASN E 52 45.26 12.12 -5.70
N HIS E 53 45.97 11.70 -4.66
CA HIS E 53 45.90 10.31 -4.20
C HIS E 53 44.55 9.98 -3.59
N SER E 54 43.87 10.95 -2.98
CA SER E 54 42.62 10.69 -2.29
C SER E 54 41.40 10.80 -3.21
N GLY E 55 41.58 11.21 -4.45
CA GLY E 55 40.48 11.29 -5.39
C GLY E 55 39.94 12.69 -5.66
N ASN E 56 40.57 13.73 -5.15
CA ASN E 56 40.13 15.09 -5.41
C ASN E 56 40.65 15.55 -6.77
N THR E 57 39.78 16.17 -7.56
CA THR E 57 40.09 16.51 -8.94
C THR E 57 39.93 17.99 -9.19
N ASN E 58 40.80 18.53 -10.04
CA ASN E 58 40.63 19.86 -10.63
C ASN E 58 40.43 19.68 -12.13
N TYR E 59 39.43 20.36 -12.68
CA TYR E 59 39.08 20.24 -14.08
C TYR E 59 39.20 21.60 -14.77
N ASN E 60 39.55 21.55 -16.05
CA ASN E 60 39.42 22.72 -16.90
C ASN E 60 37.93 22.95 -17.18
N PRO E 61 37.43 24.17 -16.94
CA PRO E 61 35.99 24.40 -17.13
C PRO E 61 35.48 24.09 -18.52
N SER E 62 36.31 24.25 -19.56
CA SER E 62 35.86 23.93 -20.91
C SER E 62 35.54 22.45 -21.05
N LEU E 63 36.36 21.58 -20.46
CA LEU E 63 36.21 20.14 -20.60
C LEU E 63 35.64 19.48 -19.34
N LYS E 64 35.03 20.26 -18.45
CA LYS E 64 34.52 19.69 -17.21
C LYS E 64 33.43 18.65 -17.46
N SER E 65 32.71 18.77 -18.56
CA SER E 65 31.56 17.91 -18.81
C SER E 65 31.96 16.48 -19.21
N ARG E 66 33.07 16.32 -19.93
CA ARG E 66 33.42 15.04 -20.52
C ARG E 66 34.66 14.39 -19.91
N VAL E 67 35.36 15.07 -19.01
CA VAL E 67 36.64 14.61 -18.49
C VAL E 67 36.42 13.93 -17.15
N THR E 68 37.08 12.78 -16.95
CA THR E 68 37.11 12.10 -15.66
C THR E 68 38.50 11.55 -15.42
N MET E 69 38.90 11.50 -14.15
CA MET E 69 40.15 10.85 -13.78
C MET E 69 39.93 9.92 -12.61
N SER E 70 40.74 8.86 -12.58
CA SER E 70 40.74 7.88 -11.50
C SER E 70 42.17 7.64 -11.05
N VAL E 71 42.32 7.16 -9.83
CA VAL E 71 43.64 6.90 -9.26
C VAL E 71 43.64 5.52 -8.61
N ASP E 72 44.74 4.79 -8.81
CA ASP E 72 44.99 3.51 -8.15
C ASP E 72 46.30 3.67 -7.38
N THR E 73 46.19 3.92 -6.08
CA THR E 73 47.37 4.11 -5.25
C THR E 73 48.08 2.81 -4.94
N SER E 74 47.41 1.67 -5.11
CA SER E 74 48.04 0.38 -4.85
C SER E 74 49.22 0.14 -5.78
N LYS E 75 49.04 0.44 -7.06
CA LYS E 75 50.07 0.22 -8.07
C LYS E 75 50.62 1.51 -8.66
N ASN E 76 50.31 2.65 -8.06
CA ASN E 76 50.83 3.95 -8.47
C ASN E 76 50.48 4.26 -9.93
N GLN E 77 49.18 4.37 -10.18
CA GLN E 77 48.70 4.67 -11.53
C GLN E 77 47.59 5.71 -11.45
N PHE E 78 47.46 6.50 -12.51
CA PHE E 78 46.30 7.37 -12.66
C PHE E 78 45.85 7.37 -14.11
N SER E 79 44.53 7.41 -14.29
CA SER E 79 43.90 7.18 -15.58
C SER E 79 42.94 8.31 -15.93
N LEU E 80 42.84 8.58 -17.23
CA LEU E 80 41.99 9.62 -17.78
C LEU E 80 40.96 9.01 -18.71
N LYS E 81 39.70 9.42 -18.56
CA LYS E 81 38.61 9.03 -19.43
C LYS E 81 38.01 10.29 -20.06
N LEU E 82 37.81 10.26 -21.36
CA LEU E 82 37.26 11.40 -22.10
C LEU E 82 36.17 10.90 -23.03
N SER E 83 34.91 11.15 -22.67
CA SER E 83 33.78 10.62 -23.40
C SER E 83 33.36 11.57 -24.53
N SER E 84 32.41 11.08 -25.34
CA SER E 84 31.87 11.84 -26.48
C SER E 84 32.99 12.31 -27.41
N VAL E 85 33.89 11.39 -27.72
CA VAL E 85 35.06 11.73 -28.53
C VAL E 85 34.64 12.13 -29.93
N THR E 86 35.24 13.21 -30.42
CA THR E 86 34.99 13.74 -31.76
C THR E 86 36.33 13.87 -32.47
N ALA E 87 36.29 14.18 -33.76
CA ALA E 87 37.51 14.28 -34.56
C ALA E 87 38.40 15.45 -34.15
N ALA E 88 37.91 16.36 -33.30
CA ALA E 88 38.71 17.48 -32.83
C ALA E 88 39.59 17.11 -31.65
N ASP E 89 39.57 15.86 -31.20
CA ASP E 89 40.35 15.42 -30.05
C ASP E 89 41.60 14.65 -30.44
N THR E 90 41.98 14.66 -31.71
CA THR E 90 43.22 14.01 -32.13
C THR E 90 44.39 14.88 -31.69
N ALA E 91 45.25 14.35 -30.82
CA ALA E 91 46.28 15.17 -30.22
C ALA E 91 47.26 14.29 -29.47
N VAL E 92 48.32 14.91 -28.95
CA VAL E 92 49.33 14.23 -28.15
C VAL E 92 49.06 14.53 -26.68
N TYR E 93 48.92 13.49 -25.88
CA TYR E 93 48.58 13.63 -24.47
C TYR E 93 49.80 13.31 -23.63
N TYR E 94 50.06 14.16 -22.62
CA TYR E 94 51.16 13.97 -21.69
C TYR E 94 50.61 13.89 -20.28
N CYS E 95 51.21 13.04 -19.46
CA CYS E 95 50.96 13.03 -18.03
C CYS E 95 52.15 13.68 -17.34
N ALA E 96 51.88 14.68 -16.50
CA ALA E 96 52.92 15.45 -15.84
C ALA E 96 52.64 15.51 -14.35
N ARG E 97 53.61 15.99 -13.60
CA ARG E 97 53.50 16.13 -12.16
C ARG E 97 53.25 17.58 -11.80
N GLU E 98 52.20 17.83 -11.03
CA GLU E 98 51.86 19.16 -10.48
C GLU E 98 51.64 20.11 -11.65
N LEU E 99 52.13 21.34 -11.56
CA LEU E 99 52.01 22.31 -12.65
C LEU E 99 52.92 21.98 -13.83
N GLY E 100 53.83 21.04 -13.66
CA GLY E 100 54.92 20.85 -14.59
C GLY E 100 56.20 21.33 -13.95
N HIS E 101 57.08 21.90 -14.77
CA HIS E 101 58.36 22.47 -14.37
C HIS E 101 59.37 21.40 -13.96
N ASP E 102 58.94 20.16 -13.76
CA ASP E 102 59.88 19.13 -13.35
C ASP E 102 59.93 17.94 -14.30
N TYR E 103 58.78 17.29 -14.50
CA TYR E 103 58.78 15.96 -15.13
C TYR E 103 57.54 15.80 -16.00
N TRP E 104 57.75 15.24 -17.19
CA TRP E 104 56.68 15.03 -18.16
C TRP E 104 56.73 13.59 -18.65
N GLY E 105 55.59 13.09 -19.10
CA GLY E 105 55.55 11.79 -19.75
C GLY E 105 56.11 11.85 -21.14
N GLN E 106 56.22 10.67 -21.77
CA GLN E 106 56.76 10.61 -23.12
C GLN E 106 55.77 11.11 -24.17
N GLY E 107 54.48 11.15 -23.84
CA GLY E 107 53.48 11.65 -24.76
C GLY E 107 52.98 10.60 -25.72
N THR E 108 51.66 10.40 -25.77
CA THR E 108 51.05 9.41 -26.63
C THR E 108 50.09 10.09 -27.60
N LEU E 109 50.17 9.71 -28.87
CA LEU E 109 49.35 10.33 -29.90
C LEU E 109 48.05 9.55 -30.05
N VAL E 110 46.93 10.28 -30.05
CA VAL E 110 45.61 9.69 -30.20
C VAL E 110 44.97 10.28 -31.45
N THR E 111 44.53 9.40 -32.34
CA THR E 111 43.87 9.76 -33.58
C THR E 111 42.42 9.28 -33.54
N VAL E 112 41.51 10.11 -34.01
CA VAL E 112 40.09 9.82 -34.01
C VAL E 112 39.60 9.80 -35.45
N SER E 113 39.13 8.64 -35.90
CA SER E 113 38.63 8.49 -37.26
C SER E 113 37.67 7.31 -37.31
N SER E 114 36.86 7.26 -38.36
CA SER E 114 35.90 6.20 -38.57
C SER E 114 36.17 5.47 -39.89
N ALA E 115 37.44 5.17 -40.16
CA ALA E 115 37.85 4.51 -41.37
C ALA E 115 38.58 3.21 -41.03
N SER E 116 38.55 2.27 -41.98
CA SER E 116 39.17 0.97 -41.82
C SER E 116 40.54 0.96 -42.48
N THR E 117 41.36 -0.02 -42.08
CA THR E 117 42.70 -0.13 -42.62
C THR E 117 42.64 -0.39 -44.12
N LYS E 118 43.45 0.35 -44.88
CA LYS E 118 43.49 0.23 -46.32
C LYS E 118 44.94 0.23 -46.78
N GLY E 119 45.18 -0.42 -47.92
CA GLY E 119 46.50 -0.44 -48.50
C GLY E 119 46.70 0.70 -49.48
N PRO E 120 47.92 1.23 -49.55
CA PRO E 120 48.19 2.36 -50.42
C PRO E 120 48.21 1.96 -51.89
N SER E 121 47.98 2.96 -52.74
CA SER E 121 48.11 2.83 -54.18
C SER E 121 49.23 3.75 -54.64
N VAL E 122 50.10 3.25 -55.51
CA VAL E 122 51.29 3.96 -55.96
C VAL E 122 51.13 4.33 -57.42
N PHE E 123 51.40 5.59 -57.74
CA PHE E 123 51.31 6.07 -59.11
C PHE E 123 52.61 6.78 -59.48
N PRO E 124 53.24 6.42 -60.59
CA PRO E 124 54.50 7.08 -60.98
C PRO E 124 54.26 8.50 -61.45
N LEU E 125 55.32 9.31 -61.36
CA LEU E 125 55.32 10.67 -61.88
C LEU E 125 56.32 10.76 -63.02
N ALA E 126 55.84 11.22 -64.18
CA ALA E 126 56.64 11.19 -65.40
C ALA E 126 57.26 12.56 -65.65
N PRO E 127 58.58 12.65 -65.82
CA PRO E 127 59.19 13.92 -66.20
C PRO E 127 58.80 14.34 -67.61
N SER E 128 58.78 15.65 -67.82
CA SER E 128 58.47 16.18 -69.14
C SER E 128 59.72 16.24 -70.00
N SER E 129 59.52 16.38 -71.31
CA SER E 129 60.64 16.46 -72.25
C SER E 129 61.43 17.75 -72.05
N LYS E 130 60.73 18.86 -71.82
CA LYS E 130 61.44 20.13 -71.57
C LYS E 130 62.18 20.09 -70.24
N SER E 131 61.69 19.31 -69.28
CA SER E 131 62.46 19.11 -68.05
C SER E 131 63.78 18.40 -68.33
N THR E 132 63.74 17.40 -69.23
CA THR E 132 64.97 16.76 -69.66
C THR E 132 65.88 17.75 -70.39
N SER E 133 65.28 18.63 -71.20
CA SER E 133 66.08 19.65 -71.89
C SER E 133 66.68 20.67 -70.91
N GLY E 134 66.10 20.81 -69.73
CA GLY E 134 66.60 21.78 -68.76
C GLY E 134 67.93 21.42 -68.13
N GLY E 135 68.30 20.14 -68.15
CA GLY E 135 69.55 19.67 -67.59
C GLY E 135 69.42 18.97 -66.25
N THR E 136 68.31 19.17 -65.53
CA THR E 136 68.02 18.45 -64.31
C THR E 136 66.53 18.10 -64.30
N ALA E 137 66.20 17.00 -63.64
CA ALA E 137 64.82 16.54 -63.58
C ALA E 137 64.53 15.92 -62.22
N ALA E 138 63.24 15.76 -61.94
CA ALA E 138 62.78 15.19 -60.68
C ALA E 138 61.84 14.03 -60.96
N LEU E 139 62.13 12.88 -60.37
CA LEU E 139 61.29 11.69 -60.46
C LEU E 139 60.66 11.44 -59.11
N GLY E 140 59.34 11.26 -59.10
CA GLY E 140 58.63 11.01 -57.87
C GLY E 140 57.59 9.93 -58.05
N CYS E 141 57.07 9.46 -56.91
CA CYS E 141 55.92 8.58 -56.92
C CYS E 141 54.94 9.01 -55.83
N LEU E 142 53.66 8.91 -56.18
CA LEU E 142 52.57 9.41 -55.36
C LEU E 142 51.88 8.22 -54.68
N VAL E 143 51.80 8.27 -53.35
CA VAL E 143 51.15 7.22 -52.56
C VAL E 143 49.82 7.77 -52.07
N LYS E 144 48.75 7.01 -52.29
CA LYS E 144 47.41 7.54 -52.06
C LYS E 144 46.53 6.50 -51.39
N ASP E 145 45.56 7.00 -50.61
CA ASP E 145 44.44 6.20 -50.10
C ASP E 145 44.93 5.04 -49.23
N TYR E 146 45.52 5.41 -48.10
CA TYR E 146 45.82 4.48 -47.01
C TYR E 146 45.35 5.11 -45.71
N PHE E 147 44.70 4.32 -44.86
CA PHE E 147 44.21 4.98 -43.65
C PHE E 147 45.26 5.14 -42.55
N PRO E 148 45.92 4.08 -42.08
CA PRO E 148 46.85 4.26 -40.96
C PRO E 148 48.08 5.05 -41.39
N GLU E 149 48.46 6.03 -40.57
CA GLU E 149 49.47 7.01 -40.98
C GLU E 149 50.84 6.41 -41.29
N PRO E 150 51.41 5.50 -40.50
CA PRO E 150 52.81 5.10 -40.74
C PRO E 150 52.99 4.41 -42.08
N VAL E 151 53.74 5.07 -42.97
CA VAL E 151 54.09 4.55 -44.29
C VAL E 151 55.55 4.89 -44.56
N THR E 152 56.33 3.89 -44.98
CA THR E 152 57.75 4.09 -45.23
C THR E 152 58.02 4.04 -46.74
N VAL E 153 58.76 5.02 -47.23
CA VAL E 153 59.09 5.14 -48.65
C VAL E 153 60.60 5.22 -48.79
N SER E 154 61.16 4.39 -49.67
CA SER E 154 62.59 4.45 -49.97
C SER E 154 62.77 4.31 -51.47
N TRP E 155 63.98 4.58 -51.93
CA TRP E 155 64.30 4.55 -53.36
C TRP E 155 65.46 3.62 -53.61
N ASN E 156 65.37 2.86 -54.71
CA ASN E 156 66.42 1.93 -55.12
C ASN E 156 66.79 0.97 -53.98
N SER E 157 65.77 0.47 -53.29
CA SER E 157 65.94 -0.43 -52.16
C SER E 157 66.82 0.17 -51.08
N GLY E 158 66.68 1.48 -50.89
CA GLY E 158 67.43 2.19 -49.87
C GLY E 158 68.81 2.65 -50.27
N ALA E 159 69.25 2.33 -51.49
CA ALA E 159 70.60 2.72 -51.91
C ALA E 159 70.67 4.21 -52.22
N LEU E 160 69.64 4.76 -52.86
CA LEU E 160 69.60 6.16 -53.22
C LEU E 160 69.06 6.98 -52.05
N THR E 161 69.94 7.71 -51.37
CA THR E 161 69.57 8.51 -50.21
C THR E 161 69.97 9.97 -50.35
N SER E 162 70.33 10.42 -51.55
CA SER E 162 70.75 11.79 -51.79
C SER E 162 69.69 12.53 -52.58
N GLY E 163 69.35 13.73 -52.13
CA GLY E 163 68.37 14.55 -52.83
C GLY E 163 66.98 13.95 -52.87
N VAL E 164 66.53 13.36 -51.76
CA VAL E 164 65.22 12.75 -51.67
C VAL E 164 64.39 13.54 -50.65
N HIS E 165 63.15 13.84 -51.02
CA HIS E 165 62.23 14.56 -50.15
C HIS E 165 60.95 13.77 -50.05
N THR E 166 60.54 13.46 -48.83
CA THR E 166 59.31 12.73 -48.54
C THR E 166 58.41 13.68 -47.76
N PHE E 167 57.42 14.24 -48.45
CA PHE E 167 56.54 15.23 -47.84
C PHE E 167 55.64 14.56 -46.80
N PRO E 168 55.21 15.32 -45.79
CA PRO E 168 54.32 14.75 -44.78
C PRO E 168 52.96 14.39 -45.36
N ALA E 169 52.32 13.39 -44.76
CA ALA E 169 51.01 12.96 -45.19
C ALA E 169 49.95 14.01 -44.88
N VAL E 170 48.90 14.03 -45.69
CA VAL E 170 47.80 14.97 -45.53
C VAL E 170 46.48 14.20 -45.57
N LEU E 171 45.58 14.53 -44.65
CA LEU E 171 44.28 13.89 -44.62
C LEU E 171 43.39 14.45 -45.72
N GLN E 172 42.63 13.57 -46.36
CA GLN E 172 41.73 13.94 -47.43
C GLN E 172 40.28 13.92 -46.95
N SER E 173 39.37 14.35 -47.82
CA SER E 173 37.96 14.40 -47.48
C SER E 173 37.36 13.02 -47.31
N SER E 174 38.00 11.97 -47.82
CA SER E 174 37.51 10.61 -47.68
C SER E 174 38.02 9.91 -46.43
N GLY E 175 38.84 10.59 -45.63
CA GLY E 175 39.38 9.99 -44.43
C GLY E 175 40.69 9.24 -44.61
N LEU E 176 41.19 9.14 -45.83
CA LEU E 176 42.42 8.43 -46.12
C LEU E 176 43.54 9.43 -46.44
N TYR E 177 44.77 9.00 -46.19
CA TYR E 177 45.94 9.86 -46.33
C TYR E 177 46.58 9.70 -47.69
N SER E 178 47.44 10.67 -48.04
CA SER E 178 48.21 10.60 -49.25
C SER E 178 49.46 11.45 -49.10
N LEU E 179 50.54 11.01 -49.73
CA LEU E 179 51.78 11.77 -49.75
C LEU E 179 52.49 11.50 -51.07
N SER E 180 53.68 12.08 -51.22
CA SER E 180 54.48 11.85 -52.40
C SER E 180 55.95 11.84 -52.01
N SER E 181 56.75 11.14 -52.81
CA SER E 181 58.20 11.15 -52.65
C SER E 181 58.82 11.64 -53.94
N VAL E 182 59.85 12.49 -53.82
CA VAL E 182 60.50 13.09 -54.96
C VAL E 182 62.00 12.96 -54.82
N VAL E 183 62.70 12.71 -55.92
CA VAL E 183 64.15 12.70 -55.96
C VAL E 183 64.59 13.50 -57.18
N THR E 184 65.79 14.07 -57.09
CA THR E 184 66.32 14.93 -58.15
C THR E 184 67.55 14.28 -58.75
N VAL E 185 67.61 14.26 -60.08
CA VAL E 185 68.72 13.64 -60.81
C VAL E 185 69.10 14.53 -61.98
N PRO E 186 70.32 14.39 -62.49
CA PRO E 186 70.68 15.06 -63.74
C PRO E 186 69.89 14.50 -64.91
N SER E 187 69.62 15.36 -65.88
CA SER E 187 68.83 14.96 -67.04
C SER E 187 69.54 13.87 -67.84
N SER E 188 70.86 14.00 -68.02
CA SER E 188 71.61 12.99 -68.76
C SER E 188 71.55 11.63 -68.08
N SER E 189 71.41 11.61 -66.75
CA SER E 189 71.33 10.34 -66.03
C SER E 189 70.05 9.59 -66.36
N LEU E 190 69.03 10.28 -66.85
CA LEU E 190 67.78 9.62 -67.21
C LEU E 190 67.95 8.75 -68.44
N GLY E 191 67.09 7.76 -68.57
CA GLY E 191 67.08 6.86 -69.71
C GLY E 191 68.12 5.76 -69.65
N THR E 192 69.34 6.10 -69.25
CA THR E 192 70.42 5.13 -69.12
C THR E 192 70.54 4.57 -67.70
N GLN E 193 69.66 4.99 -66.79
CA GLN E 193 69.68 4.49 -65.42
C GLN E 193 68.27 4.19 -64.97
N THR E 194 68.10 3.06 -64.27
CA THR E 194 66.80 2.66 -63.77
C THR E 194 66.58 3.21 -62.37
N TYR E 195 65.35 3.67 -62.12
CA TYR E 195 64.99 4.26 -60.84
C TYR E 195 63.64 3.73 -60.39
N ILE E 196 63.60 3.17 -59.18
CA ILE E 196 62.41 2.55 -58.62
C ILE E 196 62.22 3.06 -57.20
N CYS E 197 60.97 3.27 -56.81
CA CYS E 197 60.63 3.60 -55.43
C CYS E 197 59.83 2.46 -54.83
N ASN E 198 60.20 2.06 -53.62
CA ASN E 198 59.51 0.98 -52.91
C ASN E 198 58.88 1.52 -51.63
N VAL E 199 57.66 1.09 -51.37
CA VAL E 199 56.87 1.61 -50.26
C VAL E 199 56.30 0.46 -49.46
N ASN E 200 56.37 0.58 -48.14
CA ASN E 200 55.87 -0.40 -47.20
C ASN E 200 54.84 0.24 -46.29
N HIS E 201 53.67 -0.38 -46.21
CA HIS E 201 52.62 0.01 -45.28
C HIS E 201 52.36 -1.20 -44.38
N LYS E 202 52.70 -1.06 -43.10
CA LYS E 202 52.73 -2.20 -42.19
C LYS E 202 51.35 -2.62 -41.67
N PRO E 203 50.44 -1.69 -41.30
CA PRO E 203 49.14 -2.14 -40.80
C PRO E 203 48.38 -3.03 -41.78
N SER E 204 48.46 -2.76 -43.08
CA SER E 204 47.91 -3.67 -44.06
C SER E 204 48.95 -4.66 -44.59
N ASN E 205 50.21 -4.50 -44.22
CA ASN E 205 51.29 -5.42 -44.59
C ASN E 205 51.41 -5.54 -46.11
N THR E 206 51.63 -4.41 -46.76
CA THR E 206 51.81 -4.38 -48.21
C THR E 206 53.12 -3.67 -48.54
N LYS E 207 54.02 -4.37 -49.22
CA LYS E 207 55.24 -3.79 -49.75
C LYS E 207 55.17 -3.86 -51.27
N VAL E 208 55.29 -2.72 -51.93
CA VAL E 208 55.18 -2.68 -53.38
C VAL E 208 56.26 -1.77 -53.96
N ASP E 209 56.85 -2.22 -55.06
CA ASP E 209 57.85 -1.47 -55.81
C ASP E 209 57.18 -0.82 -57.01
N LYS E 210 57.84 0.20 -57.56
CA LYS E 210 57.34 0.84 -58.76
C LYS E 210 58.48 1.53 -59.49
N LYS E 211 58.66 1.19 -60.76
CA LYS E 211 59.70 1.79 -61.58
C LYS E 211 59.17 3.04 -62.29
N VAL E 212 59.99 4.08 -62.34
CA VAL E 212 59.63 5.33 -62.98
C VAL E 212 60.39 5.45 -64.28
N GLU E 213 59.66 5.61 -65.38
CA GLU E 213 60.24 5.73 -66.72
C GLU E 213 59.88 7.08 -67.32
N PRO E 214 60.78 7.65 -68.13
CA PRO E 214 60.47 8.91 -68.80
C PRO E 214 59.37 8.75 -69.84
N LYS E 215 58.63 9.82 -70.05
CA LYS E 215 57.55 9.83 -71.04
C LYS E 215 58.11 10.03 -72.45
N GLU F 1 12.43 -18.27 -53.49
CA GLU F 1 13.74 -18.48 -54.08
C GLU F 1 13.63 -19.35 -55.33
N ILE F 2 13.49 -18.71 -56.48
CA ILE F 2 13.38 -19.43 -57.75
C ILE F 2 14.73 -20.04 -58.07
N VAL F 3 14.89 -21.34 -57.86
CA VAL F 3 16.16 -22.01 -58.09
C VAL F 3 16.35 -22.25 -59.58
N MET F 4 17.49 -21.85 -60.10
CA MET F 4 17.83 -22.01 -61.51
C MET F 4 18.80 -23.16 -61.69
N THR F 5 18.57 -23.98 -62.70
CA THR F 5 19.44 -25.10 -63.04
C THR F 5 19.84 -24.99 -64.49
N GLN F 6 21.11 -25.24 -64.77
CA GLN F 6 21.65 -25.04 -66.11
C GLN F 6 22.01 -26.39 -66.74
N SER F 7 22.45 -26.31 -68.00
CA SER F 7 22.91 -27.45 -68.79
C SER F 7 24.16 -28.04 -68.13
N PRO F 8 24.72 -29.14 -68.65
CA PRO F 8 25.94 -29.69 -68.04
C PRO F 8 27.03 -28.63 -67.94
N GLY F 9 27.73 -28.64 -66.81
CA GLY F 9 28.67 -27.57 -66.52
C GLY F 9 29.79 -27.46 -67.54
N THR F 10 30.31 -28.59 -68.00
CA THR F 10 31.43 -28.62 -68.92
C THR F 10 30.97 -29.17 -70.27
N LEU F 11 31.22 -28.40 -71.32
CA LEU F 11 31.00 -28.85 -72.69
C LEU F 11 32.16 -28.40 -73.55
N SER F 12 32.60 -29.27 -74.45
CA SER F 12 33.76 -29.02 -75.28
C SER F 12 33.33 -28.92 -76.74
N LEU F 13 33.90 -27.93 -77.45
CA LEU F 13 33.60 -27.74 -78.86
C LEU F 13 34.75 -26.99 -79.50
N SER F 14 35.01 -27.31 -80.77
CA SER F 14 36.08 -26.67 -81.50
C SER F 14 35.71 -25.22 -81.84
N PRO F 15 36.70 -24.34 -81.95
CA PRO F 15 36.39 -22.95 -82.31
C PRO F 15 35.76 -22.85 -83.69
N GLY F 16 35.13 -21.71 -83.94
CA GLY F 16 34.41 -21.51 -85.19
C GLY F 16 33.18 -22.38 -85.32
N GLU F 17 32.44 -22.57 -84.22
CA GLU F 17 31.24 -23.39 -84.23
C GLU F 17 30.10 -22.67 -83.54
N ARG F 18 28.99 -23.38 -83.31
CA ARG F 18 27.85 -22.82 -82.59
C ARG F 18 27.72 -23.48 -81.23
N ALA F 19 27.26 -22.70 -80.25
CA ALA F 19 27.09 -23.19 -78.89
C ALA F 19 25.69 -22.87 -78.40
N THR F 20 25.08 -23.82 -77.69
CA THR F 20 23.75 -23.65 -77.13
C THR F 20 23.79 -24.00 -75.65
N LEU F 21 23.33 -23.08 -74.80
CA LEU F 21 23.28 -23.28 -73.36
C LEU F 21 21.84 -23.19 -72.88
N SER F 22 21.44 -24.14 -72.04
CA SER F 22 20.07 -24.23 -71.55
C SER F 22 19.97 -23.68 -70.13
N CYS F 23 18.78 -23.22 -69.76
CA CYS F 23 18.56 -22.65 -68.45
C CYS F 23 17.11 -22.88 -68.06
N ARG F 24 16.89 -23.45 -66.88
CA ARG F 24 15.56 -23.80 -66.40
C ARG F 24 15.32 -23.18 -65.03
N ALA F 25 14.11 -22.68 -64.83
CA ALA F 25 13.72 -22.08 -63.56
C ALA F 25 12.66 -22.94 -62.90
N SER F 26 12.73 -23.04 -61.57
CA SER F 26 11.77 -23.86 -60.84
C SER F 26 10.35 -23.29 -60.94
N GLN F 27 10.21 -22.02 -61.30
CA GLN F 27 8.91 -21.38 -61.45
C GLN F 27 8.96 -20.43 -62.63
N SER F 28 7.79 -19.94 -63.03
CA SER F 28 7.71 -19.06 -64.18
C SER F 28 8.38 -17.72 -63.88
N ILE F 29 9.01 -17.15 -64.90
CA ILE F 29 9.70 -15.88 -64.80
C ILE F 29 8.79 -14.79 -65.35
N SER F 30 8.53 -13.77 -64.54
CA SER F 30 7.58 -12.73 -64.93
C SER F 30 8.17 -11.85 -66.02
N SER F 31 7.41 -11.66 -67.10
CA SER F 31 7.78 -10.75 -68.19
C SER F 31 9.11 -11.12 -68.84
N SER F 32 9.49 -12.40 -68.76
CA SER F 32 10.73 -12.89 -69.33
C SER F 32 11.93 -12.10 -68.81
N TYR F 33 11.92 -11.82 -67.51
CA TYR F 33 13.00 -11.06 -66.87
C TYR F 33 14.13 -12.03 -66.54
N LEU F 34 14.88 -12.40 -67.57
CA LEU F 34 16.05 -13.26 -67.43
C LEU F 34 17.24 -12.58 -68.07
N ALA F 35 18.41 -12.70 -67.44
CA ALA F 35 19.63 -12.10 -67.93
C ALA F 35 20.75 -13.14 -67.96
N TRP F 36 21.66 -12.96 -68.90
CA TRP F 36 22.82 -13.84 -69.06
C TRP F 36 24.10 -13.07 -68.78
N PHE F 37 24.94 -13.61 -67.90
CA PHE F 37 26.19 -12.99 -67.51
C PHE F 37 27.36 -13.84 -67.99
N GLN F 38 28.45 -13.17 -68.37
CA GLN F 38 29.68 -13.83 -68.78
C GLN F 38 30.80 -13.42 -67.84
N GLN F 39 31.54 -14.40 -67.32
CA GLN F 39 32.68 -14.16 -66.44
C GLN F 39 33.90 -14.89 -66.98
N LYS F 40 34.98 -14.14 -67.15
CA LYS F 40 36.33 -14.56 -67.48
C LYS F 40 37.17 -14.65 -66.21
N PRO F 41 38.19 -15.51 -66.18
CA PRO F 41 39.01 -15.63 -64.96
C PRO F 41 39.66 -14.30 -64.61
N GLY F 42 39.60 -13.97 -63.32
CA GLY F 42 40.21 -12.76 -62.81
C GLY F 42 39.39 -11.50 -62.93
N GLN F 43 38.19 -11.57 -63.52
CA GLN F 43 37.37 -10.39 -63.73
C GLN F 43 35.97 -10.61 -63.16
N ALA F 44 35.25 -9.51 -62.98
CA ALA F 44 33.86 -9.54 -62.55
C ALA F 44 32.95 -9.91 -63.73
N PRO F 45 31.79 -10.50 -63.44
CA PRO F 45 30.89 -10.88 -64.53
C PRO F 45 30.40 -9.67 -65.31
N ARG F 46 30.15 -9.88 -66.60
CA ARG F 46 29.65 -8.85 -67.49
C ARG F 46 28.34 -9.29 -68.12
N LEU F 47 27.38 -8.38 -68.16
CA LEU F 47 26.08 -8.69 -68.75
C LEU F 47 26.19 -8.77 -70.27
N LEU F 48 25.50 -9.76 -70.84
CA LEU F 48 25.40 -9.91 -72.29
C LEU F 48 23.99 -9.67 -72.81
N ILE F 49 22.99 -10.31 -72.20
CA ILE F 49 21.63 -10.30 -72.71
C ILE F 49 20.68 -10.04 -71.55
N TYR F 50 19.79 -9.07 -71.71
CA TYR F 50 18.79 -8.74 -70.71
C TYR F 50 17.40 -8.88 -71.31
N GLY F 51 16.45 -9.32 -70.50
CA GLY F 51 15.10 -9.58 -70.98
C GLY F 51 14.96 -10.87 -71.75
N ALA F 52 16.01 -11.71 -71.78
CA ALA F 52 16.02 -13.03 -72.42
C ALA F 52 16.00 -12.93 -73.94
N SER F 53 15.85 -11.73 -74.47
CA SER F 53 15.85 -11.54 -75.92
C SER F 53 16.77 -10.44 -76.38
N SER F 54 16.87 -9.34 -75.64
CA SER F 54 17.61 -8.17 -76.09
C SER F 54 19.12 -8.40 -75.94
N ARG F 55 19.88 -7.40 -76.42
CA ARG F 55 21.33 -7.43 -76.34
C ARG F 55 21.81 -6.13 -75.72
N ALA F 56 22.71 -6.24 -74.75
CA ALA F 56 23.21 -5.06 -74.06
C ALA F 56 24.05 -4.20 -75.00
N PRO F 57 24.16 -2.90 -74.73
CA PRO F 57 25.01 -2.05 -75.58
C PRO F 57 26.46 -2.52 -75.56
N GLY F 58 27.09 -2.46 -76.73
CA GLY F 58 28.47 -2.86 -76.88
C GLY F 58 28.71 -4.34 -77.04
N ILE F 59 27.66 -5.16 -77.04
CA ILE F 59 27.79 -6.61 -77.15
C ILE F 59 27.77 -6.99 -78.63
N PRO F 60 28.63 -7.90 -79.07
CA PRO F 60 28.58 -8.36 -80.46
C PRO F 60 27.27 -9.05 -80.76
N ASP F 61 26.96 -9.14 -82.06
CA ASP F 61 25.69 -9.68 -82.50
C ASP F 61 25.63 -11.21 -82.50
N ARG F 62 26.74 -11.89 -82.21
CA ARG F 62 26.75 -13.34 -82.27
C ARG F 62 26.06 -13.98 -81.07
N PHE F 63 25.77 -13.22 -80.02
CA PHE F 63 25.05 -13.74 -78.87
C PHE F 63 23.55 -13.51 -79.06
N SER F 64 22.76 -14.58 -78.91
CA SER F 64 21.32 -14.47 -79.02
C SER F 64 20.67 -15.24 -77.88
N GLY F 65 19.48 -14.80 -77.48
CA GLY F 65 18.76 -15.47 -76.42
C GLY F 65 17.30 -15.71 -76.79
N SER F 66 16.76 -16.86 -76.38
CA SER F 66 15.38 -17.17 -76.72
C SER F 66 14.79 -18.10 -75.67
N GLY F 67 13.56 -17.82 -75.27
CA GLY F 67 12.89 -18.67 -74.30
C GLY F 67 11.71 -17.97 -73.67
N SER F 68 11.03 -18.72 -72.82
CA SER F 68 9.86 -18.24 -72.10
C SER F 68 9.48 -19.27 -71.06
N GLY F 69 8.48 -18.93 -70.25
CA GLY F 69 7.98 -19.85 -69.25
C GLY F 69 9.03 -20.23 -68.22
N THR F 70 9.51 -21.47 -68.32
CA THR F 70 10.59 -21.94 -67.46
C THR F 70 11.75 -22.53 -68.26
N ASP F 71 11.82 -22.22 -69.56
CA ASP F 71 12.88 -22.75 -70.42
C ASP F 71 13.47 -21.60 -71.23
N PHE F 72 14.79 -21.43 -71.15
CA PHE F 72 15.48 -20.41 -71.91
C PHE F 72 16.78 -21.00 -72.45
N THR F 73 17.30 -20.36 -73.50
CA THR F 73 18.54 -20.82 -74.10
C THR F 73 19.31 -19.65 -74.67
N LEU F 74 20.63 -19.79 -74.65
CA LEU F 74 21.58 -18.85 -75.20
C LEU F 74 22.30 -19.51 -76.37
N THR F 75 22.52 -18.75 -77.45
CA THR F 75 23.14 -19.27 -78.65
C THR F 75 24.30 -18.37 -79.05
N ILE F 76 25.45 -18.98 -79.31
CA ILE F 76 26.63 -18.29 -79.83
C ILE F 76 26.87 -18.81 -81.25
N SER F 77 26.84 -17.90 -82.22
CA SER F 77 26.93 -18.29 -83.62
C SER F 77 28.32 -18.79 -83.98
N ARG F 78 29.36 -18.06 -83.60
CA ARG F 78 30.73 -18.47 -83.87
C ARG F 78 31.57 -18.23 -82.62
N LEU F 79 32.39 -19.22 -82.26
CA LEU F 79 33.20 -19.15 -81.05
C LEU F 79 34.59 -18.65 -81.41
N GLU F 80 34.84 -17.37 -81.17
CA GLU F 80 36.18 -16.82 -81.24
C GLU F 80 36.99 -17.28 -80.04
N PRO F 81 38.32 -17.22 -80.11
CA PRO F 81 39.14 -17.70 -79.00
C PRO F 81 38.85 -17.00 -77.67
N GLU F 82 38.30 -15.79 -77.71
CA GLU F 82 38.01 -15.04 -76.49
C GLU F 82 36.64 -15.36 -75.90
N ASP F 83 35.82 -16.15 -76.57
CA ASP F 83 34.46 -16.44 -76.12
C ASP F 83 34.39 -17.59 -75.14
N PHE F 84 35.52 -18.12 -74.70
CA PHE F 84 35.57 -19.25 -73.78
C PHE F 84 35.61 -18.71 -72.35
N ALA F 85 34.50 -18.84 -71.63
CA ALA F 85 34.36 -18.29 -70.29
C ALA F 85 33.27 -19.07 -69.57
N VAL F 86 32.77 -18.52 -68.47
CA VAL F 86 31.69 -19.14 -67.71
C VAL F 86 30.43 -18.28 -67.85
N TYR F 87 29.29 -18.93 -68.05
CA TYR F 87 28.04 -18.23 -68.32
C TYR F 87 27.03 -18.54 -67.22
N TYR F 88 26.37 -17.50 -66.73
CA TYR F 88 25.42 -17.62 -65.63
C TYR F 88 24.07 -17.05 -66.01
N CYS F 89 23.02 -17.61 -65.42
CA CYS F 89 21.67 -17.08 -65.51
C CYS F 89 21.39 -16.14 -64.34
N GLN F 90 20.42 -15.28 -64.52
CA GLN F 90 19.94 -14.44 -63.42
C GLN F 90 18.48 -14.08 -63.65
N GLN F 91 17.65 -14.31 -62.65
CA GLN F 91 16.26 -13.88 -62.69
C GLN F 91 16.12 -12.65 -61.82
N TYR F 92 15.62 -11.56 -62.40
CA TYR F 92 15.35 -10.34 -61.65
C TYR F 92 13.88 -9.99 -61.66
N GLY F 93 13.02 -10.97 -61.93
CA GLY F 93 11.58 -10.80 -61.87
C GLY F 93 10.94 -11.16 -60.55
N ASP F 94 11.73 -11.49 -59.53
CA ASP F 94 11.21 -11.83 -58.21
C ASP F 94 12.01 -11.08 -57.15
N SER F 95 11.71 -11.37 -55.88
CA SER F 95 12.24 -10.55 -54.80
C SER F 95 13.74 -10.73 -54.61
N PRO F 96 14.25 -11.93 -54.27
CA PRO F 96 15.71 -12.07 -54.18
C PRO F 96 16.32 -12.48 -55.50
N LEU F 97 17.32 -11.74 -55.96
CA LEU F 97 18.03 -12.10 -57.19
C LEU F 97 18.67 -13.47 -57.04
N THR F 98 18.50 -14.31 -58.04
CA THR F 98 19.03 -15.67 -58.00
C THR F 98 19.87 -15.91 -59.25
N PHE F 99 21.05 -16.47 -59.06
CA PHE F 99 21.95 -16.81 -60.15
C PHE F 99 21.96 -18.31 -60.39
N GLY F 100 22.36 -18.71 -61.60
CA GLY F 100 22.48 -20.10 -61.95
C GLY F 100 23.79 -20.70 -61.50
N GLY F 101 23.94 -21.99 -61.75
CA GLY F 101 25.14 -22.71 -61.38
C GLY F 101 26.37 -22.29 -62.16
N GLY F 102 26.22 -22.06 -63.45
CA GLY F 102 27.34 -21.68 -64.29
C GLY F 102 27.72 -22.82 -65.22
N THR F 103 28.02 -22.47 -66.48
CA THR F 103 28.39 -23.44 -67.49
C THR F 103 29.74 -23.05 -68.09
N LYS F 104 30.64 -24.02 -68.19
CA LYS F 104 31.98 -23.79 -68.72
C LYS F 104 32.07 -24.29 -70.15
N VAL F 105 32.93 -23.64 -70.94
CA VAL F 105 33.19 -24.03 -72.32
C VAL F 105 34.69 -24.18 -72.50
N ASP F 106 35.10 -25.26 -73.16
CA ASP F 106 36.51 -25.59 -73.35
C ASP F 106 36.85 -25.57 -74.84
N ILE F 107 38.06 -26.03 -75.17
CA ILE F 107 38.55 -26.10 -76.54
C ILE F 107 38.75 -27.56 -76.89
N LYS F 108 38.09 -28.01 -77.96
CA LYS F 108 38.21 -29.38 -78.42
C LYS F 108 39.42 -29.56 -79.32
N ARG F 109 40.03 -30.74 -79.24
CA ARG F 109 41.15 -31.09 -80.11
C ARG F 109 41.31 -32.61 -80.11
N THR F 110 42.44 -33.08 -80.63
CA THR F 110 42.71 -34.51 -80.69
C THR F 110 42.96 -35.07 -79.30
N VAL F 111 42.70 -36.38 -79.15
CA VAL F 111 42.86 -37.05 -77.87
C VAL F 111 44.32 -37.44 -77.69
N ALA F 112 44.90 -37.06 -76.56
CA ALA F 112 46.29 -37.35 -76.24
C ALA F 112 46.36 -38.52 -75.26
N ALA F 113 47.58 -38.79 -74.77
CA ALA F 113 47.79 -39.91 -73.83
C ALA F 113 48.65 -39.43 -72.66
N PRO F 114 48.22 -39.61 -71.39
CA PRO F 114 48.96 -39.13 -70.23
C PRO F 114 50.31 -39.83 -70.03
N SER F 115 51.34 -39.08 -69.62
CA SER F 115 52.67 -39.68 -69.33
C SER F 115 52.88 -39.67 -67.81
N VAL F 116 53.35 -40.77 -67.22
CA VAL F 116 53.43 -40.83 -65.73
C VAL F 116 54.89 -40.78 -65.27
N PHE F 117 55.25 -39.84 -64.41
CA PHE F 117 56.66 -39.68 -63.97
C PHE F 117 56.73 -39.65 -62.43
N ILE F 118 56.36 -40.76 -61.79
CA ILE F 118 56.25 -40.83 -60.29
C ILE F 118 57.53 -40.45 -59.57
N PHE F 119 57.39 -39.89 -58.36
CA PHE F 119 58.57 -39.57 -57.54
C PHE F 119 58.43 -40.32 -56.21
N PRO F 120 59.45 -41.10 -55.78
CA PRO F 120 59.40 -41.79 -54.49
C PRO F 120 59.53 -40.81 -53.30
N PRO F 121 58.98 -41.14 -52.11
CA PRO F 121 59.05 -40.24 -50.96
C PRO F 121 60.49 -39.95 -50.57
N SER F 122 60.79 -38.70 -50.21
CA SER F 122 62.20 -38.33 -49.90
C SER F 122 62.58 -38.77 -48.49
N ASP F 123 63.87 -38.64 -48.14
CA ASP F 123 64.33 -38.98 -46.77
C ASP F 123 63.94 -37.87 -45.80
N GLU F 124 64.07 -36.61 -46.22
CA GLU F 124 63.82 -35.45 -45.30
C GLU F 124 62.40 -35.50 -44.74
N GLN F 125 61.40 -35.78 -45.59
CA GLN F 125 60.00 -35.88 -45.10
C GLN F 125 59.88 -37.04 -44.10
N LEU F 126 60.58 -38.15 -44.36
CA LEU F 126 60.55 -39.31 -43.44
C LEU F 126 61.12 -38.88 -42.09
N LYS F 127 62.14 -38.03 -42.08
CA LYS F 127 62.69 -37.49 -40.80
C LYS F 127 61.60 -36.69 -40.09
N SER F 128 60.83 -35.89 -40.83
CA SER F 128 59.74 -35.08 -40.22
C SER F 128 58.57 -35.99 -39.84
N GLY F 129 58.55 -37.23 -40.33
CA GLY F 129 57.51 -38.19 -39.92
C GLY F 129 56.31 -38.27 -40.86
N THR F 130 56.37 -37.65 -42.03
CA THR F 130 55.24 -37.80 -43.01
C THR F 130 55.76 -38.31 -44.35
N ALA F 131 54.97 -39.13 -45.05
CA ALA F 131 55.39 -39.71 -46.35
C ALA F 131 54.44 -39.29 -47.47
N SER F 132 54.98 -38.78 -48.57
CA SER F 132 54.14 -38.37 -49.73
C SER F 132 54.64 -39.01 -51.03
N VAL F 133 53.74 -39.64 -51.79
CA VAL F 133 54.11 -40.23 -53.11
C VAL F 133 53.17 -39.60 -54.13
N VAL F 134 53.60 -39.36 -55.37
CA VAL F 134 52.73 -38.59 -56.32
C VAL F 134 52.51 -39.27 -57.68
N CYS F 135 51.37 -39.95 -57.90
CA CYS F 135 51.08 -40.42 -59.24
C CYS F 135 50.83 -39.20 -60.12
N LEU F 136 51.59 -39.06 -61.18
CA LEU F 136 51.62 -37.85 -61.98
C LEU F 136 51.16 -38.14 -63.41
N LEU F 137 50.50 -37.14 -64.01
CA LEU F 137 50.05 -37.21 -65.39
C LEU F 137 50.44 -35.93 -66.11
N ASN F 138 50.64 -36.03 -67.43
CA ASN F 138 51.11 -34.84 -68.17
C ASN F 138 50.66 -34.88 -69.63
N ASN F 139 50.10 -33.78 -70.15
CA ASN F 139 49.71 -33.68 -71.58
C ASN F 139 48.59 -34.66 -71.94
N PHE F 140 47.34 -34.33 -71.58
CA PHE F 140 46.17 -35.17 -71.99
C PHE F 140 44.97 -34.25 -72.19
N TYR F 141 44.35 -34.29 -73.37
CA TYR F 141 43.24 -33.38 -73.65
C TYR F 141 42.00 -33.71 -72.83
N PRO F 142 41.46 -34.95 -72.85
CA PRO F 142 40.24 -35.22 -72.08
C PRO F 142 40.50 -35.09 -70.59
N ARG F 143 39.90 -34.08 -69.95
CA ARG F 143 40.13 -33.87 -68.53
C ARG F 143 39.65 -35.05 -67.70
N GLU F 144 38.63 -35.76 -68.18
CA GLU F 144 38.13 -36.91 -67.44
C GLU F 144 39.16 -38.03 -67.44
N ALA F 145 39.56 -38.44 -66.23
CA ALA F 145 40.52 -39.52 -66.06
C ALA F 145 40.34 -40.09 -64.66
N LYS F 146 40.88 -41.29 -64.45
CA LYS F 146 40.81 -41.93 -63.15
C LYS F 146 42.17 -42.55 -62.82
N VAL F 147 42.58 -42.40 -61.56
CA VAL F 147 43.74 -43.10 -61.03
C VAL F 147 43.34 -43.73 -59.71
N GLN F 148 43.72 -45.00 -59.52
CA GLN F 148 43.36 -45.74 -58.32
C GLN F 148 44.62 -46.30 -57.67
N TRP F 149 44.75 -46.09 -56.37
CA TRP F 149 45.91 -46.58 -55.66
C TRP F 149 45.72 -48.02 -55.20
N LYS F 150 46.79 -48.80 -55.28
CA LYS F 150 46.81 -50.19 -54.87
C LYS F 150 47.94 -50.39 -53.88
N VAL F 151 47.59 -50.64 -52.62
CA VAL F 151 48.54 -50.95 -51.57
C VAL F 151 48.15 -52.28 -50.95
N ASP F 152 49.11 -53.21 -50.89
CA ASP F 152 48.84 -54.58 -50.43
C ASP F 152 47.75 -55.24 -51.28
N ASN F 153 47.72 -54.89 -52.57
CA ASN F 153 46.75 -55.43 -53.52
C ASN F 153 45.32 -55.16 -53.08
N ALA F 154 45.11 -54.01 -52.44
CA ALA F 154 43.79 -53.64 -51.94
C ALA F 154 43.51 -52.18 -52.29
N LEU F 155 42.23 -51.85 -52.41
CA LEU F 155 41.83 -50.49 -52.74
C LEU F 155 42.14 -49.53 -51.60
N GLN F 156 42.63 -48.35 -51.94
CA GLN F 156 42.90 -47.29 -50.98
C GLN F 156 42.06 -46.08 -51.35
N SER F 157 41.30 -45.56 -50.38
CA SER F 157 40.44 -44.41 -50.62
C SER F 157 40.30 -43.63 -49.32
N GLY F 158 40.02 -42.34 -49.46
CA GLY F 158 39.83 -41.46 -48.33
C GLY F 158 41.10 -40.91 -47.72
N ASN F 159 42.27 -41.28 -48.23
CA ASN F 159 43.54 -40.80 -47.72
C ASN F 159 44.41 -40.16 -48.80
N SER F 160 43.86 -39.95 -50.00
CA SER F 160 44.61 -39.35 -51.08
C SER F 160 43.76 -38.27 -51.74
N GLN F 161 44.43 -37.28 -52.33
CA GLN F 161 43.75 -36.18 -52.98
C GLN F 161 44.49 -35.79 -54.25
N GLU F 162 43.75 -35.18 -55.17
CA GLU F 162 44.21 -34.90 -56.51
C GLU F 162 44.14 -33.41 -56.80
N SER F 163 45.10 -32.91 -57.58
CA SER F 163 45.11 -31.53 -58.02
C SER F 163 45.35 -31.50 -59.52
N VAL F 164 44.50 -30.77 -60.24
CA VAL F 164 44.55 -30.70 -61.69
C VAL F 164 44.78 -29.25 -62.10
N THR F 165 45.66 -29.05 -63.07
CA THR F 165 45.95 -27.72 -63.58
C THR F 165 44.90 -27.31 -64.61
N GLU F 166 44.90 -26.01 -64.92
CA GLU F 166 43.96 -25.46 -65.87
C GLU F 166 44.39 -25.77 -67.30
N GLN F 167 43.48 -25.56 -68.25
CA GLN F 167 43.79 -25.82 -69.65
C GLN F 167 44.85 -24.87 -70.16
N ASP F 168 45.80 -25.40 -70.93
CA ASP F 168 46.88 -24.60 -71.46
C ASP F 168 46.38 -23.66 -72.56
N SER F 169 47.11 -22.55 -72.74
CA SER F 169 46.71 -21.55 -73.72
C SER F 169 46.77 -22.11 -75.14
N LYS F 170 47.81 -22.86 -75.46
CA LYS F 170 48.03 -23.34 -76.83
C LYS F 170 48.05 -24.86 -76.94
N ASP F 171 48.58 -25.57 -75.94
CA ASP F 171 48.60 -27.02 -76.01
C ASP F 171 47.20 -27.60 -75.73
N SER F 172 46.42 -26.92 -74.91
CA SER F 172 45.05 -27.33 -74.57
C SER F 172 45.03 -28.73 -73.95
N THR F 173 45.93 -28.96 -73.00
CA THR F 173 46.02 -30.22 -72.29
C THR F 173 45.93 -29.97 -70.79
N TYR F 174 46.10 -31.04 -70.02
CA TYR F 174 45.95 -30.98 -68.57
C TYR F 174 47.07 -31.77 -67.90
N SER F 175 47.35 -31.40 -66.66
CA SER F 175 48.33 -32.09 -65.84
C SER F 175 47.73 -32.34 -64.46
N LEU F 176 47.81 -33.58 -64.00
CA LEU F 176 47.22 -33.99 -62.73
C LEU F 176 48.30 -34.55 -61.81
N SER F 177 48.14 -34.30 -60.51
CA SER F 177 49.03 -34.85 -59.50
C SER F 177 48.19 -35.40 -58.37
N SER F 178 48.33 -36.69 -58.09
CA SER F 178 47.61 -37.35 -57.01
C SER F 178 48.60 -37.71 -55.92
N THR F 179 48.33 -37.28 -54.69
CA THR F 179 49.20 -37.50 -53.55
C THR F 179 48.47 -38.37 -52.54
N LEU F 180 49.11 -39.46 -52.13
CA LEU F 180 48.54 -40.38 -51.15
C LEU F 180 49.46 -40.47 -49.94
N THR F 181 48.86 -40.37 -48.76
CA THR F 181 49.59 -40.39 -47.49
C THR F 181 49.33 -41.70 -46.78
N LEU F 182 50.40 -42.34 -46.29
CA LEU F 182 50.31 -43.55 -45.50
C LEU F 182 51.23 -43.46 -44.30
N SER F 183 50.95 -44.27 -43.29
CA SER F 183 51.78 -44.33 -42.11
C SER F 183 53.14 -44.93 -42.43
N LYS F 184 54.16 -44.49 -41.68
CA LYS F 184 55.50 -45.03 -41.88
C LYS F 184 55.54 -46.53 -41.62
N ALA F 185 54.87 -46.99 -40.55
CA ALA F 185 54.78 -48.41 -40.30
C ALA F 185 54.01 -49.13 -41.40
N ASP F 186 52.94 -48.51 -41.90
CA ASP F 186 52.18 -49.10 -42.99
C ASP F 186 53.02 -49.18 -44.26
N TYR F 187 53.79 -48.12 -44.54
CA TYR F 187 54.60 -48.08 -45.78
C TYR F 187 55.78 -49.06 -45.69
N GLU F 188 56.33 -49.25 -44.50
CA GLU F 188 57.38 -50.25 -44.32
C GLU F 188 56.83 -51.67 -44.36
N LYS F 189 55.61 -51.88 -43.84
CA LYS F 189 55.06 -53.23 -43.73
C LYS F 189 54.84 -53.84 -45.10
N HIS F 190 54.28 -53.07 -46.04
CA HIS F 190 53.97 -53.58 -47.37
C HIS F 190 55.13 -53.32 -48.33
N LYS F 191 55.25 -54.21 -49.32
CA LYS F 191 56.34 -54.16 -50.28
C LYS F 191 55.92 -53.67 -51.66
N VAL F 192 54.69 -53.96 -52.09
CA VAL F 192 54.22 -53.61 -53.42
C VAL F 192 53.25 -52.43 -53.31
N TYR F 193 53.49 -51.40 -54.11
CA TYR F 193 52.60 -50.26 -54.20
C TYR F 193 52.41 -49.91 -55.66
N ALA F 194 51.25 -49.32 -56.00
CA ALA F 194 51.00 -49.00 -57.39
C ALA F 194 49.93 -47.92 -57.49
N CYS F 195 49.93 -47.24 -58.64
CA CYS F 195 48.81 -46.42 -59.07
C CYS F 195 48.42 -46.84 -60.47
N GLU F 196 47.13 -47.08 -60.67
CA GLU F 196 46.59 -47.60 -61.93
C GLU F 196 45.82 -46.49 -62.62
N VAL F 197 46.09 -46.29 -63.90
CA VAL F 197 45.54 -45.19 -64.68
C VAL F 197 44.51 -45.76 -65.65
N THR F 198 43.27 -45.31 -65.52
CA THR F 198 42.20 -45.64 -66.44
C THR F 198 41.75 -44.35 -67.13
N HIS F 199 41.79 -44.35 -68.46
CA HIS F 199 41.41 -43.20 -69.26
C HIS F 199 40.73 -43.70 -70.53
N GLN F 200 39.72 -42.96 -70.99
CA GLN F 200 38.96 -43.39 -72.16
C GLN F 200 39.84 -43.44 -73.40
N GLY F 201 40.71 -42.43 -73.58
CA GLY F 201 41.57 -42.42 -74.75
C GLY F 201 42.62 -43.52 -74.73
N LEU F 202 43.19 -43.80 -73.57
CA LEU F 202 44.27 -44.77 -73.42
C LEU F 202 43.68 -46.09 -72.92
N SER F 203 43.55 -47.06 -73.82
CA SER F 203 42.80 -48.28 -73.50
C SER F 203 43.52 -49.14 -72.47
N SER F 204 44.83 -49.28 -72.59
CA SER F 204 45.56 -50.23 -71.75
C SER F 204 45.51 -49.79 -70.29
N PRO F 205 45.12 -50.67 -69.36
CA PRO F 205 45.09 -50.33 -67.93
C PRO F 205 46.49 -50.34 -67.31
N VAL F 206 47.20 -49.23 -67.50
CA VAL F 206 48.60 -49.14 -67.05
C VAL F 206 48.61 -49.06 -65.52
N THR F 207 49.15 -50.09 -64.88
CA THR F 207 49.26 -50.17 -63.43
C THR F 207 50.73 -49.91 -63.07
N LYS F 208 51.09 -48.65 -62.90
CA LYS F 208 52.47 -48.30 -62.59
C LYS F 208 52.79 -48.73 -61.16
N SER F 209 53.70 -49.68 -61.02
CA SER F 209 54.01 -50.29 -59.74
C SER F 209 55.45 -50.02 -59.34
N PHE F 210 55.69 -50.07 -58.04
CA PHE F 210 57.01 -49.88 -57.47
C PHE F 210 57.05 -50.50 -56.09
N ASN F 211 58.27 -50.69 -55.58
CA ASN F 211 58.49 -51.28 -54.27
C ASN F 211 59.18 -50.29 -53.33
N GLU G 1 29.67 7.16 -66.30
CA GLU G 1 30.40 5.98 -65.86
C GLU G 1 30.61 6.00 -64.35
N VAL G 2 30.59 4.83 -63.74
CA VAL G 2 30.78 4.68 -62.30
C VAL G 2 31.99 3.80 -62.07
N GLN G 3 32.89 4.25 -61.20
CA GLN G 3 34.06 3.48 -60.78
C GLN G 3 33.91 3.11 -59.31
N LEU G 4 34.07 1.83 -59.01
CA LEU G 4 33.84 1.29 -57.67
C LEU G 4 35.16 0.79 -57.10
N GLN G 5 35.51 1.25 -55.91
CA GLN G 5 36.75 0.85 -55.26
C GLN G 5 36.45 0.32 -53.87
N GLN G 6 36.87 -0.90 -53.58
CA GLN G 6 36.51 -1.54 -52.33
C GLN G 6 37.75 -1.98 -51.56
N TRP G 7 37.59 -2.09 -50.24
CA TRP G 7 38.66 -2.52 -49.36
C TRP G 7 38.06 -3.18 -48.13
N GLY G 8 38.93 -3.77 -47.33
CA GLY G 8 38.54 -4.49 -46.14
C GLY G 8 39.52 -5.59 -45.83
N ALA G 9 39.35 -6.18 -44.65
CA ALA G 9 40.25 -7.23 -44.18
C ALA G 9 39.96 -8.56 -44.89
N GLY G 10 40.99 -9.38 -45.01
CA GLY G 10 40.87 -10.63 -45.74
C GLY G 10 40.99 -11.87 -44.88
N LEU G 11 41.79 -11.81 -43.82
CA LEU G 11 41.99 -12.95 -42.93
C LEU G 11 41.19 -12.76 -41.65
N LEU G 12 40.38 -13.76 -41.31
CA LEU G 12 39.51 -13.69 -40.15
C LEU G 12 39.52 -15.01 -39.40
N LYS G 13 39.59 -14.93 -38.09
CA LYS G 13 39.41 -16.11 -37.25
C LYS G 13 37.93 -16.44 -37.15
N PRO G 14 37.59 -17.69 -36.87
CA PRO G 14 36.18 -18.04 -36.72
C PRO G 14 35.53 -17.27 -35.59
N SER G 15 34.23 -17.00 -35.75
CA SER G 15 33.42 -16.24 -34.81
C SER G 15 33.81 -14.77 -34.73
N GLU G 16 34.52 -14.25 -35.73
CA GLU G 16 34.82 -12.83 -35.80
C GLU G 16 33.73 -12.12 -36.59
N THR G 17 33.95 -10.85 -36.92
CA THR G 17 33.01 -10.05 -37.71
C THR G 17 33.69 -9.57 -38.96
N LEU G 18 33.02 -9.72 -40.10
CA LEU G 18 33.54 -9.30 -41.39
C LEU G 18 33.05 -7.90 -41.72
N SER G 19 33.98 -7.03 -42.12
CA SER G 19 33.65 -5.66 -42.49
C SER G 19 34.28 -5.33 -43.83
N LEU G 20 33.47 -4.84 -44.77
CA LEU G 20 33.95 -4.42 -46.07
C LEU G 20 33.38 -3.05 -46.40
N THR G 21 34.12 -2.27 -47.19
CA THR G 21 33.69 -0.95 -47.60
C THR G 21 33.88 -0.78 -49.11
N CYS G 22 32.97 -0.04 -49.73
CA CYS G 22 33.01 0.24 -51.15
C CYS G 22 32.71 1.71 -51.37
N ALA G 23 33.44 2.33 -52.30
CA ALA G 23 33.36 3.76 -52.58
C ALA G 23 33.05 3.97 -54.05
N VAL G 24 32.21 4.98 -54.32
CA VAL G 24 31.61 5.21 -55.63
C VAL G 24 32.15 6.51 -56.20
N TYR G 25 32.57 6.48 -57.45
CA TYR G 25 33.01 7.67 -58.16
C TYR G 25 32.33 7.74 -59.52
N GLY G 26 32.23 8.95 -60.05
CA GLY G 26 31.80 9.12 -61.43
C GLY G 26 30.40 9.63 -61.64
N GLU G 27 29.44 9.16 -60.86
CA GLU G 27 28.04 9.53 -61.01
C GLU G 27 27.44 9.85 -59.66
N SER G 28 26.13 10.11 -59.66
CA SER G 28 25.43 10.45 -58.43
C SER G 28 25.34 9.26 -57.50
N PHE G 29 25.51 9.51 -56.21
CA PHE G 29 25.36 8.46 -55.20
C PHE G 29 23.93 8.32 -54.71
N SER G 30 23.13 9.38 -54.79
CA SER G 30 21.74 9.33 -54.38
C SER G 30 20.87 8.80 -55.50
N GLY G 31 19.65 8.39 -55.12
CA GLY G 31 18.72 7.87 -56.10
C GLY G 31 19.17 6.57 -56.75
N TYR G 32 19.86 5.73 -56.00
CA TYR G 32 20.32 4.44 -56.51
C TYR G 32 20.42 3.46 -55.35
N TYR G 33 20.43 2.18 -55.70
CA TYR G 33 20.59 1.09 -54.75
C TYR G 33 21.91 0.40 -55.02
N TRP G 34 22.68 0.17 -53.98
CA TRP G 34 24.01 -0.43 -54.09
C TRP G 34 24.01 -1.79 -53.40
N SER G 35 24.48 -2.81 -54.12
CA SER G 35 24.29 -4.21 -53.76
C SER G 35 25.62 -4.88 -53.48
N TRP G 36 25.56 -5.92 -52.66
CA TRP G 36 26.71 -6.78 -52.36
C TRP G 36 26.42 -8.18 -52.90
N ILE G 37 27.36 -8.74 -53.65
CA ILE G 37 27.23 -10.08 -54.23
C ILE G 37 28.41 -10.93 -53.78
N ARG G 38 28.13 -12.18 -53.39
CA ARG G 38 29.13 -13.11 -52.91
C ARG G 38 29.29 -14.26 -53.89
N GLN G 39 30.52 -14.67 -54.16
CA GLN G 39 30.80 -15.79 -55.05
C GLN G 39 31.73 -16.77 -54.34
N SER G 40 31.27 -18.00 -54.18
CA SER G 40 32.06 -19.06 -53.57
C SER G 40 32.44 -20.10 -54.60
N PRO G 41 33.57 -20.79 -54.42
CA PRO G 41 33.91 -21.88 -55.35
C PRO G 41 33.01 -23.10 -55.22
N GLY G 42 32.25 -23.23 -54.14
CA GLY G 42 31.43 -24.40 -53.93
C GLY G 42 29.94 -24.18 -54.02
N LYS G 43 29.53 -22.91 -54.07
CA LYS G 43 28.11 -22.57 -54.15
C LYS G 43 27.75 -21.87 -55.45
N GLY G 44 28.43 -20.79 -55.79
CA GLY G 44 28.10 -19.97 -56.94
C GLY G 44 27.73 -18.57 -56.51
N LEU G 45 27.31 -17.77 -57.49
CA LEU G 45 26.99 -16.37 -57.23
C LEU G 45 25.76 -16.26 -56.33
N GLU G 46 25.86 -15.42 -55.31
CA GLU G 46 24.78 -15.23 -54.35
C GLU G 46 24.63 -13.75 -54.05
N TRP G 47 23.38 -13.31 -53.88
CA TRP G 47 23.06 -11.92 -53.63
C TRP G 47 22.82 -11.73 -52.13
N ILE G 48 23.55 -10.80 -51.52
CA ILE G 48 23.50 -10.63 -50.08
C ILE G 48 22.48 -9.57 -49.68
N GLY G 49 22.53 -8.40 -50.30
CA GLY G 49 21.60 -7.35 -49.97
C GLY G 49 21.98 -6.07 -50.68
N GLN G 50 21.26 -5.00 -50.34
CA GLN G 50 21.50 -3.71 -50.95
C GLN G 50 20.97 -2.60 -50.06
N ILE G 51 21.52 -1.41 -50.24
CA ILE G 51 21.19 -0.23 -49.44
C ILE G 51 21.25 1.01 -50.31
N ASN G 52 20.46 2.01 -49.96
CA ASN G 52 20.41 3.28 -50.66
C ASN G 52 20.73 4.43 -49.70
N HIS G 53 20.87 5.63 -50.27
CA HIS G 53 21.35 6.76 -49.49
C HIS G 53 20.41 7.13 -48.35
N SER G 54 19.12 6.83 -48.49
CA SER G 54 18.18 7.15 -47.42
C SER G 54 18.31 6.24 -46.22
N GLY G 55 19.02 5.12 -46.34
CA GLY G 55 19.17 4.18 -45.26
C GLY G 55 18.29 2.96 -45.32
N ASN G 56 17.53 2.77 -46.39
CA ASN G 56 16.68 1.60 -46.55
C ASN G 56 17.51 0.41 -47.00
N THR G 57 17.23 -0.76 -46.42
CA THR G 57 17.99 -1.96 -46.69
C THR G 57 17.07 -3.08 -47.19
N ASN G 58 17.53 -3.78 -48.21
CA ASN G 58 16.91 -5.02 -48.67
C ASN G 58 17.89 -6.15 -48.39
N TYR G 59 17.40 -7.21 -47.74
CA TYR G 59 18.26 -8.31 -47.31
C TYR G 59 17.80 -9.61 -47.95
N ASN G 60 18.76 -10.47 -48.22
CA ASN G 60 18.47 -11.84 -48.61
C ASN G 60 17.94 -12.59 -47.39
N PRO G 61 16.79 -13.27 -47.48
CA PRO G 61 16.23 -13.92 -46.29
C PRO G 61 17.16 -14.97 -45.68
N SER G 62 18.04 -15.57 -46.47
CA SER G 62 18.95 -16.57 -45.94
C SER G 62 19.93 -15.96 -44.93
N LEU G 63 20.47 -14.79 -45.25
CA LEU G 63 21.48 -14.14 -44.43
C LEU G 63 20.94 -12.97 -43.63
N LYS G 64 19.61 -12.81 -43.57
CA LYS G 64 19.04 -11.60 -42.97
C LYS G 64 19.42 -11.46 -41.50
N SER G 65 19.62 -12.58 -40.80
CA SER G 65 19.87 -12.53 -39.37
C SER G 65 21.32 -12.20 -39.03
N ARG G 66 22.24 -12.25 -39.99
CA ARG G 66 23.65 -12.02 -39.73
C ARG G 66 24.23 -10.83 -40.49
N VAL G 67 23.45 -10.20 -41.37
CA VAL G 67 23.95 -9.18 -42.27
C VAL G 67 23.47 -7.82 -41.81
N THR G 68 24.39 -6.84 -41.78
CA THR G 68 24.07 -5.45 -41.52
C THR G 68 24.73 -4.60 -42.59
N MET G 69 24.07 -3.51 -42.97
CA MET G 69 24.58 -2.64 -44.01
C MET G 69 24.49 -1.19 -43.55
N SER G 70 25.54 -0.43 -43.88
CA SER G 70 25.59 1.00 -43.48
C SER G 70 26.01 1.87 -44.65
N VAL G 71 25.55 3.11 -44.67
CA VAL G 71 25.84 4.06 -45.74
C VAL G 71 26.40 5.34 -45.11
N ASP G 72 27.45 5.88 -45.71
CA ASP G 72 28.03 7.16 -45.32
C ASP G 72 27.92 8.08 -46.53
N THR G 73 26.97 9.01 -46.48
CA THR G 73 26.67 9.87 -47.62
C THR G 73 27.71 10.95 -47.83
N SER G 74 28.36 11.39 -46.76
CA SER G 74 29.30 12.51 -46.87
C SER G 74 30.46 12.19 -47.79
N LYS G 75 31.03 10.98 -47.67
CA LYS G 75 32.15 10.55 -48.49
C LYS G 75 31.74 9.55 -49.57
N ASN G 76 30.44 9.30 -49.74
CA ASN G 76 29.91 8.41 -50.77
C ASN G 76 30.48 7.00 -50.63
N GLN G 77 30.16 6.36 -49.50
CA GLN G 77 30.62 5.00 -49.26
C GLN G 77 29.50 4.16 -48.68
N PHE G 78 29.59 2.85 -48.89
CA PHE G 78 28.66 1.93 -48.24
C PHE G 78 29.43 0.70 -47.78
N SER G 79 28.99 0.13 -46.67
CA SER G 79 29.75 -0.91 -45.98
C SER G 79 28.85 -2.06 -45.56
N LEU G 80 29.47 -3.24 -45.49
CA LEU G 80 28.83 -4.50 -45.14
C LEU G 80 29.47 -5.07 -43.89
N LYS G 81 28.64 -5.53 -42.95
CA LYS G 81 29.07 -6.22 -41.75
C LYS G 81 28.38 -7.58 -41.68
N LEU G 82 29.17 -8.63 -41.45
CA LEU G 82 28.68 -10.00 -41.41
C LEU G 82 29.22 -10.64 -40.14
N SER G 83 28.37 -10.80 -39.14
CA SER G 83 28.80 -11.21 -37.81
C SER G 83 28.84 -12.72 -37.67
N SER G 84 29.60 -13.18 -36.67
CA SER G 84 29.76 -14.60 -36.36
C SER G 84 30.19 -15.40 -37.59
N VAL G 85 31.25 -14.93 -38.23
CA VAL G 85 31.68 -15.50 -39.49
C VAL G 85 32.18 -16.91 -39.28
N THR G 86 32.05 -17.75 -40.31
CA THR G 86 32.38 -19.16 -40.25
C THR G 86 33.26 -19.51 -41.45
N ALA G 87 33.83 -20.71 -41.44
CA ALA G 87 34.67 -21.15 -42.56
C ALA G 87 33.89 -21.35 -43.84
N ALA G 88 32.56 -21.33 -43.80
CA ALA G 88 31.73 -21.41 -44.99
C ALA G 88 31.55 -20.06 -45.67
N ASP G 89 32.12 -19.00 -45.12
CA ASP G 89 31.98 -17.66 -45.67
C ASP G 89 33.20 -17.21 -46.47
N THR G 90 34.15 -18.10 -46.71
CA THR G 90 35.30 -17.79 -47.56
C THR G 90 34.80 -17.63 -48.99
N ALA G 91 35.03 -16.46 -49.58
CA ALA G 91 34.46 -16.19 -50.90
C ALA G 91 35.01 -14.86 -51.42
N VAL G 92 34.60 -14.51 -52.63
CA VAL G 92 34.94 -13.23 -53.24
C VAL G 92 33.71 -12.34 -53.17
N TYR G 93 33.88 -11.12 -52.67
CA TYR G 93 32.78 -10.19 -52.49
C TYR G 93 32.91 -9.05 -53.49
N TYR G 94 31.82 -8.75 -54.18
CA TYR G 94 31.74 -7.64 -55.11
C TYR G 94 30.71 -6.65 -54.63
N CYS G 95 30.98 -5.37 -54.87
CA CYS G 95 29.98 -4.32 -54.72
C CYS G 95 29.56 -3.86 -56.11
N ALA G 96 28.25 -3.84 -56.35
CA ALA G 96 27.70 -3.51 -57.65
C ALA G 96 26.58 -2.48 -57.47
N ARG G 97 26.07 -1.97 -58.59
CA ARG G 97 24.98 -1.02 -58.56
C ARG G 97 23.69 -1.71 -58.97
N GLU G 98 22.68 -1.62 -58.10
CA GLU G 98 21.33 -2.15 -58.35
C GLU G 98 21.46 -3.65 -58.60
N LEU G 99 20.88 -4.20 -59.66
CA LEU G 99 20.95 -5.61 -59.95
C LEU G 99 22.23 -6.01 -60.64
N GLY G 100 23.11 -5.05 -60.93
CA GLY G 100 24.21 -5.26 -61.83
C GLY G 100 23.87 -4.67 -63.18
N HIS G 101 24.21 -5.42 -64.24
CA HIS G 101 23.89 -5.11 -65.63
C HIS G 101 24.73 -3.95 -66.17
N ASP G 102 25.38 -3.19 -65.29
CA ASP G 102 26.26 -2.12 -65.78
C ASP G 102 27.67 -2.19 -65.24
N TYR G 103 27.82 -2.17 -63.91
CA TYR G 103 29.12 -1.91 -63.29
C TYR G 103 29.29 -2.75 -62.04
N TRP G 104 30.49 -3.28 -61.86
CA TRP G 104 30.83 -4.12 -60.73
C TRP G 104 32.16 -3.67 -60.13
N GLY G 105 32.36 -4.01 -58.86
CA GLY G 105 33.64 -3.80 -58.23
C GLY G 105 34.65 -4.86 -58.64
N GLN G 106 35.89 -4.65 -58.23
CA GLN G 106 36.96 -5.59 -58.61
C GLN G 106 36.83 -6.90 -57.84
N GLY G 107 36.45 -6.84 -56.58
CA GLY G 107 36.26 -8.04 -55.79
C GLY G 107 37.32 -8.18 -54.71
N THR G 108 36.88 -8.57 -53.51
CA THR G 108 37.75 -8.76 -52.37
C THR G 108 37.64 -10.21 -51.91
N LEU G 109 38.79 -10.88 -51.80
CA LEU G 109 38.82 -12.27 -51.34
C LEU G 109 38.83 -12.30 -49.82
N VAL G 110 38.03 -13.18 -49.24
CA VAL G 110 37.94 -13.34 -47.79
C VAL G 110 38.12 -14.80 -47.45
N THR G 111 39.10 -15.09 -46.61
CA THR G 111 39.39 -16.44 -46.13
C THR G 111 39.19 -16.48 -44.62
N VAL G 112 38.36 -17.41 -44.16
CA VAL G 112 38.05 -17.58 -42.74
C VAL G 112 38.62 -18.91 -42.32
N SER G 113 39.63 -18.89 -41.45
CA SER G 113 40.27 -20.11 -41.01
C SER G 113 40.87 -19.88 -39.62
N SER G 114 40.96 -20.97 -38.86
CA SER G 114 41.48 -20.95 -37.50
C SER G 114 42.94 -21.38 -37.43
N ALA G 115 43.72 -21.10 -38.47
CA ALA G 115 45.12 -21.46 -38.53
C ALA G 115 45.98 -20.21 -38.55
N SER G 116 47.14 -20.29 -37.93
CA SER G 116 48.07 -19.18 -37.85
C SER G 116 49.09 -19.27 -38.99
N THR G 117 49.69 -18.12 -39.30
CA THR G 117 50.66 -18.05 -40.38
C THR G 117 51.83 -18.98 -40.12
N LYS G 118 52.22 -19.75 -41.13
CA LYS G 118 53.33 -20.68 -41.02
C LYS G 118 54.12 -20.68 -42.31
N GLY G 119 55.41 -21.01 -42.21
CA GLY G 119 56.30 -20.96 -43.35
C GLY G 119 56.26 -22.22 -44.17
N PRO G 120 56.36 -22.07 -45.49
CA PRO G 120 56.35 -23.24 -46.38
C PRO G 120 57.62 -24.06 -46.25
N SER G 121 57.51 -25.35 -46.58
CA SER G 121 58.62 -26.26 -46.56
C SER G 121 58.71 -26.98 -47.90
N VAL G 122 59.93 -27.32 -48.31
CA VAL G 122 60.20 -27.95 -49.60
C VAL G 122 60.69 -29.36 -49.38
N PHE G 123 60.08 -30.32 -50.06
CA PHE G 123 60.49 -31.71 -49.99
C PHE G 123 61.29 -32.09 -51.22
N PRO G 124 62.46 -32.70 -51.06
CA PRO G 124 63.24 -33.13 -52.23
C PRO G 124 62.59 -34.31 -52.94
N LEU G 125 62.91 -34.44 -54.23
CA LEU G 125 62.39 -35.52 -55.05
C LEU G 125 63.51 -36.10 -55.90
N ALA G 126 63.33 -37.34 -56.34
CA ALA G 126 64.32 -38.04 -57.14
C ALA G 126 63.63 -38.77 -58.29
N PRO G 127 64.06 -38.57 -59.52
CA PRO G 127 63.50 -39.33 -60.64
C PRO G 127 63.85 -40.81 -60.53
N SER G 128 62.95 -41.66 -61.04
CA SER G 128 63.16 -43.09 -61.02
C SER G 128 64.12 -43.50 -62.14
N SER G 129 64.79 -44.63 -61.93
CA SER G 129 65.72 -45.14 -62.94
C SER G 129 64.99 -45.57 -64.21
N LYS G 130 63.76 -46.06 -64.07
CA LYS G 130 62.97 -46.43 -65.25
C LYS G 130 62.64 -45.21 -66.10
N SER G 131 62.42 -44.05 -65.47
CA SER G 131 62.22 -42.82 -66.23
C SER G 131 63.47 -42.46 -67.01
N THR G 132 64.65 -42.61 -66.40
CA THR G 132 65.89 -42.34 -67.10
C THR G 132 66.08 -43.29 -68.27
N SER G 133 65.74 -44.56 -68.09
CA SER G 133 65.85 -45.51 -69.18
C SER G 133 64.86 -45.22 -70.30
N GLY G 134 63.67 -44.71 -69.95
CA GLY G 134 62.66 -44.47 -70.97
C GLY G 134 63.04 -43.40 -71.97
N GLY G 135 63.58 -42.28 -71.48
CA GLY G 135 63.99 -41.16 -72.32
C GLY G 135 63.54 -39.81 -71.82
N THR G 136 62.50 -39.74 -71.00
CA THR G 136 62.01 -38.48 -70.45
C THR G 136 61.83 -38.62 -68.94
N ALA G 137 62.09 -37.54 -68.22
CA ALA G 137 61.94 -37.50 -66.77
C ALA G 137 61.29 -36.19 -66.37
N ALA G 138 60.89 -36.12 -65.10
CA ALA G 138 60.29 -34.92 -64.54
C ALA G 138 60.99 -34.56 -63.24
N LEU G 139 61.28 -33.27 -63.08
CA LEU G 139 61.89 -32.75 -61.86
C LEU G 139 60.94 -31.75 -61.23
N GLY G 140 60.61 -31.95 -59.97
CA GLY G 140 59.61 -31.13 -59.32
C GLY G 140 59.94 -30.91 -57.85
N CYS G 141 59.50 -29.76 -57.35
CA CYS G 141 59.61 -29.41 -55.95
C CYS G 141 58.22 -29.32 -55.32
N LEU G 142 58.09 -29.89 -54.13
CA LEU G 142 56.82 -29.97 -53.42
C LEU G 142 56.85 -29.02 -52.23
N VAL G 143 55.92 -28.07 -52.20
CA VAL G 143 55.81 -27.07 -51.14
C VAL G 143 54.62 -27.43 -50.26
N LYS G 144 54.83 -27.40 -48.95
CA LYS G 144 53.82 -27.86 -48.01
C LYS G 144 53.78 -26.97 -46.78
N ASP G 145 52.61 -26.95 -46.12
CA ASP G 145 52.47 -26.41 -44.77
C ASP G 145 52.72 -24.90 -44.71
N TYR G 146 51.99 -24.17 -45.54
CA TYR G 146 51.96 -22.72 -45.48
C TYR G 146 50.50 -22.29 -45.42
N PHE G 147 50.15 -21.48 -44.42
CA PHE G 147 48.73 -21.17 -44.29
C PHE G 147 48.24 -20.13 -45.28
N PRO G 148 48.78 -18.90 -45.30
CA PRO G 148 48.23 -17.89 -46.21
C PRO G 148 48.35 -18.32 -47.65
N GLU G 149 47.28 -18.10 -48.42
CA GLU G 149 47.17 -18.68 -49.75
C GLU G 149 48.25 -18.24 -50.74
N PRO G 150 48.52 -16.95 -50.95
CA PRO G 150 49.32 -16.56 -52.12
C PRO G 150 50.79 -16.92 -51.93
N VAL G 151 51.31 -17.74 -52.84
CA VAL G 151 52.71 -18.13 -52.85
C VAL G 151 53.15 -18.24 -54.31
N THR G 152 54.42 -17.96 -54.56
CA THR G 152 54.97 -18.01 -55.91
C THR G 152 56.11 -19.02 -55.97
N VAL G 153 56.16 -19.77 -57.06
CA VAL G 153 57.21 -20.77 -57.27
C VAL G 153 57.79 -20.58 -58.68
N SER G 154 59.11 -20.64 -58.77
CA SER G 154 59.80 -20.50 -60.04
C SER G 154 60.95 -21.51 -60.10
N TRP G 155 61.47 -21.72 -61.31
CA TRP G 155 62.56 -22.65 -61.53
C TRP G 155 63.65 -21.98 -62.35
N ASN G 156 64.90 -22.43 -62.13
CA ASN G 156 66.07 -21.90 -62.82
C ASN G 156 66.17 -20.39 -62.64
N SER G 157 65.83 -19.91 -61.45
CA SER G 157 65.81 -18.49 -61.14
C SER G 157 64.93 -17.71 -62.11
N GLY G 158 63.88 -18.36 -62.61
CA GLY G 158 62.97 -17.75 -63.56
C GLY G 158 63.38 -17.88 -65.01
N ALA G 159 64.56 -18.43 -65.29
CA ALA G 159 64.99 -18.57 -66.68
C ALA G 159 64.18 -19.64 -67.41
N LEU G 160 63.91 -20.76 -66.74
CA LEU G 160 63.20 -21.87 -67.37
C LEU G 160 61.70 -21.64 -67.20
N THR G 161 61.04 -21.20 -68.28
CA THR G 161 59.61 -20.93 -68.28
C THR G 161 58.87 -21.77 -69.31
N SER G 162 59.43 -22.90 -69.72
CA SER G 162 58.81 -23.79 -70.69
C SER G 162 58.46 -25.11 -70.01
N GLY G 163 57.19 -25.50 -70.11
CA GLY G 163 56.74 -26.74 -69.52
C GLY G 163 56.57 -26.73 -68.02
N VAL G 164 56.63 -25.56 -67.39
CA VAL G 164 56.51 -25.46 -65.94
C VAL G 164 55.05 -25.61 -65.57
N HIS G 165 54.74 -26.58 -64.70
CA HIS G 165 53.39 -26.81 -64.22
C HIS G 165 53.35 -26.52 -62.73
N THR G 166 52.44 -25.62 -62.32
CA THR G 166 52.23 -25.27 -60.92
C THR G 166 50.77 -25.58 -60.60
N PHE G 167 50.53 -26.74 -60.03
CA PHE G 167 49.16 -27.15 -59.73
C PHE G 167 48.57 -26.30 -58.62
N PRO G 168 47.27 -26.04 -58.66
CA PRO G 168 46.65 -25.19 -57.64
C PRO G 168 46.77 -25.79 -56.25
N ALA G 169 46.86 -24.92 -55.26
CA ALA G 169 47.02 -25.35 -53.87
C ALA G 169 45.76 -26.06 -53.39
N VAL G 170 45.97 -27.08 -52.56
CA VAL G 170 44.88 -27.87 -51.98
C VAL G 170 44.92 -27.73 -50.47
N LEU G 171 43.75 -27.64 -49.86
CA LEU G 171 43.66 -27.51 -48.42
C LEU G 171 43.58 -28.88 -47.77
N GLN G 172 44.36 -29.08 -46.72
CA GLN G 172 44.47 -30.36 -46.06
C GLN G 172 43.62 -30.39 -44.79
N SER G 173 43.66 -31.53 -44.09
CA SER G 173 42.86 -31.68 -42.88
C SER G 173 43.35 -30.76 -41.76
N SER G 174 44.66 -30.57 -41.67
CA SER G 174 45.23 -29.72 -40.62
C SER G 174 44.93 -28.25 -40.82
N GLY G 175 44.42 -27.85 -41.97
CA GLY G 175 44.12 -26.46 -42.24
C GLY G 175 45.19 -25.69 -42.98
N LEU G 176 46.22 -26.37 -43.50
CA LEU G 176 47.28 -25.73 -44.25
C LEU G 176 47.13 -26.03 -45.73
N TYR G 177 48.06 -25.54 -46.53
CA TYR G 177 48.02 -25.67 -47.98
C TYR G 177 49.29 -26.33 -48.49
N SER G 178 49.18 -26.94 -49.67
CA SER G 178 50.33 -27.56 -50.31
C SER G 178 50.14 -27.54 -51.82
N LEU G 179 51.26 -27.59 -52.54
CA LEU G 179 51.23 -27.65 -54.00
C LEU G 179 52.55 -28.23 -54.49
N SER G 180 52.62 -28.48 -55.80
CA SER G 180 53.81 -29.01 -56.42
C SER G 180 54.08 -28.24 -57.71
N SER G 181 55.38 -28.08 -58.03
CA SER G 181 55.79 -27.43 -59.26
C SER G 181 56.75 -28.36 -59.99
N VAL G 182 56.42 -28.71 -61.23
CA VAL G 182 57.16 -29.73 -61.97
C VAL G 182 57.59 -29.18 -63.33
N VAL G 183 58.66 -29.77 -63.86
CA VAL G 183 59.16 -29.48 -65.19
C VAL G 183 59.54 -30.81 -65.84
N THR G 184 59.33 -30.91 -67.15
CA THR G 184 59.66 -32.12 -67.90
C THR G 184 60.95 -31.89 -68.68
N VAL G 185 61.87 -32.84 -68.58
CA VAL G 185 63.17 -32.74 -69.24
C VAL G 185 63.47 -34.07 -69.92
N PRO G 186 64.36 -34.06 -70.91
CA PRO G 186 64.85 -35.33 -71.46
C PRO G 186 65.73 -36.05 -70.46
N SER G 187 65.75 -37.39 -70.56
CA SER G 187 66.64 -38.17 -69.71
C SER G 187 68.10 -37.97 -70.09
N SER G 188 68.36 -37.57 -71.34
CA SER G 188 69.73 -37.29 -71.77
C SER G 188 70.32 -36.13 -70.98
N SER G 189 69.50 -35.11 -70.69
CA SER G 189 69.96 -33.98 -69.91
C SER G 189 70.34 -34.34 -68.48
N LEU G 190 69.89 -35.50 -67.99
CA LEU G 190 70.21 -35.91 -66.64
C LEU G 190 71.69 -36.25 -66.51
N GLY G 191 72.24 -35.96 -65.33
CA GLY G 191 73.62 -36.23 -65.04
C GLY G 191 74.60 -35.17 -65.50
N THR G 192 74.13 -34.14 -66.20
CA THR G 192 75.00 -33.07 -66.68
C THR G 192 74.55 -31.67 -66.28
N GLN G 193 73.34 -31.53 -65.72
CA GLN G 193 72.80 -30.22 -65.39
C GLN G 193 72.20 -30.24 -63.98
N THR G 194 72.29 -29.09 -63.32
CA THR G 194 71.76 -28.90 -61.97
C THR G 194 70.64 -27.88 -62.02
N TYR G 195 69.52 -28.20 -61.38
CA TYR G 195 68.34 -27.36 -61.40
C TYR G 195 68.13 -26.71 -60.03
N ILE G 196 67.20 -25.76 -59.97
CA ILE G 196 66.92 -25.05 -58.74
C ILE G 196 65.45 -24.67 -58.70
N CYS G 197 64.86 -24.77 -57.51
CA CYS G 197 63.49 -24.37 -57.26
C CYS G 197 63.46 -23.25 -56.24
N ASN G 198 62.65 -22.22 -56.52
CA ASN G 198 62.62 -21.03 -55.67
C ASN G 198 61.18 -20.76 -55.27
N VAL G 199 60.96 -20.53 -53.98
CA VAL G 199 59.64 -20.31 -53.42
C VAL G 199 59.64 -18.99 -52.66
N ASN G 200 58.62 -18.17 -52.91
CA ASN G 200 58.46 -16.88 -52.25
C ASN G 200 57.05 -16.82 -51.67
N HIS G 201 56.97 -16.76 -50.35
CA HIS G 201 55.71 -16.64 -49.62
C HIS G 201 55.68 -15.25 -49.00
N LYS G 202 54.91 -14.36 -49.61
CA LYS G 202 54.87 -12.96 -49.16
C LYS G 202 54.31 -12.79 -47.76
N PRO G 203 53.14 -13.35 -47.40
CA PRO G 203 52.57 -13.05 -46.08
C PRO G 203 53.46 -13.47 -44.91
N SER G 204 54.22 -14.55 -45.05
CA SER G 204 55.19 -14.93 -44.03
C SER G 204 56.57 -14.35 -44.28
N ASN G 205 56.75 -13.60 -45.38
CA ASN G 205 58.02 -12.98 -45.73
C ASN G 205 59.15 -14.01 -45.80
N THR G 206 58.86 -15.12 -46.49
CA THR G 206 59.76 -16.26 -46.54
C THR G 206 60.25 -16.47 -47.98
N LYS G 207 61.56 -16.67 -48.14
CA LYS G 207 62.16 -17.02 -49.41
C LYS G 207 63.00 -18.28 -49.22
N VAL G 208 62.72 -19.30 -50.02
CA VAL G 208 63.37 -20.60 -49.90
C VAL G 208 63.95 -21.00 -51.24
N ASP G 209 65.18 -21.47 -51.25
CA ASP G 209 65.85 -21.91 -52.46
C ASP G 209 66.35 -23.34 -52.25
N LYS G 210 66.05 -24.21 -53.21
CA LYS G 210 66.44 -25.61 -53.15
C LYS G 210 67.19 -25.98 -54.41
N LYS G 211 68.27 -26.74 -54.25
CA LYS G 211 69.11 -27.19 -55.36
C LYS G 211 68.71 -28.62 -55.71
N VAL G 212 68.06 -28.79 -56.86
CA VAL G 212 67.58 -30.09 -57.33
C VAL G 212 68.66 -30.72 -58.21
N GLU G 213 69.01 -31.95 -57.88
CA GLU G 213 70.04 -32.73 -58.54
C GLU G 213 69.50 -34.11 -58.90
N PRO G 214 70.04 -34.75 -59.93
CA PRO G 214 69.47 -36.03 -60.38
C PRO G 214 69.53 -37.09 -59.29
N LYS G 215 68.47 -37.90 -59.22
CA LYS G 215 68.36 -38.98 -58.24
C LYS G 215 68.51 -38.45 -56.81
N GLU H 1 47.08 -28.68 -2.47
CA GLU H 1 48.13 -28.20 -3.35
C GLU H 1 49.46 -28.87 -3.01
N ILE H 2 49.64 -30.09 -3.50
CA ILE H 2 50.86 -30.85 -3.23
C ILE H 2 52.03 -30.20 -3.94
N VAL H 3 53.09 -29.91 -3.20
CA VAL H 3 54.29 -29.31 -3.78
C VAL H 3 55.23 -30.44 -4.20
N MET H 4 55.57 -30.47 -5.48
CA MET H 4 56.42 -31.52 -6.04
C MET H 4 57.83 -31.00 -6.21
N THR H 5 58.79 -31.70 -5.61
CA THR H 5 60.20 -31.38 -5.74
C THR H 5 60.87 -32.44 -6.59
N GLN H 6 61.91 -32.03 -7.32
CA GLN H 6 62.54 -32.91 -8.29
C GLN H 6 64.05 -32.76 -8.21
N SER H 7 64.76 -33.77 -8.72
CA SER H 7 66.22 -33.85 -8.76
C SER H 7 66.80 -32.57 -9.33
N PRO H 8 68.06 -32.23 -9.04
CA PRO H 8 68.64 -31.00 -9.59
C PRO H 8 68.48 -30.93 -11.10
N GLY H 9 68.10 -29.76 -11.58
CA GLY H 9 67.66 -29.63 -12.96
C GLY H 9 68.72 -29.98 -13.98
N THR H 10 69.98 -29.70 -13.66
CA THR H 10 71.08 -29.90 -14.60
C THR H 10 71.82 -31.19 -14.26
N LEU H 11 71.94 -32.08 -15.24
CA LEU H 11 72.78 -33.26 -15.10
C LEU H 11 73.23 -33.69 -16.48
N SER H 12 74.54 -33.93 -16.62
CA SER H 12 75.14 -34.25 -17.91
C SER H 12 75.66 -35.67 -17.91
N LEU H 13 75.43 -36.37 -19.02
CA LEU H 13 75.89 -37.75 -19.16
C LEU H 13 76.01 -38.10 -20.63
N SER H 14 76.99 -38.95 -20.94
CA SER H 14 77.27 -39.32 -22.31
C SER H 14 76.14 -40.18 -22.88
N PRO H 15 76.02 -40.24 -24.21
CA PRO H 15 75.00 -41.11 -24.81
C PRO H 15 75.28 -42.58 -24.52
N GLY H 16 74.23 -43.38 -24.62
CA GLY H 16 74.35 -44.80 -24.35
C GLY H 16 74.62 -45.15 -22.91
N GLU H 17 73.99 -44.45 -21.97
CA GLU H 17 74.15 -44.76 -20.55
C GLU H 17 72.78 -44.91 -19.89
N ARG H 18 72.76 -45.06 -18.57
CA ARG H 18 71.52 -45.14 -17.80
C ARG H 18 71.30 -43.84 -17.07
N ALA H 19 70.11 -43.25 -17.25
CA ALA H 19 69.78 -41.98 -16.64
C ALA H 19 68.64 -42.18 -15.64
N THR H 20 68.83 -41.69 -14.43
CA THR H 20 67.83 -41.81 -13.37
C THR H 20 67.44 -40.43 -12.87
N LEU H 21 66.14 -40.15 -12.89
CA LEU H 21 65.59 -38.87 -12.42
C LEU H 21 64.67 -39.14 -11.24
N SER H 22 64.87 -38.40 -10.15
CA SER H 22 64.11 -38.62 -8.93
C SER H 22 63.07 -37.54 -8.74
N CYS H 23 61.99 -37.89 -8.03
CA CYS H 23 60.88 -36.98 -7.79
C CYS H 23 60.28 -37.31 -6.43
N ARG H 24 59.79 -36.28 -5.74
CA ARG H 24 59.20 -36.47 -4.43
C ARG H 24 58.10 -35.43 -4.22
N ALA H 25 57.24 -35.69 -3.24
CA ALA H 25 56.11 -34.83 -2.97
C ALA H 25 56.00 -34.57 -1.47
N SER H 26 55.33 -33.47 -1.13
CA SER H 26 55.11 -33.15 0.28
C SER H 26 54.18 -34.15 0.94
N GLN H 27 53.12 -34.55 0.24
CA GLN H 27 52.16 -35.52 0.74
C GLN H 27 52.18 -36.78 -0.12
N SER H 28 51.64 -37.86 0.43
CA SER H 28 51.57 -39.11 -0.30
C SER H 28 50.56 -39.00 -1.45
N ILE H 29 50.90 -39.62 -2.57
CA ILE H 29 50.05 -39.59 -3.76
C ILE H 29 49.12 -40.80 -3.73
N SER H 30 47.81 -40.53 -3.84
CA SER H 30 46.82 -41.60 -3.79
C SER H 30 46.92 -42.48 -5.03
N SER H 31 46.83 -43.80 -4.82
CA SER H 31 46.79 -44.79 -5.87
C SER H 31 48.01 -44.73 -6.78
N SER H 32 49.10 -44.13 -6.32
CA SER H 32 50.34 -44.01 -7.09
C SER H 32 50.07 -43.34 -8.44
N TYR H 33 49.29 -42.26 -8.41
CA TYR H 33 48.91 -41.53 -9.61
C TYR H 33 49.99 -40.50 -9.92
N LEU H 34 51.06 -40.94 -10.58
CA LEU H 34 52.13 -40.04 -10.99
C LEU H 34 52.43 -40.25 -12.47
N ALA H 35 52.75 -39.16 -13.15
CA ALA H 35 53.02 -39.18 -14.59
C ALA H 35 54.31 -38.43 -14.88
N TRP H 36 54.98 -38.87 -15.93
CA TRP H 36 56.24 -38.29 -16.38
C TRP H 36 56.08 -37.73 -17.79
N PHE H 37 56.50 -36.48 -17.98
CA PHE H 37 56.37 -35.79 -19.25
C PHE H 37 57.74 -35.47 -19.82
N GLN H 38 57.88 -35.59 -21.14
CA GLN H 38 59.07 -35.19 -21.87
C GLN H 38 58.72 -34.05 -22.80
N GLN H 39 59.50 -32.97 -22.75
CA GLN H 39 59.29 -31.80 -23.59
C GLN H 39 60.58 -31.44 -24.30
N LYS H 40 60.55 -31.53 -25.63
CA LYS H 40 61.62 -30.99 -26.46
C LYS H 40 61.40 -29.50 -26.66
N PRO H 41 62.47 -28.75 -26.97
CA PRO H 41 62.32 -27.30 -27.12
C PRO H 41 61.32 -26.94 -28.21
N GLY H 42 60.48 -25.95 -27.91
CA GLY H 42 59.54 -25.42 -28.87
C GLY H 42 58.30 -26.26 -29.11
N GLN H 43 58.08 -27.32 -28.34
CA GLN H 43 56.93 -28.19 -28.53
C GLN H 43 56.20 -28.38 -27.20
N ALA H 44 54.96 -28.83 -27.30
CA ALA H 44 54.17 -29.13 -26.11
C ALA H 44 54.68 -30.41 -25.44
N PRO H 45 54.48 -30.55 -24.13
CA PRO H 45 54.95 -31.75 -23.44
C PRO H 45 54.26 -33.01 -23.94
N ARG H 46 54.97 -34.12 -23.84
CA ARG H 46 54.50 -35.43 -24.29
C ARG H 46 54.56 -36.42 -23.13
N LEU H 47 53.60 -37.32 -23.08
CA LEU H 47 53.50 -38.26 -21.95
C LEU H 47 54.35 -39.50 -22.19
N LEU H 48 55.06 -39.93 -21.15
CA LEU H 48 55.89 -41.12 -21.19
C LEU H 48 55.37 -42.22 -20.28
N ILE H 49 55.20 -41.92 -18.99
CA ILE H 49 54.84 -42.90 -17.98
C ILE H 49 53.62 -42.39 -17.24
N TYR H 50 52.62 -43.25 -17.06
CA TYR H 50 51.45 -42.94 -16.26
C TYR H 50 51.27 -44.02 -15.20
N GLY H 51 50.84 -43.61 -14.01
CA GLY H 51 50.72 -44.54 -12.91
C GLY H 51 52.04 -44.92 -12.28
N ALA H 52 53.12 -44.21 -12.61
CA ALA H 52 54.44 -44.38 -12.03
C ALA H 52 55.09 -45.71 -12.42
N SER H 53 54.35 -46.57 -13.11
CA SER H 53 54.92 -47.82 -13.60
C SER H 53 54.59 -48.10 -15.06
N SER H 54 53.40 -47.75 -15.51
CA SER H 54 52.95 -48.16 -16.84
C SER H 54 53.65 -47.35 -17.92
N ARG H 55 53.47 -47.78 -19.17
CA ARG H 55 54.05 -47.12 -20.33
C ARG H 55 52.94 -46.74 -21.29
N ALA H 56 52.99 -45.52 -21.80
CA ALA H 56 51.96 -45.04 -22.72
C ALA H 56 52.04 -45.79 -24.04
N PRO H 57 50.94 -45.89 -24.77
CA PRO H 57 50.96 -46.56 -26.08
C PRO H 57 51.92 -45.86 -27.04
N GLY H 58 52.63 -46.66 -27.83
CA GLY H 58 53.56 -46.13 -28.79
C GLY H 58 54.81 -45.52 -28.22
N ILE H 59 55.24 -45.94 -27.04
CA ILE H 59 56.43 -45.35 -26.40
C ILE H 59 57.55 -46.39 -26.40
N PRO H 60 58.78 -46.00 -26.74
CA PRO H 60 59.89 -46.96 -26.71
C PRO H 60 60.09 -47.54 -25.33
N ASP H 61 60.45 -48.83 -25.29
CA ASP H 61 60.52 -49.59 -24.04
C ASP H 61 61.83 -49.39 -23.29
N ARG H 62 62.57 -48.33 -23.56
CA ARG H 62 63.74 -47.99 -22.77
C ARG H 62 63.42 -47.08 -21.60
N PHE H 63 62.16 -46.72 -21.41
CA PHE H 63 61.71 -45.89 -20.31
C PHE H 63 61.03 -46.76 -19.27
N SER H 64 61.40 -46.59 -18.00
CA SER H 64 60.77 -47.32 -16.91
C SER H 64 60.53 -46.37 -15.74
N GLY H 65 59.53 -46.70 -14.93
CA GLY H 65 59.24 -45.91 -13.74
C GLY H 65 59.06 -46.82 -12.55
N SER H 66 59.47 -46.33 -11.39
CA SER H 66 59.34 -47.12 -10.17
C SER H 66 59.27 -46.19 -8.97
N GLY H 67 58.35 -46.48 -8.06
CA GLY H 67 58.23 -45.69 -6.85
C GLY H 67 56.85 -45.80 -6.27
N SER H 68 56.69 -45.20 -5.10
CA SER H 68 55.43 -45.20 -4.37
C SER H 68 55.55 -44.23 -3.20
N GLY H 69 54.48 -44.11 -2.45
CA GLY H 69 54.45 -43.23 -1.29
C GLY H 69 54.73 -41.79 -1.67
N THR H 70 55.92 -41.31 -1.33
CA THR H 70 56.34 -39.96 -1.68
C THR H 70 57.64 -39.94 -2.48
N ASP H 71 58.12 -41.09 -2.96
CA ASP H 71 59.37 -41.15 -3.69
C ASP H 71 59.17 -41.92 -4.99
N PHE H 72 59.56 -41.32 -6.12
CA PHE H 72 59.43 -41.94 -7.42
C PHE H 72 60.69 -41.68 -8.23
N THR H 73 60.92 -42.53 -9.23
CA THR H 73 62.07 -42.37 -10.09
C THR H 73 61.75 -42.88 -11.49
N LEU H 74 62.41 -42.26 -12.47
CA LEU H 74 62.31 -42.62 -13.88
C LEU H 74 63.70 -43.01 -14.37
N THR H 75 63.74 -44.07 -15.18
CA THR H 75 65.00 -44.62 -15.66
C THR H 75 64.96 -44.75 -17.17
N ILE H 76 66.01 -44.25 -17.83
CA ILE H 76 66.26 -44.46 -19.25
C ILE H 76 67.43 -45.43 -19.35
N SER H 77 67.17 -46.59 -19.97
CA SER H 77 68.19 -47.64 -20.03
C SER H 77 69.36 -47.23 -20.90
N ARG H 78 69.08 -46.64 -22.07
CA ARG H 78 70.12 -46.24 -23.00
C ARG H 78 69.73 -44.92 -23.65
N LEU H 79 70.64 -43.95 -23.62
CA LEU H 79 70.36 -42.64 -24.16
C LEU H 79 70.60 -42.60 -25.66
N GLU H 80 69.63 -42.09 -26.39
CA GLU H 80 69.70 -41.84 -27.81
C GLU H 80 69.88 -40.36 -28.08
N PRO H 81 70.35 -39.98 -29.26
CA PRO H 81 70.55 -38.55 -29.54
C PRO H 81 69.28 -37.72 -29.46
N GLU H 82 68.10 -38.34 -29.62
CA GLU H 82 66.83 -37.64 -29.53
C GLU H 82 66.15 -37.87 -28.19
N ASP H 83 66.88 -38.34 -27.18
CA ASP H 83 66.35 -38.57 -25.85
C ASP H 83 66.70 -37.46 -24.88
N PHE H 84 67.27 -36.37 -25.35
CA PHE H 84 67.64 -35.24 -24.51
C PHE H 84 66.55 -34.18 -24.58
N ALA H 85 65.95 -33.87 -23.44
CA ALA H 85 64.81 -32.97 -23.37
C ALA H 85 64.67 -32.51 -21.91
N VAL H 86 63.53 -31.90 -21.60
CA VAL H 86 63.20 -31.51 -20.24
C VAL H 86 62.14 -32.47 -19.72
N TYR H 87 62.33 -32.97 -18.50
CA TYR H 87 61.45 -33.97 -17.93
C TYR H 87 60.70 -33.40 -16.73
N TYR H 88 59.40 -33.68 -16.67
CA TYR H 88 58.51 -33.09 -15.69
C TYR H 88 57.73 -34.17 -14.95
N CYS H 89 57.45 -33.92 -13.68
CA CYS H 89 56.55 -34.74 -12.87
C CYS H 89 55.14 -34.19 -12.94
N GLN H 90 54.17 -35.04 -12.64
CA GLN H 90 52.79 -34.59 -12.49
C GLN H 90 52.05 -35.52 -11.57
N GLN H 91 51.40 -34.97 -10.56
CA GLN H 91 50.51 -35.74 -9.69
C GLN H 91 49.07 -35.39 -10.02
N TYR H 92 48.23 -36.41 -10.14
CA TYR H 92 46.83 -36.17 -10.48
C TYR H 92 45.89 -36.98 -9.58
N GLY H 93 46.33 -37.31 -8.38
CA GLY H 93 45.46 -37.94 -7.41
C GLY H 93 44.83 -36.93 -6.46
N ASP H 94 45.06 -35.65 -6.73
CA ASP H 94 44.54 -34.57 -5.91
C ASP H 94 43.91 -33.52 -6.82
N SER H 95 42.94 -32.77 -6.29
CA SER H 95 42.18 -31.84 -7.12
C SER H 95 43.05 -30.74 -7.71
N PRO H 96 43.87 -30.01 -6.96
CA PRO H 96 44.78 -29.07 -7.61
C PRO H 96 45.89 -29.81 -8.33
N LEU H 97 45.79 -29.88 -9.65
CA LEU H 97 46.75 -30.62 -10.46
C LEU H 97 48.04 -29.82 -10.55
N THR H 98 49.15 -30.43 -10.12
CA THR H 98 50.43 -29.74 -10.04
C THR H 98 51.49 -30.51 -10.80
N PHE H 99 52.44 -29.77 -11.36
CA PHE H 99 53.58 -30.34 -12.06
C PHE H 99 54.82 -30.23 -11.18
N GLY H 100 55.95 -30.67 -11.72
CA GLY H 100 57.22 -30.60 -11.03
C GLY H 100 57.94 -29.30 -11.29
N GLY H 101 59.27 -29.38 -11.26
CA GLY H 101 60.09 -28.21 -11.54
C GLY H 101 60.79 -28.30 -12.88
N GLY H 102 61.17 -29.51 -13.27
CA GLY H 102 61.83 -29.72 -14.54
C GLY H 102 63.29 -30.09 -14.36
N THR H 103 63.72 -31.13 -15.08
CA THR H 103 65.10 -31.57 -15.07
C THR H 103 65.60 -31.63 -16.50
N LYS H 104 66.75 -30.99 -16.76
CA LYS H 104 67.33 -30.93 -18.09
C LYS H 104 68.53 -31.86 -18.16
N VAL H 105 68.57 -32.72 -19.17
CA VAL H 105 69.66 -33.65 -19.38
C VAL H 105 70.54 -33.12 -20.51
N ASP H 106 71.85 -33.22 -20.36
CA ASP H 106 72.72 -32.58 -21.38
C ASP H 106 73.66 -33.61 -21.97
N ILE H 107 74.47 -33.22 -22.97
CA ILE H 107 75.51 -34.14 -23.50
C ILE H 107 76.82 -33.59 -22.95
N LYS H 108 77.66 -34.46 -22.37
CA LYS H 108 78.89 -33.96 -21.70
C LYS H 108 80.11 -34.11 -22.61
N ARG H 109 81.09 -33.22 -22.45
CA ARG H 109 82.34 -33.29 -23.26
C ARG H 109 83.52 -33.00 -22.33
N THR H 110 84.75 -33.23 -22.78
CA THR H 110 85.94 -33.06 -21.91
C THR H 110 86.04 -31.61 -21.44
N VAL H 111 86.48 -31.39 -20.21
CA VAL H 111 86.52 -30.02 -19.61
C VAL H 111 87.40 -29.11 -20.45
N ALA H 112 86.99 -27.85 -20.63
CA ALA H 112 87.77 -26.88 -21.43
C ALA H 112 87.90 -25.57 -20.67
N ALA H 113 88.80 -24.69 -21.13
CA ALA H 113 89.07 -23.44 -20.39
C ALA H 113 88.36 -22.21 -20.99
N PRO H 114 87.83 -21.24 -20.18
CA PRO H 114 87.27 -20.00 -20.71
C PRO H 114 88.32 -19.12 -21.33
N SER H 115 87.88 -18.32 -22.31
CA SER H 115 88.72 -17.33 -22.97
C SER H 115 88.09 -15.96 -22.80
N VAL H 116 88.91 -14.96 -22.43
CA VAL H 116 88.41 -13.65 -22.03
C VAL H 116 88.89 -12.61 -23.03
N PHE H 117 87.97 -11.77 -23.50
CA PHE H 117 88.26 -10.64 -24.36
C PHE H 117 87.64 -9.39 -23.75
N ILE H 118 88.33 -8.26 -23.88
CA ILE H 118 87.90 -7.01 -23.27
C ILE H 118 87.69 -5.97 -24.36
N PHE H 119 86.53 -5.33 -24.34
CA PHE H 119 86.18 -4.27 -25.30
C PHE H 119 86.07 -2.94 -24.58
N PRO H 120 87.04 -2.03 -24.75
CA PRO H 120 86.92 -0.72 -24.11
C PRO H 120 85.72 0.04 -24.65
N PRO H 121 85.03 0.80 -23.81
CA PRO H 121 83.86 1.56 -24.28
C PRO H 121 84.28 2.68 -25.24
N SER H 122 83.34 3.05 -26.09
CA SER H 122 83.57 4.09 -27.09
C SER H 122 83.06 5.44 -26.57
N ASP H 123 83.78 6.51 -26.93
CA ASP H 123 83.37 7.85 -26.51
C ASP H 123 82.03 8.25 -27.12
N GLU H 124 81.68 7.70 -28.28
CA GLU H 124 80.36 7.94 -28.84
C GLU H 124 79.27 7.45 -27.90
N GLN H 125 79.48 6.28 -27.29
CA GLN H 125 78.56 5.80 -26.26
C GLN H 125 78.55 6.73 -25.07
N LEU H 126 79.72 7.21 -24.65
CA LEU H 126 79.81 8.12 -23.51
C LEU H 126 79.16 9.46 -23.78
N LYS H 127 78.93 9.80 -25.05
CA LYS H 127 78.26 11.06 -25.37
C LYS H 127 76.87 11.11 -24.76
N SER H 128 76.14 10.00 -24.79
CA SER H 128 74.83 9.95 -24.14
C SER H 128 74.94 10.17 -22.64
N GLY H 129 75.93 9.53 -22.00
CA GLY H 129 76.14 9.70 -20.59
C GLY H 129 76.31 8.40 -19.83
N THR H 130 76.34 7.28 -20.55
CA THR H 130 76.49 5.97 -19.94
C THR H 130 77.52 5.16 -20.71
N ALA H 131 78.20 4.26 -19.99
CA ALA H 131 79.24 3.42 -20.58
C ALA H 131 79.02 1.98 -20.14
N SER H 132 79.45 1.05 -20.98
CA SER H 132 79.29 -0.38 -20.73
C SER H 132 80.60 -1.10 -21.00
N VAL H 133 81.00 -1.96 -20.06
CA VAL H 133 82.19 -2.79 -20.20
C VAL H 133 81.74 -4.24 -20.19
N VAL H 134 82.34 -5.04 -21.07
CA VAL H 134 81.91 -6.41 -21.32
C VAL H 134 83.04 -7.38 -20.98
N CYS H 135 82.72 -8.37 -20.15
CA CYS H 135 83.63 -9.49 -19.89
C CYS H 135 83.00 -10.76 -20.47
N LEU H 136 83.78 -11.49 -21.26
CA LEU H 136 83.25 -12.55 -22.10
C LEU H 136 84.03 -13.84 -21.89
N LEU H 137 83.32 -14.97 -22.00
CA LEU H 137 83.91 -16.29 -21.97
C LEU H 137 83.39 -17.11 -23.15
N ASN H 138 84.29 -17.83 -23.81
CA ASN H 138 83.93 -18.75 -24.88
C ASN H 138 84.54 -20.12 -24.64
N ASN H 139 83.80 -21.16 -25.03
CA ASN H 139 84.31 -22.53 -25.09
C ASN H 139 84.81 -23.01 -23.72
N PHE H 140 83.88 -23.11 -22.78
CA PHE H 140 84.15 -23.67 -21.47
C PHE H 140 83.06 -24.66 -21.12
N TYR H 141 83.46 -25.84 -20.63
CA TYR H 141 82.53 -26.95 -20.49
C TYR H 141 81.38 -26.68 -19.52
N PRO H 142 81.62 -26.22 -18.28
CA PRO H 142 80.49 -25.96 -17.38
C PRO H 142 79.60 -24.86 -17.93
N ARG H 143 78.31 -24.94 -17.59
CA ARG H 143 77.36 -23.97 -18.14
C ARG H 143 77.70 -22.55 -17.70
N GLU H 144 78.12 -22.39 -16.45
CA GLU H 144 78.44 -21.07 -15.92
C GLU H 144 79.81 -21.10 -15.26
N ALA H 145 80.49 -19.95 -15.30
CA ALA H 145 81.72 -19.72 -14.57
C ALA H 145 81.64 -18.36 -13.89
N LYS H 146 82.31 -18.24 -12.75
CA LYS H 146 82.20 -17.00 -12.00
C LYS H 146 82.99 -15.89 -12.68
N VAL H 147 82.36 -14.72 -12.82
CA VAL H 147 83.02 -13.53 -13.34
C VAL H 147 82.69 -12.36 -12.44
N GLN H 148 83.69 -11.55 -12.11
CA GLN H 148 83.49 -10.42 -11.22
C GLN H 148 84.25 -9.21 -11.74
N TRP H 149 83.58 -8.06 -11.73
CA TRP H 149 84.21 -6.81 -12.14
C TRP H 149 84.99 -6.20 -10.99
N LYS H 150 86.02 -5.44 -11.33
CA LYS H 150 86.87 -4.74 -10.36
C LYS H 150 87.09 -3.33 -10.87
N VAL H 151 86.58 -2.35 -10.12
CA VAL H 151 86.68 -0.94 -10.46
C VAL H 151 87.42 -0.25 -9.31
N ASP H 152 88.57 0.34 -9.62
CA ASP H 152 89.42 0.97 -8.61
C ASP H 152 89.76 0.02 -7.48
N ASN H 153 90.02 -1.25 -7.83
CA ASN H 153 90.32 -2.31 -6.87
C ASN H 153 89.20 -2.45 -5.83
N ALA H 154 87.95 -2.33 -6.29
CA ALA H 154 86.79 -2.45 -5.43
C ALA H 154 85.76 -3.37 -6.07
N LEU H 155 85.10 -4.17 -5.25
CA LEU H 155 84.10 -5.11 -5.75
C LEU H 155 82.80 -4.38 -6.09
N GLN H 156 82.14 -4.87 -7.15
CA GLN H 156 80.88 -4.29 -7.61
C GLN H 156 79.83 -5.39 -7.72
N SER H 157 78.61 -5.06 -7.29
CA SER H 157 77.50 -6.01 -7.34
C SER H 157 76.19 -5.24 -7.41
N GLY H 158 75.14 -5.94 -7.84
CA GLY H 158 73.82 -5.35 -7.95
C GLY H 158 73.63 -4.41 -9.11
N ASN H 159 74.59 -4.36 -10.05
CA ASN H 159 74.56 -3.41 -11.15
C ASN H 159 74.91 -4.05 -12.49
N SER H 160 74.79 -5.38 -12.61
CA SER H 160 75.07 -6.06 -13.85
C SER H 160 74.35 -7.40 -13.86
N GLN H 161 74.16 -7.94 -15.07
CA GLN H 161 73.59 -9.26 -15.26
C GLN H 161 74.30 -9.95 -16.42
N GLU H 162 74.29 -11.28 -16.39
CA GLU H 162 75.02 -12.10 -17.34
C GLU H 162 74.05 -12.88 -18.21
N SER H 163 74.51 -13.21 -19.42
CA SER H 163 73.70 -13.97 -20.38
C SER H 163 74.53 -15.13 -20.92
N VAL H 164 73.89 -16.30 -21.02
CA VAL H 164 74.55 -17.52 -21.49
C VAL H 164 73.83 -18.02 -22.73
N THR H 165 74.52 -18.85 -23.51
CA THR H 165 74.00 -19.40 -24.75
C THR H 165 73.86 -20.91 -24.62
N GLU H 166 72.88 -21.46 -25.35
CA GLU H 166 72.68 -22.90 -25.36
C GLU H 166 73.93 -23.62 -25.85
N GLN H 167 74.08 -24.87 -25.42
CA GLN H 167 75.25 -25.64 -25.80
C GLN H 167 75.30 -25.87 -27.31
N ASP H 168 76.51 -25.87 -27.85
CA ASP H 168 76.69 -26.04 -29.29
C ASP H 168 76.25 -27.43 -29.72
N SER H 169 75.81 -27.53 -30.97
CA SER H 169 75.28 -28.79 -31.48
C SER H 169 76.33 -29.89 -31.43
N LYS H 170 77.52 -29.64 -31.97
CA LYS H 170 78.59 -30.62 -31.98
C LYS H 170 79.82 -30.20 -31.19
N ASP H 171 80.08 -28.89 -31.06
CA ASP H 171 81.15 -28.45 -30.16
C ASP H 171 80.76 -28.63 -28.71
N SER H 172 79.48 -28.49 -28.39
CA SER H 172 78.96 -28.66 -27.03
C SER H 172 79.66 -27.72 -26.06
N THR H 173 79.95 -26.51 -26.51
CA THR H 173 80.63 -25.50 -25.71
C THR H 173 79.60 -24.51 -25.16
N TYR H 174 80.08 -23.47 -24.49
CA TYR H 174 79.21 -22.47 -23.92
C TYR H 174 79.86 -21.09 -24.06
N SER H 175 79.02 -20.07 -24.21
CA SER H 175 79.48 -18.70 -24.30
C SER H 175 78.71 -17.85 -23.30
N LEU H 176 79.42 -16.97 -22.61
CA LEU H 176 78.85 -16.14 -21.55
C LEU H 176 79.29 -14.70 -21.73
N SER H 177 78.36 -13.77 -21.56
CA SER H 177 78.64 -12.35 -21.67
C SER H 177 78.10 -11.62 -20.46
N SER H 178 78.94 -10.80 -19.83
CA SER H 178 78.54 -9.96 -18.70
C SER H 178 78.78 -8.50 -19.07
N THR H 179 77.76 -7.68 -18.89
CA THR H 179 77.80 -6.26 -19.26
C THR H 179 77.58 -5.41 -18.03
N LEU H 180 78.36 -4.33 -17.89
CA LEU H 180 78.19 -3.38 -16.75
C LEU H 180 77.61 -2.06 -17.26
N THR H 181 76.73 -1.40 -16.49
CA THR H 181 76.19 -0.06 -16.87
C THR H 181 76.43 0.96 -15.73
N LEU H 182 76.91 2.17 -16.05
CA LEU H 182 77.25 3.18 -15.01
C LEU H 182 76.90 4.59 -15.51
N SER H 183 76.83 5.58 -14.61
CA SER H 183 76.60 6.99 -15.04
C SER H 183 77.88 7.60 -15.61
N LYS H 184 77.81 8.73 -16.31
CA LYS H 184 79.01 9.25 -17.01
C LYS H 184 80.13 9.58 -16.04
N ALA H 185 79.82 10.27 -14.94
CA ALA H 185 80.89 10.67 -14.00
C ALA H 185 81.48 9.40 -13.40
N ASP H 186 80.61 8.42 -13.10
CA ASP H 186 81.05 7.17 -12.46
C ASP H 186 81.99 6.39 -13.40
N TYR H 187 81.67 6.31 -14.69
CA TYR H 187 82.62 5.64 -15.63
C TYR H 187 83.91 6.46 -15.78
N GLU H 188 83.82 7.77 -15.86
CA GLU H 188 85.04 8.56 -16.15
C GLU H 188 86.00 8.54 -14.96
N LYS H 189 85.54 8.12 -13.78
CA LYS H 189 86.38 8.22 -12.55
C LYS H 189 87.67 7.39 -12.65
N HIS H 190 87.63 6.16 -13.17
CA HIS H 190 88.87 5.33 -13.12
C HIS H 190 89.34 4.94 -14.52
N LYS H 191 90.63 5.14 -14.81
CA LYS H 191 91.17 4.65 -16.11
C LYS H 191 91.23 3.12 -16.07
N VAL H 192 91.66 2.57 -14.93
CA VAL H 192 91.89 1.10 -14.85
C VAL H 192 90.65 0.33 -14.40
N TYR H 193 90.21 -0.62 -15.23
CA TYR H 193 89.12 -1.53 -14.89
C TYR H 193 89.55 -2.96 -15.21
N ALA H 194 88.97 -3.92 -14.49
CA ALA H 194 89.35 -5.30 -14.70
C ALA H 194 88.13 -6.20 -14.53
N CYS H 195 88.23 -7.39 -15.10
CA CYS H 195 87.28 -8.47 -14.83
C CYS H 195 88.06 -9.75 -14.56
N GLU H 196 87.69 -10.43 -13.49
CA GLU H 196 88.36 -11.64 -13.04
C GLU H 196 87.43 -12.83 -13.21
N VAL H 197 88.01 -13.98 -13.58
CA VAL H 197 87.27 -15.19 -13.89
C VAL H 197 87.70 -16.28 -12.91
N THR H 198 86.73 -16.83 -12.19
CA THR H 198 86.93 -18.00 -11.34
C THR H 198 86.27 -19.19 -12.01
N HIS H 199 87.07 -20.21 -12.33
CA HIS H 199 86.61 -21.37 -13.06
C HIS H 199 87.43 -22.58 -12.61
N GLN H 200 86.78 -23.74 -12.55
CA GLN H 200 87.44 -24.95 -12.09
C GLN H 200 88.37 -25.53 -13.15
N GLY H 201 87.97 -25.47 -14.42
CA GLY H 201 88.78 -26.06 -15.47
C GLY H 201 90.10 -25.35 -15.68
N LEU H 202 90.10 -24.03 -15.54
CA LEU H 202 91.29 -23.20 -15.72
C LEU H 202 91.76 -22.76 -14.34
N SER H 203 92.89 -23.31 -13.89
CA SER H 203 93.40 -23.05 -12.51
C SER H 203 93.88 -21.61 -12.30
N SER H 204 94.23 -20.92 -13.38
CA SER H 204 94.70 -19.51 -13.26
C SER H 204 93.55 -18.60 -12.84
N PRO H 205 93.76 -17.62 -11.93
CA PRO H 205 92.71 -16.67 -11.59
C PRO H 205 92.77 -15.56 -12.63
N VAL H 206 92.32 -15.84 -13.86
CA VAL H 206 92.54 -14.83 -14.94
C VAL H 206 91.83 -13.53 -14.57
N THR H 207 92.54 -12.40 -14.68
CA THR H 207 91.93 -11.06 -14.45
C THR H 207 92.27 -10.26 -15.72
N LYS H 208 91.30 -9.55 -16.30
CA LYS H 208 91.60 -8.86 -17.58
C LYS H 208 91.50 -7.34 -17.41
N SER H 209 92.55 -6.61 -17.80
CA SER H 209 92.55 -5.13 -17.64
C SER H 209 92.76 -4.44 -18.99
N PHE H 210 92.15 -3.25 -19.16
CA PHE H 210 92.36 -2.46 -20.40
C PHE H 210 92.70 -1.02 -20.00
N ASN H 211 93.47 -0.31 -20.83
CA ASN H 211 93.76 1.13 -20.55
C ASN H 211 93.56 1.96 -21.83
N GLU I 1 41.38 -38.90 -33.56
CA GLU I 1 42.43 -37.92 -33.32
C GLU I 1 41.84 -36.53 -33.11
N VAL I 2 42.45 -35.76 -32.22
CA VAL I 2 42.00 -34.43 -31.87
C VAL I 2 43.05 -33.42 -32.30
N GLN I 3 42.62 -32.38 -32.99
CA GLN I 3 43.47 -31.25 -33.35
C GLN I 3 42.95 -30.01 -32.64
N LEU I 4 43.82 -29.35 -31.88
CA LEU I 4 43.47 -28.15 -31.15
C LEU I 4 44.22 -26.97 -31.76
N GLN I 5 43.48 -25.92 -32.10
CA GLN I 5 44.07 -24.73 -32.69
C GLN I 5 43.68 -23.51 -31.87
N GLN I 6 44.66 -22.73 -31.42
CA GLN I 6 44.41 -21.64 -30.51
C GLN I 6 44.93 -20.33 -31.07
N TRP I 7 44.27 -19.24 -30.69
CA TRP I 7 44.63 -17.91 -31.14
C TRP I 7 44.30 -16.89 -30.06
N GLY I 8 45.01 -15.77 -30.12
CA GLY I 8 44.81 -14.71 -29.15
C GLY I 8 45.90 -13.68 -29.26
N ALA I 9 45.68 -12.55 -28.59
CA ALA I 9 46.63 -11.45 -28.63
C ALA I 9 47.90 -11.80 -27.88
N GLY I 10 49.04 -11.37 -28.43
CA GLY I 10 50.33 -11.71 -27.84
C GLY I 10 51.01 -10.58 -27.10
N LEU I 11 50.48 -9.36 -27.23
CA LEU I 11 51.00 -8.20 -26.51
C LEU I 11 49.86 -7.52 -25.78
N LEU I 12 50.07 -7.27 -24.48
CA LEU I 12 49.08 -6.59 -23.66
C LEU I 12 49.78 -5.54 -22.81
N LYS I 13 49.04 -4.52 -22.46
CA LYS I 13 49.47 -3.52 -21.49
C LYS I 13 48.95 -3.88 -20.12
N PRO I 14 49.60 -3.43 -19.05
CA PRO I 14 49.15 -3.80 -17.70
C PRO I 14 47.72 -3.38 -17.45
N SER I 15 47.04 -4.16 -16.62
CA SER I 15 45.64 -3.96 -16.23
C SER I 15 44.67 -4.23 -17.38
N GLU I 16 45.11 -4.88 -18.45
CA GLU I 16 44.23 -5.27 -19.53
C GLU I 16 43.63 -6.64 -19.21
N THR I 17 42.88 -7.20 -20.17
CA THR I 17 42.24 -8.50 -20.00
C THR I 17 42.74 -9.44 -21.09
N LEU I 18 43.34 -10.55 -20.67
CA LEU I 18 43.86 -11.54 -21.61
C LEU I 18 42.75 -12.44 -22.11
N SER I 19 42.64 -12.58 -23.43
CA SER I 19 41.63 -13.44 -24.04
C SER I 19 42.29 -14.39 -25.02
N LEU I 20 42.03 -15.68 -24.84
CA LEU I 20 42.54 -16.71 -25.74
C LEU I 20 41.40 -17.64 -26.12
N THR I 21 41.50 -18.24 -27.31
CA THR I 21 40.45 -19.14 -27.78
C THR I 21 41.06 -20.37 -28.40
N CYS I 22 40.47 -21.53 -28.13
CA CYS I 22 40.91 -22.82 -28.65
C CYS I 22 39.74 -23.49 -29.34
N ALA I 23 40.02 -24.10 -30.49
CA ALA I 23 39.02 -24.78 -31.30
C ALA I 23 39.44 -26.23 -31.52
N VAL I 24 38.45 -27.13 -31.48
CA VAL I 24 38.66 -28.57 -31.46
C VAL I 24 38.12 -29.17 -32.73
N TYR I 25 38.93 -30.01 -33.40
CA TYR I 25 38.50 -30.72 -34.59
C TYR I 25 38.85 -32.19 -34.47
N GLY I 26 37.93 -33.05 -34.91
CA GLY I 26 38.21 -34.47 -35.09
C GLY I 26 37.42 -35.40 -34.20
N GLU I 27 37.14 -35.03 -32.96
CA GLU I 27 36.46 -35.92 -32.03
C GLU I 27 35.24 -35.21 -31.47
N SER I 28 34.47 -35.92 -30.65
CA SER I 28 33.29 -35.34 -30.04
C SER I 28 33.69 -34.24 -29.06
N PHE I 29 33.06 -33.09 -29.18
CA PHE I 29 33.35 -31.98 -28.27
C PHE I 29 32.74 -32.21 -26.90
N SER I 30 31.54 -32.78 -26.82
CA SER I 30 30.87 -33.04 -25.57
C SER I 30 31.43 -34.29 -24.91
N GLY I 31 31.22 -34.38 -23.59
CA GLY I 31 31.71 -35.51 -22.83
C GLY I 31 33.15 -35.42 -22.39
N TYR I 32 33.76 -34.23 -22.46
CA TYR I 32 35.14 -34.06 -22.06
C TYR I 32 35.30 -32.72 -21.34
N TYR I 33 36.38 -32.62 -20.59
CA TYR I 33 36.81 -31.37 -19.96
C TYR I 33 38.00 -30.82 -20.72
N TRP I 34 38.01 -29.52 -20.94
CA TRP I 34 39.05 -28.85 -21.70
C TRP I 34 39.79 -27.88 -20.79
N SER I 35 41.12 -27.97 -20.80
CA SER I 35 41.98 -27.37 -19.79
C SER I 35 42.90 -26.33 -20.39
N TRP I 36 43.26 -25.34 -19.57
CA TRP I 36 44.25 -24.32 -19.92
C TRP I 36 45.43 -24.45 -18.98
N ILE I 37 46.65 -24.46 -19.53
CA ILE I 37 47.87 -24.56 -18.75
C ILE I 37 48.87 -23.51 -19.22
N ARG I 38 49.41 -22.73 -18.30
CA ARG I 38 50.47 -21.80 -18.64
C ARG I 38 51.83 -22.42 -18.30
N GLN I 39 52.87 -21.90 -18.94
CA GLN I 39 54.24 -22.26 -18.63
C GLN I 39 55.08 -20.99 -18.62
N SER I 40 55.82 -20.76 -17.53
CA SER I 40 56.71 -19.62 -17.41
C SER I 40 58.12 -20.11 -17.12
N PRO I 41 59.15 -19.49 -17.68
CA PRO I 41 60.52 -19.90 -17.33
C PRO I 41 60.88 -19.60 -15.89
N GLY I 42 60.17 -18.67 -15.25
CA GLY I 42 60.46 -18.34 -13.87
C GLY I 42 60.14 -19.45 -12.90
N LYS I 43 58.97 -20.07 -13.03
CA LYS I 43 58.52 -21.08 -12.07
C LYS I 43 58.34 -22.45 -12.71
N GLY I 44 57.55 -22.56 -13.76
CA GLY I 44 57.27 -23.83 -14.40
C GLY I 44 55.80 -23.97 -14.73
N LEU I 45 55.43 -25.19 -15.13
CA LEU I 45 54.07 -25.46 -15.57
C LEU I 45 53.07 -25.28 -14.44
N GLU I 46 51.93 -24.66 -14.76
CA GLU I 46 50.88 -24.42 -13.79
C GLU I 46 49.53 -24.63 -14.44
N TRP I 47 48.62 -25.29 -13.72
CA TRP I 47 47.29 -25.60 -14.22
C TRP I 47 46.34 -24.47 -13.83
N ILE I 48 45.60 -23.96 -14.81
CA ILE I 48 44.74 -22.80 -14.61
C ILE I 48 43.29 -23.21 -14.36
N GLY I 49 42.73 -24.06 -15.20
CA GLY I 49 41.37 -24.49 -15.01
C GLY I 49 40.88 -25.29 -16.19
N GLN I 50 39.62 -25.70 -16.11
CA GLN I 50 39.02 -26.52 -17.15
C GLN I 50 37.51 -26.32 -17.15
N ILE I 51 36.90 -26.65 -18.30
CA ILE I 51 35.47 -26.44 -18.50
C ILE I 51 34.95 -27.49 -19.47
N ASN I 52 33.70 -27.92 -19.27
CA ASN I 52 33.01 -28.85 -20.14
C ASN I 52 31.91 -28.13 -20.92
N HIS I 53 31.19 -28.89 -21.74
CA HIS I 53 30.23 -28.29 -22.67
C HIS I 53 29.05 -27.66 -21.92
N SER I 54 28.69 -28.20 -20.76
CA SER I 54 27.55 -27.67 -20.01
C SER I 54 27.89 -26.38 -19.28
N GLY I 55 29.14 -25.97 -19.24
CA GLY I 55 29.54 -24.76 -18.56
C GLY I 55 30.03 -24.92 -17.14
N ASN I 56 30.31 -26.15 -16.70
CA ASN I 56 30.84 -26.37 -15.37
C ASN I 56 32.35 -26.20 -15.38
N THR I 57 32.86 -25.35 -14.50
CA THR I 57 34.26 -24.95 -14.51
C THR I 57 34.96 -25.35 -13.22
N ASN I 58 36.16 -25.89 -13.36
CA ASN I 58 37.06 -26.12 -12.24
C ASN I 58 38.20 -25.12 -12.34
N TYR I 59 38.51 -24.45 -11.22
CA TYR I 59 39.49 -23.39 -11.20
C TYR I 59 40.62 -23.72 -10.21
N ASN I 60 41.81 -23.27 -10.54
CA ASN I 60 42.91 -23.33 -9.61
C ASN I 60 42.65 -22.34 -8.48
N PRO I 61 42.82 -22.72 -7.21
CA PRO I 61 42.51 -21.79 -6.12
C PRO I 61 43.32 -20.51 -6.14
N SER I 62 44.54 -20.55 -6.68
CA SER I 62 45.38 -19.35 -6.70
C SER I 62 44.80 -18.28 -7.60
N LEU I 63 44.23 -18.68 -8.74
CA LEU I 63 43.71 -17.75 -9.74
C LEU I 63 42.19 -17.77 -9.81
N LYS I 64 41.51 -18.23 -8.77
CA LYS I 64 40.07 -18.37 -8.83
C LYS I 64 39.35 -17.04 -8.98
N SER I 65 39.96 -15.95 -8.54
CA SER I 65 39.29 -14.66 -8.49
C SER I 65 39.45 -13.82 -9.75
N ARG I 66 40.28 -14.24 -10.70
CA ARG I 66 40.49 -13.46 -11.92
C ARG I 66 40.55 -14.33 -13.16
N VAL I 67 39.89 -15.49 -13.14
CA VAL I 67 39.84 -16.39 -14.28
C VAL I 67 38.39 -16.64 -14.64
N THR I 68 38.07 -16.52 -15.93
CA THR I 68 36.76 -16.85 -16.45
C THR I 68 36.94 -17.68 -17.71
N MET I 69 36.07 -18.66 -17.91
CA MET I 69 36.13 -19.49 -19.10
C MET I 69 34.75 -19.59 -19.73
N SER I 70 34.75 -19.57 -21.07
CA SER I 70 33.48 -19.63 -21.81
C SER I 70 33.55 -20.76 -22.84
N VAL I 71 32.39 -21.28 -23.24
CA VAL I 71 32.30 -22.37 -24.21
C VAL I 71 31.26 -21.99 -25.27
N ASP I 72 31.61 -22.21 -26.53
CA ASP I 72 30.71 -22.05 -27.67
C ASP I 72 30.54 -23.42 -28.30
N THR I 73 29.38 -24.04 -28.06
CA THR I 73 29.14 -25.41 -28.50
C THR I 73 28.85 -25.49 -29.98
N SER I 74 28.27 -24.43 -30.57
CA SER I 74 27.89 -24.47 -31.97
C SER I 74 29.10 -24.68 -32.87
N LYS I 75 30.21 -24.01 -32.56
CA LYS I 75 31.41 -24.07 -33.38
C LYS I 75 32.59 -24.70 -32.65
N ASN I 76 32.34 -25.40 -31.54
CA ASN I 76 33.35 -26.20 -30.84
C ASN I 76 34.55 -25.35 -30.42
N GLN I 77 34.30 -24.38 -29.57
CA GLN I 77 35.36 -23.51 -29.09
C GLN I 77 35.25 -23.31 -27.58
N PHE I 78 36.40 -23.07 -26.95
CA PHE I 78 36.40 -22.66 -25.55
C PHE I 78 37.47 -21.60 -25.35
N SER I 79 37.17 -20.62 -24.50
CA SER I 79 37.98 -19.42 -24.39
C SER I 79 38.30 -19.10 -22.93
N LEU I 80 39.45 -18.48 -22.74
CA LEU I 80 39.97 -18.05 -21.45
C LEU I 80 40.02 -16.53 -21.40
N LYS I 81 39.56 -15.98 -20.27
CA LYS I 81 39.69 -14.56 -19.96
C LYS I 81 40.37 -14.43 -18.61
N LEU I 82 41.50 -13.73 -18.59
CA LEU I 82 42.30 -13.53 -17.38
C LEU I 82 42.41 -12.02 -17.16
N SER I 83 41.68 -11.50 -16.17
CA SER I 83 41.54 -10.07 -15.99
C SER I 83 42.65 -9.51 -15.11
N SER I 84 42.77 -8.18 -15.11
CA SER I 84 43.76 -7.45 -14.32
C SER I 84 45.17 -7.99 -14.57
N VAL I 85 45.51 -8.14 -15.86
CA VAL I 85 46.76 -8.76 -16.21
C VAL I 85 47.94 -7.90 -15.72
N THR I 86 49.07 -8.55 -15.46
CA THR I 86 50.22 -7.91 -14.86
C THR I 86 51.47 -8.43 -15.56
N ALA I 87 52.60 -7.79 -15.30
CA ALA I 87 53.85 -8.18 -15.94
C ALA I 87 54.32 -9.58 -15.54
N ALA I 88 53.74 -10.16 -14.50
CA ALA I 88 54.07 -11.52 -14.09
C ALA I 88 53.26 -12.58 -14.82
N ASP I 89 52.41 -12.18 -15.77
CA ASP I 89 51.58 -13.10 -16.52
C ASP I 89 52.17 -13.45 -17.88
N THR I 90 53.40 -13.01 -18.17
CA THR I 90 54.06 -13.37 -19.41
C THR I 90 54.41 -14.85 -19.39
N ALA I 91 53.86 -15.62 -20.33
CA ALA I 91 54.01 -17.06 -20.30
C ALA I 91 53.64 -17.63 -21.66
N VAL I 92 53.55 -18.97 -21.73
CA VAL I 92 53.10 -19.67 -22.92
C VAL I 92 51.87 -20.48 -22.53
N TYR I 93 50.77 -20.27 -23.25
CA TYR I 93 49.48 -20.84 -22.88
C TYR I 93 49.12 -21.99 -23.82
N TYR I 94 48.77 -23.13 -23.25
CA TYR I 94 48.34 -24.31 -23.99
C TYR I 94 46.91 -24.66 -23.62
N CYS I 95 46.16 -25.13 -24.61
CA CYS I 95 44.87 -25.75 -24.40
C CYS I 95 45.01 -27.26 -24.60
N ALA I 96 44.56 -28.02 -23.61
CA ALA I 96 44.68 -29.47 -23.62
C ALA I 96 43.33 -30.09 -23.31
N ARG I 97 43.25 -31.42 -23.45
CA ARG I 97 42.02 -32.15 -23.22
C ARG I 97 42.12 -32.88 -21.89
N GLU I 98 41.14 -32.67 -21.02
CA GLU I 98 41.03 -33.33 -19.71
C GLU I 98 42.32 -33.06 -18.95
N LEU I 99 43.00 -34.09 -18.42
CA LEU I 99 44.23 -33.89 -17.67
C LEU I 99 45.43 -33.70 -18.59
N GLY I 100 45.21 -33.79 -19.88
CA GLY I 100 46.30 -33.95 -20.82
C GLY I 100 46.44 -35.42 -21.18
N HIS I 101 47.67 -35.91 -21.19
CA HIS I 101 48.07 -37.29 -21.37
C HIS I 101 47.89 -37.77 -22.81
N ASP I 102 47.15 -37.07 -23.65
CA ASP I 102 47.02 -37.51 -25.03
C ASP I 102 47.17 -36.41 -26.07
N TYR I 103 46.61 -35.22 -25.84
CA TYR I 103 46.53 -34.19 -26.86
C TYR I 103 46.74 -32.81 -26.26
N TRP I 104 47.52 -31.98 -26.94
CA TRP I 104 47.84 -30.63 -26.49
C TRP I 104 47.70 -29.67 -27.67
N GLY I 105 47.48 -28.40 -27.34
CA GLY I 105 47.56 -27.36 -28.33
C GLY I 105 48.99 -26.95 -28.61
N GLN I 106 49.16 -26.06 -29.59
CA GLN I 106 50.50 -25.61 -29.94
C GLN I 106 51.05 -24.60 -28.94
N GLY I 107 50.19 -23.84 -28.28
CA GLY I 107 50.62 -22.89 -27.28
C GLY I 107 51.03 -21.54 -27.84
N THR I 108 50.48 -20.47 -27.28
CA THR I 108 50.76 -19.12 -27.74
C THR I 108 51.48 -18.33 -26.66
N LEU I 109 52.46 -17.53 -27.07
CA LEU I 109 53.20 -16.69 -26.14
C LEU I 109 52.43 -15.41 -25.84
N VAL I 110 52.40 -15.03 -24.57
CA VAL I 110 51.78 -13.79 -24.14
C VAL I 110 52.78 -13.00 -23.30
N THR I 111 53.03 -11.76 -23.71
CA THR I 111 53.94 -10.86 -23.03
C THR I 111 53.19 -9.61 -22.59
N VAL I 112 53.43 -9.17 -21.36
CA VAL I 112 52.79 -8.00 -20.79
C VAL I 112 53.86 -6.97 -20.50
N SER I 113 53.69 -5.78 -21.06
CA SER I 113 54.68 -4.71 -20.91
C SER I 113 53.99 -3.37 -21.14
N SER I 114 54.66 -2.31 -20.75
CA SER I 114 54.15 -0.95 -20.87
C SER I 114 55.07 -0.11 -21.75
N ALA I 115 55.58 -0.69 -22.83
CA ALA I 115 56.49 -0.01 -23.73
C ALA I 115 55.93 -0.01 -25.15
N SER I 116 56.36 0.99 -25.92
CA SER I 116 55.93 1.15 -27.30
C SER I 116 57.07 0.78 -28.24
N THR I 117 56.70 0.40 -29.46
CA THR I 117 57.68 -0.04 -30.44
C THR I 117 58.66 1.08 -30.78
N LYS I 118 59.96 0.76 -30.75
CA LYS I 118 60.97 1.73 -31.14
C LYS I 118 62.22 0.97 -31.55
N GLY I 119 63.06 1.64 -32.33
CA GLY I 119 64.24 1.03 -32.89
C GLY I 119 65.38 0.91 -31.91
N PRO I 120 66.26 -0.06 -32.13
CA PRO I 120 67.43 -0.24 -31.26
C PRO I 120 68.58 0.66 -31.69
N SER I 121 69.68 0.55 -30.94
CA SER I 121 70.89 1.28 -31.22
C SER I 121 72.09 0.34 -31.13
N VAL I 122 73.10 0.59 -31.96
CA VAL I 122 74.31 -0.22 -32.00
C VAL I 122 75.44 0.58 -31.37
N PHE I 123 76.09 -0.02 -30.37
CA PHE I 123 77.20 0.63 -29.69
C PHE I 123 78.51 0.03 -30.17
N PRO I 124 79.42 0.82 -30.73
CA PRO I 124 80.64 0.25 -31.32
C PRO I 124 81.56 -0.34 -30.27
N LEU I 125 82.29 -1.38 -30.69
CA LEU I 125 83.27 -2.06 -29.85
C LEU I 125 84.56 -2.22 -30.64
N ALA I 126 85.68 -1.87 -30.01
CA ALA I 126 86.97 -1.97 -30.71
C ALA I 126 87.82 -3.08 -30.06
N PRO I 127 88.49 -3.95 -30.85
CA PRO I 127 89.38 -4.95 -30.26
C PRO I 127 90.52 -4.22 -29.54
N SER I 128 90.90 -4.71 -28.36
CA SER I 128 91.99 -4.06 -27.58
C SER I 128 93.35 -4.36 -28.24
N SER I 129 94.38 -3.60 -27.88
CA SER I 129 95.71 -3.77 -28.53
C SER I 129 96.25 -5.19 -28.28
N LYS I 130 96.00 -5.75 -27.10
CA LYS I 130 96.52 -7.10 -26.75
C LYS I 130 95.98 -8.14 -27.73
N SER I 131 94.73 -7.99 -28.18
CA SER I 131 94.12 -9.01 -29.08
C SER I 131 94.92 -9.11 -30.38
N THR I 132 95.37 -7.98 -30.93
CA THR I 132 96.19 -7.96 -32.16
C THR I 132 97.53 -8.66 -31.92
N SER I 133 98.17 -8.40 -30.78
CA SER I 133 99.44 -9.08 -30.43
C SER I 133 99.20 -10.58 -30.19
N GLY I 134 98.06 -10.95 -29.58
CA GLY I 134 97.79 -12.35 -29.20
C GLY I 134 97.73 -13.31 -30.36
N GLY I 135 97.19 -12.90 -31.52
CA GLY I 135 96.99 -13.84 -32.63
C GLY I 135 95.54 -14.28 -32.71
N THR I 136 94.74 -13.93 -31.72
CA THR I 136 93.28 -14.22 -31.73
C THR I 136 92.55 -13.00 -31.15
N ALA I 137 91.64 -12.39 -31.90
CA ALA I 137 90.88 -11.24 -31.45
C ALA I 137 89.39 -11.54 -31.58
N ALA I 138 88.58 -10.70 -30.94
CA ALA I 138 87.13 -10.84 -30.96
C ALA I 138 86.51 -9.54 -31.44
N LEU I 139 85.47 -9.66 -32.25
CA LEU I 139 84.70 -8.52 -32.74
C LEU I 139 83.26 -8.69 -32.27
N GLY I 140 82.73 -7.67 -31.60
CA GLY I 140 81.39 -7.74 -31.06
C GLY I 140 80.65 -6.45 -31.29
N CYS I 141 79.33 -6.57 -31.38
CA CYS I 141 78.43 -5.43 -31.53
C CYS I 141 77.28 -5.58 -30.54
N LEU I 142 76.95 -4.49 -29.86
CA LEU I 142 75.96 -4.48 -28.79
C LEU I 142 74.72 -3.73 -29.27
N VAL I 143 73.56 -4.39 -29.16
CA VAL I 143 72.28 -3.82 -29.57
C VAL I 143 71.50 -3.49 -28.31
N LYS I 144 70.92 -2.29 -28.28
CA LYS I 144 70.39 -1.70 -27.05
C LYS I 144 69.04 -1.05 -27.30
N ASP I 145 68.16 -1.13 -26.29
CA ASP I 145 66.95 -0.33 -26.18
C ASP I 145 65.99 -0.55 -27.36
N TYR I 146 65.46 -1.77 -27.42
CA TYR I 146 64.39 -2.11 -28.34
C TYR I 146 63.35 -2.97 -27.62
N PHE I 147 62.08 -2.70 -27.89
CA PHE I 147 61.00 -3.45 -27.23
C PHE I 147 60.67 -4.79 -27.88
N PRO I 148 60.42 -4.86 -29.20
CA PRO I 148 59.93 -6.12 -29.78
C PRO I 148 60.96 -7.23 -29.74
N GLU I 149 60.45 -8.46 -29.82
CA GLU I 149 61.37 -9.61 -29.65
C GLU I 149 62.26 -9.85 -30.87
N PRO I 150 61.74 -10.00 -32.11
CA PRO I 150 62.62 -10.44 -33.20
C PRO I 150 63.64 -9.41 -33.68
N VAL I 151 64.68 -9.16 -32.88
CA VAL I 151 65.77 -8.29 -33.38
C VAL I 151 66.79 -9.26 -34.00
N THR I 152 67.51 -8.84 -35.02
CA THR I 152 68.42 -9.80 -35.70
C THR I 152 69.78 -9.13 -35.83
N VAL I 153 70.86 -9.93 -35.82
CA VAL I 153 72.23 -9.37 -35.92
C VAL I 153 72.99 -10.23 -36.92
N SER I 154 73.99 -9.66 -37.58
CA SER I 154 74.71 -10.41 -38.63
C SER I 154 76.14 -9.89 -38.74
N TRP I 155 77.01 -10.66 -39.39
CA TRP I 155 78.41 -10.19 -39.60
C TRP I 155 78.73 -10.12 -41.08
N ASN I 156 79.17 -8.94 -41.57
CA ASN I 156 79.59 -8.76 -42.99
C ASN I 156 78.48 -9.20 -43.93
N SER I 157 77.23 -8.83 -43.64
CA SER I 157 76.08 -9.31 -44.46
C SER I 157 76.12 -10.83 -44.52
N GLY I 158 76.43 -11.48 -43.40
CA GLY I 158 76.48 -12.96 -43.34
C GLY I 158 77.78 -13.52 -43.89
N ALA I 159 78.79 -12.70 -44.12
CA ALA I 159 80.08 -13.27 -44.56
C ALA I 159 80.74 -14.09 -43.44
N LEU I 160 80.71 -13.62 -42.21
CA LEU I 160 81.44 -14.35 -41.13
C LEU I 160 80.45 -15.16 -40.30
N THR I 161 79.93 -16.26 -40.84
CA THR I 161 78.92 -17.03 -40.11
C THR I 161 79.51 -18.09 -39.19
N SER I 162 80.79 -18.40 -39.32
CA SER I 162 81.41 -19.42 -38.47
C SER I 162 81.88 -18.79 -37.16
N GLY I 163 81.67 -19.51 -36.06
CA GLY I 163 82.05 -19.04 -34.75
C GLY I 163 81.31 -17.80 -34.31
N VAL I 164 79.99 -17.80 -34.49
CA VAL I 164 79.14 -16.66 -34.17
C VAL I 164 78.36 -16.99 -32.90
N HIS I 165 78.42 -16.09 -31.92
CA HIS I 165 77.71 -16.26 -30.66
C HIS I 165 76.74 -15.10 -30.50
N THR I 166 75.46 -15.40 -30.38
CA THR I 166 74.39 -14.41 -30.23
C THR I 166 73.66 -14.71 -28.92
N PHE I 167 74.04 -13.99 -27.86
CA PHE I 167 73.42 -14.21 -26.56
C PHE I 167 71.97 -13.74 -26.58
N PRO I 168 71.07 -14.46 -25.90
CA PRO I 168 69.64 -14.10 -25.97
C PRO I 168 69.37 -12.75 -25.31
N ALA I 169 68.31 -12.10 -25.78
CA ALA I 169 67.92 -10.80 -25.26
C ALA I 169 67.49 -10.91 -23.81
N VAL I 170 67.73 -9.84 -23.04
CA VAL I 170 67.42 -9.79 -21.62
C VAL I 170 66.53 -8.59 -21.35
N LEU I 171 65.75 -8.68 -20.27
CA LEU I 171 64.97 -7.55 -19.81
C LEU I 171 65.89 -6.53 -19.13
N GLN I 172 65.36 -5.32 -18.94
CA GLN I 172 66.03 -4.28 -18.19
C GLN I 172 65.02 -3.62 -17.27
N SER I 173 65.50 -2.72 -16.43
CA SER I 173 64.61 -2.02 -15.50
C SER I 173 63.59 -1.18 -16.24
N SER I 174 64.03 -0.51 -17.32
CA SER I 174 63.13 0.31 -18.13
C SER I 174 62.17 -0.52 -18.97
N GLY I 175 62.36 -1.84 -19.03
CA GLY I 175 61.55 -2.66 -19.90
C GLY I 175 62.08 -2.82 -21.30
N LEU I 176 63.35 -2.52 -21.53
CA LEU I 176 63.96 -2.59 -22.85
C LEU I 176 64.93 -3.77 -22.92
N TYR I 177 65.35 -4.07 -24.14
CA TYR I 177 66.16 -5.25 -24.42
C TYR I 177 67.58 -4.85 -24.76
N SER I 178 68.55 -5.61 -24.26
CA SER I 178 69.94 -5.42 -24.63
C SER I 178 70.57 -6.79 -24.88
N LEU I 179 71.45 -6.84 -25.88
CA LEU I 179 72.17 -8.07 -26.15
C LEU I 179 73.46 -7.73 -26.87
N SER I 180 74.31 -8.74 -27.03
CA SER I 180 75.58 -8.60 -27.73
C SER I 180 75.75 -9.77 -28.68
N SER I 181 76.39 -9.52 -29.80
CA SER I 181 76.75 -10.56 -30.76
C SER I 181 78.25 -10.50 -31.00
N VAL I 182 78.92 -11.65 -30.90
CA VAL I 182 80.38 -11.69 -30.95
C VAL I 182 80.85 -12.77 -31.93
N VAL I 183 82.06 -12.56 -32.45
CA VAL I 183 82.72 -13.49 -33.35
C VAL I 183 84.21 -13.42 -33.07
N THR I 184 84.91 -14.49 -33.43
CA THR I 184 86.35 -14.60 -33.20
C THR I 184 87.08 -14.64 -34.54
N VAL I 185 88.13 -13.85 -34.63
CA VAL I 185 88.95 -13.81 -35.88
C VAL I 185 90.43 -13.82 -35.47
N PRO I 186 91.35 -14.36 -36.30
CA PRO I 186 92.78 -14.30 -36.01
C PRO I 186 93.34 -12.89 -36.20
N SER I 187 94.51 -12.61 -35.62
CA SER I 187 95.16 -11.28 -35.79
C SER I 187 95.48 -11.06 -37.27
N SER I 188 95.82 -12.13 -37.98
CA SER I 188 96.10 -12.02 -39.44
C SER I 188 94.85 -11.48 -40.14
N SER I 189 93.66 -11.95 -39.75
CA SER I 189 92.39 -11.49 -40.36
C SER I 189 92.17 -10.00 -40.08
N LEU I 190 92.66 -9.50 -38.94
CA LEU I 190 92.36 -8.09 -38.57
C LEU I 190 92.82 -7.14 -39.68
N GLY I 191 91.99 -6.18 -40.06
CA GLY I 191 92.38 -5.19 -41.08
C GLY I 191 92.34 -5.74 -42.50
N THR I 192 92.99 -6.88 -42.75
CA THR I 192 93.07 -7.45 -44.12
C THR I 192 91.65 -7.73 -44.62
N GLN I 193 90.78 -8.24 -43.75
CA GLN I 193 89.37 -8.45 -44.14
C GLN I 193 88.51 -7.44 -43.38
N THR I 194 87.62 -6.73 -44.08
CA THR I 194 86.71 -5.78 -43.41
C THR I 194 85.64 -6.56 -42.62
N TYR I 195 85.36 -6.15 -41.39
CA TYR I 195 84.24 -6.77 -40.65
C TYR I 195 83.19 -5.68 -40.40
N ILE I 196 81.96 -5.89 -40.89
CA ILE I 196 80.90 -4.85 -40.76
C ILE I 196 79.68 -5.51 -40.14
N CYS I 197 79.26 -5.04 -38.96
CA CYS I 197 78.16 -5.72 -38.28
C CYS I 197 76.85 -5.04 -38.62
N ASN I 198 75.86 -5.84 -39.02
CA ASN I 198 74.56 -5.35 -39.43
C ASN I 198 73.51 -5.85 -38.47
N VAL I 199 72.52 -5.00 -38.18
CA VAL I 199 71.37 -5.37 -37.38
C VAL I 199 70.11 -4.94 -38.11
N ASN I 200 69.10 -5.80 -38.08
CA ASN I 200 67.82 -5.57 -38.73
C ASN I 200 66.71 -5.80 -37.72
N HIS I 201 65.77 -4.86 -37.64
CA HIS I 201 64.63 -4.95 -36.74
C HIS I 201 63.37 -4.69 -37.57
N LYS I 202 62.74 -5.78 -38.02
CA LYS I 202 61.57 -5.67 -38.88
C LYS I 202 60.38 -4.98 -38.22
N PRO I 203 60.01 -5.28 -36.96
CA PRO I 203 58.84 -4.59 -36.39
C PRO I 203 58.95 -3.08 -36.40
N SER I 204 60.14 -2.53 -36.16
CA SER I 204 60.38 -1.11 -36.36
C SER I 204 61.03 -0.80 -37.71
N ASN I 205 61.44 -1.83 -38.45
CA ASN I 205 62.03 -1.68 -39.79
C ASN I 205 63.24 -0.75 -39.76
N THR I 206 64.20 -1.08 -38.90
CA THR I 206 65.42 -0.30 -38.77
C THR I 206 66.63 -1.19 -39.05
N LYS I 207 67.50 -0.73 -39.93
CA LYS I 207 68.74 -1.42 -40.27
C LYS I 207 69.92 -0.53 -39.93
N VAL I 208 70.85 -1.06 -39.14
CA VAL I 208 72.03 -0.31 -38.71
C VAL I 208 73.28 -1.10 -39.04
N ASP I 209 74.25 -0.44 -39.68
CA ASP I 209 75.52 -1.06 -40.03
C ASP I 209 76.65 -0.30 -39.37
N LYS I 210 77.60 -1.05 -38.79
CA LYS I 210 78.76 -0.46 -38.13
C LYS I 210 80.03 -1.07 -38.68
N LYS I 211 80.99 -0.21 -39.04
CA LYS I 211 82.31 -0.66 -39.43
C LYS I 211 83.17 -0.90 -38.20
N VAL I 212 84.06 -1.88 -38.28
CA VAL I 212 84.96 -2.24 -37.19
C VAL I 212 86.35 -1.75 -37.54
N GLU I 213 86.93 -0.92 -36.68
CA GLU I 213 88.28 -0.43 -36.85
C GLU I 213 89.11 -0.78 -35.62
N PRO I 214 90.26 -1.42 -35.79
CA PRO I 214 91.09 -1.76 -34.63
C PRO I 214 91.57 -0.51 -33.91
N LYS I 215 91.69 -0.62 -32.60
CA LYS I 215 92.13 0.50 -31.77
C LYS I 215 93.60 0.84 -32.04
N ASP J 1 -28.96 -10.69 -55.21
CA ASP J 1 -28.28 -11.11 -56.42
C ASP J 1 -28.15 -9.95 -57.40
N ILE J 2 -27.94 -10.29 -58.67
CA ILE J 2 -27.85 -9.33 -59.76
C ILE J 2 -29.07 -9.54 -60.66
N GLN J 3 -29.85 -8.49 -60.86
CA GLN J 3 -30.99 -8.52 -61.76
C GLN J 3 -30.61 -7.81 -63.06
N MET J 4 -30.67 -8.52 -64.17
CA MET J 4 -30.15 -8.02 -65.43
C MET J 4 -31.23 -8.15 -66.49
N THR J 5 -31.66 -7.01 -67.03
CA THR J 5 -32.82 -6.91 -67.91
C THR J 5 -32.36 -6.81 -69.35
N GLN J 6 -32.81 -7.76 -70.18
CA GLN J 6 -32.49 -7.76 -71.61
C GLN J 6 -33.63 -7.02 -72.31
N SER J 7 -33.43 -5.72 -72.51
CA SER J 7 -34.50 -4.88 -73.04
C SER J 7 -34.98 -5.30 -74.43
N PRO J 8 -34.12 -5.58 -75.41
CA PRO J 8 -34.63 -6.05 -76.71
C PRO J 8 -35.28 -7.42 -76.58
N SER J 9 -36.16 -7.71 -77.53
CA SER J 9 -36.98 -8.92 -77.51
C SER J 9 -37.00 -9.48 -78.92
N THR J 10 -37.97 -10.36 -79.19
CA THR J 10 -38.13 -10.96 -80.51
C THR J 10 -38.08 -9.88 -81.60
N LEU J 11 -37.08 -9.96 -82.47
CA LEU J 11 -36.81 -8.93 -83.46
C LEU J 11 -36.77 -9.52 -84.86
N SER J 12 -37.28 -8.76 -85.82
CA SER J 12 -37.32 -9.19 -87.22
C SER J 12 -36.49 -8.23 -88.06
N ALA J 13 -35.62 -8.78 -88.90
CA ALA J 13 -34.82 -7.98 -89.80
C ALA J 13 -34.40 -8.86 -90.99
N SER J 14 -34.10 -8.17 -92.09
CA SER J 14 -33.69 -8.89 -93.32
C SER J 14 -32.24 -9.38 -93.18
N VAL J 15 -31.83 -10.27 -94.07
CA VAL J 15 -30.49 -10.83 -94.05
C VAL J 15 -29.49 -9.79 -94.51
N GLY J 16 -28.44 -9.58 -93.73
CA GLY J 16 -27.40 -8.64 -94.08
C GLY J 16 -27.67 -7.22 -93.61
N ASP J 17 -28.13 -7.07 -92.37
CA ASP J 17 -28.45 -5.77 -91.81
C ASP J 17 -27.86 -5.64 -90.42
N ARG J 18 -27.62 -4.39 -90.02
CA ARG J 18 -27.12 -4.12 -88.68
C ARG J 18 -28.18 -4.47 -87.64
N VAL J 19 -27.76 -5.16 -86.58
CA VAL J 19 -28.64 -5.46 -85.45
C VAL J 19 -27.88 -5.18 -84.16
N THR J 20 -28.55 -4.54 -83.22
CA THR J 20 -27.96 -4.20 -81.93
C THR J 20 -28.91 -4.61 -80.81
N ILE J 21 -28.38 -5.29 -79.80
CA ILE J 21 -29.15 -5.67 -78.63
C ILE J 21 -28.43 -5.18 -77.39
N THR J 22 -29.20 -4.85 -76.37
CA THR J 22 -28.69 -4.29 -75.12
C THR J 22 -29.05 -5.21 -73.96
N CYS J 23 -28.25 -5.16 -72.90
CA CYS J 23 -28.52 -6.01 -71.73
C CYS J 23 -28.17 -5.18 -70.50
N ARG J 24 -29.16 -4.46 -69.99
CA ARG J 24 -28.96 -3.52 -68.90
C ARG J 24 -28.76 -4.27 -67.58
N ALA J 25 -27.96 -3.69 -66.69
CA ALA J 25 -27.66 -4.29 -65.40
C ALA J 25 -28.30 -3.50 -64.27
N SER J 26 -28.58 -4.20 -63.17
CA SER J 26 -29.12 -3.53 -61.98
C SER J 26 -28.12 -2.52 -61.43
N GLN J 27 -26.86 -2.92 -61.30
CA GLN J 27 -25.79 -2.03 -60.88
C GLN J 27 -24.55 -2.33 -61.71
N SER J 28 -23.64 -1.36 -61.76
CA SER J 28 -22.50 -1.45 -62.65
C SER J 28 -21.62 -2.64 -62.30
N ILE J 29 -21.20 -3.37 -63.33
CA ILE J 29 -20.26 -4.46 -63.20
C ILE J 29 -19.13 -4.24 -64.20
N SER J 30 -17.89 -4.43 -63.74
CA SER J 30 -16.73 -4.02 -64.52
C SER J 30 -16.47 -4.96 -65.69
N SER J 31 -17.35 -4.93 -66.69
CA SER J 31 -17.17 -5.66 -67.94
C SER J 31 -17.03 -7.17 -67.71
N TRP J 32 -17.73 -7.67 -66.69
CA TRP J 32 -17.78 -9.11 -66.43
C TRP J 32 -19.02 -9.71 -67.09
N LEU J 33 -18.90 -9.90 -68.40
CA LEU J 33 -20.02 -10.27 -69.25
C LEU J 33 -19.71 -11.50 -70.10
N ALA J 34 -20.74 -12.28 -70.37
CA ALA J 34 -20.67 -13.41 -71.30
C ALA J 34 -21.93 -13.44 -72.15
N TRP J 35 -21.74 -13.66 -73.46
CA TRP J 35 -22.83 -13.83 -74.40
C TRP J 35 -22.86 -15.28 -74.85
N TYR J 36 -24.05 -15.88 -74.84
CA TYR J 36 -24.21 -17.29 -75.15
C TYR J 36 -25.15 -17.47 -76.33
N GLN J 37 -24.83 -18.41 -77.20
CA GLN J 37 -25.63 -18.73 -78.37
C GLN J 37 -26.49 -19.96 -78.07
N GLN J 38 -27.77 -19.89 -78.47
CA GLN J 38 -28.69 -20.99 -78.23
C GLN J 38 -29.54 -21.23 -79.47
N LYS J 39 -29.72 -22.49 -79.81
CA LYS J 39 -30.57 -22.90 -80.91
C LYS J 39 -31.57 -23.95 -80.42
N PRO J 40 -32.76 -24.01 -81.03
CA PRO J 40 -33.75 -24.99 -80.59
C PRO J 40 -33.28 -26.42 -80.87
N GLY J 41 -33.38 -27.26 -79.85
CA GLY J 41 -32.88 -28.62 -79.95
C GLY J 41 -31.39 -28.78 -79.80
N LYS J 42 -30.66 -27.70 -79.52
CA LYS J 42 -29.22 -27.73 -79.37
C LYS J 42 -28.81 -27.17 -78.02
N ALA J 43 -27.72 -27.69 -77.48
CA ALA J 43 -27.21 -27.20 -76.22
C ALA J 43 -26.67 -25.77 -76.38
N PRO J 44 -26.66 -24.99 -75.30
CA PRO J 44 -26.10 -23.63 -75.39
C PRO J 44 -24.63 -23.67 -75.78
N LYS J 45 -24.22 -22.69 -76.59
CA LYS J 45 -22.85 -22.60 -77.08
C LYS J 45 -22.26 -21.27 -76.62
N LEU J 46 -21.05 -21.34 -76.06
CA LEU J 46 -20.36 -20.13 -75.64
C LEU J 46 -20.01 -19.29 -76.87
N LEU J 47 -20.35 -18.00 -76.81
CA LEU J 47 -20.16 -17.10 -77.94
C LEU J 47 -19.12 -16.03 -77.65
N ILE J 48 -19.29 -15.28 -76.56
CA ILE J 48 -18.42 -14.14 -76.25
C ILE J 48 -18.12 -14.16 -74.76
N TYR J 49 -16.86 -13.91 -74.41
CA TYR J 49 -16.44 -13.82 -73.02
C TYR J 49 -15.78 -12.47 -72.77
N LYS J 50 -15.86 -12.01 -71.52
CA LYS J 50 -15.22 -10.78 -71.07
C LYS J 50 -15.66 -9.58 -71.91
N ALA J 51 -16.98 -9.33 -71.89
CA ALA J 51 -17.58 -8.19 -72.55
C ALA J 51 -17.24 -8.14 -74.04
N SER J 52 -16.25 -7.33 -74.40
CA SER J 52 -15.86 -7.15 -75.80
C SER J 52 -14.62 -7.98 -76.09
N SER J 53 -14.82 -9.28 -76.26
CA SER J 53 -13.74 -10.18 -76.64
C SER J 53 -14.32 -11.37 -77.39
N LEU J 54 -13.85 -11.57 -78.61
CA LEU J 54 -14.38 -12.61 -79.50
C LEU J 54 -13.71 -13.95 -79.19
N GLU J 55 -14.50 -15.01 -79.17
CA GLU J 55 -13.96 -16.34 -78.97
C GLU J 55 -13.56 -16.97 -80.30
N SER J 56 -12.63 -17.92 -80.24
CA SER J 56 -12.18 -18.62 -81.43
C SER J 56 -13.31 -19.43 -82.04
N GLY J 57 -13.36 -19.45 -83.37
CA GLY J 57 -14.39 -20.18 -84.07
C GLY J 57 -15.72 -19.47 -84.19
N VAL J 58 -15.73 -18.15 -84.11
CA VAL J 58 -16.96 -17.36 -84.18
C VAL J 58 -16.82 -16.33 -85.29
N PRO J 59 -17.85 -16.12 -86.11
CA PRO J 59 -17.75 -15.11 -87.17
C PRO J 59 -17.50 -13.72 -86.61
N SER J 60 -16.74 -12.93 -87.38
CA SER J 60 -16.32 -11.61 -86.95
C SER J 60 -17.45 -10.59 -86.91
N ARG J 61 -18.64 -10.92 -87.45
CA ARG J 61 -19.75 -9.98 -87.43
C ARG J 61 -20.19 -9.65 -86.01
N PHE J 62 -20.11 -10.61 -85.10
CA PHE J 62 -20.44 -10.35 -83.70
C PHE J 62 -19.39 -9.45 -83.06
N SER J 63 -19.86 -8.48 -82.28
CA SER J 63 -18.96 -7.61 -81.55
C SER J 63 -19.65 -7.14 -80.28
N GLY J 64 -18.86 -6.89 -79.24
CA GLY J 64 -19.37 -6.47 -77.95
C GLY J 64 -18.92 -5.06 -77.60
N SER J 65 -19.70 -4.41 -76.75
CA SER J 65 -19.34 -3.07 -76.29
C SER J 65 -20.08 -2.80 -74.98
N GLY J 66 -19.70 -1.71 -74.33
CA GLY J 66 -20.38 -1.29 -73.12
C GLY J 66 -19.52 -1.48 -71.88
N SER J 67 -19.54 -0.48 -71.01
CA SER J 67 -18.78 -0.51 -69.76
C SER J 67 -19.71 -0.21 -68.60
N GLY J 68 -19.64 -1.03 -67.56
CA GLY J 68 -20.45 -0.83 -66.38
C GLY J 68 -21.86 -1.38 -66.49
N THR J 69 -22.71 -0.70 -67.26
CA THR J 69 -24.12 -1.07 -67.33
C THR J 69 -24.70 -1.11 -68.74
N GLU J 70 -24.05 -0.50 -69.73
CA GLU J 70 -24.61 -0.33 -71.07
C GLU J 70 -24.15 -1.41 -72.04
N PHE J 71 -24.01 -2.64 -71.56
CA PHE J 71 -23.48 -3.72 -72.39
C PHE J 71 -24.38 -4.00 -73.59
N THR J 72 -23.76 -4.14 -74.74
CA THR J 72 -24.45 -4.29 -76.02
C THR J 72 -23.71 -5.25 -76.91
N LEU J 73 -24.48 -6.01 -77.69
CA LEU J 73 -23.96 -6.91 -78.71
C LEU J 73 -24.46 -6.45 -80.06
N THR J 74 -23.54 -6.25 -81.01
CA THR J 74 -23.86 -5.72 -82.33
C THR J 74 -23.36 -6.67 -83.40
N ILE J 75 -24.21 -6.97 -84.38
CA ILE J 75 -23.86 -7.78 -85.52
C ILE J 75 -24.04 -6.91 -86.77
N THR J 76 -22.97 -6.75 -87.53
CA THR J 76 -22.99 -5.84 -88.67
C THR J 76 -23.85 -6.39 -89.81
N SER J 77 -23.66 -7.66 -90.15
CA SER J 77 -24.38 -8.29 -91.25
C SER J 77 -25.16 -9.48 -90.71
N LEU J 78 -26.47 -9.47 -90.91
CA LEU J 78 -27.31 -10.58 -90.48
C LEU J 78 -27.23 -11.73 -91.48
N GLN J 79 -27.34 -12.94 -90.95
CA GLN J 79 -27.26 -14.15 -91.77
C GLN J 79 -28.44 -15.06 -91.48
N PRO J 80 -28.84 -15.89 -92.43
CA PRO J 80 -29.92 -16.86 -92.16
C PRO J 80 -29.60 -17.81 -91.03
N ASP J 81 -28.33 -18.18 -90.86
CA ASP J 81 -27.93 -19.04 -89.75
C ASP J 81 -27.81 -18.28 -88.44
N ASP J 82 -27.94 -16.96 -88.46
CA ASP J 82 -27.88 -16.16 -87.25
C ASP J 82 -29.23 -16.07 -86.54
N PHE J 83 -30.30 -16.58 -87.14
CA PHE J 83 -31.61 -16.56 -86.51
C PHE J 83 -31.66 -17.57 -85.37
N ALA J 84 -31.37 -17.11 -84.15
CA ALA J 84 -31.35 -17.98 -82.99
C ALA J 84 -31.50 -17.11 -81.74
N THR J 85 -31.23 -17.68 -80.57
CA THR J 85 -31.44 -17.02 -79.29
C THR J 85 -30.09 -16.62 -78.69
N TYR J 86 -30.07 -15.47 -78.03
CA TYR J 86 -28.90 -14.98 -77.32
C TYR J 86 -29.21 -14.91 -75.83
N TYR J 87 -28.23 -15.32 -75.01
CA TYR J 87 -28.37 -15.29 -73.56
C TYR J 87 -27.29 -14.41 -72.95
N CYS J 88 -27.69 -13.61 -71.96
CA CYS J 88 -26.75 -12.82 -71.20
C CYS J 88 -26.20 -13.63 -70.03
N GLN J 89 -25.04 -13.22 -69.53
CA GLN J 89 -24.51 -13.80 -68.31
C GLN J 89 -23.56 -12.79 -67.67
N GLN J 90 -23.56 -12.77 -66.35
CA GLN J 90 -22.64 -11.94 -65.56
C GLN J 90 -21.98 -12.81 -64.49
N TYR J 91 -20.74 -12.47 -64.15
CA TYR J 91 -20.01 -13.20 -63.13
C TYR J 91 -19.24 -12.25 -62.22
N ASP J 92 -19.87 -11.14 -61.84
CA ASP J 92 -19.25 -10.23 -60.88
C ASP J 92 -19.33 -10.81 -59.47
N SER J 93 -20.55 -10.99 -58.96
CA SER J 93 -20.74 -11.71 -57.71
C SER J 93 -20.85 -13.20 -57.99
N PHE J 94 -20.89 -13.99 -56.91
CA PHE J 94 -20.90 -15.43 -57.10
C PHE J 94 -22.25 -15.94 -57.57
N SER J 95 -23.34 -15.24 -57.25
CA SER J 95 -24.65 -15.65 -57.73
C SER J 95 -24.76 -15.33 -59.21
N TRP J 96 -24.43 -16.30 -60.05
CA TRP J 96 -24.34 -16.10 -61.49
C TRP J 96 -25.73 -16.22 -62.10
N THR J 97 -26.30 -15.08 -62.51
CA THR J 97 -27.65 -15.01 -63.04
C THR J 97 -27.60 -14.68 -64.53
N PHE J 98 -28.38 -15.42 -65.32
CA PHE J 98 -28.41 -15.22 -66.76
C PHE J 98 -29.32 -14.04 -67.10
N GLY J 99 -29.63 -13.88 -68.39
CA GLY J 99 -30.51 -12.85 -68.84
C GLY J 99 -31.84 -13.41 -69.36
N GLN J 100 -32.77 -12.50 -69.61
CA GLN J 100 -34.09 -12.91 -70.09
C GLN J 100 -34.01 -13.54 -71.47
N GLY J 101 -33.16 -13.02 -72.35
CA GLY J 101 -32.98 -13.56 -73.67
C GLY J 101 -33.70 -12.72 -74.73
N THR J 102 -33.26 -12.91 -75.97
CA THR J 102 -33.86 -12.24 -77.11
C THR J 102 -34.01 -13.25 -78.24
N LYS J 103 -35.02 -13.03 -79.08
CA LYS J 103 -35.34 -13.92 -80.19
C LYS J 103 -35.07 -13.21 -81.52
N LEU J 104 -34.57 -13.96 -82.49
CA LEU J 104 -34.26 -13.42 -83.81
C LEU J 104 -34.90 -14.27 -84.88
N GLU J 105 -35.36 -13.63 -85.95
CA GLU J 105 -35.98 -14.33 -87.08
C GLU J 105 -35.93 -13.46 -88.34
N GLU K 1 -10.09 -35.01 -78.07
CA GLU K 1 -11.21 -34.08 -78.04
C GLU K 1 -11.81 -33.99 -76.64
N VAL K 2 -11.69 -32.81 -76.03
CA VAL K 2 -12.27 -32.61 -74.70
C VAL K 2 -13.79 -32.66 -74.80
N GLN K 3 -14.42 -33.38 -73.89
CA GLN K 3 -15.87 -33.54 -73.93
C GLN K 3 -16.40 -33.89 -72.55
N LEU K 4 -17.62 -33.40 -72.29
CA LEU K 4 -18.38 -33.76 -71.10
C LEU K 4 -19.57 -34.60 -71.57
N VAL K 5 -19.57 -35.87 -71.22
CA VAL K 5 -20.52 -36.85 -71.75
C VAL K 5 -21.41 -37.37 -70.62
N GLN K 6 -22.69 -37.51 -70.90
CA GLN K 6 -23.65 -37.99 -69.92
C GLN K 6 -24.31 -39.27 -70.44
N SER K 7 -24.98 -39.97 -69.53
CA SER K 7 -25.64 -41.22 -69.87
C SER K 7 -26.98 -40.91 -70.53
N GLY K 8 -27.83 -41.94 -70.68
CA GLY K 8 -29.12 -41.75 -71.30
C GLY K 8 -30.14 -41.13 -70.36
N ALA K 9 -31.28 -40.76 -70.96
CA ALA K 9 -32.37 -40.19 -70.19
C ALA K 9 -33.04 -41.25 -69.32
N GLU K 10 -33.74 -40.80 -68.28
CA GLU K 10 -34.37 -41.71 -67.35
C GLU K 10 -35.61 -41.05 -66.76
N VAL K 11 -36.62 -41.88 -66.45
CA VAL K 11 -37.84 -41.45 -65.81
C VAL K 11 -38.19 -42.47 -64.72
N LYS K 12 -38.62 -41.97 -63.56
CA LYS K 12 -38.90 -42.84 -62.43
C LYS K 12 -39.95 -42.20 -61.54
N LYS K 13 -40.48 -43.01 -60.64
CA LYS K 13 -41.55 -42.58 -59.75
C LYS K 13 -41.02 -41.61 -58.70
N PRO K 14 -41.89 -40.77 -58.14
CA PRO K 14 -41.47 -39.90 -57.03
C PRO K 14 -41.06 -40.73 -55.82
N GLY K 15 -40.18 -40.15 -55.01
CA GLY K 15 -39.62 -40.87 -53.88
C GLY K 15 -38.48 -41.79 -54.21
N GLU K 16 -38.02 -41.79 -55.46
CA GLU K 16 -36.89 -42.60 -55.88
C GLU K 16 -35.69 -41.71 -56.17
N SER K 17 -34.50 -42.20 -55.82
CA SER K 17 -33.28 -41.42 -56.02
C SER K 17 -32.98 -41.25 -57.50
N LEU K 18 -32.52 -40.05 -57.86
CA LEU K 18 -32.15 -39.72 -59.23
C LEU K 18 -30.72 -39.21 -59.25
N LYS K 19 -29.87 -39.87 -60.03
CA LYS K 19 -28.46 -39.51 -60.15
C LYS K 19 -28.13 -39.28 -61.63
N ILE K 20 -27.39 -38.21 -61.90
CA ILE K 20 -26.92 -37.91 -63.25
C ILE K 20 -25.41 -37.74 -63.19
N SER K 21 -24.70 -38.42 -64.08
CA SER K 21 -23.25 -38.42 -64.12
C SER K 21 -22.75 -37.71 -65.37
N CYS K 22 -21.86 -36.75 -65.18
CA CYS K 22 -21.20 -36.05 -66.28
C CYS K 22 -19.73 -36.41 -66.24
N LYS K 23 -19.21 -36.89 -67.36
CA LYS K 23 -17.87 -37.46 -67.41
C LYS K 23 -17.00 -36.49 -68.19
N GLY K 24 -15.83 -36.16 -67.64
CA GLY K 24 -14.90 -35.25 -68.29
C GLY K 24 -13.78 -36.03 -68.95
N SER K 25 -13.55 -35.74 -70.23
CA SER K 25 -12.52 -36.44 -70.99
C SER K 25 -11.84 -35.48 -71.95
N GLY K 26 -10.74 -35.94 -72.54
CA GLY K 26 -10.04 -35.22 -73.58
C GLY K 26 -8.90 -34.35 -73.09
N TYR K 27 -8.84 -34.03 -71.80
CA TYR K 27 -7.78 -33.21 -71.25
C TYR K 27 -7.33 -33.79 -69.93
N SER K 28 -6.07 -33.53 -69.59
CA SER K 28 -5.49 -34.00 -68.34
C SER K 28 -5.76 -32.97 -67.25
N PHE K 29 -5.11 -33.15 -66.09
CA PHE K 29 -5.27 -32.24 -64.95
C PHE K 29 -6.74 -32.08 -64.57
N THR K 30 -7.49 -33.17 -64.68
CA THR K 30 -8.89 -33.14 -64.28
C THR K 30 -8.99 -33.02 -62.76
N SER K 31 -10.20 -32.72 -62.30
CA SER K 31 -10.54 -32.46 -60.90
C SER K 31 -9.96 -31.15 -60.39
N TYR K 32 -9.15 -30.44 -61.19
CA TYR K 32 -8.65 -29.13 -60.82
C TYR K 32 -9.53 -28.00 -61.35
N TYR K 33 -10.59 -28.32 -62.05
CA TYR K 33 -11.56 -27.34 -62.51
C TYR K 33 -12.77 -27.35 -61.58
N TRP K 34 -13.76 -26.53 -61.91
CA TRP K 34 -15.01 -26.48 -61.17
C TRP K 34 -16.13 -27.00 -62.06
N ILE K 35 -16.83 -28.04 -61.59
CA ILE K 35 -17.85 -28.71 -62.38
C ILE K 35 -19.19 -28.52 -61.71
N GLY K 36 -20.24 -28.32 -62.52
CA GLY K 36 -21.55 -28.08 -61.94
C GLY K 36 -22.67 -28.33 -62.92
N TRP K 37 -23.87 -27.94 -62.51
CA TRP K 37 -25.08 -28.15 -63.29
C TRP K 37 -25.84 -26.83 -63.44
N VAL K 38 -26.55 -26.70 -64.56
CA VAL K 38 -27.36 -25.54 -64.85
C VAL K 38 -28.77 -26.01 -65.22
N ARG K 39 -29.77 -25.35 -64.65
CA ARG K 39 -31.16 -25.69 -64.96
C ARG K 39 -31.54 -25.11 -66.32
N GLN K 40 -32.13 -25.95 -67.16
CA GLN K 40 -32.45 -25.58 -68.54
C GLN K 40 -33.94 -25.24 -68.59
N MET K 41 -34.26 -23.98 -68.30
CA MET K 41 -35.63 -23.47 -68.34
C MET K 41 -35.64 -22.19 -69.17
N PRO K 42 -35.62 -22.31 -70.50
CA PRO K 42 -35.58 -21.12 -71.35
C PRO K 42 -36.90 -20.36 -71.36
N GLY K 43 -38.00 -21.06 -71.15
CA GLY K 43 -39.32 -20.45 -71.15
C GLY K 43 -39.95 -20.35 -69.78
N LEU K 46 -31.39 -21.44 -67.97
CA LEU K 46 -31.32 -20.03 -67.60
C LEU K 46 -31.23 -19.86 -66.09
N GLU K 47 -31.14 -20.97 -65.37
CA GLU K 47 -31.02 -20.96 -63.92
C GLU K 47 -29.81 -21.79 -63.52
N TRP K 48 -28.93 -21.20 -62.72
CA TRP K 48 -27.68 -21.83 -62.31
C TRP K 48 -27.77 -22.30 -60.87
N MET K 49 -27.37 -23.55 -60.64
CA MET K 49 -27.26 -24.11 -59.30
C MET K 49 -25.79 -24.29 -58.95
N GLY K 50 -25.54 -24.88 -57.79
CA GLY K 50 -24.21 -24.85 -57.18
C GLY K 50 -23.16 -25.56 -58.01
N ILE K 51 -21.90 -25.29 -57.66
CA ILE K 51 -20.74 -25.81 -58.34
C ILE K 51 -19.90 -26.56 -57.31
N VAL K 52 -19.12 -27.54 -57.78
CA VAL K 52 -18.28 -28.35 -56.90
C VAL K 52 -16.86 -28.40 -57.45
N TYR K 53 -15.89 -28.39 -56.53
CA TYR K 53 -14.47 -28.55 -56.86
C TYR K 53 -14.05 -29.96 -56.49
N PRO K 54 -13.78 -30.83 -57.47
CA PRO K 54 -13.60 -32.26 -57.16
C PRO K 54 -12.43 -32.56 -56.24
N ASP K 55 -11.33 -31.80 -56.34
CA ASP K 55 -10.12 -32.19 -55.63
C ASP K 55 -10.28 -32.08 -54.11
N ASP K 56 -10.90 -31.01 -53.63
CA ASP K 56 -11.13 -30.82 -52.21
C ASP K 56 -12.58 -31.00 -51.81
N SER K 57 -13.46 -31.38 -52.75
CA SER K 57 -14.88 -31.60 -52.47
C SER K 57 -15.52 -30.37 -51.85
N ASP K 58 -15.20 -29.19 -52.37
CA ASP K 58 -15.80 -27.95 -51.92
C ASP K 58 -16.97 -27.59 -52.82
N THR K 59 -18.07 -27.17 -52.21
CA THR K 59 -19.31 -26.91 -52.94
C THR K 59 -19.84 -25.52 -52.60
N ARG K 60 -20.37 -24.84 -53.61
CA ARG K 60 -21.22 -23.69 -53.43
C ARG K 60 -22.64 -24.04 -53.85
N TYR K 61 -23.58 -23.14 -53.55
CA TYR K 61 -25.01 -23.44 -53.86
C TYR K 61 -25.80 -22.14 -54.08
N SER K 62 -26.57 -22.08 -55.16
CA SER K 62 -27.42 -20.94 -55.43
C SER K 62 -28.44 -20.77 -54.31
N PRO K 63 -28.93 -19.56 -54.08
CA PRO K 63 -29.90 -19.35 -53.00
C PRO K 63 -31.27 -19.94 -53.30
N SER K 64 -31.78 -19.69 -54.51
CA SER K 64 -33.13 -20.14 -54.85
C SER K 64 -33.18 -21.65 -55.05
N PHE K 65 -32.24 -22.19 -55.81
CA PHE K 65 -32.22 -23.61 -56.14
C PHE K 65 -31.17 -24.32 -55.30
N GLN K 66 -31.46 -25.56 -54.93
CA GLN K 66 -30.54 -26.34 -54.10
C GLN K 66 -30.84 -27.82 -54.34
N GLY K 67 -29.94 -28.50 -55.04
CA GLY K 67 -30.07 -29.93 -55.25
C GLY K 67 -29.62 -30.79 -54.08
N GLN K 68 -29.00 -30.18 -53.07
CA GLN K 68 -28.53 -30.89 -51.87
C GLN K 68 -27.62 -32.05 -52.25
N VAL K 69 -26.59 -31.75 -53.02
CA VAL K 69 -25.71 -32.76 -53.60
C VAL K 69 -24.28 -32.53 -53.10
N THR K 70 -23.69 -33.57 -52.51
CA THR K 70 -22.28 -33.56 -52.14
C THR K 70 -21.53 -34.34 -53.21
N ILE K 71 -21.23 -33.64 -54.31
CA ILE K 71 -20.61 -34.29 -55.46
C ILE K 71 -19.14 -34.57 -55.16
N SER K 72 -18.72 -35.81 -55.39
CA SER K 72 -17.34 -36.23 -55.21
C SER K 72 -16.87 -37.00 -56.43
N ALA K 73 -15.58 -36.90 -56.72
CA ALA K 73 -14.99 -37.54 -57.89
C ALA K 73 -13.86 -38.45 -57.45
N ASP K 74 -13.90 -39.70 -57.93
CA ASP K 74 -12.82 -40.64 -57.66
C ASP K 74 -11.57 -40.24 -58.44
N LYS K 75 -10.40 -40.55 -57.87
CA LYS K 75 -9.14 -40.11 -58.46
C LYS K 75 -8.92 -40.72 -59.83
N SER K 76 -9.19 -42.02 -59.98
CA SER K 76 -8.86 -42.71 -61.23
C SER K 76 -9.91 -42.44 -62.30
N ILE K 77 -11.18 -42.74 -62.01
CA ILE K 77 -12.22 -42.63 -63.02
C ILE K 77 -12.81 -41.23 -63.15
N SER K 78 -12.45 -40.31 -62.26
CA SER K 78 -12.83 -38.90 -62.36
C SER K 78 -14.35 -38.75 -62.50
N THR K 79 -15.07 -39.37 -61.57
CA THR K 79 -16.52 -39.51 -61.64
C THR K 79 -17.18 -38.40 -60.83
N ALA K 80 -17.52 -37.31 -61.49
CA ALA K 80 -18.22 -36.19 -60.85
C ALA K 80 -19.74 -36.35 -60.97
N TYR K 81 -20.25 -37.50 -60.52
CA TYR K 81 -21.67 -37.78 -60.60
C TYR K 81 -22.45 -36.98 -59.56
N LEU K 82 -23.66 -36.58 -59.92
CA LEU K 82 -24.55 -35.93 -58.98
C LEU K 82 -24.87 -36.86 -57.82
N GLN K 83 -24.75 -36.34 -56.59
CA GLN K 83 -25.05 -37.11 -55.39
C GLN K 83 -26.40 -36.65 -54.84
N TRP K 84 -27.46 -37.20 -55.41
CA TRP K 84 -28.84 -36.78 -55.12
C TRP K 84 -29.68 -38.02 -54.81
N SER K 85 -29.88 -38.30 -53.53
CA SER K 85 -30.58 -39.51 -53.10
C SER K 85 -32.06 -39.30 -52.84
N SER K 86 -32.58 -38.09 -53.03
CA SER K 86 -33.98 -37.82 -52.80
C SER K 86 -34.44 -36.69 -53.71
N LEU K 87 -35.74 -36.65 -53.96
CA LEU K 87 -36.31 -35.60 -54.80
C LEU K 87 -37.79 -35.43 -54.48
N LYS K 88 -38.34 -34.31 -54.94
CA LYS K 88 -39.76 -34.03 -54.86
C LYS K 88 -40.30 -33.88 -56.27
N ALA K 89 -41.41 -34.57 -56.56
CA ALA K 89 -41.94 -34.61 -57.92
C ALA K 89 -42.48 -33.27 -58.40
N SER K 90 -42.64 -32.29 -57.52
CA SER K 90 -43.20 -31.01 -57.93
C SER K 90 -42.30 -30.30 -58.95
N ASP K 91 -40.99 -30.35 -58.74
CA ASP K 91 -40.05 -29.66 -59.62
C ASP K 91 -39.32 -30.66 -60.51
N THR K 92 -38.98 -30.21 -61.71
CA THR K 92 -38.22 -30.99 -62.67
C THR K 92 -36.80 -30.44 -62.75
N ALA K 93 -35.83 -31.23 -62.28
CA ALA K 93 -34.44 -30.79 -62.19
C ALA K 93 -33.71 -31.09 -63.50
N MET K 94 -34.08 -30.33 -64.53
CA MET K 94 -33.44 -30.46 -65.84
C MET K 94 -32.03 -29.90 -65.73
N TYR K 95 -31.04 -30.74 -66.02
CA TYR K 95 -29.65 -30.40 -65.78
C TYR K 95 -28.82 -30.46 -67.06
N TYR K 96 -27.97 -29.45 -67.25
CA TYR K 96 -26.84 -29.51 -68.18
C TYR K 96 -25.56 -29.38 -67.35
N CYS K 97 -24.61 -30.28 -67.58
CA CYS K 97 -23.37 -30.27 -66.83
C CYS K 97 -22.35 -29.36 -67.54
N VAL K 98 -21.69 -28.50 -66.76
CA VAL K 98 -20.86 -27.44 -67.30
C VAL K 98 -19.57 -27.36 -66.49
N ARG K 99 -18.46 -27.17 -67.19
CA ARG K 99 -17.14 -26.99 -66.58
C ARG K 99 -16.79 -25.50 -66.54
N HIS K 100 -15.88 -25.14 -65.63
CA HIS K 100 -15.42 -23.77 -65.44
C HIS K 100 -13.93 -23.65 -65.73
N PRO K 101 -13.52 -22.58 -66.43
CA PRO K 101 -12.09 -22.27 -66.47
C PRO K 101 -11.51 -21.95 -65.11
N GLY K 102 -12.29 -21.32 -64.23
CA GLY K 102 -11.82 -21.00 -62.90
C GLY K 102 -10.90 -19.79 -62.90
N GLY K 103 -10.49 -19.40 -61.68
CA GLY K 103 -9.50 -18.36 -61.51
C GLY K 103 -9.89 -17.02 -62.07
N GLY K 104 -11.11 -16.56 -61.79
CA GLY K 104 -11.56 -15.28 -62.29
C GLY K 104 -12.40 -15.41 -63.55
N ASP K 105 -11.99 -16.31 -64.44
CA ASP K 105 -12.77 -16.59 -65.65
C ASP K 105 -13.88 -17.56 -65.25
N TRP K 106 -14.93 -16.99 -64.66
CA TRP K 106 -16.03 -17.77 -64.10
C TRP K 106 -17.16 -18.00 -65.08
N TYR K 107 -17.00 -17.60 -66.34
CA TYR K 107 -18.01 -17.89 -67.34
C TYR K 107 -18.06 -19.38 -67.63
N PHE K 108 -19.20 -19.84 -68.15
CA PHE K 108 -19.40 -21.23 -68.52
C PHE K 108 -18.82 -21.45 -69.91
N ASP K 109 -17.75 -22.25 -70.00
CA ASP K 109 -17.05 -22.46 -71.26
C ASP K 109 -17.35 -23.80 -71.90
N LEU K 110 -17.39 -24.89 -71.13
CA LEU K 110 -17.60 -26.22 -71.65
C LEU K 110 -18.97 -26.72 -71.21
N TRP K 111 -19.83 -27.00 -72.19
CA TRP K 111 -21.19 -27.45 -71.98
C TRP K 111 -21.30 -28.94 -72.24
N GLY K 112 -22.45 -29.50 -71.86
CA GLY K 112 -22.79 -30.86 -72.21
C GLY K 112 -24.11 -30.91 -72.96
N ARG K 113 -24.33 -31.98 -73.72
CA ARG K 113 -25.59 -32.10 -74.46
C ARG K 113 -26.77 -32.18 -73.50
N GLY K 114 -26.61 -32.90 -72.39
CA GLY K 114 -27.63 -32.98 -71.38
C GLY K 114 -28.63 -34.10 -71.60
N THR K 115 -29.50 -34.28 -70.62
CA THR K 115 -30.47 -35.35 -70.62
C THR K 115 -31.84 -34.80 -70.26
N LEU K 116 -32.87 -35.47 -70.74
CA LEU K 116 -34.25 -35.12 -70.44
C LEU K 116 -34.72 -35.93 -69.23
N VAL K 117 -35.18 -35.22 -68.19
CA VAL K 117 -35.60 -35.83 -66.94
C VAL K 117 -37.11 -35.67 -66.83
N THR K 118 -37.82 -36.79 -66.70
CA THR K 118 -39.26 -36.79 -66.50
C THR K 118 -39.55 -37.40 -65.13
N VAL K 119 -40.46 -36.79 -64.39
CA VAL K 119 -40.81 -37.24 -63.05
C VAL K 119 -42.22 -37.80 -63.07
N SER K 120 -42.49 -38.71 -62.15
CA SER K 120 -43.80 -39.35 -62.01
C SER K 120 -44.21 -40.06 -63.30
N ASP L 1 25.44 -49.92 26.31
CA ASP L 1 26.65 -50.49 25.74
C ASP L 1 26.34 -51.75 24.95
N ILE L 2 27.38 -52.37 24.38
CA ILE L 2 27.26 -53.60 23.62
C ILE L 2 27.81 -54.75 24.45
N GLN L 3 27.03 -55.81 24.58
CA GLN L 3 27.42 -56.98 25.37
C GLN L 3 27.53 -58.18 24.45
N MET L 4 28.52 -59.04 24.71
CA MET L 4 28.76 -60.23 23.91
C MET L 4 28.68 -61.48 24.77
N THR L 5 28.20 -62.56 24.16
CA THR L 5 28.17 -63.87 24.78
C THR L 5 29.03 -64.82 23.95
N GLN L 6 29.98 -65.48 24.60
CA GLN L 6 30.89 -66.37 23.90
C GLN L 6 30.34 -67.80 23.93
N SER L 7 31.09 -68.71 23.31
CA SER L 7 30.82 -70.14 23.42
C SER L 7 30.95 -70.56 24.88
N PRO L 8 30.48 -71.75 25.26
CA PRO L 8 30.56 -72.14 26.68
C PRO L 8 31.99 -72.09 27.18
N SER L 9 32.14 -71.66 28.44
CA SER L 9 33.47 -71.45 29.00
C SER L 9 34.29 -72.73 29.02
N THR L 10 33.66 -73.85 29.38
CA THR L 10 34.33 -75.13 29.42
C THR L 10 34.16 -75.82 28.06
N LEU L 11 35.27 -76.12 27.40
CA LEU L 11 35.25 -76.81 26.12
C LEU L 11 36.39 -77.81 26.07
N SER L 12 36.09 -79.03 25.61
CA SER L 12 37.07 -80.10 25.54
C SER L 12 37.15 -80.64 24.12
N ALA L 13 38.38 -80.87 23.66
CA ALA L 13 38.60 -81.41 22.33
C ALA L 13 39.92 -82.17 22.33
N SER L 14 40.05 -83.07 21.36
CA SER L 14 41.25 -83.88 21.21
C SER L 14 42.33 -83.12 20.43
N VAL L 15 43.58 -83.48 20.70
CA VAL L 15 44.70 -82.85 20.03
C VAL L 15 44.70 -83.24 18.55
N GLY L 16 44.82 -82.25 17.67
CA GLY L 16 44.80 -82.51 16.25
C GLY L 16 43.41 -82.58 15.65
N ASP L 17 42.42 -81.98 16.29
CA ASP L 17 41.05 -82.01 15.81
C ASP L 17 40.49 -80.59 15.71
N ARG L 18 39.47 -80.45 14.87
CA ARG L 18 38.83 -79.15 14.67
C ARG L 18 38.22 -78.65 15.97
N VAL L 19 38.38 -77.36 16.24
CA VAL L 19 37.75 -76.70 17.37
C VAL L 19 37.22 -75.35 16.90
N THR L 20 36.03 -74.99 17.36
CA THR L 20 35.36 -73.77 16.94
C THR L 20 34.66 -73.12 18.13
N ILE L 21 34.80 -71.80 18.24
CA ILE L 21 34.19 -71.02 19.32
C ILE L 21 33.44 -69.86 18.70
N THR L 22 32.14 -69.77 18.99
CA THR L 22 31.32 -68.68 18.50
C THR L 22 31.32 -67.52 19.48
N CYS L 23 30.93 -66.34 18.98
CA CYS L 23 30.90 -65.13 19.79
C CYS L 23 29.80 -64.25 19.25
N ARG L 24 28.74 -64.04 20.03
CA ARG L 24 27.54 -63.36 19.59
C ARG L 24 27.49 -61.96 20.19
N ALA L 25 27.07 -60.99 19.38
CA ALA L 25 27.03 -59.59 19.78
C ALA L 25 25.59 -59.15 20.04
N SER L 26 25.45 -58.16 20.93
CA SER L 26 24.13 -57.65 21.27
C SER L 26 23.47 -56.97 20.06
N GLN L 27 24.23 -56.17 19.31
CA GLN L 27 23.73 -55.51 18.13
C GLN L 27 24.75 -55.66 17.01
N SER L 28 24.28 -55.49 15.78
CA SER L 28 25.12 -55.70 14.60
C SER L 28 26.29 -54.74 14.59
N ILE L 29 27.49 -55.27 14.38
CA ILE L 29 28.70 -54.49 14.24
C ILE L 29 29.40 -54.93 12.96
N SER L 30 29.97 -53.96 12.25
CA SER L 30 30.55 -54.22 10.93
C SER L 30 31.90 -54.92 11.04
N SER L 31 31.88 -56.11 11.63
CA SER L 31 33.05 -56.96 11.76
C SER L 31 34.21 -56.25 12.46
N TRP L 32 33.88 -55.47 13.49
CA TRP L 32 34.89 -54.79 14.29
C TRP L 32 35.18 -55.57 15.56
N LEU L 33 35.72 -56.78 15.39
CA LEU L 33 36.00 -57.65 16.52
C LEU L 33 37.44 -58.13 16.47
N ALA L 34 38.06 -58.23 17.65
CA ALA L 34 39.39 -58.76 17.82
C ALA L 34 39.38 -59.89 18.85
N TRP L 35 40.14 -60.95 18.57
CA TRP L 35 40.27 -62.11 19.42
C TRP L 35 41.64 -62.10 20.07
N TYR L 36 41.68 -62.25 21.39
CA TYR L 36 42.91 -62.24 22.18
C TYR L 36 43.07 -63.58 22.90
N GLN L 37 44.31 -63.86 23.31
CA GLN L 37 44.67 -65.13 23.93
C GLN L 37 45.35 -64.89 25.27
N GLN L 38 44.91 -65.64 26.29
CA GLN L 38 45.41 -65.53 27.66
C GLN L 38 45.94 -66.88 28.12
N LYS L 39 47.20 -66.90 28.56
CA LYS L 39 47.80 -68.05 29.20
C LYS L 39 47.94 -67.81 30.69
N PRO L 40 47.75 -68.84 31.52
CA PRO L 40 47.83 -68.64 32.97
C PRO L 40 49.21 -68.17 33.39
N GLY L 41 49.23 -67.21 34.33
CA GLY L 41 50.48 -66.68 34.83
C GLY L 41 51.26 -65.84 33.85
N LYS L 42 50.67 -65.47 32.71
CA LYS L 42 51.35 -64.68 31.70
C LYS L 42 50.45 -63.53 31.24
N ALA L 43 51.07 -62.59 30.54
CA ALA L 43 50.39 -61.47 29.92
C ALA L 43 49.60 -61.97 28.70
N PRO L 44 48.51 -61.29 28.34
CA PRO L 44 47.70 -61.76 27.21
C PRO L 44 48.44 -61.53 25.90
N LYS L 45 47.98 -62.23 24.86
CA LYS L 45 48.54 -62.08 23.52
C LYS L 45 47.42 -61.88 22.50
N LEU L 46 47.62 -60.94 21.59
CA LEU L 46 46.65 -60.74 20.51
C LEU L 46 46.70 -61.89 19.53
N LEU L 47 45.53 -62.37 19.10
CA LEU L 47 45.43 -63.44 18.14
C LEU L 47 45.00 -62.94 16.76
N ILE L 48 43.85 -62.29 16.67
CA ILE L 48 43.31 -61.84 15.38
C ILE L 48 42.66 -60.47 15.55
N TYR L 49 42.79 -59.63 14.52
CA TYR L 49 42.13 -58.34 14.50
C TYR L 49 41.29 -58.23 13.23
N LYS L 50 40.27 -57.37 13.28
CA LYS L 50 39.41 -57.09 12.14
C LYS L 50 38.76 -58.38 11.61
N ALA L 51 37.92 -58.98 12.46
CA ALA L 51 37.19 -60.18 12.11
C ALA L 51 38.14 -61.31 11.70
N SER L 52 38.37 -61.44 10.40
CA SER L 52 39.24 -62.48 9.84
C SER L 52 40.45 -61.80 9.20
N SER L 53 41.49 -61.58 10.01
CA SER L 53 42.76 -61.07 9.50
C SER L 53 43.85 -61.54 10.45
N LEU L 54 44.60 -62.57 10.05
CA LEU L 54 45.56 -63.20 10.93
C LEU L 54 46.71 -62.24 11.23
N GLU L 55 47.04 -62.10 12.51
CA GLU L 55 48.08 -61.17 12.92
C GLU L 55 49.46 -61.77 12.66
N SER L 56 50.43 -60.89 12.44
CA SER L 56 51.77 -61.33 12.05
C SER L 56 52.43 -62.13 13.15
N GLY L 57 53.17 -63.17 12.76
CA GLY L 57 53.86 -64.01 13.71
C GLY L 57 53.00 -64.99 14.45
N VAL L 58 51.85 -65.35 13.90
CA VAL L 58 50.90 -66.27 14.53
C VAL L 58 50.78 -67.50 13.64
N PRO L 59 50.76 -68.71 14.20
CA PRO L 59 50.61 -69.91 13.36
C PRO L 59 49.32 -69.89 12.57
N SER L 60 49.39 -70.47 11.36
CA SER L 60 48.30 -70.40 10.41
C SER L 60 47.08 -71.22 10.80
N ARG L 61 47.17 -72.03 11.86
CA ARG L 61 46.03 -72.86 12.25
C ARG L 61 44.84 -72.00 12.64
N PHE L 62 45.07 -70.89 13.33
CA PHE L 62 43.99 -70.00 13.72
C PHE L 62 43.36 -69.35 12.51
N SER L 63 42.04 -69.22 12.53
CA SER L 63 41.32 -68.48 11.51
C SER L 63 40.02 -67.97 12.11
N GLY L 64 39.44 -66.95 11.46
CA GLY L 64 38.20 -66.38 11.93
C GLY L 64 37.20 -66.26 10.79
N SER L 65 35.93 -66.05 11.17
CA SER L 65 34.89 -65.83 10.19
C SER L 65 33.73 -65.11 10.85
N GLY L 66 32.84 -64.58 10.03
CA GLY L 66 31.63 -63.94 10.53
C GLY L 66 31.51 -62.48 10.16
N SER L 67 30.27 -62.03 9.90
CA SER L 67 29.98 -60.64 9.61
C SER L 67 28.69 -60.25 10.30
N GLY L 68 28.68 -59.08 10.93
CA GLY L 68 27.51 -58.61 11.63
C GLY L 68 27.38 -59.18 13.02
N THR L 69 27.03 -60.46 13.11
CA THR L 69 26.91 -61.13 14.41
C THR L 69 27.48 -62.55 14.40
N GLU L 70 27.80 -63.12 13.24
CA GLU L 70 28.14 -64.53 13.09
C GLU L 70 29.61 -64.82 13.39
N PHE L 71 30.25 -63.99 14.21
CA PHE L 71 31.69 -64.09 14.45
C PHE L 71 32.06 -65.36 15.19
N THR L 72 33.13 -66.01 14.72
CA THR L 72 33.61 -67.24 15.33
C THR L 72 35.08 -67.44 14.98
N LEU L 73 35.74 -68.25 15.81
CA LEU L 73 37.17 -68.55 15.73
C LEU L 73 37.36 -70.05 15.61
N THR L 74 38.13 -70.47 14.61
CA THR L 74 38.35 -71.89 14.34
C THR L 74 39.84 -72.21 14.34
N ILE L 75 40.20 -73.28 15.04
CA ILE L 75 41.54 -73.85 14.97
C ILE L 75 41.41 -75.26 14.42
N THR L 76 42.09 -75.52 13.30
CA THR L 76 41.93 -76.79 12.61
C THR L 76 42.61 -77.92 13.37
N SER L 77 43.84 -77.70 13.83
CA SER L 77 44.61 -78.72 14.53
C SER L 77 44.95 -78.19 15.92
N LEU L 78 44.60 -78.97 16.95
CA LEU L 78 44.88 -78.56 18.32
C LEU L 78 46.36 -78.74 18.63
N GLN L 79 46.89 -77.83 19.44
CA GLN L 79 48.30 -77.78 19.79
C GLN L 79 48.42 -77.83 21.31
N PRO L 80 49.34 -78.62 21.85
CA PRO L 80 49.51 -78.65 23.32
C PRO L 80 49.82 -77.29 23.93
N ASP L 81 50.60 -76.44 23.24
CA ASP L 81 50.84 -75.09 23.75
C ASP L 81 49.68 -74.14 23.48
N ASP L 82 48.68 -74.58 22.72
CA ASP L 82 47.50 -73.76 22.43
C ASP L 82 46.48 -73.79 23.56
N PHE L 83 46.71 -74.58 24.61
CA PHE L 83 45.79 -74.66 25.74
C PHE L 83 45.82 -73.34 26.49
N ALA L 84 44.77 -72.54 26.33
CA ALA L 84 44.69 -71.21 26.93
C ALA L 84 43.23 -70.79 26.96
N THR L 85 42.99 -69.53 27.32
CA THR L 85 41.66 -68.95 27.28
C THR L 85 41.60 -67.90 26.18
N TYR L 86 40.41 -67.67 25.66
CA TYR L 86 40.21 -66.79 24.51
C TYR L 86 39.22 -65.69 24.85
N TYR L 87 39.51 -64.48 24.38
CA TYR L 87 38.75 -63.28 24.72
C TYR L 87 38.24 -62.61 23.47
N CYS L 88 36.97 -62.23 23.48
CA CYS L 88 36.37 -61.40 22.44
C CYS L 88 36.54 -59.93 22.81
N GLN L 89 36.56 -59.07 21.79
CA GLN L 89 36.42 -57.65 22.01
C GLN L 89 35.85 -57.00 20.77
N GLN L 90 35.00 -56.00 20.95
CA GLN L 90 34.49 -55.21 19.85
C GLN L 90 35.03 -53.80 19.98
N TYR L 91 35.37 -53.20 18.85
CA TYR L 91 35.74 -51.78 18.82
C TYR L 91 34.89 -51.04 17.81
N ASP L 92 33.62 -51.42 17.70
CA ASP L 92 32.69 -50.68 16.87
C ASP L 92 32.29 -49.38 17.55
N SER L 93 31.65 -49.48 18.71
CA SER L 93 31.34 -48.30 19.51
C SER L 93 32.48 -48.03 20.47
N PHE L 94 32.39 -46.90 21.18
CA PHE L 94 33.53 -46.49 22.00
C PHE L 94 33.63 -47.29 23.28
N SER L 95 32.52 -47.72 23.86
CA SER L 95 32.56 -48.54 25.07
C SER L 95 33.02 -49.94 24.68
N TRP L 96 34.33 -50.18 24.80
CA TRP L 96 34.93 -51.45 24.40
C TRP L 96 34.77 -52.44 25.56
N THR L 97 33.85 -53.38 25.40
CA THR L 97 33.56 -54.39 26.41
C THR L 97 34.04 -55.74 25.92
N PHE L 98 34.72 -56.48 26.79
CA PHE L 98 35.30 -57.77 26.43
C PHE L 98 34.25 -58.87 26.57
N GLY L 99 34.71 -60.12 26.49
CA GLY L 99 33.87 -61.27 26.76
C GLY L 99 34.23 -61.93 28.08
N GLN L 100 33.43 -62.94 28.45
CA GLN L 100 33.64 -63.61 29.73
C GLN L 100 34.85 -64.54 29.68
N GLY L 101 35.17 -65.09 28.53
CA GLY L 101 36.30 -65.97 28.40
C GLY L 101 35.90 -67.43 28.32
N THR L 102 36.67 -68.21 27.56
CA THR L 102 36.41 -69.62 27.37
C THR L 102 37.67 -70.43 27.69
N LYS L 103 37.51 -71.48 28.49
CA LYS L 103 38.60 -72.37 28.85
C LYS L 103 38.66 -73.55 27.89
N LEU L 104 39.87 -74.03 27.63
CA LEU L 104 40.12 -75.15 26.75
C LEU L 104 40.64 -76.32 27.55
N GLU L 105 39.99 -77.47 27.43
CA GLU L 105 40.41 -78.67 28.14
C GLU L 105 40.20 -79.92 27.30
N GLU M 1 63.59 -53.23 20.76
CA GLU M 1 62.40 -54.02 21.00
C GLU M 1 61.26 -53.17 21.53
N VAL M 2 60.13 -53.19 20.83
CA VAL M 2 58.96 -52.43 21.27
C VAL M 2 58.36 -53.12 22.48
N GLN M 3 58.17 -52.36 23.55
CA GLN M 3 57.73 -52.95 24.81
C GLN M 3 57.15 -51.88 25.73
N LEU M 4 56.42 -52.34 26.73
CA LEU M 4 55.91 -51.51 27.81
C LEU M 4 56.41 -52.08 29.12
N VAL M 5 57.05 -51.24 29.94
CA VAL M 5 57.57 -51.64 31.23
C VAL M 5 56.80 -50.90 32.32
N GLN M 6 56.33 -51.64 33.30
CA GLN M 6 55.48 -51.11 34.35
C GLN M 6 56.22 -51.06 35.68
N SER M 7 55.63 -50.34 36.63
CA SER M 7 56.22 -50.21 37.96
C SER M 7 56.16 -51.54 38.71
N GLY M 8 56.96 -51.64 39.76
CA GLY M 8 56.96 -52.83 40.58
C GLY M 8 55.71 -52.95 41.43
N ALA M 9 55.46 -54.16 41.90
CA ALA M 9 54.31 -54.42 42.75
C ALA M 9 54.43 -53.65 44.05
N GLU M 10 53.32 -53.07 44.49
CA GLU M 10 53.30 -52.22 45.67
C GLU M 10 52.11 -52.54 46.54
N VAL M 11 52.23 -52.25 47.84
CA VAL M 11 51.16 -52.43 48.81
C VAL M 11 51.26 -51.30 49.83
N LYS M 12 50.11 -50.79 50.26
CA LYS M 12 50.08 -49.67 51.20
C LYS M 12 48.73 -49.65 51.91
N LYS M 13 48.62 -48.73 52.87
CA LYS M 13 47.39 -48.58 53.63
C LYS M 13 46.32 -47.91 52.79
N PRO M 14 45.04 -48.14 53.11
CA PRO M 14 43.96 -47.46 52.37
C PRO M 14 44.08 -45.95 52.48
N GLY M 15 43.74 -45.28 51.38
CA GLY M 15 43.81 -43.84 51.30
C GLY M 15 45.13 -43.29 50.82
N GLU M 16 46.20 -44.09 50.85
CA GLU M 16 47.48 -43.63 50.36
C GLU M 16 47.47 -43.57 48.83
N SER M 17 48.13 -42.55 48.29
CA SER M 17 48.17 -42.35 46.84
C SER M 17 49.00 -43.45 46.20
N LEU M 18 48.34 -44.38 45.53
CA LEU M 18 49.01 -45.47 44.81
C LEU M 18 49.10 -45.10 43.34
N LYS M 19 50.33 -45.04 42.83
CA LYS M 19 50.58 -44.59 41.47
C LYS M 19 51.24 -45.72 40.67
N ILE M 20 50.73 -45.97 39.47
CA ILE M 20 51.27 -46.96 38.56
C ILE M 20 51.71 -46.25 37.28
N SER M 21 52.91 -46.56 36.81
CA SER M 21 53.48 -45.91 35.64
C SER M 21 53.83 -46.95 34.59
N CYS M 22 53.53 -46.63 33.33
CA CYS M 22 53.90 -47.46 32.19
C CYS M 22 54.79 -46.65 31.26
N LYS M 23 55.93 -47.23 30.90
CA LYS M 23 56.90 -46.61 29.99
C LYS M 23 56.93 -47.40 28.70
N GLY M 24 56.70 -46.72 27.58
CA GLY M 24 56.77 -47.33 26.28
C GLY M 24 58.10 -47.08 25.62
N SER M 25 58.87 -48.15 25.45
CA SER M 25 60.21 -48.07 24.91
C SER M 25 60.38 -49.06 23.78
N GLY M 26 60.82 -48.59 22.62
CA GLY M 26 61.06 -49.46 21.50
C GLY M 26 60.53 -48.93 20.18
N TYR M 27 59.91 -47.75 20.22
CA TYR M 27 59.40 -47.13 19.01
C TYR M 27 59.58 -45.62 19.10
N SER M 28 59.64 -44.99 17.94
CA SER M 28 59.71 -43.54 17.85
C SER M 28 58.30 -42.98 17.70
N PHE M 29 58.19 -41.66 17.50
CA PHE M 29 56.91 -40.98 17.38
C PHE M 29 56.04 -41.25 18.60
N THR M 30 56.66 -41.26 19.77
CA THR M 30 55.94 -41.49 21.01
C THR M 30 54.99 -40.32 21.29
N SER M 31 53.95 -40.61 22.08
CA SER M 31 52.86 -39.71 22.46
C SER M 31 51.86 -39.51 21.34
N TYR M 32 52.07 -40.10 20.18
CA TYR M 32 51.09 -40.08 19.10
C TYR M 32 50.12 -41.23 19.16
N TYR M 33 50.26 -42.12 20.14
CA TYR M 33 49.36 -43.24 20.36
C TYR M 33 48.48 -42.99 21.57
N TRP M 34 47.45 -43.80 21.71
CA TRP M 34 46.58 -43.78 22.89
C TRP M 34 47.09 -44.82 23.88
N ILE M 35 47.30 -44.41 25.12
CA ILE M 35 47.78 -45.29 26.17
C ILE M 35 46.68 -45.45 27.21
N GLY M 36 46.34 -46.71 27.53
CA GLY M 36 45.23 -46.99 28.40
C GLY M 36 45.58 -48.00 29.47
N TRP M 37 44.67 -48.18 30.41
CA TRP M 37 44.80 -49.14 31.49
C TRP M 37 43.63 -50.10 31.48
N VAL M 38 43.92 -51.38 31.71
CA VAL M 38 42.90 -52.42 31.76
C VAL M 38 42.98 -53.13 33.10
N ARG M 39 41.84 -53.24 33.77
CA ARG M 39 41.72 -54.07 34.96
C ARG M 39 41.56 -55.52 34.55
N GLN M 40 42.20 -56.40 35.31
CA GLN M 40 42.18 -57.84 35.03
C GLN M 40 41.80 -58.59 36.29
N MET M 41 40.62 -59.18 36.29
CA MET M 41 40.21 -60.16 37.29
C MET M 41 39.63 -61.38 36.59
N PRO M 42 40.47 -62.13 35.85
CA PRO M 42 39.95 -63.28 35.10
C PRO M 42 39.60 -64.48 35.96
N GLY M 43 39.91 -64.44 37.25
CA GLY M 43 39.53 -65.51 38.16
C GLY M 43 38.11 -65.34 38.65
N LEU M 46 39.79 -57.71 31.35
CA LEU M 46 38.34 -57.91 31.34
C LEU M 46 37.59 -56.58 31.37
N GLU M 47 38.04 -55.66 32.21
CA GLU M 47 37.42 -54.36 32.36
C GLU M 47 38.37 -53.29 31.87
N TRP M 48 37.89 -52.45 30.95
CA TRP M 48 38.71 -51.41 30.32
C TRP M 48 38.43 -50.08 31.01
N MET M 49 39.50 -49.35 31.31
CA MET M 49 39.41 -48.00 31.86
C MET M 49 39.79 -46.97 30.81
N GLY M 50 39.67 -45.70 31.20
CA GLY M 50 39.88 -44.62 30.24
C GLY M 50 41.29 -44.61 29.69
N ILE M 51 41.39 -44.22 28.43
CA ILE M 51 42.66 -44.09 27.75
C ILE M 51 43.00 -42.62 27.65
N VAL M 52 44.26 -42.33 27.32
CA VAL M 52 44.77 -40.97 27.31
C VAL M 52 45.62 -40.73 26.07
N TYR M 53 45.54 -39.51 25.54
CA TYR M 53 46.34 -39.04 24.42
C TYR M 53 47.39 -38.07 24.94
N PRO M 54 48.66 -38.44 24.98
CA PRO M 54 49.65 -37.59 25.66
C PRO M 54 49.88 -36.22 25.03
N ASP M 55 49.54 -36.05 23.74
CA ASP M 55 49.90 -34.81 23.05
C ASP M 55 49.18 -33.60 23.64
N ASP M 56 47.88 -33.74 23.92
CA ASP M 56 47.11 -32.66 24.53
C ASP M 56 46.38 -33.10 25.79
N SER M 57 46.83 -34.21 26.39
CA SER M 57 46.29 -34.70 27.66
C SER M 57 44.80 -35.01 27.58
N ASP M 58 44.29 -35.25 26.37
CA ASP M 58 42.90 -35.64 26.22
C ASP M 58 42.70 -37.04 26.77
N THR M 59 41.60 -37.25 27.48
CA THR M 59 41.33 -38.52 28.12
C THR M 59 39.86 -38.87 27.98
N ARG M 60 39.59 -40.17 28.00
CA ARG M 60 38.25 -40.73 27.98
C ARG M 60 38.04 -41.53 29.26
N TYR M 61 36.80 -42.04 29.44
CA TYR M 61 36.48 -42.79 30.69
C TYR M 61 35.28 -43.71 30.45
N SER M 62 35.44 -45.01 30.72
CA SER M 62 34.32 -45.93 30.64
C SER M 62 33.21 -45.45 31.58
N PRO M 63 31.94 -45.72 31.25
CA PRO M 63 30.87 -45.21 32.11
C PRO M 63 30.63 -46.04 33.36
N SER M 64 30.84 -47.36 33.30
CA SER M 64 30.66 -48.19 34.50
C SER M 64 31.71 -47.86 35.55
N PHE M 65 32.97 -47.73 35.13
CA PHE M 65 34.06 -47.45 36.05
C PHE M 65 34.76 -46.17 35.63
N GLN M 66 34.89 -45.24 36.56
CA GLN M 66 35.69 -44.04 36.37
C GLN M 66 36.93 -44.13 37.25
N GLY M 67 38.11 -44.00 36.63
CA GLY M 67 39.34 -44.14 37.37
C GLY M 67 39.80 -42.91 38.12
N GLN M 68 39.20 -41.74 37.83
CA GLN M 68 39.55 -40.48 38.47
C GLN M 68 41.05 -40.19 38.34
N VAL M 69 41.61 -40.47 37.17
CA VAL M 69 43.04 -40.36 36.93
C VAL M 69 43.28 -39.53 35.67
N THR M 70 44.07 -38.47 35.80
CA THR M 70 44.41 -37.60 34.68
C THR M 70 45.87 -37.85 34.33
N ILE M 71 46.10 -38.66 33.30
CA ILE M 71 47.43 -39.11 32.95
C ILE M 71 48.05 -38.14 31.95
N SER M 72 49.35 -37.89 32.11
CA SER M 72 50.09 -37.03 31.20
C SER M 72 51.45 -37.66 30.93
N ALA M 73 52.23 -37.00 30.08
CA ALA M 73 53.56 -37.48 29.71
C ALA M 73 54.44 -36.29 29.39
N ASP M 74 55.31 -35.93 30.32
CA ASP M 74 56.27 -34.85 30.10
C ASP M 74 57.26 -35.25 29.01
N LYS M 75 57.80 -34.24 28.31
CA LYS M 75 58.72 -34.50 27.22
C LYS M 75 59.91 -35.33 27.66
N SER M 76 60.37 -35.12 28.90
CA SER M 76 61.53 -35.86 29.39
C SER M 76 61.15 -37.32 29.68
N ILE M 77 60.19 -37.53 30.58
CA ILE M 77 59.82 -38.89 30.94
C ILE M 77 59.11 -39.59 29.79
N SER M 78 58.16 -38.90 29.15
CA SER M 78 57.36 -39.47 28.06
C SER M 78 56.73 -40.79 28.48
N THR M 79 56.20 -40.82 29.70
CA THR M 79 55.58 -42.01 30.25
C THR M 79 54.16 -41.71 30.70
N ALA M 80 53.32 -42.73 30.67
CA ALA M 80 51.91 -42.59 31.06
C ALA M 80 51.71 -43.15 32.46
N TYR M 81 52.00 -42.31 33.45
CA TYR M 81 51.83 -42.68 34.85
C TYR M 81 50.40 -42.40 35.30
N LEU M 82 49.82 -43.36 36.03
CA LEU M 82 48.47 -43.19 36.54
C LEU M 82 48.45 -42.11 37.62
N GLN M 83 47.46 -41.22 37.54
CA GLN M 83 47.32 -40.12 38.50
C GLN M 83 46.25 -40.46 39.53
N TRP M 84 46.60 -41.37 40.44
CA TRP M 84 45.69 -41.86 41.46
C TRP M 84 46.16 -41.33 42.82
N SER M 85 45.48 -40.29 43.31
CA SER M 85 45.84 -39.67 44.58
C SER M 85 44.88 -40.00 45.71
N SER M 86 43.66 -40.47 45.38
CA SER M 86 42.65 -40.82 46.42
C SER M 86 42.01 -42.18 46.13
N LEU M 87 42.30 -43.19 46.96
CA LEU M 87 41.73 -44.56 46.79
C LEU M 87 41.36 -45.14 48.17
N LYS M 88 40.60 -46.23 48.19
CA LYS M 88 40.19 -46.85 49.48
C LYS M 88 40.71 -48.29 49.57
N ALA M 89 39.85 -49.24 49.91
CA ALA M 89 40.24 -50.66 50.08
C ALA M 89 39.49 -51.54 49.07
N SER M 90 38.51 -50.96 48.36
CA SER M 90 37.65 -51.77 47.45
C SER M 90 38.39 -52.22 46.18
N ASP M 91 39.55 -51.63 45.86
CA ASP M 91 40.22 -51.97 44.58
C ASP M 91 41.36 -52.97 44.80
N THR M 92 41.15 -54.23 44.38
CA THR M 92 42.21 -55.27 44.51
C THR M 92 42.34 -56.04 43.20
N ALA M 93 42.93 -55.43 42.16
CA ALA M 93 42.98 -56.11 40.85
C ALA M 93 44.30 -55.88 40.13
N MET M 94 44.67 -56.78 39.21
CA MET M 94 45.95 -56.63 38.45
C MET M 94 45.77 -55.56 37.37
N TYR M 95 46.49 -54.45 37.47
CA TYR M 95 46.28 -53.34 36.49
C TYR M 95 47.38 -53.34 35.43
N TYR M 96 46.99 -53.47 34.16
CA TYR M 96 47.98 -53.54 33.03
C TYR M 96 47.90 -52.27 32.17
N CYS M 97 48.93 -52.02 31.37
CA CYS M 97 48.95 -50.87 30.46
C CYS M 97 48.96 -51.36 29.02
N VAL M 98 48.17 -50.69 28.18
CA VAL M 98 47.93 -51.10 26.80
C VAL M 98 48.13 -49.91 25.87
N ARG M 99 48.44 -50.23 24.62
CA ARG M 99 48.64 -49.24 23.57
C ARG M 99 47.64 -49.44 22.44
N HIS M 100 47.26 -48.33 21.81
CA HIS M 100 46.30 -48.34 20.72
C HIS M 100 46.98 -48.01 19.39
N PRO M 101 46.76 -48.80 18.34
CA PRO M 101 47.18 -48.34 17.00
C PRO M 101 46.51 -47.04 16.60
N GLY M 102 45.25 -46.84 16.99
CA GLY M 102 44.57 -45.60 16.72
C GLY M 102 44.01 -45.53 15.31
N GLY M 103 43.29 -44.45 15.05
CA GLY M 103 42.82 -44.15 13.70
C GLY M 103 41.91 -45.19 13.10
N GLY M 104 40.93 -45.67 13.87
CA GLY M 104 39.99 -46.64 13.40
C GLY M 104 40.31 -48.07 13.77
N ASP M 105 41.56 -48.37 14.12
CA ASP M 105 41.94 -49.68 14.63
C ASP M 105 42.02 -49.57 16.15
N TRP M 106 40.86 -49.69 16.79
CA TRP M 106 40.73 -49.45 18.21
C TRP M 106 40.88 -50.72 19.04
N TYR M 107 41.64 -51.70 18.55
CA TYR M 107 42.00 -52.86 19.36
C TYR M 107 43.29 -52.57 20.12
N PHE M 108 43.65 -53.49 21.02
CA PHE M 108 44.81 -53.34 21.88
C PHE M 108 45.94 -54.22 21.36
N ASP M 109 47.01 -53.59 20.88
CA ASP M 109 48.11 -54.32 20.24
C ASP M 109 49.35 -54.49 21.12
N LEU M 110 49.68 -53.52 21.97
CA LEU M 110 50.89 -53.58 22.77
C LEU M 110 50.53 -53.67 24.25
N TRP M 111 51.08 -54.68 24.92
CA TRP M 111 50.74 -55.07 26.28
C TRP M 111 51.98 -55.30 27.11
N GLY M 112 51.83 -55.17 28.42
CA GLY M 112 52.88 -55.42 29.38
C GLY M 112 52.54 -56.59 30.27
N ARG M 113 53.54 -56.98 31.08
CA ARG M 113 53.36 -58.09 32.01
C ARG M 113 52.28 -57.77 33.04
N GLY M 114 52.26 -56.54 33.55
CA GLY M 114 51.25 -56.10 34.48
C GLY M 114 51.82 -55.92 35.88
N THR M 115 51.00 -55.29 36.72
CA THR M 115 51.33 -55.04 38.12
C THR M 115 50.31 -55.73 39.01
N LEU M 116 50.80 -56.33 40.09
CA LEU M 116 49.96 -56.98 41.08
C LEU M 116 49.88 -56.08 42.31
N VAL M 117 48.69 -55.52 42.55
CA VAL M 117 48.49 -54.57 43.63
C VAL M 117 47.54 -55.20 44.65
N THR M 118 48.00 -55.29 45.89
CA THR M 118 47.19 -55.74 47.01
C THR M 118 46.76 -54.53 47.82
N VAL M 119 45.47 -54.36 48.00
CA VAL M 119 44.91 -53.20 48.67
C VAL M 119 45.01 -53.40 50.18
N SER M 120 45.06 -52.30 50.91
CA SER M 120 45.14 -52.31 52.37
C SER M 120 46.38 -53.06 52.87
N ASP N 1 27.98 57.00 13.30
CA ASP N 1 29.20 57.69 12.93
C ASP N 1 30.28 57.51 13.98
N ILE N 2 31.52 57.86 13.63
CA ILE N 2 32.66 57.81 14.53
C ILE N 2 33.04 59.24 14.88
N GLN N 3 33.16 59.52 16.17
CA GLN N 3 33.47 60.85 16.66
C GLN N 3 34.93 60.91 17.11
N MET N 4 35.64 61.95 16.66
CA MET N 4 37.05 62.10 16.99
C MET N 4 37.29 63.51 17.52
N THR N 5 38.17 63.63 18.51
CA THR N 5 38.69 64.91 18.95
C THR N 5 40.20 64.83 19.04
N GLN N 6 40.86 65.88 18.58
CA GLN N 6 42.32 65.94 18.64
C GLN N 6 42.75 66.43 20.02
N SER N 7 43.72 65.73 20.62
CA SER N 7 44.11 66.03 21.99
C SER N 7 44.65 67.45 22.15
N PRO N 8 45.62 67.93 21.35
CA PRO N 8 46.05 69.33 21.49
C PRO N 8 45.21 70.27 20.63
N SER N 9 44.58 71.26 21.26
CA SER N 9 43.83 72.25 20.50
C SER N 9 44.75 73.27 19.85
N THR N 10 45.83 73.66 20.54
CA THR N 10 46.80 74.60 20.01
C THR N 10 48.07 74.49 20.84
N LEU N 11 49.21 74.50 20.17
CA LEU N 11 50.50 74.34 20.84
C LEU N 11 51.55 75.16 20.12
N SER N 12 52.63 75.47 20.83
CA SER N 12 53.76 76.19 20.29
C SER N 12 55.05 75.48 20.70
N ALA N 13 56.10 75.71 19.91
CA ALA N 13 57.39 75.11 20.18
C ALA N 13 58.47 75.94 19.52
N SER N 14 59.70 75.75 19.99
CA SER N 14 60.86 76.39 19.39
C SER N 14 61.25 75.69 18.11
N VAL N 15 61.83 76.46 17.18
CA VAL N 15 62.27 75.90 15.91
C VAL N 15 63.41 74.92 16.19
N GLY N 16 63.23 73.66 15.78
CA GLY N 16 64.19 72.62 16.05
C GLY N 16 63.89 71.76 17.25
N ASP N 17 62.62 71.58 17.61
CA ASP N 17 62.22 70.78 18.75
C ASP N 17 61.10 69.83 18.36
N ARG N 18 60.96 68.77 19.15
CA ARG N 18 59.93 67.76 18.89
C ARG N 18 58.55 68.36 19.09
N VAL N 19 57.62 67.99 18.20
CA VAL N 19 56.22 68.35 18.35
C VAL N 19 55.38 67.14 17.95
N THR N 20 54.30 66.92 18.70
CA THR N 20 53.46 65.74 18.53
C THR N 20 51.99 66.13 18.69
N ILE N 21 51.13 65.49 17.91
CA ILE N 21 49.69 65.69 17.97
C ILE N 21 49.02 64.33 17.93
N THR N 22 47.92 64.19 18.67
CA THR N 22 47.21 62.92 18.77
C THR N 22 45.77 63.09 18.30
N CYS N 23 45.32 62.19 17.43
CA CYS N 23 43.92 62.12 17.01
C CYS N 23 43.34 60.83 17.56
N ARG N 24 42.24 60.95 18.30
CA ARG N 24 41.67 59.82 19.04
C ARG N 24 40.32 59.44 18.44
N ALA N 25 40.15 58.15 18.15
CA ALA N 25 38.94 57.64 17.55
C ALA N 25 37.96 57.14 18.60
N SER N 26 36.67 57.21 18.28
CA SER N 26 35.64 56.75 19.20
C SER N 26 35.72 55.25 19.42
N GLN N 27 35.85 54.49 18.33
CA GLN N 27 35.92 53.03 18.40
C GLN N 27 37.04 52.56 17.48
N SER N 28 37.29 51.25 17.50
CA SER N 28 38.46 50.70 16.83
C SER N 28 38.36 50.86 15.32
N ILE N 29 39.43 51.36 14.71
CA ILE N 29 39.55 51.46 13.26
C ILE N 29 40.92 50.94 12.87
N SER N 30 40.97 50.11 11.82
CA SER N 30 42.20 49.43 11.43
C SER N 30 43.14 50.36 10.66
N SER N 31 43.58 51.41 11.36
CA SER N 31 44.61 52.32 10.85
C SER N 31 44.19 52.99 9.54
N TRP N 32 42.90 53.27 9.37
CA TRP N 32 42.40 53.97 8.18
C TRP N 32 42.22 55.44 8.55
N LEU N 33 43.31 56.19 8.45
CA LEU N 33 43.28 57.61 8.81
C LEU N 33 44.25 58.38 7.94
N ALA N 34 43.87 59.61 7.61
CA ALA N 34 44.65 60.53 6.80
C ALA N 34 44.83 61.84 7.54
N TRP N 35 46.03 62.41 7.40
CA TRP N 35 46.40 63.69 8.00
C TRP N 35 46.56 64.72 6.88
N TYR N 36 45.82 65.82 6.99
CA TYR N 36 45.82 66.88 6.00
C TYR N 36 46.38 68.17 6.59
N GLN N 37 47.02 68.94 5.72
CA GLN N 37 47.51 70.28 6.01
C GLN N 37 46.46 71.31 5.63
N GLN N 38 46.54 72.48 6.26
CA GLN N 38 45.68 73.60 5.88
C GLN N 38 46.36 74.91 6.26
N LYS N 39 46.68 75.72 5.24
CA LYS N 39 47.16 77.08 5.34
C LYS N 39 45.99 78.02 5.63
N PRO N 40 46.26 79.15 6.30
CA PRO N 40 45.20 80.17 6.44
C PRO N 40 44.93 80.86 5.12
N GLY N 41 43.68 80.75 4.65
CA GLY N 41 43.29 81.35 3.39
C GLY N 41 43.68 80.58 2.15
N LYS N 42 44.00 79.29 2.28
CA LYS N 42 44.39 78.47 1.14
C LYS N 42 43.73 77.10 1.24
N ALA N 43 43.71 76.40 0.11
CA ALA N 43 43.13 75.06 0.05
C ALA N 43 44.00 74.08 0.84
N PRO N 44 43.41 73.00 1.34
CA PRO N 44 44.18 72.04 2.14
C PRO N 44 45.17 71.26 1.28
N LYS N 45 46.09 70.59 1.97
CA LYS N 45 47.09 69.74 1.33
C LYS N 45 47.13 68.39 2.01
N LEU N 46 47.20 67.33 1.21
CA LEU N 46 47.30 65.98 1.74
C LEU N 46 48.73 65.68 2.14
N LEU N 47 48.91 65.20 3.36
CA LEU N 47 50.25 64.89 3.88
C LEU N 47 50.42 63.40 4.15
N ILE N 48 49.55 62.79 4.97
CA ILE N 48 49.75 61.43 5.42
C ILE N 48 48.48 60.63 5.12
N TYR N 49 48.65 59.36 4.76
CA TYR N 49 47.52 58.46 4.60
C TYR N 49 47.93 57.08 5.10
N LYS N 50 46.92 56.25 5.38
CA LYS N 50 47.13 54.89 5.87
C LYS N 50 47.98 54.90 7.15
N ALA N 51 47.50 55.65 8.14
CA ALA N 51 48.17 55.77 9.43
C ALA N 51 49.61 56.24 9.27
N SER N 52 50.55 55.30 9.25
CA SER N 52 51.97 55.61 9.13
C SER N 52 52.43 55.29 7.71
N SER N 53 52.23 56.26 6.82
CA SER N 53 52.72 56.15 5.45
C SER N 53 52.87 57.55 4.87
N LEU N 54 53.97 57.77 4.18
CA LEU N 54 54.31 59.09 3.65
C LEU N 54 53.91 59.17 2.18
N GLU N 55 53.42 60.34 1.77
CA GLU N 55 52.98 60.58 0.41
C GLU N 55 54.02 61.44 -0.30
N SER N 56 54.11 61.27 -1.62
CA SER N 56 55.25 61.76 -2.38
C SER N 56 55.36 63.28 -2.35
N GLY N 57 56.60 63.77 -2.28
CA GLY N 57 56.81 65.20 -2.20
C GLY N 57 56.54 65.81 -0.84
N VAL N 58 56.77 65.05 0.23
CA VAL N 58 56.55 65.52 1.59
C VAL N 58 57.87 65.36 2.33
N PRO N 59 58.35 66.38 3.05
CA PRO N 59 59.62 66.26 3.76
C PRO N 59 59.57 65.20 4.84
N SER N 60 60.74 64.67 5.18
CA SER N 60 60.85 63.57 6.13
C SER N 60 60.47 63.97 7.55
N ARG N 61 60.31 65.26 7.83
CA ARG N 61 59.98 65.68 9.20
C ARG N 61 58.64 65.12 9.64
N PHE N 62 57.63 65.14 8.76
CA PHE N 62 56.34 64.58 9.10
C PHE N 62 56.45 63.08 9.26
N SER N 63 55.80 62.55 10.31
CA SER N 63 55.77 61.11 10.52
C SER N 63 54.48 60.75 11.24
N GLY N 64 54.07 59.49 11.08
CA GLY N 64 52.86 59.01 11.71
C GLY N 64 53.13 57.74 12.50
N SER N 65 52.26 57.52 13.49
CA SER N 65 52.38 56.34 14.33
C SER N 65 51.02 56.01 14.91
N GLY N 66 50.90 54.81 15.45
CA GLY N 66 49.69 54.41 16.15
C GLY N 66 48.97 53.28 15.44
N SER N 67 48.04 52.67 16.17
CA SER N 67 47.21 51.60 15.63
C SER N 67 45.94 51.51 16.46
N GLY N 68 44.79 51.52 15.78
CA GLY N 68 43.51 51.44 16.46
C GLY N 68 42.99 52.79 16.92
N THR N 69 43.58 53.33 17.99
CA THR N 69 43.10 54.57 18.58
C THR N 69 44.19 55.59 18.87
N GLU N 70 45.45 55.17 18.94
CA GLU N 70 46.56 56.03 19.38
C GLU N 70 47.27 56.71 18.22
N PHE N 71 46.54 57.07 17.17
CA PHE N 71 47.15 57.69 16.00
C PHE N 71 47.74 59.05 16.36
N THR N 72 49.01 59.23 15.98
CA THR N 72 49.77 60.43 16.31
C THR N 72 50.55 60.88 15.09
N LEU N 73 50.67 62.20 14.92
CA LEU N 73 51.48 62.83 13.90
C LEU N 73 52.59 63.63 14.57
N THR N 74 53.83 63.42 14.15
CA THR N 74 54.99 63.94 14.85
C THR N 74 55.94 64.62 13.86
N ILE N 75 56.54 65.72 14.32
CA ILE N 75 57.61 66.40 13.59
C ILE N 75 58.79 66.56 14.55
N THR N 76 59.94 65.98 14.17
CA THR N 76 61.09 66.00 15.06
C THR N 76 61.71 67.39 15.13
N SER N 77 61.92 68.03 13.99
CA SER N 77 62.56 69.34 13.92
C SER N 77 61.57 70.35 13.36
N LEU N 78 61.30 71.40 14.13
CA LEU N 78 60.36 72.42 13.70
C LEU N 78 60.97 73.28 12.59
N GLN N 79 60.11 73.78 11.72
CA GLN N 79 60.53 74.58 10.58
C GLN N 79 59.72 75.87 10.55
N PRO N 80 60.31 76.95 9.98
CA PRO N 80 59.56 78.22 9.91
C PRO N 80 58.26 78.12 9.13
N ASP N 81 58.21 77.29 8.09
CA ASP N 81 57.01 77.12 7.29
C ASP N 81 56.18 75.91 7.70
N ASP N 82 56.44 75.36 8.89
CA ASP N 82 55.70 74.21 9.39
C ASP N 82 54.52 74.61 10.27
N PHE N 83 54.22 75.91 10.38
CA PHE N 83 53.12 76.39 11.20
C PHE N 83 51.86 76.47 10.35
N ALA N 84 50.89 75.62 10.64
CA ALA N 84 49.63 75.59 9.91
C ALA N 84 48.61 74.85 10.77
N THR N 85 47.46 74.54 10.19
CA THR N 85 46.44 73.75 10.87
C THR N 85 46.45 72.32 10.35
N TYR N 86 46.33 71.37 11.27
CA TYR N 86 46.42 69.95 10.97
C TYR N 86 45.06 69.31 11.20
N TYR N 87 44.64 68.44 10.27
CA TYR N 87 43.36 67.77 10.41
C TYR N 87 43.52 66.27 10.25
N CYS N 88 42.72 65.51 10.98
CA CYS N 88 42.71 64.06 10.90
C CYS N 88 41.34 63.57 10.46
N GLN N 89 41.32 62.62 9.53
CA GLN N 89 40.08 62.06 9.01
C GLN N 89 40.17 60.54 8.95
N GLN N 90 39.10 59.86 9.34
CA GLN N 90 39.06 58.41 9.26
C GLN N 90 38.27 57.99 8.03
N TYR N 91 38.68 56.87 7.43
CA TYR N 91 37.95 56.31 6.30
C TYR N 91 37.76 54.81 6.47
N ASP N 92 37.54 54.37 7.71
CA ASP N 92 37.18 52.99 7.94
C ASP N 92 35.69 52.81 7.73
N SER N 93 34.87 53.49 8.52
CA SER N 93 33.44 53.53 8.28
C SER N 93 33.14 54.50 7.13
N PHE N 94 31.92 54.42 6.60
CA PHE N 94 31.63 55.16 5.39
C PHE N 94 31.47 56.64 5.66
N SER N 95 30.81 57.00 6.76
CA SER N 95 30.61 58.41 7.09
C SER N 95 31.94 59.01 7.51
N TRP N 96 32.54 59.81 6.63
CA TRP N 96 33.89 60.31 6.83
C TRP N 96 33.83 61.65 7.56
N THR N 97 34.41 61.68 8.76
CA THR N 97 34.39 62.86 9.62
C THR N 97 35.82 63.32 9.89
N PHE N 98 36.03 64.63 9.88
CA PHE N 98 37.35 65.19 10.09
C PHE N 98 37.63 65.34 11.59
N GLY N 99 38.70 66.05 11.93
CA GLY N 99 39.04 66.35 13.30
C GLY N 99 38.70 67.78 13.69
N GLN N 100 39.00 68.12 14.94
CA GLN N 100 38.68 69.45 15.46
C GLN N 100 39.62 70.52 14.91
N GLY N 101 40.92 70.24 14.87
CA GLY N 101 41.88 71.21 14.39
C GLY N 101 42.93 71.56 15.42
N THR N 102 44.06 72.10 14.96
CA THR N 102 45.14 72.49 15.85
C THR N 102 45.96 73.58 15.17
N LYS N 103 46.48 74.51 15.97
CA LYS N 103 47.29 75.62 15.48
C LYS N 103 48.70 75.51 16.04
N LEU N 104 49.68 75.84 15.20
CA LEU N 104 51.08 75.77 15.58
C LEU N 104 51.73 77.14 15.40
N GLU N 105 52.58 77.52 16.35
CA GLU N 105 53.27 78.81 16.29
C GLU N 105 54.58 78.76 17.05
N GLU O 1 49.78 67.86 -15.43
CA GLU O 1 49.36 68.61 -14.25
C GLU O 1 47.90 68.35 -13.92
N VAL O 2 47.64 67.28 -13.16
CA VAL O 2 46.29 66.98 -12.74
C VAL O 2 45.81 68.06 -11.77
N GLN O 3 44.62 68.59 -12.02
CA GLN O 3 44.14 69.74 -11.25
C GLN O 3 42.63 69.87 -11.42
N LEU O 4 42.05 70.74 -10.61
CA LEU O 4 40.62 71.01 -10.59
C LEU O 4 40.39 72.51 -10.70
N VAL O 5 39.39 72.90 -11.48
CA VAL O 5 39.02 74.29 -11.66
C VAL O 5 37.57 74.47 -11.23
N GLN O 6 37.34 75.44 -10.36
CA GLN O 6 36.01 75.71 -9.81
C GLN O 6 35.38 76.94 -10.45
N SER O 7 34.09 77.10 -10.19
CA SER O 7 33.36 78.25 -10.72
C SER O 7 33.73 79.51 -9.94
N GLY O 8 33.36 80.66 -10.51
CA GLY O 8 33.64 81.94 -9.87
C GLY O 8 32.65 82.26 -8.76
N ALA O 9 32.99 83.31 -8.00
CA ALA O 9 32.13 83.76 -6.92
C ALA O 9 30.83 84.34 -7.46
N GLU O 10 29.72 84.03 -6.79
CA GLU O 10 28.43 84.55 -7.20
C GLU O 10 27.52 84.68 -5.99
N VAL O 11 26.63 85.67 -6.03
CA VAL O 11 25.65 85.92 -4.98
C VAL O 11 24.32 86.28 -5.63
N LYS O 12 23.23 85.74 -5.07
CA LYS O 12 21.90 85.99 -5.62
C LYS O 12 20.89 85.98 -4.49
N LYS O 13 19.63 86.21 -4.85
CA LYS O 13 18.56 86.30 -3.87
C LYS O 13 18.21 84.92 -3.31
N PRO O 14 17.66 84.87 -2.11
CA PRO O 14 17.20 83.58 -1.56
C PRO O 14 16.15 82.95 -2.44
N GLY O 15 16.17 81.62 -2.50
CA GLY O 15 15.24 80.88 -3.33
C GLY O 15 15.59 80.83 -4.80
N GLU O 16 16.77 81.31 -5.18
CA GLU O 16 17.19 81.30 -6.57
C GLU O 16 17.87 79.97 -6.92
N SER O 17 18.41 79.91 -8.13
CA SER O 17 19.14 78.75 -8.61
C SER O 17 20.63 79.07 -8.67
N LEU O 18 21.44 78.26 -8.01
CA LEU O 18 22.89 78.47 -7.95
C LEU O 18 23.58 77.15 -8.19
N LYS O 19 24.43 77.09 -9.21
CA LYS O 19 25.15 75.89 -9.59
C LYS O 19 26.64 76.13 -9.50
N ILE O 20 27.35 75.26 -8.79
CA ILE O 20 28.80 75.31 -8.68
C ILE O 20 29.37 74.11 -9.42
N SER O 21 30.29 74.36 -10.34
CA SER O 21 30.88 73.31 -11.17
C SER O 21 32.37 73.22 -10.90
N CYS O 22 32.86 72.02 -10.66
CA CYS O 22 34.29 71.74 -10.60
C CYS O 22 34.64 70.81 -11.74
N LYS O 23 35.57 71.24 -12.59
CA LYS O 23 36.05 70.45 -13.72
C LYS O 23 37.43 69.90 -13.39
N GLY O 24 37.59 68.59 -13.55
CA GLY O 24 38.87 67.95 -13.35
C GLY O 24 39.58 67.76 -14.67
N SER O 25 40.79 68.31 -14.76
CA SER O 25 41.57 68.21 -15.99
C SER O 25 43.03 67.95 -15.63
N GLY O 26 43.65 67.03 -16.36
CA GLY O 26 45.04 66.71 -16.12
C GLY O 26 45.36 65.24 -16.26
N TYR O 27 44.33 64.39 -16.35
CA TYR O 27 44.56 62.97 -16.56
C TYR O 27 43.31 62.36 -17.19
N SER O 28 43.52 61.24 -17.87
CA SER O 28 42.45 60.56 -18.60
C SER O 28 41.65 59.69 -17.64
N PHE O 29 40.83 58.80 -18.21
CA PHE O 29 40.01 57.86 -17.43
C PHE O 29 39.10 58.61 -16.45
N THR O 30 38.57 59.75 -16.89
CA THR O 30 37.62 60.48 -16.08
C THR O 30 36.30 59.70 -16.01
N SER O 31 35.45 60.10 -15.07
CA SER O 31 34.19 59.47 -14.73
C SER O 31 34.39 58.11 -14.08
N TYR O 32 35.62 57.68 -13.86
CA TYR O 32 35.91 56.45 -13.13
C TYR O 32 36.39 56.71 -11.71
N TYR O 33 36.33 57.97 -11.25
CA TYR O 33 36.66 58.35 -9.90
C TYR O 33 35.39 58.75 -9.16
N TRP O 34 35.53 59.01 -7.87
CA TRP O 34 34.47 59.60 -7.06
C TRP O 34 34.76 61.06 -6.85
N ILE O 35 33.82 61.93 -7.19
CA ILE O 35 33.99 63.38 -7.05
C ILE O 35 32.94 63.88 -6.08
N GLY O 36 33.36 64.67 -5.09
CA GLY O 36 32.45 65.16 -4.08
C GLY O 36 32.74 66.62 -3.73
N TRP O 37 31.91 67.15 -2.84
CA TRP O 37 32.08 68.49 -2.29
C TRP O 37 32.21 68.38 -0.79
N VAL O 38 33.23 69.02 -0.24
CA VAL O 38 33.44 69.04 1.21
C VAL O 38 32.90 70.36 1.75
N ARG O 39 32.02 70.28 2.74
CA ARG O 39 31.37 71.45 3.32
C ARG O 39 32.32 72.05 4.37
N GLN O 40 33.27 72.83 3.89
CA GLN O 40 34.35 73.33 4.74
C GLN O 40 33.98 74.70 5.28
N MET O 41 34.04 74.85 6.60
CA MET O 41 33.85 76.14 7.27
C MET O 41 34.96 76.30 8.31
N PRO O 42 36.20 76.48 7.89
CA PRO O 42 37.31 76.62 8.85
C PRO O 42 37.15 77.80 9.80
N GLY O 43 36.50 78.87 9.36
CA GLY O 43 36.28 80.02 10.22
C GLY O 43 35.24 79.76 11.29
N LEU O 46 34.32 71.90 7.64
CA LEU O 46 34.81 71.01 8.67
C LEU O 46 34.02 69.71 8.63
N GLU O 47 33.10 69.63 7.69
CA GLU O 47 32.21 68.49 7.52
C GLU O 47 32.18 68.07 6.07
N TRP O 48 31.88 66.80 5.84
CA TRP O 48 31.90 66.20 4.51
C TRP O 48 30.49 66.03 3.98
N MET O 49 30.30 66.34 2.71
CA MET O 49 29.06 66.05 2.00
C MET O 49 29.34 64.93 1.00
N GLY O 50 28.29 64.22 0.62
CA GLY O 50 28.43 63.02 -0.18
C GLY O 50 29.12 63.25 -1.52
N ILE O 51 29.28 62.15 -2.24
CA ILE O 51 30.08 62.10 -3.46
C ILE O 51 29.23 61.50 -4.58
N VAL O 52 29.79 61.50 -5.79
CA VAL O 52 29.11 60.98 -6.96
C VAL O 52 30.11 60.20 -7.81
N TYR O 53 29.64 59.08 -8.37
CA TYR O 53 30.35 58.31 -9.38
C TYR O 53 29.75 58.66 -10.74
N PRO O 54 30.47 59.39 -11.60
CA PRO O 54 29.83 59.91 -12.82
C PRO O 54 29.28 58.84 -13.75
N ASP O 55 29.92 57.68 -13.85
CA ASP O 55 29.48 56.68 -14.83
C ASP O 55 28.11 56.11 -14.49
N ASP O 56 27.93 55.65 -13.26
CA ASP O 56 26.68 55.05 -12.85
C ASP O 56 25.75 56.04 -12.15
N SER O 57 26.17 57.30 -11.99
CA SER O 57 25.37 58.32 -11.31
C SER O 57 24.98 57.90 -9.90
N ASP O 58 25.75 57.00 -9.30
CA ASP O 58 25.52 56.60 -7.92
C ASP O 58 25.99 57.70 -6.98
N THR O 59 25.15 58.08 -6.03
CA THR O 59 25.43 59.18 -5.13
C THR O 59 25.17 58.75 -3.69
N ARG O 60 26.10 59.13 -2.81
CA ARG O 60 25.90 59.04 -1.37
C ARG O 60 25.83 60.43 -0.76
N TYR O 61 25.39 60.49 0.49
CA TYR O 61 25.28 61.73 1.22
C TYR O 61 25.60 61.49 2.69
N SER O 62 26.19 62.48 3.33
CA SER O 62 26.40 62.39 4.77
C SER O 62 25.05 62.47 5.48
N PRO O 63 24.87 61.74 6.58
CA PRO O 63 23.57 61.76 7.26
C PRO O 63 23.17 63.13 7.77
N SER O 64 24.13 63.95 8.20
CA SER O 64 23.81 65.19 8.89
C SER O 64 23.25 66.24 7.92
N PHE O 65 24.06 66.68 6.97
CA PHE O 65 23.70 67.77 6.07
C PHE O 65 23.74 67.26 4.63
N GLN O 66 22.56 67.13 4.03
CA GLN O 66 22.39 66.59 2.69
C GLN O 66 22.21 67.73 1.70
N GLY O 67 22.93 67.67 0.59
CA GLY O 67 22.91 68.74 -0.40
C GLY O 67 21.75 68.72 -1.37
N GLN O 68 21.02 67.60 -1.41
CA GLN O 68 19.87 67.44 -2.36
C GLN O 68 20.31 67.91 -3.74
N VAL O 69 21.28 67.23 -4.35
CA VAL O 69 21.80 67.63 -5.70
C VAL O 69 22.01 66.39 -6.55
N THR O 70 21.44 66.37 -7.77
CA THR O 70 21.65 65.22 -8.70
C THR O 70 22.96 65.46 -9.46
N ILE O 71 24.11 65.24 -8.80
CA ILE O 71 25.42 65.53 -9.45
C ILE O 71 25.64 64.55 -10.60
N SER O 72 25.79 65.07 -11.83
CA SER O 72 26.07 64.24 -12.98
C SER O 72 27.01 65.00 -13.92
N ALA O 73 27.43 64.32 -14.98
CA ALA O 73 28.34 64.89 -15.96
C ALA O 73 27.99 64.38 -17.35
N ASP O 74 27.95 65.29 -18.32
CA ASP O 74 27.79 64.89 -19.71
C ASP O 74 29.05 64.18 -20.19
N LYS O 75 28.87 63.29 -21.18
CA LYS O 75 29.98 62.49 -21.66
C LYS O 75 31.11 63.35 -22.23
N SER O 76 30.79 64.54 -22.75
CA SER O 76 31.81 65.41 -23.30
C SER O 76 32.50 66.23 -22.21
N ILE O 77 31.74 67.06 -21.50
CA ILE O 77 32.34 67.97 -20.53
C ILE O 77 32.90 67.22 -19.34
N SER O 78 32.19 66.18 -18.87
CA SER O 78 32.59 65.40 -17.71
C SER O 78 32.86 66.29 -16.49
N THR O 79 31.94 67.21 -16.24
CA THR O 79 32.01 68.10 -15.08
C THR O 79 30.95 67.69 -14.07
N ALA O 80 31.36 67.54 -12.82
CA ALA O 80 30.44 67.19 -11.74
C ALA O 80 29.83 68.45 -11.14
N TYR O 81 29.11 69.19 -11.98
CA TYR O 81 28.48 70.43 -11.54
C TYR O 81 27.35 70.14 -10.57
N LEU O 82 27.26 70.97 -9.54
CA LEU O 82 26.22 70.81 -8.53
C LEU O 82 24.86 71.14 -9.12
N GLN O 83 23.92 70.20 -9.00
CA GLN O 83 22.57 70.37 -9.52
C GLN O 83 21.62 70.88 -8.45
N TRP O 84 21.88 72.07 -7.92
CA TRP O 84 21.16 72.62 -6.78
C TRP O 84 20.35 73.82 -7.24
N SER O 85 19.11 73.58 -7.66
CA SER O 85 18.26 74.63 -8.19
C SER O 85 17.44 75.35 -7.12
N SER O 86 17.11 74.67 -6.02
CA SER O 86 16.37 75.26 -4.93
C SER O 86 17.27 75.42 -3.72
N LEU O 87 17.37 76.65 -3.22
CA LEU O 87 18.27 76.96 -2.12
C LEU O 87 17.51 77.70 -1.03
N LYS O 88 18.03 77.61 0.18
CA LYS O 88 17.48 78.30 1.34
C LYS O 88 18.50 79.31 1.85
N ALA O 89 18.01 80.45 2.35
CA ALA O 89 18.89 81.50 2.83
C ALA O 89 19.61 81.13 4.12
N SER O 90 19.23 80.03 4.77
CA SER O 90 19.80 79.69 6.07
C SER O 90 21.28 79.38 5.98
N ASP O 91 21.70 78.63 4.96
CA ASP O 91 23.05 78.11 4.89
C ASP O 91 23.90 78.89 3.89
N THR O 92 25.15 79.14 4.28
CA THR O 92 26.17 79.72 3.40
C THR O 92 27.16 78.60 3.10
N ALA O 93 26.87 77.82 2.05
CA ALA O 93 27.59 76.59 1.76
C ALA O 93 28.75 76.90 0.82
N MET O 94 29.96 77.02 1.39
CA MET O 94 31.16 77.21 0.60
C MET O 94 31.73 75.84 0.25
N TYR O 95 32.10 75.67 -1.01
CA TYR O 95 32.38 74.34 -1.56
C TYR O 95 33.82 74.23 -2.06
N TYR O 96 34.49 73.16 -1.63
CA TYR O 96 35.70 72.65 -2.26
C TYR O 96 35.37 71.31 -2.90
N CYS O 97 35.87 71.09 -4.12
CA CYS O 97 35.68 69.82 -4.79
C CYS O 97 36.83 68.88 -4.46
N VAL O 98 36.48 67.61 -4.22
CA VAL O 98 37.40 66.60 -3.74
C VAL O 98 37.34 65.40 -4.67
N ARG O 99 38.48 64.74 -4.87
CA ARG O 99 38.54 63.52 -5.65
C ARG O 99 38.99 62.36 -4.77
N HIS O 100 38.36 61.20 -4.94
CA HIS O 100 38.70 59.99 -4.21
C HIS O 100 39.56 59.08 -5.06
N PRO O 101 40.66 58.54 -4.53
CA PRO O 101 41.40 57.53 -5.29
C PRO O 101 40.57 56.31 -5.64
N GLY O 102 39.62 55.93 -4.78
CA GLY O 102 38.75 54.81 -5.04
C GLY O 102 39.38 53.49 -4.66
N GLY O 103 38.54 52.45 -4.68
CA GLY O 103 39.01 51.09 -4.47
C GLY O 103 39.70 50.86 -3.14
N GLY O 104 39.09 51.32 -2.06
CA GLY O 104 39.65 51.17 -0.73
C GLY O 104 40.36 52.40 -0.21
N ASP O 105 41.09 53.10 -1.06
CA ASP O 105 41.74 54.35 -0.69
C ASP O 105 40.66 55.43 -0.72
N TRP O 106 40.03 55.68 0.44
CA TRP O 106 38.88 56.56 0.53
C TRP O 106 39.22 57.92 1.11
N TYR O 107 40.50 58.30 1.14
CA TYR O 107 40.88 59.62 1.60
C TYR O 107 40.70 60.62 0.45
N PHE O 108 41.21 61.83 0.62
CA PHE O 108 41.14 62.87 -0.39
C PHE O 108 42.55 63.22 -0.84
N ASP O 109 42.77 63.21 -2.15
CA ASP O 109 44.08 63.54 -2.72
C ASP O 109 44.05 64.74 -3.63
N LEU O 110 43.03 64.86 -4.47
CA LEU O 110 42.91 65.98 -5.41
C LEU O 110 41.90 66.98 -4.87
N TRP O 111 42.34 68.22 -4.72
CA TRP O 111 41.56 69.31 -4.12
C TRP O 111 41.56 70.50 -5.06
N GLY O 112 40.51 71.31 -4.96
CA GLY O 112 40.39 72.48 -5.80
C GLY O 112 40.81 73.75 -5.09
N ARG O 113 41.07 74.81 -5.87
CA ARG O 113 41.38 76.10 -5.26
C ARG O 113 40.22 76.61 -4.43
N GLY O 114 39.00 76.44 -4.92
CA GLY O 114 37.81 76.79 -4.17
C GLY O 114 37.11 78.01 -4.75
N THR O 115 35.97 78.32 -4.14
CA THR O 115 35.18 79.48 -4.51
C THR O 115 34.43 79.96 -3.29
N LEU O 116 34.02 81.23 -3.32
CA LEU O 116 33.31 81.85 -2.20
C LEU O 116 31.92 82.24 -2.66
N VAL O 117 30.90 81.74 -1.95
CA VAL O 117 29.50 82.03 -2.24
C VAL O 117 28.87 82.62 -1.00
N THR O 118 28.23 83.77 -1.15
CA THR O 118 27.51 84.43 -0.08
C THR O 118 26.01 84.31 -0.35
N VAL O 119 25.24 83.97 0.67
CA VAL O 119 23.82 83.74 0.52
C VAL O 119 23.09 85.07 0.61
N SER O 120 21.97 85.16 -0.10
CA SER O 120 21.13 86.36 -0.12
C SER O 120 21.91 87.60 -0.56
C1 NAG P . -72.08 7.90 84.20
C2 NAG P . -70.89 8.54 84.89
C3 NAG P . -71.37 9.62 85.84
C4 NAG P . -72.35 10.57 85.18
C5 NAG P . -73.39 9.83 84.32
C6 NAG P . -74.20 10.74 83.42
C7 NAG P . -68.81 7.72 85.93
C8 NAG P . -68.16 6.59 86.66
N2 NAG P . -70.10 7.54 85.61
O3 NAG P . -70.25 10.37 86.34
O4 NAG P . -73.06 11.26 86.21
O5 NAG P . -72.76 8.87 83.46
O6 NAG P . -73.36 11.68 82.75
O7 NAG P . -68.21 8.74 85.62
C1 NAG P . -73.11 12.69 86.03
C2 NAG P . -74.32 13.20 86.80
C3 NAG P . -74.43 14.72 86.67
C4 NAG P . -73.11 15.38 87.08
C5 NAG P . -71.95 14.77 86.31
C6 NAG P . -70.60 15.29 86.76
C7 NAG P . -75.98 11.38 86.81
C8 NAG P . -77.26 10.87 86.23
N2 NAG P . -75.54 12.56 86.34
O3 NAG P . -75.49 15.19 87.50
O4 NAG P . -73.18 16.77 86.82
O5 NAG P . -71.93 13.35 86.50
O6 NAG P . -70.44 15.12 88.16
O7 NAG P . -75.35 10.77 87.68
C1 NAG Q . -58.55 20.99 72.11
C2 NAG Q . -58.86 21.41 73.54
C3 NAG Q . -58.75 22.93 73.68
C4 NAG Q . -57.39 23.40 73.21
C5 NAG Q . -57.14 22.92 71.77
C6 NAG Q . -55.77 23.26 71.24
C7 NAG Q . -60.39 19.93 74.77
C8 NAG Q . -61.81 19.60 75.07
N2 NAG Q . -60.18 20.96 73.94
O3 NAG Q . -58.94 23.30 75.04
O4 NAG Q . -57.30 24.82 73.26
O5 NAG Q . -57.26 21.49 71.72
O6 NAG Q . -54.78 22.44 71.84
O7 NAG Q . -59.45 19.29 75.25
C1 NAG Q . -56.20 25.18 74.12
C2 NAG Q . -55.71 26.58 73.74
C3 NAG Q . -54.55 26.99 74.65
C4 NAG Q . -54.96 26.87 76.11
C5 NAG Q . -55.51 25.47 76.40
C6 NAG Q . -56.05 25.32 77.80
C7 NAG Q . -55.99 27.29 71.42
C8 NAG Q . -55.43 27.24 70.02
N2 NAG Q . -55.31 26.62 72.34
O3 NAG Q . -54.18 28.33 74.37
O4 NAG Q . -53.83 27.11 76.95
O5 NAG Q . -56.59 25.17 75.51
O6 NAG Q . -56.89 26.41 78.14
O7 NAG Q . -57.02 27.90 71.67
C1 NAG R . -54.00 37.94 58.60
C2 NAG R . -54.48 39.22 59.29
C3 NAG R . -53.55 40.39 58.95
C4 NAG R . -52.10 40.02 59.26
C5 NAG R . -51.73 38.71 58.58
C6 NAG R . -50.36 38.21 58.95
C7 NAG R . -56.66 40.28 59.66
C8 NAG R . -58.04 40.51 59.12
N2 NAG R . -55.84 39.53 58.92
O3 NAG R . -53.93 41.53 59.69
O4 NAG R . -51.24 41.05 58.80
O5 NAG R . -52.65 37.67 58.97
O6 NAG R . -50.42 37.21 59.96
O7 NAG R . -56.29 40.77 60.74
C1 NAG R . -50.63 41.69 59.94
C2 NAG R . -49.23 42.16 59.54
C3 NAG R . -48.57 42.89 60.71
C4 NAG R . -49.48 44.00 61.23
C5 NAG R . -50.87 43.46 61.53
C6 NAG R . -51.86 44.54 61.93
C7 NAG R . -48.10 40.82 57.83
C8 NAG R . -47.23 39.63 57.57
N2 NAG R . -48.41 41.05 59.12
O3 NAG R . -47.33 43.43 60.29
O4 NAG R . -48.93 44.57 62.41
O5 NAG R . -51.42 42.81 60.38
O6 NAG R . -51.34 45.83 61.64
O7 NAG R . -48.51 41.55 56.93
C1 NAG S . 7.31 -33.89 36.19
C2 NAG S . 6.39 -35.01 36.63
C3 NAG S . 6.24 -35.00 38.15
C4 NAG S . 7.60 -34.99 38.83
C5 NAG S . 8.48 -33.87 38.26
C6 NAG S . 9.89 -33.90 38.80
C7 NAG S . 4.25 -35.92 35.83
C8 NAG S . 2.96 -35.61 35.15
N2 NAG S . 5.09 -34.89 35.99
O3 NAG S . 5.50 -36.15 38.57
O4 NAG S . 7.44 -34.77 40.23
O5 NAG S . 8.57 -34.01 36.84
O6 NAG S . 10.35 -35.23 39.01
O7 NAG S . 4.53 -37.05 36.23
C1 NAG S . 7.73 -35.98 40.96
C2 NAG S . 7.55 -35.68 42.44
C3 NAG S . 7.80 -36.94 43.27
C4 NAG S . 6.94 -38.08 42.76
C5 NAG S . 7.13 -38.28 41.26
C6 NAG S . 6.18 -39.31 40.68
C7 NAG S . 8.00 -33.56 43.59
C8 NAG S . 9.04 -32.54 43.95
N2 NAG S . 8.43 -34.60 42.87
O3 NAG S . 7.51 -36.67 44.63
O4 NAG S . 7.29 -39.29 43.43
O5 NAG S . 6.86 -37.05 40.58
O6 NAG S . 4.83 -39.02 41.02
O7 NAG S . 6.83 -33.45 43.94
C1 NAG T . -92.69 33.40 51.32
C2 NAG T . -92.99 34.11 50.03
C3 NAG T . -94.50 34.10 49.79
C4 NAG T . -95.08 32.70 49.99
C5 NAG T . -94.48 31.93 51.16
C6 NAG T . -94.76 30.45 51.10
C7 NAG T . -92.05 36.09 48.93
C8 NAG T . -91.55 37.50 49.13
N2 NAG T . -92.48 35.47 50.03
O3 NAG T . -94.76 34.55 48.47
O4 NAG T . -96.48 32.86 50.28
O5 NAG T . -93.05 32.06 51.23
O6 NAG T . -94.57 29.94 49.79
O7 NAG T . -92.05 35.54 47.83
C1 NAG T . -97.34 32.27 49.30
C2 NAG T . -98.68 32.03 49.98
C3 NAG T . -99.66 31.42 48.99
C4 NAG T . -99.77 32.27 47.73
C5 NAG T . -98.38 32.52 47.14
C6 NAG T . -98.39 33.49 45.98
C7 NAG T . -98.74 31.66 52.40
C8 NAG T . -98.55 30.67 53.51
N2 NAG T . -98.56 31.19 51.16
O3 NAG T . -100.95 31.30 49.60
O4 NAG T . -100.57 31.62 46.76
O5 NAG T . -97.51 33.09 48.14
O6 NAG T . -99.20 34.62 46.28
O7 NAG T . -99.03 32.83 52.62
C1 NAG U . -85.53 23.15 32.75
C2 NAG U . -86.92 23.76 32.78
C3 NAG U . -87.79 23.14 31.68
C4 NAG U . -87.10 23.25 30.33
C5 NAG U . -85.70 22.65 30.41
C6 NAG U . -84.89 22.80 29.14
C7 NAG U . -88.41 24.46 34.60
C8 NAG U . -88.95 24.11 35.96
N2 NAG U . -87.54 23.58 34.07
O3 NAG U . -89.05 23.82 31.63
O4 NAG U . -87.86 22.55 29.35
O5 NAG U . -84.95 23.30 31.45
O6 NAG U . -83.57 22.31 29.31
O7 NAG U . -88.73 25.48 34.01
C1 NAG U . -88.18 23.44 28.25
C2 NAG U . -88.51 22.57 27.03
C3 NAG U . -88.87 23.46 25.85
C4 NAG U . -89.98 24.44 26.22
C5 NAG U . -89.61 25.21 27.49
C6 NAG U . -90.72 26.10 27.98
C7 NAG U . -87.43 20.37 26.95
C8 NAG U . -86.21 19.61 26.54
N2 NAG U . -87.42 21.68 26.70
O3 NAG U . -89.28 22.65 24.75
O4 NAG U . -90.20 25.36 25.17
O5 NAG U . -89.29 24.29 28.55
O6 NAG U . -91.92 25.37 28.19
O7 NAG U . -88.39 19.83 27.48
C1 NAG V . -84.37 6.32 18.54
C2 NAG V . -85.78 6.06 18.03
C3 NAG V . -85.73 5.64 16.57
C4 NAG V . -84.94 6.64 15.74
C5 NAG V . -83.56 6.89 16.37
C6 NAG V . -82.79 7.99 15.69
C7 NAG V . -87.75 5.16 19.17
C8 NAG V . -88.29 4.03 20.00
N2 NAG V . -86.46 5.06 18.83
O3 NAG V . -87.05 5.53 16.06
O4 NAG V . -84.73 6.12 14.42
O5 NAG V . -83.73 7.30 17.74
O6 NAG V . -83.39 9.26 15.91
O7 NAG V . -88.45 6.11 18.82
C1 NAG V . -85.49 6.88 13.46
C2 NAG V . -84.70 6.90 12.15
C3 NAG V . -85.49 7.65 11.08
C4 NAG V . -86.89 7.07 10.94
C5 NAG V . -87.59 7.04 12.30
C6 NAG V . -88.93 6.37 12.26
C7 NAG V . -82.25 6.79 12.25
C8 NAG V . -80.98 7.55 12.46
N2 NAG V . -83.39 7.50 12.33
O3 NAG V . -84.79 7.58 9.84
O4 NAG V . -87.65 7.85 10.04
O5 NAG V . -86.78 6.32 13.25
O6 NAG V . -88.82 4.97 12.46
O7 NAG V . -82.25 5.58 12.02
C1 NAG W . 2.22 50.01 19.14
C2 NAG W . 2.19 50.56 20.56
C3 NAG W . 1.12 51.64 20.68
C4 NAG W . 1.31 52.70 19.60
C5 NAG W . 1.42 52.06 18.22
C6 NAG W . 1.77 53.04 17.13
C7 NAG W . 2.41 49.53 22.77
C8 NAG W . 2.07 48.34 23.63
N2 NAG W . 1.95 49.50 21.53
O3 NAG W . 1.19 52.24 21.96
O4 NAG W . 0.19 53.58 19.60
O5 NAG W . 2.46 51.06 18.23
O6 NAG W . 2.54 54.12 17.63
O7 NAG W . 3.07 50.46 23.20
C1 NAG W . 0.54 54.85 20.18
C2 NAG W . -0.71 55.74 20.12
C3 NAG W . -0.43 57.09 20.78
C4 NAG W . 0.10 56.89 22.19
C5 NAG W . 1.31 55.96 22.18
C6 NAG W . 1.81 55.62 23.56
C7 NAG W . -2.19 55.29 18.22
C8 NAG W . -2.50 55.60 16.79
N2 NAG W . -1.14 55.93 18.75
O3 NAG W . -1.64 57.84 20.82
O4 NAG W . 0.48 58.14 22.76
O5 NAG W . 0.96 54.72 21.55
O6 NAG W . 1.55 56.67 24.48
O7 NAG W . -2.87 54.51 18.87
C1 NAG X . -96.73 -13.00 50.79
C2 NAG X . -96.39 -14.45 50.48
C3 NAG X . -96.97 -15.35 51.57
C4 NAG X . -96.67 -14.83 52.98
C5 NAG X . -96.79 -13.30 53.09
C6 NAG X . -96.16 -12.76 54.35
C7 NAG X . -96.39 -15.88 48.48
C8 NAG X . -97.02 -16.14 47.15
N2 NAG X . -96.88 -14.84 49.17
O3 NAG X . -96.44 -16.66 51.41
O4 NAG X . -97.64 -15.39 53.84
O5 NAG X . -96.15 -12.64 51.99
O6 NAG X . -94.98 -13.47 54.70
O7 NAG X . -95.47 -16.57 48.92
C1 NAG X . -97.08 -16.10 54.96
C2 NAG X . -98.07 -15.99 56.12
C3 NAG X . -97.56 -16.76 57.32
C4 NAG X . -97.24 -18.20 56.94
C5 NAG X . -96.30 -18.22 55.75
C6 NAG X . -96.06 -19.62 55.22
C7 NAG X . -99.21 -13.83 55.82
C8 NAG X . -99.33 -12.41 56.32
N2 NAG X . -98.32 -14.60 56.47
O3 NAG X . -98.55 -16.74 58.35
O4 NAG X . -96.63 -18.87 58.03
O5 NAG X . -96.86 -17.47 54.65
O6 NAG X . -96.05 -19.65 53.80
O7 NAG X . -99.87 -14.24 54.88
C1 NAG Y . -75.33 -19.22 52.43
C2 NAG Y . -76.40 -20.07 53.11
C3 NAG Y . -75.78 -20.96 54.19
C4 NAG Y . -74.64 -21.76 53.62
C5 NAG Y . -73.63 -20.84 52.94
C6 NAG Y . -72.50 -21.58 52.25
C7 NAG Y . -78.74 -19.45 53.48
C8 NAG Y . -79.69 -18.49 54.15
N2 NAG Y . -77.44 -19.23 53.68
O3 NAG Y . -76.77 -21.81 54.73
O4 NAG Y . -73.99 -22.50 54.65
O5 NAG Y . -74.29 -20.07 51.94
O6 NAG Y . -71.36 -20.74 52.08
O7 NAG Y . -79.15 -20.37 52.78
C1 NAG Y . -74.15 -23.91 54.38
C2 NAG Y . -73.00 -24.68 55.02
C3 NAG Y . -73.16 -26.17 54.75
C4 NAG Y . -74.53 -26.65 55.21
C5 NAG Y . -75.64 -25.78 54.61
C6 NAG Y . -77.00 -26.11 55.15
C7 NAG Y . -70.85 -23.52 55.31
C8 NAG Y . -69.58 -23.11 54.65
N2 NAG Y . -71.71 -24.21 54.54
O3 NAG Y . -72.14 -26.89 55.45
O4 NAG Y . -74.73 -28.00 54.80
O5 NAG Y . -75.40 -24.40 54.89
O6 NAG Y . -77.11 -25.77 56.52
O7 NAG Y . -71.11 -23.24 56.48
C1 NAG Z . -55.77 -21.33 62.64
C2 NAG Z . -55.98 -22.11 63.93
C3 NAG Z . -54.80 -23.05 64.17
C4 NAG Z . -54.55 -23.93 62.96
C5 NAG Z . -54.39 -23.06 61.72
C6 NAG Z . -54.25 -23.86 60.45
C7 NAG Z . -57.05 -21.48 66.04
C8 NAG Z . -57.11 -20.46 67.13
N2 NAG Z . -56.18 -21.22 65.06
O3 NAG Z . -55.08 -23.85 65.32
O4 NAG Z . -53.36 -24.69 63.15
O5 NAG Z . -55.55 -22.23 61.55
O6 NAG Z . -55.14 -24.96 60.42
O7 NAG Z . -57.74 -22.48 66.05
C1 NAG Z . -53.69 -26.09 63.26
C2 NAG Z . -52.45 -26.89 62.87
C3 NAG Z . -52.71 -28.38 63.02
C4 NAG Z . -53.23 -28.69 64.43
C5 NAG Z . -54.44 -27.83 64.74
C6 NAG Z . -54.93 -27.99 66.16
C7 NAG Z . -51.11 -25.63 61.25
C8 NAG Z . -50.78 -25.43 59.80
N2 NAG Z . -52.02 -26.57 61.52
O3 NAG Z . -51.52 -29.10 62.78
O4 NAG Z . -53.60 -30.07 64.50
O5 NAG Z . -54.10 -26.44 64.59
O6 NAG Z . -53.93 -27.64 67.10
O7 NAG Z . -50.58 -24.96 62.13
C1 NAG AA . -38.01 -6.72 -31.11
C2 NAG AA . -39.17 -5.85 -31.61
C3 NAG AA . -40.49 -6.59 -31.46
C4 NAG AA . -40.42 -7.96 -32.13
C5 NAG AA . -39.22 -8.74 -31.60
C6 NAG AA . -39.02 -10.06 -32.30
C7 NAG AA . -38.47 -3.52 -31.23
C8 NAG AA . -38.66 -2.31 -30.39
N2 NAG AA . -39.22 -4.59 -30.89
O3 NAG AA . -41.53 -5.82 -32.06
O4 NAG AA . -41.61 -8.69 -31.85
O5 NAG AA . -38.02 -7.98 -31.79
O6 NAG AA . -38.78 -9.88 -33.69
O7 NAG AA . -37.68 -3.55 -32.17
C1 NAG AA . -42.41 -8.80 -33.04
C2 NAG AA . -43.51 -9.82 -32.77
C3 NAG AA . -44.45 -9.91 -33.97
C4 NAG AA . -44.98 -8.53 -34.34
C5 NAG AA . -43.82 -7.57 -34.56
C6 NAG AA . -44.26 -6.16 -34.83
C7 NAG AA . -43.30 -11.84 -31.39
C8 NAG AA . -42.61 -13.16 -31.23
N2 NAG AA . -42.95 -11.13 -32.47
O3 NAG AA . -45.53 -10.78 -33.66
O4 NAG AA . -45.76 -8.61 -35.53
O5 NAG AA . -43.00 -7.53 -33.38
O6 NAG AA . -45.33 -5.77 -33.97
O7 NAG AA . -44.13 -11.44 -30.60
C1 NAG BA . -80.54 -9.76 80.57
C2 NAG BA . -79.72 -10.85 81.24
C3 NAG BA . -80.27 -12.23 80.86
C4 NAG BA . -81.75 -12.31 81.17
C5 NAG BA . -82.49 -11.14 80.53
C6 NAG BA . -83.95 -11.08 80.94
C7 NAG BA . -77.38 -10.34 81.77
C8 NAG BA . -75.97 -10.29 81.25
N2 NAG BA . -78.31 -10.75 80.91
O3 NAG BA . -79.56 -13.24 81.58
O4 NAG BA . -82.29 -13.53 80.66
O5 NAG BA . -81.91 -9.90 80.93
O6 NAG BA . -84.19 -10.00 81.84
O7 NAG BA . -77.66 -10.04 82.94
C1 NAG CA . -64.25 -11.41 75.69
C2 NAG CA . -65.60 -12.13 75.77
C3 NAG CA . -65.72 -12.92 77.07
C4 NAG CA . -64.52 -13.84 77.25
C5 NAG CA . -63.22 -13.04 77.13
C6 NAG CA . -61.99 -13.91 77.19
C7 NAG CA . -67.36 -11.01 74.48
C8 NAG CA . -68.47 -10.01 74.52
N2 NAG CA . -66.70 -11.20 75.63
O3 NAG CA . -66.92 -13.67 77.07
O4 NAG CA . -64.56 -14.48 78.52
O5 NAG CA . -63.19 -12.35 75.88
O6 NAG CA . -61.12 -13.50 78.24
O7 NAG CA . -67.06 -11.62 73.45
C1 NAG DA . -56.49 2.63 77.59
C2 NAG DA . -55.55 3.80 77.87
C3 NAG DA . -54.12 3.42 77.55
C4 NAG DA . -53.72 2.15 78.28
C5 NAG DA . -54.72 1.03 77.98
C6 NAG DA . -54.46 -0.23 78.77
C7 NAG DA . -55.87 6.22 77.62
C8 NAG DA . -56.32 7.32 76.71
N2 NAG DA . -55.95 4.98 77.12
O3 NAG DA . -53.24 4.49 77.92
O4 NAG DA . -52.42 1.74 77.89
O5 NAG DA . -56.05 1.47 78.31
O6 NAG DA . -53.09 -0.59 78.71
O7 NAG DA . -55.43 6.44 78.75
C1 NAG EA . -22.17 -5.36 71.55
C2 NAG EA . -21.01 -5.35 72.55
C3 NAG EA . -20.11 -6.55 72.33
C4 NAG EA . -20.91 -7.83 72.37
C5 NAG EA . -22.09 -7.76 71.39
C6 NAG EA . -23.00 -8.96 71.48
C7 NAG EA . -20.35 -3.11 73.33
C8 NAG EA . -19.50 -1.91 73.08
N2 NAG EA . -20.26 -4.10 72.44
O3 NAG EA . -19.09 -6.57 73.33
O4 NAG EA . -20.09 -8.94 72.03
O5 NAG EA . -22.89 -6.60 71.67
O6 NAG EA . -24.36 -8.56 71.56
O7 NAG EA . -21.10 -3.19 74.31
C1 NAG FA . -85.37 35.26 69.55
C2 NAG FA . -85.53 36.78 69.40
C3 NAG FA . -84.43 37.49 70.17
C4 NAG FA . -84.42 37.04 71.62
C5 NAG FA . -84.28 35.52 71.69
C6 NAG FA . -84.38 34.98 73.10
C7 NAG FA . -86.11 38.27 67.55
C8 NAG FA . -86.01 38.53 66.08
N2 NAG FA . -85.53 37.17 68.01
O3 NAG FA . -84.65 38.90 70.11
O4 NAG FA . -83.32 37.64 72.31
O5 NAG FA . -85.34 34.91 70.94
O6 NAG FA . -85.74 34.75 73.46
O7 NAG FA . -86.72 39.04 68.29
C1 NAG GA . -72.58 39.21 58.45
C2 NAG GA . -73.04 38.99 59.88
C3 NAG GA . -73.63 40.28 60.45
C4 NAG GA . -72.65 41.43 60.29
C5 NAG GA . -72.19 41.55 58.83
C6 NAG GA . -71.12 42.58 58.63
C7 NAG GA . -73.66 36.64 60.20
C8 NAG GA . -74.78 35.65 60.24
N2 NAG GA . -74.00 37.91 59.96
O3 NAG GA . -73.92 40.09 61.83
O4 NAG GA . -73.26 42.65 60.68
O5 NAG GA . -71.65 40.29 58.40
O6 NAG GA . -70.79 42.72 57.25
O7 NAG GA . -72.49 36.30 60.37
C1 NAG HA . -77.77 37.41 43.27
C2 NAG HA . -78.04 37.46 41.77
C3 NAG HA . -76.87 38.14 41.04
C4 NAG HA . -76.57 39.49 41.65
C5 NAG HA . -76.35 39.35 43.16
C6 NAG HA . -76.16 40.67 43.85
C7 NAG HA . -79.01 35.91 40.14
C8 NAG HA . -79.16 34.47 39.73
N2 NAG HA . -78.28 36.13 41.23
O3 NAG HA . -77.19 38.29 39.66
O4 NAG HA . -75.39 40.04 41.07
O5 NAG HA . -77.49 38.73 43.76
O6 NAG HA . -75.37 41.56 43.07
O7 NAG HA . -79.55 36.81 39.51
C1 NAG IA . -53.47 50.43 21.77
C2 NAG IA . -53.42 51.68 20.90
C3 NAG IA . -52.00 52.26 20.90
C4 NAG IA . -51.53 52.50 22.32
C5 NAG IA . -51.67 51.21 23.15
C6 NAG IA . -51.33 51.42 24.61
C7 NAG IA . -55.13 51.59 19.14
C8 NAG IA . -55.41 51.25 17.71
N2 NAG IA . -53.87 51.41 19.54
O3 NAG IA . -51.99 53.48 20.17
O4 NAG IA . -50.16 52.90 22.32
O5 NAG IA . -53.03 50.75 23.10
O6 NAG IA . -50.19 50.66 24.98
O7 NAG IA . -56.00 51.99 19.91
C1 NAG JA . -105.86 3.30 42.97
C2 NAG JA . -106.30 2.74 41.61
C3 NAG JA . -106.95 3.84 40.77
C4 NAG JA . -108.08 4.50 41.56
C5 NAG JA . -107.57 4.99 42.90
C6 NAG JA . -108.67 5.56 43.79
C7 NAG JA . -105.29 1.11 40.08
C8 NAG JA . -104.02 0.65 39.42
N2 NAG JA . -105.18 2.16 40.89
O3 NAG JA . -107.46 3.28 39.57
O4 NAG JA . -108.60 5.60 40.83
O5 NAG JA . -106.98 3.89 43.62
O6 NAG JA . -108.34 5.43 45.16
O7 NAG JA . -106.37 0.56 39.89
C1 NAG KA . -94.44 -2.37 31.64
C2 NAG KA . -95.46 -1.23 31.65
C3 NAG KA . -96.83 -1.75 31.22
C4 NAG KA . -96.72 -2.46 29.88
C5 NAG KA . -95.64 -3.54 29.94
C6 NAG KA . -95.40 -4.21 28.61
C7 NAG KA . -94.79 0.42 33.35
C8 NAG KA . -95.00 0.93 34.74
N2 NAG KA . -95.55 -0.62 32.97
O3 NAG KA . -97.74 -0.65 31.11
O4 NAG KA . -97.97 -3.06 29.54
O5 NAG KA . -94.41 -2.96 30.36
O6 NAG KA . -94.01 -4.29 28.33
O7 NAG KA . -93.96 0.92 32.59
C1 NAG LA . -86.17 -14.89 36.97
C2 NAG LA . -85.52 -16.24 37.28
C3 NAG LA . -84.79 -16.77 36.06
C4 NAG LA . -85.73 -16.81 34.86
C5 NAG LA . -86.35 -15.45 34.63
C6 NAG LA . -87.38 -15.44 33.52
C7 NAG LA . -84.80 -16.80 39.56
C8 NAG LA . -83.76 -16.57 40.62
N2 NAG LA . -84.62 -16.13 38.42
O3 NAG LA . -84.29 -18.07 36.33
O4 NAG LA . -85.01 -17.21 33.69
O5 NAG LA . -87.03 -15.02 35.82
O6 NAG LA . -86.77 -15.26 32.24
O7 NAG LA . -85.76 -17.53 39.74
C1 NAG MA . -67.23 -27.51 9.03
C2 NAG MA . -67.91 -28.75 8.48
C3 NAG MA . -67.74 -28.81 6.96
C4 NAG MA . -68.23 -27.52 6.32
C5 NAG MA . -67.55 -26.32 6.97
C6 NAG MA . -68.09 -24.99 6.47
C7 NAG MA . -68.04 -30.60 10.08
C8 NAG MA . -67.36 -31.83 10.61
N2 NAG MA . -67.40 -29.95 9.10
O3 NAG MA . -68.50 -29.92 6.46
O4 NAG MA . -67.93 -27.53 4.93
O5 NAG MA . -67.76 -26.34 8.39
O6 NAG MA . -69.41 -25.13 5.96
O7 NAG MA . -69.11 -30.21 10.53
#